data_8CMO
#
_entry.id   8CMO
#
_cell.length_a   1.00
_cell.length_b   1.00
_cell.length_c   1.00
_cell.angle_alpha   90.00
_cell.angle_beta   90.00
_cell.angle_gamma   90.00
#
_symmetry.space_group_name_H-M   'P 1'
#
loop_
_entity.id
_entity.type
_entity.pdbx_description
1 polymer 'Photosystem I P700 chlorophyll a apoprotein A1 PsaA'
2 polymer 'Photosystem I P700 chlorophyll a apoprotein A2 PsaB'
3 polymer 'Photosystem I subunit VII PsaC'
4 polymer 'Photosystem I reaction center subunit II PsaD'
5 polymer 'Photosystem I reaction center subunit IV PsaE'
6 polymer 'Photosystem I reaction center subunit III PsaF'
7 polymer 'Photosystem I reaction center subunit V PsaG'
8 polymer 'Photosystem I reaction center subunit VIII PsaI'
9 polymer 'Photosystem I subunit IX PsaJ'
10 polymer 'Photosystem I reaction center subunit X psaK'
11 polymer 'Photosystem I reaction centre subunit XI PsaL'
12 polymer 'Light-harvesting protein of photosystem I Lhca1'
13 polymer 'Light-harvesting protein of photosystem I Lhca3'
14 polymer 'Light-harvesting protein of photosystem I Lhca7'
15 polymer 'Light-harvesting protein of photosystem I Lhca8'
16 polymer 'Light-harvesting protein of photosystem I Lhca4'
17 polymer 'Light-harvesting protein of photosystem I Lhca5'
18 polymer 'Light-harvesting protein of photosystem I Lhca6'
19 polymer 'Light-harvesting protein of photosystem I Lhca9'
20 polymer 'Light-harvesting protein of photosystem I Lhca2 partial'
21 non-polymer 'CHLOROPHYLL A ISOMER'
22 non-polymer 'CHLOROPHYLL A'
23 non-polymer PHYLLOQUINONE
24 non-polymer BETA-CAROTENE
25 non-polymer 1,2-DIPALMITOYL-PHOSPHATIDYL-GLYCEROLE
26 non-polymer '(2R)-2-hydroxy-3-(phosphonooxy)propyl (9E)-octadec-9-enoate'
27 non-polymer 'DIACYL GLYCEROL'
28 non-polymer 'OCTANOIC ACID (CAPRYLIC ACID)'
29 non-polymer 'IRON/SULFUR CLUSTER'
30 non-polymer 'CALCIUM ION'
31 non-polymer 'DIGALACTOSYL DIACYL GLYCEROL (DGDG)'
32 non-polymer (3R)-beta,beta-caroten-3-ol
33 non-polymer DODECYL-BETA-D-MALTOSIDE
34 non-polymer 1,2-DISTEAROYL-MONOGALACTOSYL-DIGLYCERIDE
35 non-polymer Phosphatidylinositol
36 non-polymer (1~{S})-3,5,5-trimethyl-4-[(1~{E},3~{E},5~{E},7~{E},9~{E},11~{E},13~{E},15~{E},17~{E})-3,7,12,16-tetramethyl-18-[(4~{S})-2,6,6-trimethyl-4-oxidanyl-cyclohexen-1-yl]octadeca-1,3,5,7,9,11,13,15,17-nonaenyl]cyclohex-3-en-1-ol
37 non-polymer 'LAURIC ACID'
38 non-polymer "(3R,3'R,6S)-4,5-DIDEHYDRO-5,6-DIHYDRO-BETA,BETA-CAROTENE-3,3'-DIOL"
39 non-polymer 'CHLOROPHYLL B'
40 non-polymer 1,2-DI-O-ACYL-3-O-[6-DEOXY-6-SULFO-ALPHA-D-GLUCOPYRANOSYL]-SN-GLYCEROL
41 non-polymer 1,2-DIACYL-GLYCEROL-3-SN-PHOSPHATE
42 non-polymer SPHINGOSINE
43 non-polymer '(2S)-3-{[(R)-(2-aminoethoxy)(hydroxy)phosphoryl]oxy}-2-hydroxypropyl hexadecanoate'
44 water water
#
loop_
_entity_poly.entity_id
_entity_poly.type
_entity_poly.pdbx_seq_one_letter_code
_entity_poly.pdbx_strand_id
1 'polypeptide(L)'
;KKVKIAVDRNPVETSFEKWAKPGHFSRTLSKGPNTTTWIWNLHADAHDFDSHTSDLEEISRKVFSAHFGQLGVIFIWLSG
MYFHGARFSNYEAWLSDPVHIKPSAQVVWPVVGQEILNGDVGGGFQGIQITSGFFQLWRASGITSELQLYTTAIGGLVMA
AAMFFAGWFHYHKAAPKLEWFQNVESMLNHHLAGLLGLGSLSWAGHQIHVSLPVNKLLDAGVDPKEIPLPHEFLLNRQIM
QDLYPSFAKGLAPFFTLQWGEYSDFLTFNGGLNPVTGGLWLSDTAHHHLAIAVLFLVAGHMYRTNWGIGHSMKEILEAHK
GPFTGEGHVGLYEILTTSWHAQLAINLALFGSLSIIVAHHMYSMPPYPYLATDYGTQLSLFTHHNWIGGFCIVGAGAHAA
IFMVRDYDPTNNYNNLLDRVIRHRDAIISHLNWVCIFLGFHSFGLYIHNDTMSALGRPQDMFSDTAIQLQPVFAQWIQKT
HFLAPQLTAPTALAATSATWGGDVVAVGGKVAMMPISLGTSDFLVHHIHAFTIHVTVLILLKGVLFARSSRLIPDKANLG
FRFPCDGPGRGGTCQVSAWDHVFLGLFWMYNSLSIAIFHFSWKMQSDVWGTVTASGVSHITGGNFAQSANTINGWLRDFL
WAQSSQVIQSYGSALSAYGLMFLGAHFVWAFSLMFLFSGRGYWQELIESIIWAHSKLKVAPSIQPRALSITQGRAVGVAH
YLLGGIATTWSFFLARIIAV
;
A
2 'polypeptide(L)'
;ATKLFPKFSQGLAQDPTTRRIWFGLAVAHDFESHDGMTEENLYQKIFASHFGQLAIIFLWTSGNLFHVAWQGNFEQWGAD
PIHVRPIAHAIWDPHFGQPAVEAFTRGGASGPVNISTSGVYQWWYTIGMRTNQDLYVGSVFLALVSAIFLFASWLHLQPS
FTPSLSWFKDAESRLNHHLSGLFGVSSLAWTGHLVHVAIPESRGKHVGWDNFLTQLPHPQGLTPFWTGNWAAYAQNPDSA
SHVFGTSDGAGEAILTFLGGFHPQTQSLWLTDMAHHHLAIAVIFIVAGHMYRTNFGIGHRMSAILDAHVAPSGRLGAGHK
GLFETVNNSLHFQLGLALASVGTICSLVAQHMYSLPPYAFLANDFTTQASLYTHHQYIAGFIMCGAFAHGAIFWIRDYDP
EQNKGNVLARMLDHKEAIISHLSWVSLFLGFHTLGLYVHNDVMQAFGTPEKQILIEPVFAQWIQAAHGKAFYGFDLLLSS
SSSSAASASQTLWLPGWLDAINNNQNSLFLTIGPGDFLVHHAIALGLHTTTLILVKGALDARGSKLMPDKKDFGYSFPCD
GPGRGGTCDISAYDAFYLAVFWMLNTIGWVTFYFHWKHLTLWQGNVSQFDESSTYLMGWLRDYLWLNSSQLINGYNPFGM
NSLSVWAWIFLFGHLVYATGFMFLISWRGYWQELIETLVWAHEKTPLANLVYWKDKPVALSIVQARLVGLTHFSVGYVFT
YAAFLIASTSGK
;
B
3 'polypeptide(L)' SHIVKIYDTCIGCTQCVRACPLDVLEMVPWNGCKANQMASAPRTEDCVGCKRCETACPTDFLSVRVYLGSESTRSMGLSY C
4 'polypeptide(L)'
;WTEPTLNPDTPSPIFGGSTGGLLRKAQVEEFYVITWESNKEQIFEMPTGGAAIMRKGPNLLKFARKEQCLALTTQLRTKF
KFTPCFYRVYPSGEVQYLHPKDGVYPEKVNAGRPGVNQNFRRIGENVNPIKVKFTGNGTMDI
;
D
5 'polypeptide(L)' VGPKRGSQVKILRPESYWYNQTGKVVSVDQSGILYPVVVRFETQNYAGVTTNNFALDEVQP E
6 'polypeptide(L)'
;DIAGLTPCSESAAYAKRLKNEVKGLNKRLKNYEADSAPAIALKATIERTQNRFANYAKAGLLCGADGLPHLISDPGLALK
YGHAGEVFIPTFGFLYVAGWIGYVGRLYLNMVKGEAKPTEKEIIIDVPAALRLTWQGATWPVQVVAELRANTLTEKAENI
TISPR
;
F
7 'polypeptide(L)'
;GLEPYLQVCAGTATMLAVGRFAFLPLHRRDLERSAATAGPKTTGSTYFDSLQQEASFITSTNDPAGFTLIDTMAWGALGH
ALGFAFLAASSLQ
;
G
8 'polypeptide(L)' AAGSYPFVPPSWAPSVFVPLTGLVLPAIAMATLFVYIEKDN I
9 'polypeptide(L)' MKNFTTYLSTAPVVALAWFTVTAALLIEINRFFPDPLVFS J
10 'polypeptide(L)'
;RADGFIGSTTNLIMVASTAAFLAAGKFGLAPTVKRGTDAACKLVDRPNAAGLISNDPSGFTAVDTLAFGALGHIAGVGIV
LGLRATGNL
;
K
11 'polypeptide(L)'
;MLETPVTSTPEVASYLSNLPAYRTGVAPLLRGVEIGRAHGFFLPGPFIKLGPLRNVEGAAEIAGCLSAAGLVIILAAALS
IYGSAMFQGEPRDPLQSAEGWNEFTSGFTVGALSGVAWAFACT
;
L
12 'polypeptide(L)'
;RAGNWLPGSDAPAWLPDDLPGNYGFDPLGLCKDPASLKRFTESEVIHCRWAMLGAAGCLGVEALGFGNWYDAPLWAINGG
SPTWFGISVPFDLNTLLAVEFVAMAAAESRRGDETDAAKRIYPGGAFDPLNFAKGDIETLKLKEIKNGRLAMMACLGFVA
QHAATGKTPLQALGDHIGNPWGSNFATNGVSLPF
;
1,Z
13 'polypeptide(L)'
;QLYFTSESTLQYLDGTLPGDFGFDPLGLLDPVNSGGFVTPQWLAYSEVIHCRWAMLGAAGCIAPEILGKAGVGVDIRWFE
TGVIPPAGTYDKYWTDPYSLFFIEVIAMQFAELRRWQDFKYPGSMSKQYFVGLEAVQGGSGDPAYPGGPWFNLFNLGAKS
EADMKKLKLNEIKNGRLAMLAVFGYGAQAVLTGKGPYENLLDHLADPVNNNILTNFGK
;
3
14 'polypeptide(L)'
;AYGPDRPLWYPGNPAPAYLDGTLAGDYGFDPLGLSSDPETMRWMVHAELQNARWAMLGAAGVLLTSIGAAVGLPFPEWYE
AGAAPLPSTVHGDWSFGTLTATMFLLFHWAEQKRIMDFRNPGSQGDGSFFGITDDFKSKENGYPGGRLFDPIGFSRGDEA
MYKKYKQNEIVNGRLAMVANLGFWAQYAATGKGPIQNLADHLADPYHTTFTTNGVSVPFY
;
7
15 'polypeptide(L)'
;RPLWMPGATVPAHLKGELAGDFGFDPLNLGKDPQALRWYQQAELVHGRTAMTAVAGILIPGLLTKAGVLNVPEWYEAGKV
SAEQTGIALGPLLAVQLFMCGFVEGKRWMDFLKPGSQSEAGSFLGFEASFKGTDNGYPGGPFDPMGMCNESEAKTKDLKL
KEIKNGRLAMLACLGFAAQYGATGKGPLDNLADHLAAPLKTTFVDNGISIPIHL
;
8
16 'polypeptide(L)'
;ANRPSWFPGSKFPAHLDGTLPGDHGFDPLSLGVDPAKLKWYQQAELQNGRWAMLGAAGILVPDLLRAVGMGGPAAQVPWF
EAGKYEYFAPPSALFASMMFLFAFVEFRRLQDIRKPGSANQDPIFTNNKLPAGEVGYPGGIFDPLGYSKGNMETLKLKEI
KNARLAMLGFAGFVAQYQTTGKTPLQNLSDHLANPWSTTVLSNDLAR
;
4
17 'polypeptide(L)'
;DRKLWAPTVDSPSYLNGELAGDYGFDPLGLGADPVALKWYRQSELVHARWAMLGVAGVLGQEILRPDVFWYEAGEPQNLP
GPFQNINMGGLLAWEFLLMHWVEVRRWQDYKNFGSVNEDPIFKGNKVPNPEMGYPGGIFDPLGFSKGNRKELQTKEIKNG
RIAMIAFMSFVVQAQATGKGPLANLADHLSNPGANNWVSNINHCVTPSSVDVQGLTIPLTCLWPGS
;
5
18 'polypeptide(L)'
;RPLWRPGSAPPAHLNGELPGDFGFDPLGLGANPESLKWFAESERVHARWAMLAVAGILVQEVVKPDVFWYDAPTKIDLPF
NIVGLLAFEFFAMHFVELKRWQDFRNPGSVDADPLFPSNKLAPHEVGYPGFAPFVPGPMEELKVKEIKNGRLAMLAFIGF
TMAAQVTGKGPLAALSEHLADPMGTTIFSKAVVVPGQVVQPECKIPQFTDFQGTKIFTPCLFQGLW
;
6
19 'polypeptide(L)'
;RPTWLPNLNPPAHLKGEMAGDFGFDPLGLGADPARLKWFAEAEKTNGRWAMMAVVGILGQELLGVQPSWWNAGAKDYGVA
MGPLTAMEFLIMGFLETKRYQGFKETGSSGLINQFPFDPAGMYSKDMAVKEVKNGRLAMVAFVGFAVQALASRTGPIEGL
TKHLSNPGYNITYNLTHLQDVNTY
;
9
20 'polypeptide(L)' GRLAMLAFIGFCSQAAVRGKGPIDCLKDHIADPWNNNIYTSSVGKETCVTVALLCVWPIIIEATKSLNKG 2
#
# COMPACT_ATOMS: atom_id res chain seq x y z
N LYS A 1 24.62 -34.21 41.84
CA LYS A 1 25.50 -33.11 42.22
C LYS A 1 26.73 -33.08 41.32
N LYS A 2 26.96 -34.14 40.55
CA LYS A 2 28.12 -34.20 39.64
C LYS A 2 27.92 -33.23 38.48
N VAL A 3 28.90 -32.38 38.20
CA VAL A 3 28.81 -31.46 37.04
C VAL A 3 29.27 -32.24 35.81
N LYS A 4 28.35 -32.58 34.91
CA LYS A 4 28.68 -33.40 33.73
C LYS A 4 27.79 -32.99 32.56
N ILE A 5 28.24 -33.26 31.32
CA ILE A 5 27.43 -32.95 30.10
C ILE A 5 26.27 -33.94 30.01
N ALA A 6 25.04 -33.45 30.03
CA ALA A 6 23.85 -34.32 29.93
C ALA A 6 23.12 -33.94 28.65
N VAL A 7 22.85 -34.87 27.76
CA VAL A 7 22.24 -34.53 26.45
C VAL A 7 21.21 -35.58 26.10
N ASP A 8 20.18 -35.22 25.33
CA ASP A 8 19.17 -36.21 24.86
C ASP A 8 19.32 -36.34 23.34
N ARG A 9 19.62 -37.53 22.84
CA ARG A 9 19.88 -37.76 21.44
C ARG A 9 18.60 -37.60 20.62
N ASN A 10 18.72 -36.87 19.50
CA ASN A 10 17.69 -36.67 18.49
C ASN A 10 16.30 -36.49 19.08
N PRO A 11 16.05 -35.40 19.86
CA PRO A 11 14.71 -35.13 20.40
C PRO A 11 13.79 -34.59 19.29
N VAL A 12 13.96 -33.32 18.93
CA VAL A 12 13.09 -32.70 17.87
C VAL A 12 13.56 -33.18 16.49
N GLU A 13 12.63 -33.63 15.65
CA GLU A 13 13.00 -34.03 14.26
C GLU A 13 13.08 -32.78 13.37
N THR A 14 13.89 -32.83 12.31
CA THR A 14 14.05 -31.67 11.41
C THR A 14 13.14 -31.83 10.20
N SER A 15 12.01 -31.11 10.17
CA SER A 15 11.04 -31.25 9.06
C SER A 15 10.40 -29.90 8.73
N PHE A 16 9.81 -29.77 7.53
CA PHE A 16 9.14 -28.50 7.12
C PHE A 16 7.63 -28.64 7.31
N GLU A 17 7.16 -29.81 7.75
CA GLU A 17 5.70 -30.03 7.96
C GLU A 17 5.18 -28.98 8.95
N LYS A 18 5.90 -28.76 10.05
CA LYS A 18 5.51 -27.74 11.05
C LYS A 18 5.58 -26.35 10.41
N TRP A 19 6.58 -26.12 9.55
CA TRP A 19 6.71 -24.82 8.84
C TRP A 19 5.41 -24.51 8.11
N ALA A 20 4.75 -25.53 7.56
CA ALA A 20 3.52 -25.30 6.76
C ALA A 20 2.29 -25.16 7.68
N LYS A 21 2.47 -25.32 8.99
CA LYS A 21 1.29 -25.26 9.90
C LYS A 21 1.48 -24.07 10.83
N PRO A 22 1.10 -22.83 10.44
CA PRO A 22 1.36 -21.67 11.27
C PRO A 22 0.62 -21.75 12.60
N GLY A 23 1.32 -21.59 13.72
CA GLY A 23 0.64 -21.58 15.03
C GLY A 23 0.72 -22.93 15.72
N HIS A 24 1.55 -23.83 15.20
CA HIS A 24 1.72 -25.18 15.79
C HIS A 24 2.25 -25.05 17.23
N PHE A 25 2.83 -23.91 17.57
CA PHE A 25 3.46 -23.74 18.92
C PHE A 25 2.38 -23.50 19.98
N SER A 26 1.26 -22.87 19.62
CA SER A 26 0.24 -22.53 20.64
C SER A 26 -0.99 -23.39 20.47
N ARG A 27 -1.45 -23.99 21.56
CA ARG A 27 -2.69 -24.77 21.50
C ARG A 27 -3.83 -23.95 20.92
N THR A 28 -3.87 -22.66 21.27
CA THR A 28 -4.97 -21.78 20.83
C THR A 28 -4.85 -21.41 19.36
N LEU A 29 -3.65 -21.11 18.88
CA LEU A 29 -3.48 -20.64 17.48
C LEU A 29 -3.22 -21.81 16.54
N SER A 30 -3.33 -23.05 17.01
CA SER A 30 -3.15 -24.17 16.07
C SER A 30 -4.43 -24.42 15.30
N LYS A 31 -5.57 -23.92 15.77
CA LYS A 31 -6.86 -24.18 15.13
C LYS A 31 -7.09 -23.35 13.89
N GLY A 32 -6.07 -22.64 13.43
CA GLY A 32 -6.19 -21.84 12.19
C GLY A 32 -6.76 -20.46 12.45
N PRO A 33 -6.85 -19.58 11.43
CA PRO A 33 -7.43 -18.27 11.61
C PRO A 33 -8.93 -18.15 11.31
N ASN A 34 -9.68 -17.38 12.09
CA ASN A 34 -11.10 -17.08 11.76
C ASN A 34 -11.27 -15.57 11.83
N THR A 35 -10.40 -14.88 12.58
CA THR A 35 -10.42 -13.39 12.61
C THR A 35 -9.02 -12.90 12.20
N THR A 36 -8.88 -11.62 11.85
CA THR A 36 -7.57 -11.10 11.36
C THR A 36 -6.64 -10.89 12.56
N THR A 37 -7.10 -11.20 13.77
CA THR A 37 -6.26 -11.01 14.98
C THR A 37 -5.21 -12.12 15.05
N TRP A 38 -5.60 -13.36 14.72
CA TRP A 38 -4.68 -14.51 14.76
C TRP A 38 -3.37 -14.12 14.07
N ILE A 39 -3.44 -13.46 12.92
CA ILE A 39 -2.21 -13.02 12.19
C ILE A 39 -1.29 -12.30 13.17
N TRP A 40 -1.81 -11.29 13.88
CA TRP A 40 -0.96 -10.48 14.81
C TRP A 40 -0.61 -11.30 16.06
N ASN A 41 -1.41 -12.32 16.39
CA ASN A 41 -1.20 -13.11 17.62
C ASN A 41 -0.05 -14.10 17.42
N LEU A 42 0.01 -14.76 16.26
CA LEU A 42 1.04 -15.81 16.02
C LEU A 42 2.44 -15.17 16.05
N HIS A 43 2.53 -13.85 15.95
CA HIS A 43 3.84 -13.16 16.02
C HIS A 43 4.07 -12.65 17.45
N ALA A 44 3.03 -12.15 18.11
CA ALA A 44 3.15 -11.62 19.48
C ALA A 44 3.25 -12.74 20.51
N ASP A 45 3.44 -14.00 20.08
CA ASP A 45 3.44 -15.16 21.00
C ASP A 45 4.32 -16.27 20.44
N ALA A 46 5.35 -15.92 19.65
CA ALA A 46 6.18 -16.95 18.99
C ALA A 46 7.45 -17.20 19.80
N HIS A 47 7.92 -16.18 20.52
CA HIS A 47 9.17 -16.31 21.31
C HIS A 47 8.84 -16.55 22.79
N ASP A 48 7.54 -16.59 23.14
CA ASP A 48 7.17 -16.73 24.58
C ASP A 48 7.20 -18.23 24.89
N PHE A 49 8.38 -18.85 24.85
CA PHE A 49 8.49 -20.32 25.06
C PHE A 49 7.71 -20.74 26.31
N ASP A 50 7.81 -19.96 27.39
CA ASP A 50 7.14 -20.33 28.67
C ASP A 50 5.65 -20.59 28.40
N SER A 51 5.04 -19.79 27.52
CA SER A 51 3.60 -19.97 27.20
C SER A 51 3.39 -21.24 26.38
N HIS A 52 4.33 -21.58 25.49
CA HIS A 52 4.15 -22.75 24.59
C HIS A 52 4.02 -24.05 25.40
N THR A 53 4.87 -24.24 26.41
CA THR A 53 4.87 -25.52 27.18
C THR A 53 5.19 -25.26 28.65
N SER A 54 4.89 -26.24 29.52
CA SER A 54 5.23 -26.08 30.93
C SER A 54 6.58 -26.70 31.29
N ASP A 55 7.15 -27.51 30.41
CA ASP A 55 8.44 -28.16 30.70
C ASP A 55 9.54 -27.11 30.72
N LEU A 56 10.31 -26.99 31.80
CA LEU A 56 11.47 -26.04 31.77
C LEU A 56 12.64 -26.65 31.01
N GLU A 57 12.63 -27.95 30.71
CA GLU A 57 13.70 -28.55 29.88
C GLU A 57 13.55 -28.01 28.46
N GLU A 58 12.37 -28.06 27.86
CA GLU A 58 12.12 -27.64 26.47
C GLU A 58 12.32 -26.14 26.33
N ILE A 59 11.78 -25.39 27.30
CA ILE A 59 11.87 -23.90 27.24
C ILE A 59 13.34 -23.51 27.19
N SER A 60 14.18 -24.22 27.96
CA SER A 60 15.61 -23.87 28.01
C SER A 60 16.26 -24.24 26.69
N ARG A 61 16.03 -25.46 26.21
CA ARG A 61 16.61 -25.89 24.91
C ARG A 61 16.25 -24.87 23.82
N LYS A 62 15.00 -24.42 23.79
CA LYS A 62 14.57 -23.40 22.80
C LYS A 62 15.38 -22.12 23.01
N VAL A 63 15.47 -21.64 24.25
CA VAL A 63 16.24 -20.40 24.56
C VAL A 63 17.69 -20.59 24.11
N PHE A 64 18.31 -21.72 24.50
CA PHE A 64 19.74 -21.95 24.18
C PHE A 64 19.93 -21.93 22.66
N SER A 65 19.06 -22.63 21.93
CA SER A 65 19.18 -22.69 20.45
C SER A 65 18.93 -21.30 19.85
N ALA A 66 17.89 -20.61 20.30
CA ALA A 66 17.57 -19.25 19.81
C ALA A 66 18.83 -18.38 19.86
N HIS A 67 19.44 -18.26 21.05
CA HIS A 67 20.67 -17.45 21.20
C HIS A 67 21.65 -17.76 20.05
N PHE A 68 21.82 -19.05 19.74
CA PHE A 68 22.75 -19.45 18.65
C PHE A 68 22.45 -18.65 17.39
N GLY A 69 21.21 -18.75 16.89
CA GLY A 69 20.81 -17.99 15.69
C GLY A 69 21.15 -16.52 15.85
N GLN A 70 20.76 -15.90 16.96
CA GLN A 70 21.11 -14.48 17.22
C GLN A 70 22.59 -14.28 16.89
N LEU A 71 23.47 -15.04 17.55
CA LEU A 71 24.93 -14.95 17.26
C LEU A 71 25.14 -15.04 15.75
N GLY A 72 24.53 -16.03 15.10
CA GLY A 72 24.68 -16.21 13.64
C GLY A 72 24.39 -14.92 12.90
N VAL A 73 23.22 -14.31 13.15
CA VAL A 73 22.84 -13.05 12.44
C VAL A 73 23.82 -11.94 12.80
N ILE A 74 24.29 -11.92 14.05
CA ILE A 74 25.31 -10.91 14.48
C ILE A 74 26.55 -11.10 13.61
N PHE A 75 27.03 -12.34 13.49
CA PHE A 75 28.22 -12.63 12.64
C PHE A 75 27.94 -12.14 11.21
N ILE A 76 26.80 -12.53 10.64
CA ILE A 76 26.44 -12.12 9.26
C ILE A 76 26.57 -10.60 9.16
N TRP A 77 25.94 -9.87 10.09
CA TRP A 77 26.03 -8.39 10.09
C TRP A 77 27.49 -7.96 10.11
N LEU A 78 28.27 -8.45 11.07
CA LEU A 78 29.70 -8.07 11.20
C LEU A 78 30.43 -8.40 9.89
N SER A 79 30.25 -9.61 9.36
CA SER A 79 30.94 -10.03 8.13
C SER A 79 30.57 -9.08 6.98
N GLY A 80 29.29 -8.73 6.87
CA GLY A 80 28.86 -7.79 5.81
C GLY A 80 29.57 -6.46 5.95
N MET A 81 29.75 -5.97 7.17
CA MET A 81 30.44 -4.69 7.40
C MET A 81 31.86 -4.77 6.83
N TYR A 82 32.58 -5.84 7.15
CA TYR A 82 33.97 -6.01 6.64
C TYR A 82 33.95 -6.09 5.12
N PHE A 83 33.00 -6.84 4.55
CA PHE A 83 32.92 -6.99 3.08
C PHE A 83 32.64 -5.64 2.43
N HIS A 84 31.61 -4.92 2.93
CA HIS A 84 31.27 -3.58 2.39
C HIS A 84 32.48 -2.66 2.59
N GLY A 85 33.20 -2.85 3.70
CA GLY A 85 34.42 -2.04 3.95
C GLY A 85 35.61 -2.61 3.20
N ALA A 86 35.42 -3.73 2.50
CA ALA A 86 36.51 -4.33 1.70
C ALA A 86 36.37 -3.93 0.23
N ARG A 87 35.16 -4.08 -0.34
CA ARG A 87 34.97 -3.77 -1.76
C ARG A 87 34.50 -2.33 -1.89
N PHE A 88 33.35 -1.98 -1.32
CA PHE A 88 32.76 -0.63 -1.52
C PHE A 88 33.16 0.34 -0.42
N SER A 89 34.46 0.64 -0.26
CA SER A 89 34.89 1.52 0.86
C SER A 89 36.11 2.34 0.46
N ASN A 90 36.46 3.34 1.28
CA ASN A 90 37.67 4.17 1.02
C ASN A 90 38.62 3.99 2.21
N TYR A 91 38.59 2.83 2.86
CA TYR A 91 39.44 2.59 4.07
C TYR A 91 40.91 2.80 3.73
N GLU A 92 41.40 2.19 2.65
CA GLU A 92 42.84 2.29 2.30
C GLU A 92 43.19 3.76 2.01
N ALA A 93 42.34 4.46 1.27
CA ALA A 93 42.58 5.90 0.99
C ALA A 93 42.59 6.68 2.29
N TRP A 94 41.64 6.37 3.19
CA TRP A 94 41.56 7.07 4.50
C TRP A 94 42.85 6.80 5.29
N LEU A 95 43.39 5.59 5.23
CA LEU A 95 44.61 5.23 6.00
C LEU A 95 45.72 6.26 5.74
N SER A 96 45.95 6.61 4.46
CA SER A 96 47.05 7.52 4.14
C SER A 96 46.82 8.90 4.75
N ASP A 97 45.59 9.42 4.66
CA ASP A 97 45.23 10.75 5.15
C ASP A 97 43.96 10.62 5.99
N PRO A 98 44.08 10.11 7.22
CA PRO A 98 42.87 9.92 8.06
C PRO A 98 42.17 11.22 8.40
N VAL A 99 42.90 12.33 8.49
CA VAL A 99 42.30 13.58 8.96
C VAL A 99 41.39 14.18 7.89
N HIS A 100 41.91 14.40 6.69
CA HIS A 100 41.21 15.16 5.67
C HIS A 100 40.28 14.30 4.81
N ILE A 101 40.21 12.98 5.05
CA ILE A 101 39.35 12.09 4.29
C ILE A 101 38.27 11.54 5.20
N LYS A 102 37.03 11.66 4.78
CA LYS A 102 35.89 11.21 5.57
C LYS A 102 35.63 9.73 5.31
N PRO A 103 35.41 8.93 6.35
CA PRO A 103 35.10 7.51 6.13
C PRO A 103 33.84 7.33 5.32
N SER A 104 33.85 6.30 4.46
CA SER A 104 32.68 5.98 3.61
C SER A 104 32.71 4.50 3.26
N ALA A 105 31.57 3.84 3.33
CA ALA A 105 31.55 2.40 3.08
C ALA A 105 30.16 1.98 2.63
N GLN A 106 29.42 2.89 2.04
CA GLN A 106 28.10 2.55 1.49
C GLN A 106 27.97 3.28 0.16
N VAL A 107 27.87 2.55 -0.95
CA VAL A 107 27.70 3.17 -2.29
C VAL A 107 26.29 2.84 -2.79
N VAL A 108 25.56 3.85 -3.29
CA VAL A 108 24.16 3.63 -3.76
C VAL A 108 24.19 3.37 -5.27
N TRP A 109 23.23 2.59 -5.78
CA TRP A 109 23.14 2.31 -7.24
C TRP A 109 22.77 3.60 -7.98
N PRO A 110 23.25 3.80 -9.23
CA PRO A 110 22.92 4.98 -10.01
C PRO A 110 21.52 4.85 -10.64
N VAL A 111 20.48 5.19 -9.88
CA VAL A 111 19.08 5.05 -10.38
C VAL A 111 18.21 6.11 -9.69
N VAL A 112 17.02 6.39 -10.23
CA VAL A 112 16.08 7.39 -9.62
C VAL A 112 16.88 8.56 -9.04
N GLY A 113 17.97 8.95 -9.70
CA GLY A 113 18.76 10.11 -9.23
C GLY A 113 19.22 9.95 -7.80
N GLN A 114 19.12 8.74 -7.26
CA GLN A 114 19.55 8.47 -5.85
C GLN A 114 21.08 8.51 -5.78
N GLU A 115 21.75 8.57 -6.94
CA GLU A 115 23.24 8.58 -6.98
C GLU A 115 23.75 9.84 -6.29
N ILE A 116 22.87 10.83 -6.07
CA ILE A 116 23.28 12.07 -5.34
C ILE A 116 23.79 11.67 -3.94
N LEU A 117 23.28 10.56 -3.40
CA LEU A 117 23.68 10.12 -2.04
C LEU A 117 25.17 9.77 -2.03
N ASN A 118 25.73 9.42 -3.19
CA ASN A 118 27.18 9.09 -3.28
C ASN A 118 27.97 10.41 -3.28
N GLY A 119 28.17 11.00 -2.10
CA GLY A 119 28.89 12.29 -2.00
C GLY A 119 30.39 12.11 -2.08
N ASP A 120 31.12 13.21 -2.29
CA ASP A 120 32.60 13.14 -2.43
C ASP A 120 33.24 13.04 -1.04
N VAL A 121 33.36 11.81 -0.50
CA VAL A 121 33.95 11.60 0.85
C VAL A 121 35.46 11.80 0.77
N GLY A 122 35.98 12.14 -0.41
CA GLY A 122 37.41 12.31 -0.59
C GLY A 122 38.13 10.99 -0.82
N GLY A 123 39.26 11.04 -1.49
CA GLY A 123 40.04 9.80 -1.71
C GLY A 123 39.55 9.05 -2.93
N GLY A 124 39.21 9.75 -4.01
CA GLY A 124 38.73 9.14 -5.26
C GLY A 124 37.50 8.30 -5.04
N PHE A 125 36.70 8.62 -4.02
CA PHE A 125 35.53 7.77 -3.68
C PHE A 125 34.27 8.63 -3.50
N GLN A 126 33.16 8.17 -4.06
CA GLN A 126 31.86 8.89 -3.88
C GLN A 126 30.86 7.93 -3.25
N GLY A 127 30.66 8.02 -1.93
CA GLY A 127 29.74 7.11 -1.22
C GLY A 127 29.01 7.81 -0.10
N ILE A 128 28.76 7.10 1.01
CA ILE A 128 28.00 7.70 2.14
C ILE A 128 28.88 7.72 3.38
N GLN A 129 29.14 8.90 3.95
CA GLN A 129 29.96 9.00 5.17
C GLN A 129 29.33 8.14 6.26
N ILE A 130 30.06 7.13 6.72
CA ILE A 130 29.58 6.22 7.79
C ILE A 130 29.93 6.84 9.14
N THR A 131 29.20 6.48 10.17
CA THR A 131 29.44 7.04 11.52
C THR A 131 29.60 5.88 12.50
N SER A 132 29.97 4.69 12.03
CA SER A 132 30.05 3.47 12.87
C SER A 132 31.40 3.27 13.51
N GLY A 133 32.41 4.06 13.16
CA GLY A 133 33.74 3.97 13.80
C GLY A 133 34.45 2.70 13.49
N PHE A 134 34.19 2.12 12.32
CA PHE A 134 34.79 0.82 11.96
C PHE A 134 36.16 1.08 11.37
N PHE A 135 36.31 2.13 10.57
CA PHE A 135 37.62 2.43 9.93
C PHE A 135 38.68 2.58 11.02
N GLN A 136 38.38 3.40 12.03
CA GLN A 136 39.33 3.66 13.14
C GLN A 136 39.51 2.39 13.96
N LEU A 137 38.49 1.53 14.03
CA LEU A 137 38.60 0.24 14.75
C LEU A 137 39.58 -0.64 13.99
N TRP A 138 39.40 -0.77 12.67
CA TRP A 138 40.29 -1.61 11.85
C TRP A 138 41.72 -1.07 11.94
N ARG A 139 41.90 0.25 11.88
CA ARG A 139 43.24 0.87 11.95
C ARG A 139 43.93 0.41 13.23
N ALA A 140 43.23 0.44 14.36
CA ALA A 140 43.81 0.04 15.66
C ALA A 140 43.91 -1.48 15.74
N SER A 141 43.37 -2.19 14.77
CA SER A 141 43.55 -3.66 14.73
C SER A 141 44.75 -3.95 13.83
N GLY A 142 45.25 -2.97 13.10
CA GLY A 142 46.44 -3.17 12.25
C GLY A 142 46.04 -3.30 10.82
N ILE A 143 44.79 -3.67 10.56
CA ILE A 143 44.30 -3.87 9.15
C ILE A 143 44.84 -2.74 8.28
N THR A 144 45.66 -3.08 7.29
CA THR A 144 46.28 -2.03 6.42
C THR A 144 45.96 -2.29 4.95
N SER A 145 45.07 -3.23 4.69
CA SER A 145 44.69 -3.59 3.30
C SER A 145 43.26 -4.14 3.29
N GLU A 146 42.66 -4.24 2.10
CA GLU A 146 41.29 -4.77 1.97
C GLU A 146 41.35 -6.27 1.70
N LEU A 147 42.50 -6.90 1.93
CA LEU A 147 42.59 -8.37 1.80
C LEU A 147 42.40 -8.93 3.22
N GLN A 148 42.78 -8.13 4.23
CA GLN A 148 42.60 -8.55 5.63
C GLN A 148 41.14 -8.33 6.03
N LEU A 149 40.44 -7.43 5.32
CA LEU A 149 39.00 -7.25 5.59
C LEU A 149 38.21 -8.36 4.88
N TYR A 150 38.56 -8.65 3.63
CA TYR A 150 37.85 -9.70 2.86
C TYR A 150 37.98 -11.04 3.59
N THR A 151 39.18 -11.40 4.03
CA THR A 151 39.40 -12.66 4.76
C THR A 151 38.53 -12.68 6.01
N THR A 152 38.56 -11.59 6.79
CA THR A 152 37.73 -11.51 8.03
C THR A 152 36.26 -11.73 7.68
N ALA A 153 35.76 -11.00 6.68
CA ALA A 153 34.35 -11.15 6.25
C ALA A 153 34.04 -12.63 6.01
N ILE A 154 34.90 -13.32 5.23
CA ILE A 154 34.66 -14.75 4.91
C ILE A 154 34.61 -15.54 6.23
N GLY A 155 35.55 -15.27 7.14
CA GLY A 155 35.59 -15.97 8.43
C GLY A 155 34.31 -15.76 9.22
N GLY A 156 33.81 -14.52 9.24
CA GLY A 156 32.55 -14.23 9.95
C GLY A 156 31.39 -15.03 9.38
N LEU A 157 31.32 -15.13 8.05
CA LEU A 157 30.23 -15.91 7.39
C LEU A 157 30.37 -17.38 7.80
N VAL A 158 31.60 -17.91 7.81
CA VAL A 158 31.83 -19.32 8.22
C VAL A 158 31.34 -19.50 9.66
N MET A 159 31.71 -18.57 10.54
CA MET A 159 31.26 -18.63 11.96
C MET A 159 29.73 -18.62 11.99
N ALA A 160 29.11 -17.73 11.22
CA ALA A 160 27.63 -17.66 11.17
C ALA A 160 27.06 -19.05 10.90
N ALA A 161 27.54 -19.72 9.85
CA ALA A 161 27.02 -21.06 9.51
C ALA A 161 27.26 -22.04 10.65
N ALA A 162 28.32 -21.86 11.43
CA ALA A 162 28.59 -22.73 12.58
C ALA A 162 27.55 -22.47 13.62
N MET A 163 27.20 -21.19 13.84
CA MET A 163 26.25 -20.83 14.93
C MET A 163 24.88 -21.47 14.66
N PHE A 164 24.32 -21.23 13.47
CA PHE A 164 23.00 -21.80 13.11
C PHE A 164 23.08 -23.34 13.18
N PHE A 165 24.17 -23.92 12.66
CA PHE A 165 24.35 -25.39 12.76
C PHE A 165 24.30 -25.80 14.22
N ALA A 166 25.03 -25.08 15.08
CA ALA A 166 25.06 -25.41 16.53
C ALA A 166 23.65 -25.32 17.11
N GLY A 167 22.91 -24.27 16.75
CA GLY A 167 21.53 -24.10 17.26
C GLY A 167 20.67 -25.29 16.88
N TRP A 168 20.74 -25.71 15.61
CA TRP A 168 19.96 -26.89 15.15
C TRP A 168 20.49 -28.15 15.83
N PHE A 169 21.82 -28.30 15.90
CA PHE A 169 22.43 -29.52 16.50
C PHE A 169 22.06 -29.64 17.97
N HIS A 170 22.15 -28.53 18.72
CA HIS A 170 21.89 -28.58 20.19
C HIS A 170 20.38 -28.51 20.45
N TYR A 171 19.56 -28.57 19.39
CA TYR A 171 18.08 -28.57 19.57
C TYR A 171 17.48 -29.83 18.94
N HIS A 172 17.78 -30.07 17.66
CA HIS A 172 17.19 -31.23 16.94
C HIS A 172 18.06 -32.48 17.15
N LYS A 173 19.31 -32.31 17.59
CA LYS A 173 20.23 -33.47 17.71
C LYS A 173 20.62 -33.67 19.19
N ALA A 174 21.72 -33.06 19.62
CA ALA A 174 22.18 -33.20 21.02
C ALA A 174 21.58 -32.08 21.88
N ALA A 175 20.35 -32.27 22.35
CA ALA A 175 19.68 -31.22 23.16
C ALA A 175 20.03 -31.39 24.64
N PRO A 176 20.72 -30.43 25.27
CA PRO A 176 21.14 -30.55 26.67
C PRO A 176 19.93 -30.73 27.59
N LYS A 177 20.11 -31.47 28.69
CA LYS A 177 19.02 -31.70 29.66
C LYS A 177 18.98 -30.54 30.64
N LEU A 178 17.92 -30.41 31.43
CA LEU A 178 17.78 -29.25 32.35
C LEU A 178 18.93 -29.27 33.33
N GLU A 179 19.28 -30.43 33.84
CA GLU A 179 20.35 -30.50 34.87
C GLU A 179 21.62 -29.85 34.34
N TRP A 180 21.84 -29.86 33.02
CA TRP A 180 23.03 -29.20 32.42
C TRP A 180 22.88 -27.70 32.59
N PHE A 181 21.75 -27.15 32.19
CA PHE A 181 21.62 -25.68 32.18
C PHE A 181 21.73 -25.12 33.59
N GLN A 182 21.27 -25.82 34.63
CA GLN A 182 21.22 -25.28 36.01
C GLN A 182 22.54 -25.49 36.77
N ASN A 183 23.68 -25.45 36.08
CA ASN A 183 25.01 -25.53 36.74
C ASN A 183 25.56 -24.11 36.66
N VAL A 184 24.99 -23.18 37.44
CA VAL A 184 25.42 -21.75 37.38
C VAL A 184 26.88 -21.61 37.82
N GLU A 185 27.28 -22.33 38.87
CA GLU A 185 28.69 -22.26 39.36
C GLU A 185 29.63 -22.59 38.20
N SER A 186 29.27 -23.58 37.37
CA SER A 186 30.12 -23.96 36.21
C SER A 186 30.09 -22.86 35.15
N MET A 187 28.90 -22.39 34.79
CA MET A 187 28.77 -21.31 33.77
C MET A 187 29.65 -20.12 34.17
N LEU A 188 29.45 -19.59 35.38
CA LEU A 188 30.22 -18.40 35.84
C LEU A 188 31.73 -18.72 35.82
N ASN A 189 32.12 -19.92 36.27
CA ASN A 189 33.55 -20.31 36.32
C ASN A 189 34.14 -20.34 34.91
N HIS A 190 33.32 -20.68 33.90
CA HIS A 190 33.84 -20.83 32.52
C HIS A 190 33.66 -19.53 31.74
N HIS A 191 32.67 -18.73 32.12
CA HIS A 191 32.40 -17.44 31.41
C HIS A 191 33.35 -16.36 31.93
N LEU A 192 33.75 -16.45 33.19
CA LEU A 192 34.69 -15.46 33.79
C LEU A 192 36.12 -15.75 33.31
N ALA A 193 36.60 -16.97 33.50
CA ALA A 193 37.99 -17.32 33.13
C ALA A 193 38.07 -17.63 31.63
N GLY A 194 37.37 -18.67 31.17
CA GLY A 194 37.47 -19.09 29.76
C GLY A 194 37.00 -18.05 28.78
N LEU A 195 35.88 -17.38 29.05
CA LEU A 195 35.31 -16.42 28.06
C LEU A 195 35.96 -15.03 28.23
N LEU A 196 35.79 -14.39 29.38
CA LEU A 196 36.31 -13.02 29.58
C LEU A 196 37.83 -13.03 29.75
N GLY A 197 38.35 -13.88 30.64
CA GLY A 197 39.81 -13.89 30.92
C GLY A 197 40.62 -14.25 29.68
N LEU A 198 40.32 -15.40 29.07
CA LEU A 198 41.07 -15.85 27.87
C LEU A 198 40.78 -14.89 26.71
N GLY A 199 39.55 -14.41 26.62
CA GLY A 199 39.18 -13.46 25.55
C GLY A 199 40.06 -12.22 25.59
N SER A 200 40.37 -11.74 26.80
CA SER A 200 41.25 -10.54 26.95
C SER A 200 42.70 -10.93 26.68
N LEU A 201 43.16 -12.04 27.26
CA LEU A 201 44.56 -12.50 27.06
C LEU A 201 44.82 -12.72 25.57
N SER A 202 43.88 -13.37 24.88
CA SER A 202 44.03 -13.63 23.43
C SER A 202 44.15 -12.28 22.70
N TRP A 203 43.37 -11.28 23.12
CA TRP A 203 43.47 -9.93 22.50
C TRP A 203 44.80 -9.30 22.89
N ALA A 204 45.19 -9.38 24.16
CA ALA A 204 46.49 -8.86 24.59
C ALA A 204 47.60 -9.50 23.76
N GLY A 205 47.35 -10.63 23.11
CA GLY A 205 48.33 -11.26 22.21
C GLY A 205 48.36 -10.53 20.91
N HIS A 206 47.21 -10.27 20.31
CA HIS A 206 47.14 -9.57 19.02
C HIS A 206 47.68 -8.19 19.23
N GLN A 207 47.14 -7.48 20.21
CA GLN A 207 47.54 -6.08 20.43
C GLN A 207 49.06 -6.01 20.57
N ILE A 208 49.69 -7.00 21.21
CA ILE A 208 51.16 -6.93 21.47
C ILE A 208 51.95 -7.32 20.21
N HIS A 209 51.38 -8.13 19.33
CA HIS A 209 52.18 -8.63 18.16
C HIS A 209 51.80 -7.95 16.85
N VAL A 210 50.51 -7.65 16.65
CA VAL A 210 50.05 -7.06 15.35
C VAL A 210 49.68 -5.59 15.54
N SER A 211 48.79 -5.24 16.44
CA SER A 211 48.32 -3.84 16.56
C SER A 211 49.40 -2.89 17.03
N LEU A 212 50.30 -3.29 17.93
CA LEU A 212 51.25 -2.29 18.42
C LEU A 212 52.31 -1.93 17.39
N PRO A 213 53.00 -2.89 16.73
CA PRO A 213 54.05 -2.53 15.77
C PRO A 213 53.46 -1.83 14.55
N VAL A 214 52.31 -2.30 14.05
CA VAL A 214 51.70 -1.71 12.86
C VAL A 214 51.27 -0.28 13.15
N ASN A 215 50.67 -0.05 14.32
CA ASN A 215 50.23 1.30 14.66
C ASN A 215 51.41 2.22 14.92
N LYS A 216 52.48 1.70 15.51
CA LYS A 216 53.67 2.52 15.71
C LYS A 216 54.26 2.97 14.37
N LEU A 217 54.34 2.04 13.41
CA LEU A 217 54.86 2.39 12.09
C LEU A 217 53.92 3.36 11.37
N LEU A 218 52.61 3.16 11.50
CA LEU A 218 51.66 4.08 10.88
C LEU A 218 51.78 5.49 11.46
N ASP A 219 51.92 5.60 12.78
CA ASP A 219 52.10 6.91 13.42
C ASP A 219 53.47 7.50 13.14
N ALA A 220 54.46 6.68 12.78
CA ALA A 220 55.79 7.16 12.44
C ALA A 220 55.85 7.81 11.07
N GLY A 221 54.77 7.72 10.28
CA GLY A 221 54.73 8.27 8.94
C GLY A 221 54.93 7.25 7.83
N VAL A 222 55.23 6.00 8.18
CA VAL A 222 55.47 4.97 7.17
C VAL A 222 54.20 4.76 6.36
N ASP A 223 54.36 4.61 5.05
CA ASP A 223 53.23 4.37 4.17
C ASP A 223 52.55 3.05 4.54
N PRO A 224 51.21 2.98 4.54
CA PRO A 224 50.54 1.74 4.92
C PRO A 224 50.92 0.55 4.05
N LYS A 225 51.17 0.78 2.77
CA LYS A 225 51.54 -0.28 1.84
C LYS A 225 53.05 -0.56 1.86
N GLU A 226 53.76 -0.07 2.87
CA GLU A 226 55.17 -0.39 3.04
C GLU A 226 55.47 -0.95 4.43
N ILE A 227 54.50 -1.02 5.31
CA ILE A 227 54.70 -1.62 6.63
C ILE A 227 54.87 -3.12 6.47
N PRO A 228 55.83 -3.81 7.17
CA PRO A 228 55.89 -5.26 7.13
C PRO A 228 54.56 -5.89 7.55
N LEU A 229 54.06 -6.88 6.80
CA LEU A 229 52.76 -7.53 7.12
C LEU A 229 52.79 -8.09 8.55
N PRO A 230 51.65 -8.18 9.27
CA PRO A 230 51.66 -8.64 10.68
C PRO A 230 52.51 -9.88 10.98
N HIS A 231 52.32 -10.97 10.25
CA HIS A 231 53.04 -12.24 10.54
C HIS A 231 54.56 -12.00 10.65
N GLU A 232 55.09 -11.07 9.86
CA GLU A 232 56.56 -10.81 9.85
C GLU A 232 57.03 -10.35 11.23
N PHE A 233 56.16 -9.64 11.98
CA PHE A 233 56.52 -9.23 13.36
C PHE A 233 56.67 -10.47 14.24
N LEU A 234 55.75 -11.42 14.12
CA LEU A 234 55.79 -12.67 14.92
C LEU A 234 57.05 -13.44 14.57
N LEU A 235 57.21 -13.80 13.29
CA LEU A 235 58.36 -14.64 12.86
C LEU A 235 59.67 -13.86 13.00
N ASN A 236 59.81 -12.76 12.25
CA ASN A 236 61.06 -11.96 12.27
C ASN A 236 61.17 -11.22 13.61
N ARG A 237 61.90 -11.79 14.57
CA ARG A 237 62.08 -11.13 15.89
C ARG A 237 62.80 -9.79 15.70
N GLN A 238 63.70 -9.71 14.73
CA GLN A 238 64.50 -8.48 14.52
C GLN A 238 63.55 -7.28 14.33
N ILE A 239 62.54 -7.43 13.47
CA ILE A 239 61.60 -6.30 13.19
C ILE A 239 60.95 -5.86 14.51
N MET A 240 60.38 -6.82 15.24
CA MET A 240 59.68 -6.48 16.51
C MET A 240 60.70 -5.93 17.51
N GLN A 241 61.91 -6.51 17.54
CA GLN A 241 62.96 -6.05 18.47
C GLN A 241 63.31 -4.60 18.18
N ASP A 242 63.41 -4.23 16.90
CA ASP A 242 63.73 -2.84 16.51
C ASP A 242 62.63 -1.91 17.06
N LEU A 243 61.36 -2.27 16.84
CA LEU A 243 60.24 -1.44 17.34
C LEU A 243 60.20 -1.49 18.88
N TYR A 244 60.36 -2.68 19.46
CA TYR A 244 60.35 -2.85 20.93
C TYR A 244 61.58 -3.65 21.36
N PRO A 245 62.68 -2.99 21.77
CA PRO A 245 63.92 -3.69 22.13
C PRO A 245 63.72 -4.84 23.11
N SER A 246 62.61 -4.83 23.86
CA SER A 246 62.41 -5.88 24.89
C SER A 246 62.20 -7.25 24.27
N PHE A 247 62.02 -7.32 22.96
CA PHE A 247 61.88 -8.63 22.27
C PHE A 247 63.27 -9.19 21.99
N ALA A 248 64.32 -8.48 22.42
CA ALA A 248 65.69 -8.99 22.25
C ALA A 248 65.95 -10.03 23.32
N LYS A 249 65.40 -9.82 24.51
CA LYS A 249 65.51 -10.81 25.60
C LYS A 249 64.64 -11.99 25.21
N GLY A 250 63.31 -11.79 25.21
CA GLY A 250 62.37 -12.87 24.86
C GLY A 250 61.30 -13.03 25.92
N LEU A 251 60.92 -14.27 26.23
CA LEU A 251 59.92 -14.52 27.30
C LEU A 251 60.68 -14.78 28.61
N ALA A 252 62.01 -14.66 28.59
CA ALA A 252 62.82 -14.88 29.81
C ALA A 252 62.42 -13.87 30.89
N PRO A 253 62.35 -12.54 30.63
CA PRO A 253 62.02 -11.58 31.67
C PRO A 253 60.72 -11.99 32.39
N PHE A 254 59.74 -12.49 31.64
CA PHE A 254 58.43 -12.86 32.24
C PHE A 254 58.61 -13.98 33.27
N PHE A 255 59.28 -15.07 32.90
CA PHE A 255 59.47 -16.21 33.81
C PHE A 255 60.42 -15.82 34.95
N THR A 256 61.43 -15.00 34.64
CA THR A 256 62.38 -14.52 35.67
C THR A 256 61.69 -13.45 36.53
N LEU A 257 60.42 -13.14 36.23
CA LEU A 257 59.65 -12.14 37.01
C LEU A 257 60.23 -10.75 36.79
N GLN A 258 61.11 -10.59 35.79
CA GLN A 258 61.65 -9.25 35.45
C GLN A 258 60.72 -8.60 34.44
N TRP A 259 59.42 -8.52 34.75
CA TRP A 259 58.43 -7.96 33.80
C TRP A 259 58.85 -6.56 33.37
N GLY A 260 59.44 -5.79 34.30
CA GLY A 260 59.87 -4.41 33.98
C GLY A 260 60.50 -4.29 32.61
N GLU A 261 61.31 -5.27 32.21
CA GLU A 261 62.03 -5.16 30.92
C GLU A 261 61.02 -4.87 29.83
N TYR A 262 59.80 -5.43 29.95
CA TYR A 262 58.76 -5.26 28.89
C TYR A 262 58.08 -3.90 29.00
N SER A 263 58.75 -2.91 29.61
CA SER A 263 58.12 -1.59 29.82
C SER A 263 58.24 -0.72 28.56
N ASP A 264 58.05 -1.32 27.38
CA ASP A 264 58.08 -0.54 26.12
C ASP A 264 56.84 -0.91 25.32
N PHE A 265 56.22 -2.06 25.64
CA PHE A 265 54.94 -2.43 24.97
C PHE A 265 53.85 -2.56 26.04
N LEU A 266 54.24 -2.53 27.32
CA LEU A 266 53.26 -2.58 28.43
C LEU A 266 53.54 -1.38 29.35
N THR A 267 52.80 -0.28 29.18
CA THR A 267 53.11 0.95 29.97
C THR A 267 51.84 1.52 30.61
N PHE A 268 52.01 2.37 31.63
CA PHE A 268 50.85 3.02 32.31
C PHE A 268 50.92 4.52 32.03
N ASN A 269 51.13 4.90 30.76
CA ASN A 269 51.30 6.33 30.41
C ASN A 269 50.08 7.11 30.87
N GLY A 270 48.92 6.78 30.35
CA GLY A 270 47.70 7.52 30.66
C GLY A 270 47.55 8.74 29.78
N GLY A 271 46.32 9.08 29.46
CA GLY A 271 46.07 10.22 28.59
C GLY A 271 45.75 9.79 27.17
N LEU A 272 46.15 10.60 26.19
CA LEU A 272 45.88 10.32 24.79
C LEU A 272 47.15 10.45 23.98
N ASN A 273 47.25 9.67 22.91
CA ASN A 273 48.41 9.75 22.03
C ASN A 273 48.43 11.11 21.34
N PRO A 274 49.55 11.84 21.39
CA PRO A 274 49.60 13.17 20.76
C PRO A 274 49.46 13.15 19.26
N VAL A 275 49.72 12.02 18.60
CA VAL A 275 49.69 11.95 17.15
C VAL A 275 48.30 11.63 16.62
N THR A 276 47.65 10.61 17.19
CA THR A 276 46.35 10.16 16.70
C THR A 276 45.18 10.61 17.55
N GLY A 277 45.42 11.15 18.73
CA GLY A 277 44.33 11.58 19.59
C GLY A 277 43.57 10.44 20.23
N GLY A 278 44.16 9.26 20.36
CA GLY A 278 43.45 8.17 21.04
C GLY A 278 44.31 7.47 22.07
N LEU A 279 43.70 6.85 23.06
CA LEU A 279 44.44 6.14 24.13
C LEU A 279 45.62 5.38 23.53
N TRP A 280 46.77 5.43 24.17
CA TRP A 280 47.94 4.69 23.66
C TRP A 280 47.56 3.22 23.46
N LEU A 281 48.02 2.58 22.39
CA LEU A 281 47.74 1.13 22.20
C LEU A 281 48.52 0.31 23.24
N SER A 282 49.69 0.82 23.67
CA SER A 282 50.49 0.11 24.69
C SER A 282 49.69 -0.03 25.98
N ASP A 283 49.02 1.05 26.41
CA ASP A 283 48.25 1.03 27.67
C ASP A 283 47.10 0.03 27.54
N THR A 284 46.44 0.00 26.38
CA THR A 284 45.30 -0.93 26.17
C THR A 284 45.80 -2.38 26.30
N ALA A 285 46.97 -2.68 25.73
CA ALA A 285 47.53 -4.04 25.80
C ALA A 285 47.74 -4.42 27.27
N HIS A 286 48.34 -3.52 28.05
CA HIS A 286 48.59 -3.78 29.50
C HIS A 286 47.25 -3.98 30.21
N HIS A 287 46.24 -3.18 29.86
CA HIS A 287 44.90 -3.32 30.50
C HIS A 287 44.33 -4.71 30.24
N HIS A 288 44.31 -5.15 28.99
CA HIS A 288 43.72 -6.47 28.65
C HIS A 288 44.52 -7.58 29.33
N LEU A 289 45.84 -7.41 29.42
CA LEU A 289 46.70 -8.41 30.12
C LEU A 289 46.23 -8.50 31.58
N ALA A 290 46.20 -7.37 32.27
CA ALA A 290 45.75 -7.35 33.69
C ALA A 290 44.32 -7.90 33.78
N ILE A 291 43.37 -7.28 33.07
CA ILE A 291 41.95 -7.71 33.12
C ILE A 291 41.89 -9.24 33.02
N ALA A 292 42.76 -9.83 32.20
CA ALA A 292 42.75 -11.30 31.98
C ALA A 292 43.09 -12.02 33.28
N VAL A 293 44.26 -11.73 33.85
CA VAL A 293 44.70 -12.44 35.09
C VAL A 293 43.57 -12.36 36.12
N LEU A 294 42.93 -11.19 36.22
CA LEU A 294 41.82 -11.01 37.19
C LEU A 294 40.71 -12.03 36.87
N PHE A 295 40.18 -11.98 35.64
CA PHE A 295 39.05 -12.88 35.28
C PHE A 295 39.47 -14.34 35.43
N LEU A 296 40.66 -14.68 34.94
CA LEU A 296 41.13 -16.09 34.98
C LEU A 296 41.13 -16.59 36.43
N VAL A 297 41.62 -15.77 37.36
CA VAL A 297 41.62 -16.14 38.80
C VAL A 297 40.17 -16.18 39.30
N ALA A 298 39.34 -15.21 38.86
CA ALA A 298 37.93 -15.15 39.31
C ALA A 298 37.19 -16.43 38.90
N GLY A 299 37.66 -17.09 37.83
CA GLY A 299 36.99 -18.31 37.35
C GLY A 299 37.22 -19.49 38.28
N HIS A 300 38.03 -19.30 39.34
CA HIS A 300 38.32 -20.39 40.30
C HIS A 300 37.72 -20.04 41.66
N MET A 301 36.44 -19.66 41.69
CA MET A 301 35.78 -19.26 42.96
C MET A 301 34.62 -20.23 43.26
N TYR A 302 33.69 -20.37 42.31
CA TYR A 302 32.50 -21.25 42.52
C TYR A 302 32.94 -22.71 42.45
N ARG A 303 32.27 -23.58 43.21
CA ARG A 303 32.64 -25.03 43.24
C ARG A 303 32.00 -25.76 42.07
N THR A 304 32.70 -26.73 41.48
CA THR A 304 32.16 -27.49 40.35
C THR A 304 32.07 -28.96 40.75
N ASN A 305 32.94 -29.83 40.26
CA ASN A 305 32.82 -31.28 40.49
C ASN A 305 33.77 -31.72 41.59
N TRP A 306 34.79 -30.94 41.90
CA TRP A 306 35.83 -31.35 42.88
C TRP A 306 35.44 -30.77 44.22
N GLY A 307 36.38 -30.39 45.06
CA GLY A 307 35.92 -29.91 46.37
C GLY A 307 36.11 -28.43 46.52
N ILE A 308 37.31 -27.94 46.21
CA ILE A 308 37.63 -26.50 46.40
C ILE A 308 36.54 -25.66 45.77
N GLY A 309 36.17 -24.54 46.39
CA GLY A 309 35.19 -23.64 45.74
C GLY A 309 34.11 -23.15 46.68
N HIS A 310 33.23 -22.28 46.17
CA HIS A 310 32.13 -21.71 47.00
C HIS A 310 30.78 -22.24 46.52
N SER A 311 29.74 -22.13 47.34
CA SER A 311 28.37 -22.53 46.91
C SER A 311 27.49 -21.27 46.92
N MET A 312 27.14 -20.75 45.74
CA MET A 312 26.37 -19.48 45.69
C MET A 312 25.15 -19.59 46.60
N LYS A 313 24.50 -20.76 46.60
CA LYS A 313 23.31 -20.97 47.47
C LYS A 313 23.70 -20.72 48.93
N GLU A 314 24.81 -21.32 49.38
CA GLU A 314 25.26 -21.16 50.79
C GLU A 314 25.60 -19.69 51.05
N ILE A 315 26.35 -19.07 50.13
CA ILE A 315 26.76 -17.65 50.30
C ILE A 315 25.50 -16.80 50.51
N LEU A 316 24.56 -16.86 49.58
CA LEU A 316 23.33 -16.03 49.68
C LEU A 316 22.67 -16.26 51.03
N GLU A 317 22.48 -17.53 51.43
CA GLU A 317 21.80 -17.86 52.71
C GLU A 317 22.63 -17.30 53.87
N ALA A 318 23.97 -17.40 53.78
CA ALA A 318 24.84 -16.92 54.87
C ALA A 318 24.63 -15.42 55.09
N HIS A 319 24.27 -14.69 54.03
CA HIS A 319 24.11 -13.21 54.15
C HIS A 319 22.69 -12.86 54.59
N LYS A 320 22.44 -12.87 55.92
CA LYS A 320 21.12 -12.46 56.46
C LYS A 320 21.37 -11.64 57.72
N GLY A 321 20.52 -10.65 58.02
CA GLY A 321 20.82 -9.76 59.16
C GLY A 321 19.63 -9.51 60.08
N PRO A 322 19.72 -8.55 61.02
CA PRO A 322 18.65 -8.30 62.00
C PRO A 322 17.46 -7.49 61.45
N PHE A 323 17.54 -7.02 60.19
CA PHE A 323 16.45 -6.17 59.63
C PHE A 323 15.81 -6.84 58.41
N THR A 324 16.55 -7.68 57.68
CA THR A 324 16.02 -8.25 56.42
C THR A 324 15.53 -9.69 56.62
N GLY A 325 14.87 -9.97 57.75
CA GLY A 325 14.31 -11.32 57.97
C GLY A 325 15.25 -12.44 57.55
N GLU A 326 14.73 -13.45 56.85
CA GLU A 326 15.54 -14.64 56.48
C GLU A 326 16.72 -14.26 55.58
N GLY A 327 16.59 -13.17 54.81
CA GLY A 327 17.73 -12.71 53.99
C GLY A 327 17.63 -13.18 52.55
N HIS A 328 18.77 -13.37 51.89
CA HIS A 328 18.78 -13.74 50.45
C HIS A 328 18.53 -15.25 50.26
N VAL A 329 18.10 -15.93 51.32
CA VAL A 329 17.84 -17.40 51.25
C VAL A 329 16.54 -17.64 50.47
N GLY A 330 16.65 -18.13 49.23
CA GLY A 330 15.46 -18.38 48.40
C GLY A 330 15.56 -17.73 47.04
N LEU A 331 16.61 -16.93 46.81
CA LEU A 331 16.82 -16.25 45.51
C LEU A 331 17.58 -17.18 44.56
N TYR A 332 18.46 -18.02 45.12
CA TYR A 332 19.25 -18.97 44.29
C TYR A 332 18.30 -19.79 43.43
N GLU A 333 17.31 -20.41 44.05
CA GLU A 333 16.32 -21.25 43.31
C GLU A 333 15.63 -20.36 42.27
N ILE A 334 15.13 -19.20 42.70
CA ILE A 334 14.48 -18.24 41.75
C ILE A 334 15.41 -18.04 40.55
N LEU A 335 16.70 -17.78 40.82
CA LEU A 335 17.66 -17.50 39.73
C LEU A 335 18.27 -18.77 39.12
N THR A 336 17.78 -19.97 39.44
CA THR A 336 18.23 -21.23 38.77
C THR A 336 17.00 -21.99 38.28
N THR A 337 15.79 -21.46 38.45
CA THR A 337 14.57 -22.09 37.92
C THR A 337 13.72 -21.07 37.16
N SER A 338 14.24 -19.88 36.89
CA SER A 338 13.49 -18.83 36.14
C SER A 338 14.41 -18.15 35.12
N TRP A 339 13.92 -17.99 33.88
CA TRP A 339 14.71 -17.27 32.84
C TRP A 339 14.36 -15.79 32.88
N HIS A 340 13.14 -15.46 33.31
CA HIS A 340 12.69 -14.05 33.38
C HIS A 340 13.44 -13.33 34.51
N ALA A 341 13.62 -13.99 35.65
CA ALA A 341 14.42 -13.36 36.74
C ALA A 341 15.83 -13.08 36.24
N GLN A 342 16.51 -14.11 35.73
CA GLN A 342 17.91 -13.94 35.22
C GLN A 342 17.93 -12.83 34.17
N LEU A 343 17.11 -12.95 33.12
CA LEU A 343 17.10 -11.94 32.04
C LEU A 343 16.98 -10.54 32.64
N ALA A 344 16.01 -10.33 33.54
CA ALA A 344 15.80 -8.97 34.10
C ALA A 344 17.11 -8.46 34.70
N ILE A 345 17.73 -9.23 35.58
CA ILE A 345 19.01 -8.80 36.23
C ILE A 345 20.06 -8.58 35.16
N ASN A 346 20.15 -9.50 34.20
CA ASN A 346 21.18 -9.41 33.12
C ASN A 346 20.96 -8.12 32.32
N LEU A 347 19.75 -7.93 31.78
CA LEU A 347 19.46 -6.73 30.95
C LEU A 347 19.82 -5.46 31.71
N ALA A 348 19.40 -5.36 32.97
CA ALA A 348 19.65 -4.12 33.76
C ALA A 348 21.14 -3.77 33.73
N LEU A 349 21.99 -4.68 34.20
CA LEU A 349 23.45 -4.41 34.26
C LEU A 349 23.99 -4.24 32.84
N PHE A 350 23.54 -5.09 31.91
CA PHE A 350 24.04 -5.02 30.50
C PHE A 350 23.69 -3.65 29.90
N GLY A 351 22.45 -3.21 30.07
CA GLY A 351 22.02 -1.91 29.53
C GLY A 351 22.78 -0.77 30.18
N SER A 352 22.91 -0.80 31.52
CA SER A 352 23.66 0.25 32.24
C SER A 352 25.11 0.27 31.73
N LEU A 353 25.68 -0.92 31.50
CA LEU A 353 27.08 -1.02 31.00
C LEU A 353 27.19 -0.25 29.68
N SER A 354 26.20 -0.42 28.80
CA SER A 354 26.24 0.26 27.47
C SER A 354 26.40 1.77 27.66
N ILE A 355 25.60 2.36 28.56
CA ILE A 355 25.70 3.82 28.83
C ILE A 355 27.09 4.13 29.39
N ILE A 356 27.56 3.33 30.35
CA ILE A 356 28.88 3.57 30.99
C ILE A 356 29.96 3.52 29.92
N VAL A 357 29.88 2.56 29.00
CA VAL A 357 30.89 2.43 27.91
C VAL A 357 30.87 3.71 27.09
N ALA A 358 29.68 4.21 26.74
CA ALA A 358 29.57 5.43 25.91
C ALA A 358 30.27 6.61 26.60
N HIS A 359 30.06 6.77 27.91
CA HIS A 359 30.70 7.89 28.66
C HIS A 359 32.22 7.72 28.64
N HIS A 360 32.71 6.51 28.90
CA HIS A 360 34.18 6.27 28.93
C HIS A 360 34.77 6.44 27.54
N MET A 361 34.19 5.80 26.52
CA MET A 361 34.80 5.82 25.17
C MET A 361 34.93 7.27 24.65
N TYR A 362 33.88 8.08 24.82
CA TYR A 362 33.92 9.48 24.33
C TYR A 362 34.94 10.26 25.17
N SER A 363 34.92 10.07 26.49
CA SER A 363 35.85 10.80 27.40
C SER A 363 37.31 10.40 27.11
N MET A 364 37.52 9.11 26.85
CA MET A 364 38.89 8.59 26.57
C MET A 364 38.87 7.86 25.22
N PRO A 365 38.76 8.58 24.08
CA PRO A 365 38.66 7.94 22.77
C PRO A 365 39.65 6.78 22.65
N PRO A 366 39.19 5.51 22.55
CA PRO A 366 40.09 4.35 22.51
C PRO A 366 40.73 4.03 21.16
N TYR A 367 40.29 4.69 20.09
CA TYR A 367 40.74 4.35 18.72
C TYR A 367 41.51 5.51 18.11
N PRO A 368 42.45 5.26 17.19
CA PRO A 368 43.21 6.33 16.55
C PRO A 368 42.38 7.20 15.62
N TYR A 369 42.57 8.53 15.64
CA TYR A 369 41.80 9.43 14.79
C TYR A 369 40.29 9.25 14.98
N LEU A 370 39.87 8.99 16.22
CA LEU A 370 38.46 8.86 16.55
C LEU A 370 37.88 10.13 17.15
N ALA A 371 38.61 10.78 18.05
CA ALA A 371 38.10 11.99 18.70
C ALA A 371 37.92 13.12 17.71
N THR A 372 38.83 13.25 16.73
CA THR A 372 38.70 14.28 15.72
C THR A 372 37.61 13.98 14.71
N ASP A 373 37.10 12.75 14.69
CA ASP A 373 35.93 12.40 13.88
C ASP A 373 34.70 12.63 14.75
N TYR A 374 34.22 13.86 14.73
CA TYR A 374 33.15 14.27 15.65
C TYR A 374 31.86 13.50 15.39
N GLY A 375 31.55 13.25 14.11
CA GLY A 375 30.35 12.49 13.79
C GLY A 375 30.37 11.10 14.41
N THR A 376 31.51 10.43 14.32
CA THR A 376 31.62 9.09 14.89
C THR A 376 31.42 9.13 16.40
N GLN A 377 32.05 10.09 17.07
CA GLN A 377 31.91 10.20 18.53
C GLN A 377 30.47 10.41 18.93
N LEU A 378 29.84 11.43 18.33
CA LEU A 378 28.43 11.73 18.64
C LEU A 378 27.58 10.51 18.31
N SER A 379 27.72 9.93 17.13
CA SER A 379 26.84 8.82 16.71
C SER A 379 27.00 7.64 17.66
N LEU A 380 28.20 7.43 18.19
CA LEU A 380 28.45 6.29 19.11
C LEU A 380 27.82 6.58 20.48
N PHE A 381 28.07 7.77 21.03
CA PHE A 381 27.54 8.11 22.38
C PHE A 381 26.01 8.00 22.37
N THR A 382 25.37 8.62 21.39
CA THR A 382 23.88 8.58 21.29
C THR A 382 23.43 7.13 21.15
N HIS A 383 24.07 6.37 20.27
CA HIS A 383 23.70 4.96 20.04
C HIS A 383 23.72 4.20 21.34
N HIS A 384 24.90 3.98 21.92
CA HIS A 384 24.99 3.11 23.14
C HIS A 384 23.99 3.58 24.21
N ASN A 385 23.81 4.89 24.37
CA ASN A 385 22.89 5.39 25.44
C ASN A 385 21.50 4.81 25.23
N TRP A 386 21.01 4.81 23.99
CA TRP A 386 19.67 4.26 23.67
C TRP A 386 19.68 2.74 23.83
N ILE A 387 20.57 2.06 23.11
CA ILE A 387 20.67 0.56 23.19
C ILE A 387 20.56 0.14 24.66
N GLY A 388 21.24 0.88 25.54
CA GLY A 388 21.21 0.55 26.98
C GLY A 388 19.87 0.91 27.60
N GLY A 389 19.36 2.11 27.31
CA GLY A 389 18.11 2.53 27.94
C GLY A 389 17.01 1.55 27.65
N PHE A 390 17.00 0.98 26.44
CA PHE A 390 15.95 0.00 26.06
C PHE A 390 16.09 -1.24 26.95
N CYS A 391 17.30 -1.80 27.02
CA CYS A 391 17.53 -3.00 27.85
C CYS A 391 16.95 -2.78 29.26
N ILE A 392 17.34 -1.68 29.91
CA ILE A 392 16.86 -1.39 31.29
C ILE A 392 15.34 -1.54 31.33
N VAL A 393 14.64 -0.93 30.37
CA VAL A 393 13.14 -1.02 30.34
C VAL A 393 12.75 -2.50 30.26
N GLY A 394 13.46 -3.28 29.43
CA GLY A 394 13.18 -4.73 29.33
C GLY A 394 13.41 -5.41 30.67
N ALA A 395 14.46 -5.00 31.39
CA ALA A 395 14.74 -5.58 32.73
C ALA A 395 13.51 -5.41 33.62
N GLY A 396 12.92 -4.21 33.61
CA GLY A 396 11.69 -3.98 34.40
C GLY A 396 10.57 -4.87 33.92
N ALA A 397 10.42 -5.06 32.60
CA ALA A 397 9.31 -5.86 32.06
C ALA A 397 9.44 -7.33 32.49
N HIS A 398 10.60 -7.94 32.24
CA HIS A 398 10.78 -9.38 32.56
C HIS A 398 10.66 -9.59 34.07
N ALA A 399 11.21 -8.67 34.87
CA ALA A 399 11.06 -8.76 36.34
C ALA A 399 9.56 -8.94 36.66
N ALA A 400 8.71 -8.07 36.10
CA ALA A 400 7.26 -8.15 36.34
C ALA A 400 6.73 -9.49 35.83
N ILE A 401 7.20 -9.94 34.66
CA ILE A 401 6.73 -11.23 34.08
C ILE A 401 6.99 -12.35 35.09
N PHE A 402 8.19 -12.40 35.65
CA PHE A 402 8.53 -13.45 36.64
C PHE A 402 7.61 -13.34 37.85
N MET A 403 7.34 -12.11 38.30
CA MET A 403 6.50 -11.90 39.51
C MET A 403 5.09 -12.45 39.25
N VAL A 404 4.56 -12.29 38.04
CA VAL A 404 3.16 -12.70 37.76
C VAL A 404 3.12 -14.14 37.22
N ARG A 405 4.26 -14.70 36.83
CA ARG A 405 4.25 -16.04 36.18
C ARG A 405 5.07 -17.05 36.99
N ASP A 406 6.24 -16.65 37.52
CA ASP A 406 7.13 -17.63 38.20
C ASP A 406 7.27 -17.45 39.72
N TYR A 407 6.57 -16.46 40.30
CA TYR A 407 6.66 -16.22 41.76
C TYR A 407 5.84 -17.26 42.51
N ASP A 408 6.42 -17.84 43.58
CA ASP A 408 5.71 -18.86 44.39
C ASP A 408 5.65 -18.38 45.82
N PRO A 409 4.48 -17.96 46.34
CA PRO A 409 4.39 -17.40 47.68
C PRO A 409 4.95 -18.30 48.78
N THR A 410 5.10 -19.59 48.52
CA THR A 410 5.56 -20.56 49.54
C THR A 410 7.06 -20.44 49.71
N ASN A 411 7.81 -20.34 48.62
CA ASN A 411 9.30 -20.35 48.71
C ASN A 411 9.78 -19.05 49.34
N ASN A 412 9.01 -17.99 49.20
CA ASN A 412 9.46 -16.67 49.70
C ASN A 412 8.66 -16.33 50.96
N TYR A 413 9.02 -16.86 52.13
CA TYR A 413 8.30 -16.46 53.35
C TYR A 413 8.82 -15.13 53.91
N ASN A 414 9.94 -15.14 54.65
CA ASN A 414 10.52 -13.86 55.13
C ASN A 414 11.74 -13.52 54.27
N ASN A 415 11.69 -13.77 52.97
CA ASN A 415 12.81 -13.37 52.08
C ASN A 415 12.80 -11.86 51.94
N LEU A 416 13.91 -11.27 51.46
CA LEU A 416 13.94 -9.81 51.20
C LEU A 416 13.04 -9.56 49.98
N LEU A 417 12.49 -10.64 49.41
CA LEU A 417 11.57 -10.52 48.24
C LEU A 417 10.14 -10.36 48.75
N ASP A 418 9.78 -11.07 49.83
CA ASP A 418 8.43 -10.94 50.41
C ASP A 418 8.42 -9.70 51.27
N ARG A 419 9.53 -9.37 51.92
CA ARG A 419 9.58 -8.19 52.82
C ARG A 419 9.57 -6.89 52.04
N VAL A 420 9.80 -6.91 50.72
CA VAL A 420 9.72 -5.70 49.84
C VAL A 420 8.30 -5.64 49.26
N ILE A 421 7.73 -6.79 48.89
CA ILE A 421 6.33 -6.81 48.39
C ILE A 421 5.42 -6.45 49.58
N ARG A 422 5.97 -6.42 50.79
CA ARG A 422 5.12 -6.16 51.97
C ARG A 422 5.27 -4.71 52.43
N HIS A 423 6.06 -3.89 51.75
CA HIS A 423 6.15 -2.44 52.08
C HIS A 423 6.13 -1.66 50.76
N ARG A 424 5.53 -2.23 49.71
CA ARG A 424 5.54 -1.56 48.39
C ARG A 424 5.00 -0.13 48.49
N ASP A 425 4.08 0.15 49.43
CA ASP A 425 3.48 1.50 49.46
C ASP A 425 4.39 2.45 50.21
N ALA A 426 5.50 1.98 50.78
CA ALA A 426 6.46 2.92 51.40
C ALA A 426 7.51 3.22 50.34
N ILE A 427 8.05 2.20 49.71
CA ILE A 427 8.99 2.40 48.59
C ILE A 427 8.36 3.32 47.56
N ILE A 428 7.22 2.94 46.99
CA ILE A 428 6.59 3.75 45.90
C ILE A 428 6.29 5.16 46.40
N SER A 429 5.66 5.28 47.58
CA SER A 429 5.25 6.63 48.08
C SER A 429 6.47 7.55 48.17
N HIS A 430 7.55 7.09 48.80
CA HIS A 430 8.76 7.94 48.98
C HIS A 430 9.35 8.30 47.61
N LEU A 431 9.43 7.31 46.70
CA LEU A 431 9.97 7.55 45.34
C LEU A 431 9.09 8.58 44.63
N ASN A 432 7.77 8.48 44.79
CA ASN A 432 6.84 9.45 44.17
C ASN A 432 7.15 10.85 44.69
N TRP A 433 7.32 10.99 46.01
CA TRP A 433 7.60 12.32 46.62
C TRP A 433 8.92 12.89 46.06
N VAL A 434 9.97 12.07 46.02
CA VAL A 434 11.30 12.57 45.57
C VAL A 434 11.18 13.00 44.09
N CYS A 435 10.41 12.26 43.30
CA CYS A 435 10.20 12.63 41.88
C CYS A 435 9.58 14.02 41.79
N ILE A 436 8.53 14.27 42.58
CA ILE A 436 7.84 15.59 42.56
C ILE A 436 8.84 16.67 43.00
N PHE A 437 9.58 16.42 44.08
CA PHE A 437 10.60 17.39 44.56
C PHE A 437 11.60 17.66 43.43
N LEU A 438 12.28 16.62 42.95
CA LEU A 438 13.29 16.77 41.87
C LEU A 438 12.64 17.52 40.70
N GLY A 439 11.39 17.19 40.37
CA GLY A 439 10.69 17.88 39.28
C GLY A 439 10.68 19.37 39.46
N PHE A 440 10.04 19.86 40.53
CA PHE A 440 9.96 21.32 40.80
C PHE A 440 11.37 21.88 41.00
N HIS A 441 12.21 21.17 41.75
CA HIS A 441 13.57 21.70 42.07
C HIS A 441 14.57 21.30 40.98
N SER A 442 14.18 21.35 39.71
CA SER A 442 15.12 21.07 38.60
C SER A 442 14.55 21.70 37.32
N PHE A 443 13.26 21.47 37.06
CA PHE A 443 12.59 22.07 35.87
C PHE A 443 12.02 23.45 36.25
N GLY A 444 11.79 23.68 37.54
CA GLY A 444 11.26 24.97 38.00
C GLY A 444 12.30 26.07 37.88
N LEU A 445 13.53 25.80 38.31
CA LEU A 445 14.60 26.81 38.20
C LEU A 445 14.95 27.03 36.73
N TYR A 446 14.16 26.45 35.81
CA TYR A 446 14.34 26.69 34.36
C TYR A 446 13.23 27.63 33.93
N ILE A 447 11.99 27.33 34.34
CA ILE A 447 10.84 28.24 34.04
C ILE A 447 11.09 29.56 34.76
N HIS A 448 11.63 29.50 35.99
CA HIS A 448 11.96 30.73 36.75
C HIS A 448 12.93 31.58 35.93
N ASN A 449 14.00 30.97 35.40
CA ASN A 449 14.98 31.72 34.57
C ASN A 449 14.27 32.25 33.31
N ASP A 450 13.41 31.44 32.70
CA ASP A 450 12.64 31.91 31.52
C ASP A 450 11.84 33.15 31.90
N THR A 451 10.99 33.04 32.94
CA THR A 451 10.12 34.19 33.33
C THR A 451 10.99 35.38 33.72
N MET A 452 12.01 35.18 34.55
CA MET A 452 12.86 36.30 35.02
C MET A 452 13.53 36.98 33.82
N SER A 453 14.00 36.19 32.85
CA SER A 453 14.63 36.75 31.63
C SER A 453 13.60 37.53 30.81
N ALA A 454 12.40 36.95 30.63
CA ALA A 454 11.36 37.61 29.81
C ALA A 454 10.89 38.90 30.49
N LEU A 455 10.80 38.89 31.83
CA LEU A 455 10.34 40.09 32.58
C LEU A 455 11.46 41.13 32.60
N GLY A 456 12.58 40.84 31.94
CA GLY A 456 13.69 41.80 31.88
C GLY A 456 14.44 41.89 33.19
N ARG A 457 14.37 40.84 34.02
CA ARG A 457 15.14 40.83 35.29
C ARG A 457 16.22 39.76 35.19
N PRO A 458 17.28 39.92 34.39
CA PRO A 458 18.27 38.87 34.18
C PRO A 458 19.31 38.77 35.30
N GLN A 459 19.18 39.57 36.35
CA GLN A 459 20.08 39.50 37.52
C GLN A 459 19.37 38.66 38.56
N ASP A 460 18.11 38.32 38.32
CA ASP A 460 17.30 37.52 39.25
C ASP A 460 17.14 36.13 38.66
N MET A 461 18.15 35.62 37.97
CA MET A 461 18.08 34.29 37.31
C MET A 461 19.07 33.34 37.97
N PHE A 462 19.00 32.05 37.68
CA PHE A 462 19.95 31.07 38.26
C PHE A 462 21.03 30.81 37.22
N SER A 463 22.12 31.58 37.28
CA SER A 463 23.22 31.42 36.29
C SER A 463 24.57 31.72 36.96
N ASP A 464 25.67 31.46 36.25
CA ASP A 464 27.03 31.73 36.81
C ASP A 464 27.21 33.24 36.96
N THR A 465 26.33 34.03 36.33
CA THR A 465 26.43 35.52 36.40
C THR A 465 25.54 36.05 37.53
N ALA A 466 24.50 35.30 37.90
CA ALA A 466 23.55 35.76 38.95
C ALA A 466 23.54 34.76 40.11
N ILE A 467 22.35 34.28 40.49
CA ILE A 467 22.22 33.30 41.61
C ILE A 467 22.89 32.02 41.12
N GLN A 468 24.16 31.82 41.47
CA GLN A 468 24.91 30.66 40.90
C GLN A 468 24.65 29.36 41.66
N LEU A 469 24.72 28.23 40.95
CA LEU A 469 24.56 26.89 41.58
C LEU A 469 25.65 25.96 41.02
N GLN A 470 26.92 26.29 41.25
CA GLN A 470 28.02 25.48 40.64
C GLN A 470 28.01 24.07 41.21
N PRO A 471 28.32 23.02 40.41
CA PRO A 471 28.36 21.64 40.89
C PRO A 471 29.69 21.43 41.62
N VAL A 472 29.82 21.98 42.83
CA VAL A 472 31.13 21.91 43.56
C VAL A 472 31.59 20.45 43.69
N PHE A 473 30.69 19.53 44.06
CA PHE A 473 31.10 18.12 44.29
C PHE A 473 31.72 17.56 43.00
N ALA A 474 31.09 17.81 41.86
CA ALA A 474 31.62 17.33 40.57
C ALA A 474 32.93 18.07 40.26
N GLN A 475 33.05 19.32 40.71
CA GLN A 475 34.26 20.12 40.40
C GLN A 475 35.45 19.63 41.24
N TRP A 476 35.20 19.08 42.43
CA TRP A 476 36.29 18.54 43.25
C TRP A 476 36.75 17.18 42.73
N ILE A 477 35.83 16.28 42.41
CA ILE A 477 36.19 14.94 41.84
C ILE A 477 37.02 15.16 40.58
N GLN A 478 36.75 16.22 39.81
CA GLN A 478 37.52 16.50 38.59
C GLN A 478 38.97 16.80 38.98
N LYS A 479 39.21 17.55 40.05
CA LYS A 479 40.57 17.93 40.52
C LYS A 479 41.28 16.77 41.23
N THR A 480 40.57 15.94 41.99
CA THR A 480 41.21 14.77 42.64
C THR A 480 41.74 13.77 41.61
N HIS A 481 41.23 13.79 40.37
CA HIS A 481 41.66 12.84 39.32
C HIS A 481 42.62 13.51 38.33
N PHE A 482 42.74 14.84 38.40
CA PHE A 482 43.71 15.56 37.53
C PHE A 482 45.04 15.62 38.26
N LEU A 483 45.00 15.75 39.60
CA LEU A 483 46.24 15.76 40.42
C LEU A 483 46.44 14.38 41.02
N ALA A 484 45.66 13.39 40.57
CA ALA A 484 45.80 12.00 41.07
C ALA A 484 47.15 11.41 40.66
N PRO A 485 47.59 11.51 39.39
CA PRO A 485 48.83 10.88 38.94
C PRO A 485 50.06 11.34 39.75
N GLN A 486 50.02 12.56 40.29
CA GLN A 486 51.18 13.10 41.03
C GLN A 486 51.12 12.63 42.48
N LEU A 487 50.00 12.05 42.92
CA LEU A 487 49.84 11.64 44.34
C LEU A 487 49.16 10.28 44.42
N THR A 488 47.85 10.22 44.15
CA THR A 488 47.08 8.96 44.30
C THR A 488 47.65 7.86 43.40
N ALA A 489 47.99 8.20 42.15
CA ALA A 489 48.48 7.20 41.19
C ALA A 489 49.83 7.64 40.61
N PRO A 490 50.93 7.59 41.38
CA PRO A 490 52.23 8.09 40.90
C PRO A 490 52.69 7.39 39.61
N THR A 491 52.64 6.06 39.57
CA THR A 491 53.15 5.31 38.39
C THR A 491 52.49 5.84 37.10
N ALA A 492 51.32 6.48 37.19
CA ALA A 492 50.63 6.89 35.95
C ALA A 492 51.27 8.20 35.51
N LEU A 493 51.77 8.26 34.29
CA LEU A 493 52.51 9.47 33.86
C LEU A 493 51.55 10.65 33.62
N ALA A 494 50.28 10.38 33.40
CA ALA A 494 49.31 11.45 33.15
C ALA A 494 47.95 11.01 33.68
N ALA A 495 47.01 11.96 33.74
CA ALA A 495 45.65 11.66 34.23
C ALA A 495 44.93 10.69 33.27
N THR A 496 43.84 10.08 33.73
CA THR A 496 43.10 9.10 32.88
C THR A 496 42.56 9.80 31.63
N SER A 497 42.00 11.00 31.78
CA SER A 497 41.39 11.72 30.63
C SER A 497 41.65 13.22 30.74
N ALA A 498 41.65 13.93 29.60
CA ALA A 498 41.85 15.39 29.60
C ALA A 498 40.60 16.09 30.13
N THR A 499 39.45 15.38 30.12
CA THR A 499 38.17 15.97 30.57
C THR A 499 38.35 16.54 31.98
N TRP A 500 39.07 15.81 32.85
CA TRP A 500 39.26 16.26 34.25
C TRP A 500 40.01 17.60 34.26
N GLY A 501 40.98 17.78 33.36
CA GLY A 501 41.74 19.05 33.28
C GLY A 501 43.07 18.86 32.59
N GLY A 502 43.73 19.97 32.23
CA GLY A 502 45.05 19.90 31.57
C GLY A 502 45.09 20.67 30.26
N ASP A 503 46.01 20.31 29.36
CA ASP A 503 46.10 20.99 28.03
C ASP A 503 45.02 20.41 27.11
N VAL A 504 44.96 20.90 25.86
CA VAL A 504 43.94 20.42 24.88
C VAL A 504 44.64 19.59 23.81
N VAL A 505 44.32 18.29 23.73
CA VAL A 505 44.91 17.42 22.68
C VAL A 505 44.42 17.90 21.31
N ALA A 506 45.34 18.28 20.41
CA ALA A 506 44.93 18.69 19.07
C ALA A 506 45.56 17.77 18.04
N VAL A 507 44.74 17.28 17.12
CA VAL A 507 45.20 16.44 16.02
C VAL A 507 44.65 17.03 14.73
N GLY A 508 45.53 17.46 13.84
CA GLY A 508 45.10 18.05 12.59
C GLY A 508 44.37 19.35 12.72
N GLY A 509 44.74 20.18 13.70
CA GLY A 509 44.08 21.46 13.88
C GLY A 509 42.66 21.35 14.39
N LYS A 510 42.34 20.25 15.07
CA LYS A 510 40.99 20.06 15.65
C LYS A 510 41.15 19.58 17.11
N VAL A 511 40.12 19.79 17.93
CA VAL A 511 40.22 19.41 19.38
C VAL A 511 39.81 17.95 19.53
N ALA A 512 40.79 17.07 19.81
CA ALA A 512 40.47 15.65 20.07
C ALA A 512 39.75 15.56 21.42
N MET A 513 40.41 15.98 22.50
CA MET A 513 39.79 15.98 23.84
C MET A 513 40.19 17.27 24.56
N MET A 514 39.21 18.02 25.08
CA MET A 514 39.50 19.29 25.79
C MET A 514 38.89 19.21 27.20
N PRO A 515 39.60 19.68 28.25
CA PRO A 515 39.05 19.67 29.61
C PRO A 515 37.63 20.28 29.61
N ILE A 516 36.66 19.54 30.14
CA ILE A 516 35.26 20.02 30.20
C ILE A 516 35.05 20.75 31.53
N SER A 517 34.49 21.96 31.50
CA SER A 517 34.23 22.72 32.75
C SER A 517 32.74 22.68 33.10
N LEU A 518 32.41 22.31 34.33
CA LEU A 518 30.98 22.21 34.74
C LEU A 518 30.54 23.52 35.43
N GLY A 519 29.46 24.13 34.94
CA GLY A 519 28.96 25.39 35.54
C GLY A 519 27.53 25.24 36.02
N THR A 520 26.85 26.37 36.24
CA THR A 520 25.45 26.34 36.73
C THR A 520 24.61 25.48 35.78
N SER A 521 24.69 25.72 34.47
CA SER A 521 23.88 24.96 33.52
C SER A 521 24.15 23.47 33.60
N ASP A 522 25.41 23.09 33.84
CA ASP A 522 25.73 21.65 34.00
C ASP A 522 25.00 21.14 35.24
N PHE A 523 25.09 21.88 36.35
CA PHE A 523 24.38 21.48 37.58
C PHE A 523 22.89 21.31 37.26
N LEU A 524 22.31 22.31 36.59
CA LEU A 524 20.85 22.27 36.29
C LEU A 524 20.52 21.06 35.42
N VAL A 525 21.28 20.82 34.34
CA VAL A 525 20.96 19.72 33.39
C VAL A 525 21.15 18.37 34.10
N HIS A 526 22.17 18.26 34.95
CA HIS A 526 22.47 16.97 35.63
C HIS A 526 21.31 16.60 36.57
N HIS A 527 20.82 17.56 37.35
CA HIS A 527 19.67 17.29 38.26
C HIS A 527 18.44 16.97 37.42
N ILE A 528 18.31 17.57 36.23
CA ILE A 528 17.18 17.24 35.32
C ILE A 528 17.27 15.76 34.94
N HIS A 529 18.49 15.28 34.65
CA HIS A 529 18.69 13.85 34.32
C HIS A 529 18.22 12.98 35.50
N ALA A 530 18.65 13.35 36.72
CA ALA A 530 18.28 12.58 37.93
C ALA A 530 16.76 12.46 38.02
N PHE A 531 16.06 13.59 37.87
CA PHE A 531 14.58 13.59 37.97
C PHE A 531 13.99 12.57 36.99
N THR A 532 14.44 12.60 35.73
CA THR A 532 13.92 11.66 34.71
C THR A 532 14.26 10.22 35.12
N ILE A 533 15.54 9.95 35.39
CA ILE A 533 15.97 8.58 35.80
C ILE A 533 15.05 8.10 36.93
N HIS A 534 14.82 8.94 37.95
CA HIS A 534 13.98 8.53 39.11
C HIS A 534 12.56 8.21 38.64
N VAL A 535 11.95 9.09 37.84
CA VAL A 535 10.56 8.87 37.36
C VAL A 535 10.51 7.52 36.62
N THR A 536 11.36 7.35 35.60
CA THR A 536 11.36 6.09 34.81
C THR A 536 11.36 4.91 35.77
N VAL A 537 12.25 4.93 36.76
CA VAL A 537 12.35 3.82 37.76
C VAL A 537 10.99 3.68 38.46
N LEU A 538 10.38 4.80 38.85
CA LEU A 538 9.09 4.75 39.60
C LEU A 538 8.05 3.96 38.79
N ILE A 539 7.91 4.27 37.50
CA ILE A 539 6.86 3.60 36.68
C ILE A 539 7.17 2.09 36.61
N LEU A 540 8.39 1.73 36.24
CA LEU A 540 8.74 0.30 36.07
C LEU A 540 8.69 -0.42 37.42
N LEU A 541 9.28 0.18 38.46
CA LEU A 541 9.30 -0.45 39.80
C LEU A 541 7.88 -0.62 40.31
N LYS A 542 7.03 0.38 40.10
CA LYS A 542 5.61 0.30 40.54
C LYS A 542 4.97 -0.93 39.87
N GLY A 543 5.19 -1.10 38.57
CA GLY A 543 4.63 -2.25 37.85
C GLY A 543 5.10 -3.56 38.45
N VAL A 544 6.39 -3.64 38.80
CA VAL A 544 6.96 -4.92 39.35
C VAL A 544 6.33 -5.22 40.70
N LEU A 545 6.30 -4.23 41.61
CA LEU A 545 5.78 -4.45 42.99
C LEU A 545 4.30 -4.87 42.93
N PHE A 546 3.48 -4.14 42.17
CA PHE A 546 2.02 -4.42 42.13
C PHE A 546 1.67 -5.30 40.92
N ALA A 547 2.67 -5.94 40.32
CA ALA A 547 2.44 -6.82 39.16
C ALA A 547 1.44 -7.93 39.53
N ARG A 548 1.35 -8.29 40.81
CA ARG A 548 0.48 -9.44 41.21
C ARG A 548 -0.84 -8.92 41.81
N SER A 549 -0.82 -7.77 42.49
CA SER A 549 -2.05 -7.30 43.17
C SER A 549 -1.91 -5.85 43.63
N SER A 550 -3.02 -5.22 44.04
CA SER A 550 -2.99 -3.83 44.56
C SER A 550 -4.33 -3.53 45.22
N ARG A 551 -4.44 -2.42 45.94
CA ARG A 551 -5.75 -2.03 46.55
C ARG A 551 -6.79 -2.03 45.42
N LEU A 552 -6.39 -1.61 44.21
CA LEU A 552 -7.32 -1.66 43.05
C LEU A 552 -7.08 -2.97 42.30
N ILE A 553 -8.04 -3.91 42.38
CA ILE A 553 -7.90 -5.23 41.70
C ILE A 553 -6.93 -6.10 42.51
N PRO A 554 -7.38 -6.80 43.58
CA PRO A 554 -6.51 -7.64 44.40
C PRO A 554 -6.38 -9.07 43.85
N ASP A 555 -6.15 -9.21 42.54
CA ASP A 555 -5.99 -10.54 41.92
C ASP A 555 -5.30 -10.39 40.56
N LYS A 556 -4.59 -9.30 40.33
CA LYS A 556 -3.97 -9.05 39.00
C LYS A 556 -3.15 -10.27 38.56
N ALA A 557 -2.53 -10.99 39.50
CA ALA A 557 -1.75 -12.17 39.15
C ALA A 557 -2.57 -13.16 38.34
N ASN A 558 -3.83 -13.36 38.75
CA ASN A 558 -4.72 -14.24 38.01
C ASN A 558 -5.20 -13.65 36.70
N LEU A 559 -4.99 -12.35 36.48
CA LEU A 559 -5.36 -11.72 35.22
C LEU A 559 -4.25 -11.78 34.18
N GLY A 560 -3.00 -11.68 34.63
CA GLY A 560 -1.85 -11.82 33.72
C GLY A 560 -0.89 -10.66 33.70
N PHE A 561 0.02 -10.64 32.72
CA PHE A 561 0.98 -9.53 32.53
C PHE A 561 0.43 -8.62 31.44
N ARG A 562 0.06 -9.19 30.29
CA ARG A 562 -0.46 -8.38 29.17
C ARG A 562 -1.98 -8.46 29.19
N PHE A 563 -2.61 -7.79 30.14
CA PHE A 563 -4.08 -7.69 30.14
C PHE A 563 -4.39 -6.20 30.09
N PRO A 564 -5.31 -5.73 29.22
CA PRO A 564 -5.57 -4.30 29.07
C PRO A 564 -6.09 -3.66 30.37
N CYS A 565 -7.31 -4.01 30.77
CA CYS A 565 -7.92 -3.43 32.00
C CYS A 565 -8.86 -4.45 32.64
N ASP A 566 -9.06 -4.37 33.96
CA ASP A 566 -10.04 -5.28 34.64
C ASP A 566 -11.43 -4.94 34.13
N GLY A 567 -11.75 -3.65 33.99
CA GLY A 567 -13.07 -3.22 33.48
C GLY A 567 -13.22 -1.71 33.50
N PRO A 568 -14.37 -1.15 33.07
CA PRO A 568 -14.61 0.28 33.14
C PRO A 568 -15.11 0.70 34.54
N GLY A 569 -15.21 -0.27 35.45
CA GLY A 569 -15.73 0.02 36.81
C GLY A 569 -14.64 0.48 37.76
N ARG A 570 -14.98 0.63 39.04
CA ARG A 570 -14.00 1.13 40.05
C ARG A 570 -13.48 2.49 39.57
N GLY A 571 -14.31 3.26 38.87
CA GLY A 571 -13.89 4.57 38.33
C GLY A 571 -12.89 4.42 37.20
N GLY A 572 -12.83 3.22 36.60
CA GLY A 572 -11.87 2.97 35.50
C GLY A 572 -10.63 2.24 35.99
N THR A 573 -10.23 1.18 35.29
CA THR A 573 -9.06 0.37 35.72
C THR A 573 -8.18 0.07 34.49
N CYS A 574 -7.98 1.07 33.62
CA CYS A 574 -7.19 0.87 32.39
C CYS A 574 -5.69 0.90 32.72
N GLN A 575 -4.88 0.14 31.98
CA GLN A 575 -3.41 0.17 32.16
C GLN A 575 -3.03 -0.19 33.61
N VAL A 576 -3.71 -1.17 34.21
CA VAL A 576 -3.34 -1.61 35.55
C VAL A 576 -2.26 -2.68 35.52
N SER A 577 -2.02 -3.29 34.36
CA SER A 577 -1.06 -4.39 34.28
C SER A 577 0.37 -3.85 34.31
N ALA A 578 1.28 -4.82 34.42
CA ALA A 578 2.72 -4.51 34.44
C ALA A 578 3.23 -4.27 33.03
N TRP A 579 2.51 -4.71 32.00
CA TRP A 579 2.91 -4.41 30.60
C TRP A 579 2.65 -2.95 30.36
N ASP A 580 1.61 -2.40 30.98
CA ASP A 580 1.23 -0.98 30.79
C ASP A 580 2.13 -0.09 31.64
N HIS A 581 2.84 -0.64 32.62
CA HIS A 581 3.84 0.16 33.35
C HIS A 581 5.13 0.14 32.54
N VAL A 582 5.33 -0.89 31.73
CA VAL A 582 6.50 -0.90 30.80
C VAL A 582 6.13 -0.01 29.62
N PHE A 583 4.89 -0.05 29.14
CA PHE A 583 4.45 0.78 27.99
C PHE A 583 4.78 2.24 28.27
N LEU A 584 4.47 2.74 29.46
CA LEU A 584 4.67 4.17 29.79
C LEU A 584 6.13 4.44 30.17
N GLY A 585 6.81 3.46 30.73
CA GLY A 585 8.22 3.63 31.13
C GLY A 585 9.12 3.66 29.93
N LEU A 586 8.55 3.54 28.72
CA LEU A 586 9.35 3.65 27.47
C LEU A 586 9.37 5.12 27.05
N PHE A 587 8.23 5.79 27.12
CA PHE A 587 8.15 7.23 26.73
C PHE A 587 9.09 8.03 27.63
N TRP A 588 9.05 7.77 28.94
CA TRP A 588 9.92 8.49 29.89
C TRP A 588 11.39 8.17 29.61
N MET A 589 11.69 6.91 29.25
CA MET A 589 13.08 6.55 28.86
C MET A 589 13.49 7.40 27.67
N TYR A 590 12.60 7.53 26.68
CA TYR A 590 12.88 8.39 25.50
C TYR A 590 13.11 9.83 25.98
N ASN A 591 12.24 10.33 26.87
CA ASN A 591 12.37 11.71 27.40
C ASN A 591 13.69 11.83 28.17
N SER A 592 14.00 10.85 29.03
CA SER A 592 15.23 10.89 29.85
C SER A 592 16.47 10.85 28.96
N LEU A 593 16.50 9.93 27.99
CA LEU A 593 17.70 9.77 27.14
C LEU A 593 17.81 10.94 26.16
N SER A 594 16.69 11.47 25.69
CA SER A 594 16.71 12.57 24.69
C SER A 594 17.49 13.76 25.27
N ILE A 595 17.20 14.13 26.52
CA ILE A 595 17.87 15.29 27.16
C ILE A 595 19.37 14.99 27.28
N ALA A 596 19.73 13.75 27.62
CA ALA A 596 21.14 13.37 27.79
C ALA A 596 21.89 13.56 26.47
N ILE A 597 21.33 13.05 25.36
CA ILE A 597 22.02 13.15 24.03
C ILE A 597 22.08 14.63 23.64
N PHE A 598 21.03 15.39 23.93
CA PHE A 598 21.03 16.85 23.63
C PHE A 598 22.07 17.55 24.50
N HIS A 599 22.18 17.15 25.78
CA HIS A 599 23.19 17.74 26.70
C HIS A 599 24.59 17.46 26.15
N PHE A 600 24.85 16.23 25.71
CA PHE A 600 26.18 15.88 25.14
C PHE A 600 26.39 16.67 23.84
N SER A 601 25.39 16.65 22.95
CA SER A 601 25.52 17.33 21.64
C SER A 601 25.88 18.80 21.85
N TRP A 602 25.15 19.50 22.71
CA TRP A 602 25.39 20.93 22.89
C TRP A 602 26.66 21.18 23.69
N LYS A 603 26.85 20.53 24.83
CA LYS A 603 28.03 20.82 25.68
C LYS A 603 29.26 20.64 24.85
N MET A 604 29.36 19.53 24.13
CA MET A 604 30.59 19.22 23.39
C MET A 604 30.81 20.28 22.32
N GLN A 605 29.84 20.48 21.44
CA GLN A 605 30.00 21.45 20.33
C GLN A 605 30.36 22.81 20.93
N SER A 606 29.93 23.09 22.16
CA SER A 606 30.19 24.42 22.70
C SER A 606 31.49 24.51 23.49
N ASP A 607 31.92 23.45 24.16
CA ASP A 607 33.05 23.54 25.07
C ASP A 607 34.23 22.64 24.72
N VAL A 608 34.06 21.70 23.79
CA VAL A 608 35.17 20.80 23.45
C VAL A 608 35.49 20.89 21.97
N TRP A 609 34.55 20.50 21.12
CA TRP A 609 34.80 20.35 19.69
C TRP A 609 35.06 21.68 19.02
N GLY A 610 36.14 21.75 18.24
CA GLY A 610 36.48 23.01 17.54
C GLY A 610 37.84 22.95 16.88
N THR A 611 38.30 24.07 16.32
CA THR A 611 39.62 24.11 15.64
C THR A 611 40.61 24.90 16.50
N VAL A 612 41.78 24.32 16.76
CA VAL A 612 42.82 25.01 17.60
C VAL A 612 43.55 26.02 16.72
N THR A 613 43.26 27.32 16.90
CA THR A 613 43.90 28.37 16.07
C THR A 613 45.04 29.03 16.87
N ALA A 614 45.79 29.93 16.24
CA ALA A 614 46.84 30.63 16.98
C ALA A 614 46.24 31.35 18.17
N SER A 615 46.71 31.00 19.38
CA SER A 615 46.19 31.62 20.62
C SER A 615 44.66 31.50 20.68
N GLY A 616 44.16 30.30 21.04
CA GLY A 616 42.70 30.12 21.20
C GLY A 616 42.15 29.01 20.33
N VAL A 617 40.93 28.54 20.67
CA VAL A 617 40.27 27.45 19.87
C VAL A 617 38.88 27.93 19.46
N SER A 618 38.46 27.62 18.23
CA SER A 618 37.12 28.04 17.74
C SER A 618 36.12 26.89 17.90
N HIS A 619 35.28 26.94 18.93
CA HIS A 619 34.28 25.86 19.19
C HIS A 619 33.17 25.91 18.14
N ILE A 620 32.56 24.76 17.83
CA ILE A 620 31.50 24.69 16.78
C ILE A 620 30.45 25.78 17.03
N THR A 621 30.18 26.12 18.30
CA THR A 621 29.14 27.09 18.60
C THR A 621 29.67 28.28 19.41
N GLY A 622 30.99 28.40 19.52
CA GLY A 622 31.57 29.57 20.18
C GLY A 622 31.30 29.66 21.66
N GLY A 623 31.25 28.53 22.36
CA GLY A 623 31.15 28.53 23.81
C GLY A 623 29.92 29.21 24.38
N ASN A 624 28.73 28.88 23.86
CA ASN A 624 27.50 29.49 24.33
C ASN A 624 26.63 28.57 25.17
N PHE A 625 27.12 27.40 25.56
CA PHE A 625 26.34 26.50 26.40
C PHE A 625 26.07 27.13 27.76
N ALA A 626 27.12 27.63 28.40
CA ALA A 626 26.97 28.20 29.77
C ALA A 626 25.78 29.15 29.87
N GLN A 627 25.83 30.30 29.17
CA GLN A 627 24.78 31.33 29.33
C GLN A 627 23.49 30.96 28.57
N SER A 628 23.55 30.05 27.60
CA SER A 628 22.36 29.79 26.77
C SER A 628 21.59 28.54 27.23
N ALA A 629 22.11 27.78 28.19
CA ALA A 629 21.40 26.55 28.54
C ALA A 629 20.61 26.66 29.83
N ASN A 630 20.66 27.80 30.53
CA ASN A 630 19.92 27.92 31.77
C ASN A 630 18.42 28.17 31.56
N THR A 631 18.02 28.36 30.30
CA THR A 631 16.60 28.61 29.97
C THR A 631 16.12 27.61 28.93
N ILE A 632 14.80 27.39 28.83
CA ILE A 632 14.24 26.40 27.87
C ILE A 632 14.26 27.01 26.46
N ASN A 633 14.17 28.35 26.37
CA ASN A 633 14.20 29.03 25.05
C ASN A 633 15.59 28.85 24.42
N GLY A 634 16.65 28.96 25.24
CA GLY A 634 18.03 28.77 24.74
C GLY A 634 18.17 27.39 24.19
N TRP A 635 17.48 26.41 24.78
CA TRP A 635 17.56 25.01 24.29
C TRP A 635 16.77 24.88 22.98
N LEU A 636 15.98 25.90 22.63
CA LEU A 636 15.14 25.85 21.39
C LEU A 636 15.74 26.80 20.35
N ARG A 637 16.25 27.95 20.78
CA ARG A 637 16.78 28.96 19.84
C ARG A 637 18.24 28.66 19.51
N ASP A 638 19.06 28.34 20.52
CA ASP A 638 20.48 28.13 20.29
C ASP A 638 20.85 26.68 20.04
N PHE A 639 19.90 25.78 20.31
CA PHE A 639 20.11 24.34 20.03
C PHE A 639 19.16 23.90 18.93
N LEU A 640 17.94 23.50 19.28
CA LEU A 640 17.01 22.93 18.27
C LEU A 640 16.97 23.81 17.00
N TRP A 641 16.44 25.03 17.10
CA TRP A 641 16.27 25.89 15.90
C TRP A 641 17.61 26.17 15.21
N ALA A 642 18.63 26.59 15.96
CA ALA A 642 19.92 26.98 15.33
C ALA A 642 20.60 25.78 14.67
N GLN A 643 20.67 24.64 15.35
CA GLN A 643 21.42 23.47 14.79
C GLN A 643 20.57 22.71 13.77
N SER A 644 19.28 23.03 13.65
CA SER A 644 18.38 22.30 12.73
C SER A 644 18.57 22.82 11.30
N SER A 645 19.38 23.87 11.13
CA SER A 645 19.58 24.48 9.79
C SER A 645 20.17 23.45 8.82
N GLN A 646 21.18 22.70 9.26
CA GLN A 646 21.87 21.74 8.35
C GLN A 646 20.86 20.72 7.80
N VAL A 647 20.04 20.12 8.67
CA VAL A 647 19.11 19.04 8.22
C VAL A 647 18.02 19.65 7.32
N ILE A 648 17.52 20.84 7.66
CA ILE A 648 16.40 21.45 6.88
C ILE A 648 16.94 21.96 5.54
N GLN A 649 18.26 22.10 5.41
CA GLN A 649 18.86 22.62 4.16
C GLN A 649 19.79 21.55 3.57
N SER A 650 19.57 20.28 3.92
CA SER A 650 20.41 19.17 3.40
C SER A 650 19.97 18.79 1.99
N TYR A 651 18.76 19.19 1.59
CA TYR A 651 18.22 18.82 0.25
C TYR A 651 19.17 19.32 -0.84
N GLY A 652 19.40 18.50 -1.87
CA GLY A 652 20.28 18.90 -2.99
C GLY A 652 21.73 18.52 -2.74
N SER A 653 22.05 18.07 -1.52
CA SER A 653 23.45 17.72 -1.17
C SER A 653 23.53 16.24 -0.77
N ALA A 654 24.74 15.72 -0.60
CA ALA A 654 24.90 14.30 -0.19
C ALA A 654 24.11 14.03 1.10
N LEU A 655 23.87 15.05 1.91
CA LEU A 655 23.16 14.88 3.16
C LEU A 655 21.65 14.95 3.00
N SER A 656 21.16 15.05 1.75
CA SER A 656 19.70 15.21 1.48
C SER A 656 18.90 14.03 2.02
N ALA A 657 19.54 12.90 2.24
CA ALA A 657 18.84 11.70 2.75
C ALA A 657 18.41 11.96 4.16
N TYR A 658 19.18 12.77 4.90
CA TYR A 658 18.86 13.02 6.32
C TYR A 658 17.70 14.02 6.39
N GLY A 659 17.68 15.02 5.52
CA GLY A 659 16.54 15.95 5.47
C GLY A 659 15.24 15.21 5.23
N LEU A 660 15.24 14.27 4.27
CA LEU A 660 14.03 13.46 3.97
C LEU A 660 13.67 12.63 5.21
N MET A 661 14.65 11.90 5.77
CA MET A 661 14.40 11.04 6.96
C MET A 661 13.93 11.92 8.12
N PHE A 662 14.53 13.12 8.25
CA PHE A 662 14.16 14.03 9.37
C PHE A 662 12.66 14.26 9.36
N LEU A 663 12.10 14.61 8.19
CA LEU A 663 10.64 14.83 8.08
C LEU A 663 9.91 13.49 8.22
N GLY A 664 10.31 12.48 7.44
CA GLY A 664 9.70 11.15 7.56
C GLY A 664 9.58 10.72 9.01
N ALA A 665 10.60 11.04 9.82
CA ALA A 665 10.60 10.69 11.25
C ALA A 665 9.46 11.43 11.96
N HIS A 666 9.29 12.72 11.66
CA HIS A 666 8.17 13.50 12.25
C HIS A 666 6.85 12.81 11.91
N PHE A 667 6.69 12.38 10.66
CA PHE A 667 5.42 11.74 10.22
C PHE A 667 5.17 10.49 11.06
N VAL A 668 6.18 9.63 11.21
CA VAL A 668 6.02 8.36 11.96
C VAL A 668 5.66 8.69 13.42
N TRP A 669 6.37 9.66 14.02
CA TRP A 669 6.10 10.02 15.43
C TRP A 669 4.65 10.50 15.59
N ALA A 670 4.20 11.37 14.68
CA ALA A 670 2.83 11.93 14.76
C ALA A 670 1.81 10.82 14.45
N PHE A 671 2.11 9.97 13.46
CA PHE A 671 1.17 8.88 13.08
C PHE A 671 0.90 7.99 14.29
N SER A 672 1.87 7.90 15.21
CA SER A 672 1.71 7.01 16.40
C SER A 672 0.64 7.54 17.34
N LEU A 673 0.25 8.82 17.20
CA LEU A 673 -0.72 9.42 18.14
C LEU A 673 -2.15 9.12 17.72
N MET A 674 -2.34 8.22 16.75
CA MET A 674 -3.71 7.80 16.37
C MET A 674 -4.03 6.51 17.13
N PHE A 675 -2.99 5.79 17.57
CA PHE A 675 -3.18 4.53 18.34
C PHE A 675 -3.01 4.81 19.83
N LEU A 676 -2.30 5.88 20.18
CA LEU A 676 -2.02 6.19 21.61
C LEU A 676 -3.13 7.08 22.17
N PHE A 677 -3.90 7.75 21.31
CA PHE A 677 -4.96 8.66 21.77
C PHE A 677 -6.35 8.14 21.43
N SER A 678 -6.49 7.01 20.76
CA SER A 678 -7.83 6.54 20.30
C SER A 678 -8.28 5.25 20.97
N GLY A 679 -9.18 4.51 20.32
CA GLY A 679 -9.72 3.26 20.92
C GLY A 679 -10.29 2.33 19.87
N ARG A 680 -10.22 1.02 20.11
CA ARG A 680 -10.70 0.02 19.12
C ARG A 680 -12.18 0.27 18.80
N GLY A 681 -13.00 0.56 19.81
CA GLY A 681 -14.43 0.78 19.60
C GLY A 681 -14.72 1.56 18.33
N TYR A 682 -13.99 2.65 18.10
CA TYR A 682 -14.25 3.51 16.92
C TYR A 682 -13.82 2.78 15.64
N TRP A 683 -12.63 2.16 15.68
CA TRP A 683 -12.09 1.48 14.47
C TRP A 683 -12.90 0.22 14.15
N GLN A 684 -13.30 -0.55 15.17
CA GLN A 684 -14.04 -1.81 14.93
C GLN A 684 -15.31 -1.49 14.13
N GLU A 685 -16.11 -0.52 14.60
CA GLU A 685 -17.37 -0.15 13.91
C GLU A 685 -17.03 0.41 12.52
N LEU A 686 -16.04 1.31 12.44
CA LEU A 686 -15.61 1.86 11.12
C LEU A 686 -15.35 0.69 10.17
N ILE A 687 -14.63 -0.33 10.64
CA ILE A 687 -14.33 -1.52 9.79
C ILE A 687 -15.63 -2.18 9.37
N GLU A 688 -16.62 -2.22 10.27
CA GLU A 688 -17.92 -2.86 9.96
C GLU A 688 -18.52 -2.21 8.70
N SER A 689 -18.50 -0.88 8.63
CA SER A 689 -19.04 -0.16 7.45
C SER A 689 -18.23 -0.53 6.21
N ILE A 690 -16.91 -0.57 6.34
CA ILE A 690 -16.02 -0.94 5.19
C ILE A 690 -16.39 -2.36 4.74
N ILE A 691 -16.53 -3.29 5.69
CA ILE A 691 -16.89 -4.69 5.36
C ILE A 691 -18.20 -4.69 4.58
N TRP A 692 -19.17 -3.89 5.00
CA TRP A 692 -20.47 -3.79 4.28
C TRP A 692 -20.21 -3.50 2.81
N ALA A 693 -19.46 -2.43 2.51
CA ALA A 693 -19.14 -2.09 1.11
C ALA A 693 -18.53 -3.32 0.42
N HIS A 694 -17.59 -3.99 1.08
CA HIS A 694 -16.95 -5.20 0.52
C HIS A 694 -18.01 -6.29 0.33
N SER A 695 -18.97 -6.44 1.25
CA SER A 695 -19.92 -7.57 1.14
C SER A 695 -20.95 -7.26 0.07
N LYS A 696 -21.20 -5.97 -0.19
CA LYS A 696 -22.14 -5.58 -1.28
C LYS A 696 -21.55 -6.02 -2.62
N LEU A 697 -20.30 -5.64 -2.91
CA LEU A 697 -19.66 -6.00 -4.20
C LEU A 697 -19.17 -7.46 -4.14
N LYS A 698 -19.49 -8.17 -3.05
CA LYS A 698 -19.12 -9.61 -2.94
C LYS A 698 -17.59 -9.76 -2.97
N VAL A 699 -16.87 -8.84 -2.31
CA VAL A 699 -15.38 -8.91 -2.25
C VAL A 699 -14.95 -8.99 -0.78
N ALA A 700 -15.83 -9.49 0.10
CA ALA A 700 -15.50 -9.56 1.54
C ALA A 700 -14.49 -10.68 1.81
N PRO A 701 -13.43 -10.43 2.62
CA PRO A 701 -12.41 -11.44 2.90
C PRO A 701 -12.97 -12.57 3.79
N SER A 702 -12.53 -13.81 3.55
CA SER A 702 -13.02 -14.97 4.35
C SER A 702 -12.66 -14.76 5.82
N ILE A 703 -11.41 -14.39 6.11
CA ILE A 703 -10.99 -14.13 7.52
C ILE A 703 -11.69 -12.85 7.99
N GLN A 704 -12.27 -12.87 9.19
CA GLN A 704 -13.03 -11.70 9.71
C GLN A 704 -12.07 -10.56 10.05
N PRO A 705 -12.10 -9.39 9.34
CA PRO A 705 -11.25 -8.25 9.71
C PRO A 705 -11.63 -7.71 11.10
N ARG A 706 -10.67 -7.66 12.02
CA ARG A 706 -10.94 -7.17 13.41
C ARG A 706 -9.94 -6.07 13.75
N ALA A 707 -10.40 -5.02 14.45
CA ALA A 707 -9.51 -3.91 14.84
C ALA A 707 -8.43 -4.42 15.80
N LEU A 708 -7.30 -3.71 15.89
CA LEU A 708 -6.18 -4.15 16.77
C LEU A 708 -6.67 -4.26 18.23
N SER A 709 -6.10 -5.20 18.99
CA SER A 709 -6.46 -5.35 20.42
C SER A 709 -6.09 -4.09 21.20
N ILE A 710 -6.64 -3.93 22.40
CA ILE A 710 -6.34 -2.72 23.23
C ILE A 710 -4.83 -2.67 23.49
N THR A 711 -4.24 -3.81 23.88
CA THR A 711 -2.79 -3.86 24.17
C THR A 711 -1.99 -3.64 22.88
N GLN A 712 -2.46 -4.20 21.77
CA GLN A 712 -1.72 -4.07 20.48
C GLN A 712 -1.61 -2.60 20.08
N GLY A 713 -2.74 -1.88 20.07
CA GLY A 713 -2.74 -0.44 19.72
C GLY A 713 -1.77 0.32 20.62
N ARG A 714 -1.70 -0.04 21.90
CA ARG A 714 -0.76 0.62 22.83
C ARG A 714 0.67 0.34 22.35
N ALA A 715 0.95 -0.90 21.93
CA ALA A 715 2.31 -1.28 21.46
C ALA A 715 2.63 -0.57 20.15
N VAL A 716 1.70 -0.61 19.19
CA VAL A 716 1.95 0.00 17.84
C VAL A 716 2.29 1.48 18.03
N GLY A 717 1.48 2.20 18.82
CA GLY A 717 1.70 3.65 19.01
C GLY A 717 3.06 3.94 19.64
N VAL A 718 3.38 3.27 20.75
CA VAL A 718 4.66 3.53 21.45
C VAL A 718 5.81 3.19 20.50
N ALA A 719 5.67 2.11 19.73
CA ALA A 719 6.74 1.70 18.79
C ALA A 719 6.98 2.82 17.78
N HIS A 720 5.93 3.27 17.09
CA HIS A 720 6.06 4.35 16.08
C HIS A 720 6.53 5.63 16.77
N TYR A 721 6.05 5.88 18.00
CA TYR A 721 6.42 7.11 18.73
C TYR A 721 7.92 7.14 18.97
N LEU A 722 8.49 6.03 19.45
CA LEU A 722 9.94 5.96 19.72
C LEU A 722 10.70 5.98 18.38
N LEU A 723 10.26 5.18 17.42
CA LEU A 723 10.94 5.12 16.09
C LEU A 723 11.00 6.52 15.48
N GLY A 724 9.88 7.25 15.49
CA GLY A 724 9.85 8.59 14.88
C GLY A 724 10.77 9.57 15.57
N GLY A 725 10.68 9.68 16.90
CA GLY A 725 11.50 10.67 17.63
C GLY A 725 12.98 10.39 17.50
N ILE A 726 13.39 9.13 17.70
CA ILE A 726 14.83 8.77 17.62
C ILE A 726 15.33 9.02 16.20
N ALA A 727 14.51 8.68 15.19
CA ALA A 727 14.90 8.89 13.78
C ALA A 727 15.10 10.38 13.52
N THR A 728 14.22 11.22 14.06
CA THR A 728 14.33 12.69 13.87
C THR A 728 15.69 13.16 14.42
N THR A 729 16.02 12.76 15.65
CA THR A 729 17.30 13.16 16.28
C THR A 729 18.47 12.58 15.48
N TRP A 730 18.34 11.32 15.05
CA TRP A 730 19.42 10.66 14.27
C TRP A 730 19.73 11.49 13.02
N SER A 731 18.70 11.92 12.30
CA SER A 731 18.90 12.79 11.11
C SER A 731 19.51 14.12 11.56
N PHE A 732 18.88 14.77 12.55
CA PHE A 732 19.38 16.07 13.06
C PHE A 732 20.84 15.93 13.40
N PHE A 733 21.18 15.10 14.38
CA PHE A 733 22.56 15.00 14.85
C PHE A 733 23.48 14.73 13.67
N LEU A 734 23.23 13.66 12.93
CA LEU A 734 24.16 13.25 11.86
C LEU A 734 24.31 14.38 10.84
N ALA A 735 23.25 15.01 10.35
CA ALA A 735 23.42 16.04 9.32
C ALA A 735 24.07 17.27 9.93
N ARG A 736 23.77 17.63 11.18
CA ARG A 736 24.46 18.73 11.83
C ARG A 736 25.95 18.46 11.94
N ILE A 737 26.33 17.32 12.53
CA ILE A 737 27.73 17.10 12.86
C ILE A 737 28.55 16.75 11.62
N ILE A 738 27.94 16.09 10.63
CA ILE A 738 28.67 15.80 9.40
C ILE A 738 28.87 17.06 8.57
N ALA A 739 27.92 17.99 8.59
CA ALA A 739 28.04 19.23 7.82
C ALA A 739 29.02 20.21 8.46
N VAL A 740 28.99 20.32 9.79
CA VAL A 740 29.93 21.17 10.51
C VAL A 740 31.03 20.31 11.12
N ALA B 1 -20.54 12.68 54.50
CA ALA B 1 -21.97 12.47 54.23
C ALA B 1 -22.36 13.16 52.92
N THR B 2 -23.66 13.17 52.59
CA THR B 2 -24.14 13.81 51.33
C THR B 2 -23.69 15.28 51.31
N LYS B 3 -23.26 15.77 50.14
CA LYS B 3 -22.87 17.20 50.00
C LYS B 3 -23.96 17.96 49.26
N LEU B 4 -23.79 19.27 49.08
CA LEU B 4 -24.83 20.10 48.41
C LEU B 4 -24.29 20.62 47.06
N PHE B 5 -22.97 20.58 46.86
CA PHE B 5 -22.38 21.17 45.63
C PHE B 5 -23.22 20.76 44.40
N PRO B 6 -23.40 19.45 44.10
CA PRO B 6 -24.15 19.01 42.93
C PRO B 6 -25.66 18.97 43.23
N LYS B 7 -26.27 20.13 43.44
CA LYS B 7 -27.72 20.20 43.74
C LYS B 7 -28.51 19.45 42.67
N PHE B 8 -28.17 19.67 41.39
CA PHE B 8 -28.94 19.04 40.27
C PHE B 8 -28.78 17.52 40.31
N SER B 9 -27.56 17.03 40.55
CA SER B 9 -27.30 15.56 40.55
C SER B 9 -27.16 15.07 42.00
N GLN B 10 -28.19 14.40 42.51
CA GLN B 10 -28.13 13.85 43.89
C GLN B 10 -27.08 12.73 43.94
N GLY B 11 -26.96 11.95 42.86
CA GLY B 11 -25.91 10.92 42.80
C GLY B 11 -24.54 11.54 43.04
N LEU B 12 -24.22 12.62 42.32
CA LEU B 12 -22.93 13.33 42.54
C LEU B 12 -22.92 13.92 43.95
N ALA B 13 -24.07 14.45 44.40
CA ALA B 13 -24.16 15.05 45.75
C ALA B 13 -23.81 13.99 46.80
N GLN B 14 -24.21 12.73 46.55
CA GLN B 14 -23.94 11.63 47.52
C GLN B 14 -22.59 11.00 47.21
N ASP B 15 -21.98 11.34 46.08
CA ASP B 15 -20.65 10.77 45.71
C ASP B 15 -19.64 11.06 46.84
N PRO B 16 -18.97 10.03 47.39
CA PRO B 16 -17.97 10.24 48.44
C PRO B 16 -16.60 10.63 47.86
N THR B 17 -16.43 10.47 46.54
CA THR B 17 -15.11 10.77 45.92
C THR B 17 -15.04 12.25 45.53
N THR B 18 -13.93 12.66 44.90
CA THR B 18 -13.77 14.07 44.47
C THR B 18 -14.41 14.27 43.09
N ARG B 19 -14.75 13.17 42.41
CA ARG B 19 -15.34 13.26 41.05
C ARG B 19 -16.59 14.15 41.10
N ARG B 20 -17.25 14.21 42.26
CA ARG B 20 -18.50 15.01 42.39
C ARG B 20 -18.19 16.47 42.05
N ILE B 21 -17.04 16.98 42.51
CA ILE B 21 -16.65 18.40 42.25
C ILE B 21 -16.40 18.57 40.74
N TRP B 22 -15.68 17.63 40.11
CA TRP B 22 -15.35 17.75 38.68
C TRP B 22 -16.63 17.65 37.83
N PHE B 23 -17.43 16.60 38.04
CA PHE B 23 -18.66 16.39 37.22
C PHE B 23 -19.67 17.50 37.51
N GLY B 24 -19.75 17.96 38.76
CA GLY B 24 -20.70 19.02 39.14
C GLY B 24 -20.53 20.23 38.25
N LEU B 25 -19.30 20.48 37.78
CA LEU B 25 -19.03 21.65 36.88
C LEU B 25 -19.39 21.26 35.44
N ALA B 26 -19.26 19.98 35.10
CA ALA B 26 -19.56 19.50 33.73
C ALA B 26 -21.07 19.36 33.54
N VAL B 27 -21.70 18.42 34.25
CA VAL B 27 -23.16 18.15 34.08
C VAL B 27 -23.97 19.34 34.59
N ALA B 28 -23.45 20.57 34.48
CA ALA B 28 -24.11 21.74 35.10
C ALA B 28 -25.09 22.38 34.15
N HIS B 29 -24.72 22.52 32.90
CA HIS B 29 -25.61 23.12 31.89
C HIS B 29 -26.18 22.03 30.99
N ASP B 30 -26.43 20.84 31.54
CA ASP B 30 -27.14 19.77 30.78
C ASP B 30 -28.47 19.57 31.51
N PHE B 31 -29.28 20.63 31.61
CA PHE B 31 -30.55 20.56 32.39
C PHE B 31 -31.37 19.33 32.03
N GLU B 32 -31.41 18.97 30.75
CA GLU B 32 -32.21 17.80 30.30
C GLU B 32 -31.95 16.60 31.22
N SER B 33 -30.84 16.62 31.96
CA SER B 33 -30.46 15.46 32.81
C SER B 33 -30.70 15.81 34.28
N HIS B 34 -30.93 17.07 34.58
CA HIS B 34 -31.04 17.51 35.98
C HIS B 34 -32.18 16.79 36.66
N ASP B 35 -32.02 16.49 37.94
CA ASP B 35 -33.07 15.79 38.73
C ASP B 35 -34.35 16.63 38.78
N GLY B 36 -35.47 16.08 38.31
CA GLY B 36 -36.74 16.81 38.30
C GLY B 36 -36.75 17.89 37.24
N MET B 37 -36.64 17.50 35.96
CA MET B 37 -36.58 18.48 34.84
C MET B 37 -37.84 18.34 33.98
N THR B 38 -38.60 19.42 33.81
CA THR B 38 -39.80 19.40 32.92
C THR B 38 -39.42 20.11 31.62
N GLU B 39 -40.10 19.76 30.51
CA GLU B 39 -39.73 20.35 29.20
C GLU B 39 -39.88 21.87 29.27
N GLU B 40 -41.01 22.35 29.82
CA GLU B 40 -41.26 23.81 29.89
C GLU B 40 -40.18 24.46 30.77
N ASN B 41 -39.92 23.89 31.94
CA ASN B 41 -38.89 24.46 32.85
C ASN B 41 -37.55 24.50 32.12
N LEU B 42 -37.24 23.42 31.38
CA LEU B 42 -35.96 23.38 30.61
C LEU B 42 -35.91 24.58 29.66
N TYR B 43 -36.97 24.79 28.88
CA TYR B 43 -37.00 25.92 27.90
C TYR B 43 -36.86 27.24 28.64
N GLN B 44 -37.60 27.42 29.74
CA GLN B 44 -37.56 28.69 30.50
C GLN B 44 -36.13 28.93 31.00
N LYS B 45 -35.49 27.89 31.55
CA LYS B 45 -34.10 28.00 32.05
C LYS B 45 -33.17 28.39 30.90
N ILE B 46 -33.29 27.69 29.77
CA ILE B 46 -32.43 27.99 28.58
C ILE B 46 -32.68 29.43 28.14
N PHE B 47 -33.96 29.82 28.05
CA PHE B 47 -34.29 31.20 27.58
C PHE B 47 -33.59 32.22 28.47
N ALA B 48 -33.64 32.03 29.79
CA ALA B 48 -32.97 32.96 30.73
C ALA B 48 -31.46 32.87 30.54
N SER B 49 -30.93 31.66 30.39
CA SER B 49 -29.46 31.47 30.18
C SER B 49 -29.03 32.29 28.96
N HIS B 50 -29.88 32.33 27.92
CA HIS B 50 -29.57 33.12 26.71
C HIS B 50 -29.38 34.59 27.08
N PHE B 51 -30.28 35.15 27.90
CA PHE B 51 -30.14 36.56 28.35
C PHE B 51 -28.77 36.74 29.01
N GLY B 52 -28.38 35.78 29.85
CA GLY B 52 -27.08 35.89 30.56
C GLY B 52 -25.93 35.98 29.58
N GLN B 53 -25.93 35.14 28.54
CA GLN B 53 -24.86 35.18 27.50
C GLN B 53 -24.90 36.53 26.79
N LEU B 54 -26.09 37.08 26.57
CA LEU B 54 -26.23 38.39 25.89
C LEU B 54 -25.70 39.52 26.79
N ALA B 55 -25.82 39.36 28.10
CA ALA B 55 -25.28 40.37 29.04
C ALA B 55 -23.75 40.33 28.98
N ILE B 56 -23.18 39.13 28.93
CA ILE B 56 -21.69 38.98 28.88
C ILE B 56 -21.17 39.62 27.59
N ILE B 57 -21.80 39.33 26.45
CA ILE B 57 -21.31 39.85 25.14
C ILE B 57 -21.26 41.38 25.19
N PHE B 58 -22.35 42.03 25.64
CA PHE B 58 -22.40 43.51 25.66
C PHE B 58 -21.41 44.05 26.70
N LEU B 59 -21.34 43.39 27.86
CA LEU B 59 -20.37 43.81 28.92
C LEU B 59 -18.95 43.66 28.37
N TRP B 60 -18.69 42.57 27.64
CA TRP B 60 -17.35 42.36 27.04
C TRP B 60 -17.03 43.48 26.06
N THR B 61 -17.99 43.83 25.19
CA THR B 61 -17.78 44.88 24.17
C THR B 61 -17.54 46.23 24.87
N SER B 62 -18.33 46.52 25.90
CA SER B 62 -18.19 47.82 26.63
C SER B 62 -16.78 47.92 27.21
N GLY B 63 -16.26 46.82 27.77
CA GLY B 63 -14.91 46.85 28.36
C GLY B 63 -13.86 47.19 27.31
N ASN B 64 -13.97 46.63 26.11
CA ASN B 64 -13.00 46.91 25.02
C ASN B 64 -13.04 48.42 24.71
N LEU B 65 -14.24 48.96 24.50
CA LEU B 65 -14.38 50.41 24.20
C LEU B 65 -13.78 51.22 25.35
N PHE B 66 -14.10 50.85 26.59
CA PHE B 66 -13.60 51.62 27.77
C PHE B 66 -12.08 51.63 27.78
N HIS B 67 -11.45 50.47 27.65
CA HIS B 67 -9.97 50.39 27.73
C HIS B 67 -9.34 51.09 26.51
N VAL B 68 -9.97 50.99 25.34
CA VAL B 68 -9.46 51.70 24.13
C VAL B 68 -9.54 53.21 24.38
N ALA B 69 -10.61 53.66 25.04
CA ALA B 69 -10.78 55.11 25.31
C ALA B 69 -9.87 55.55 26.47
N TRP B 70 -9.94 54.86 27.62
CA TRP B 70 -9.14 55.24 28.81
C TRP B 70 -7.65 54.95 28.57
N GLN B 71 -7.32 53.81 27.98
CA GLN B 71 -5.90 53.44 27.77
C GLN B 71 -5.67 53.07 26.30
N GLY B 72 -5.73 54.06 25.40
CA GLY B 72 -5.58 53.80 23.95
C GLY B 72 -5.05 54.99 23.19
N ASN B 73 -4.97 54.88 21.86
CA ASN B 73 -4.42 55.96 21.00
C ASN B 73 -5.38 56.20 19.82
N PHE B 74 -6.67 55.99 20.03
CA PHE B 74 -7.66 56.10 18.92
C PHE B 74 -7.47 57.39 18.13
N GLU B 75 -7.57 58.54 18.79
CA GLU B 75 -7.48 59.83 18.07
C GLU B 75 -6.14 59.90 17.32
N GLN B 76 -5.05 59.50 17.98
CA GLN B 76 -3.71 59.53 17.33
C GLN B 76 -3.70 58.55 16.14
N TRP B 77 -4.18 57.33 16.35
CA TRP B 77 -4.22 56.32 15.26
C TRP B 77 -5.12 56.83 14.13
N GLY B 78 -6.27 57.42 14.49
CA GLY B 78 -7.19 57.97 13.47
C GLY B 78 -6.48 59.00 12.62
N ALA B 79 -5.65 59.84 13.26
CA ALA B 79 -4.88 60.87 12.52
C ALA B 79 -3.92 60.19 11.53
N ASP B 80 -3.22 59.15 11.99
CA ASP B 80 -2.26 58.43 11.10
C ASP B 80 -2.46 56.91 11.26
N PRO B 81 -3.48 56.31 10.61
CA PRO B 81 -3.76 54.87 10.80
C PRO B 81 -2.74 53.97 10.11
N ILE B 82 -1.85 54.55 9.29
CA ILE B 82 -0.86 53.74 8.53
C ILE B 82 0.51 53.84 9.22
N HIS B 83 0.58 54.52 10.38
CA HIS B 83 1.85 54.63 11.13
C HIS B 83 1.60 54.32 12.61
N VAL B 84 0.58 54.94 13.21
CA VAL B 84 0.24 54.68 14.64
C VAL B 84 -0.26 53.24 14.78
N ARG B 85 0.12 52.57 15.87
CA ARG B 85 -0.35 51.17 16.11
C ARG B 85 -1.45 51.18 17.18
N PRO B 86 -2.66 50.67 16.88
CA PRO B 86 -3.77 50.70 17.84
C PRO B 86 -3.35 50.11 19.19
N ILE B 87 -3.61 50.83 20.29
CA ILE B 87 -3.25 50.33 21.64
C ILE B 87 -4.49 49.69 22.28
N ALA B 88 -4.39 48.42 22.68
CA ALA B 88 -5.54 47.71 23.30
C ALA B 88 -5.72 48.13 24.75
N HIS B 89 -4.66 48.02 25.56
CA HIS B 89 -4.75 48.36 27.00
C HIS B 89 -3.35 48.57 27.58
N ALA B 90 -3.25 48.88 28.88
CA ALA B 90 -1.93 49.12 29.51
C ALA B 90 -1.51 47.89 30.31
N ILE B 91 -0.20 47.64 30.41
CA ILE B 91 0.33 46.46 31.16
C ILE B 91 0.74 46.88 32.58
N TRP B 92 -0.16 46.75 33.56
CA TRP B 92 0.24 47.01 34.96
C TRP B 92 0.69 45.69 35.58
N ASP B 93 1.93 45.28 35.31
CA ASP B 93 2.46 44.00 35.85
C ASP B 93 3.38 44.31 37.03
N PRO B 94 2.98 44.06 38.29
CA PRO B 94 3.80 44.37 39.44
C PRO B 94 5.09 43.54 39.46
N HIS B 95 5.33 42.74 38.42
CA HIS B 95 6.53 41.85 38.35
C HIS B 95 7.47 42.34 37.25
N PHE B 96 7.02 43.26 36.40
CA PHE B 96 7.83 43.68 35.24
C PHE B 96 9.13 44.27 35.71
N GLY B 97 10.21 43.94 35.04
CA GLY B 97 11.48 44.59 35.36
C GLY B 97 11.63 45.81 34.51
N GLN B 98 12.59 46.66 34.80
CA GLN B 98 12.75 47.93 34.10
C GLN B 98 12.91 47.77 32.59
N PRO B 99 13.75 46.85 32.08
CA PRO B 99 13.78 46.65 30.62
C PRO B 99 12.43 46.25 30.03
N ALA B 100 11.64 45.50 30.80
CA ALA B 100 10.28 45.12 30.32
C ALA B 100 9.40 46.38 30.30
N VAL B 101 9.55 47.26 31.29
CA VAL B 101 8.77 48.50 31.32
C VAL B 101 9.14 49.38 30.14
N GLU B 102 10.42 49.39 29.75
CA GLU B 102 10.84 50.20 28.62
C GLU B 102 10.38 49.62 27.29
N ALA B 103 10.68 48.35 27.05
CA ALA B 103 10.40 47.73 25.73
C ALA B 103 8.92 47.71 25.37
N PHE B 104 8.04 47.66 26.34
CA PHE B 104 6.59 47.53 26.04
C PHE B 104 5.96 48.90 25.94
N THR B 105 6.72 49.99 26.01
CA THR B 105 6.18 51.36 25.78
C THR B 105 6.25 51.60 24.29
N ARG B 106 5.12 51.43 23.60
CA ARG B 106 5.10 51.58 22.12
C ARG B 106 3.75 52.16 21.68
N GLY B 107 3.59 52.46 20.39
CA GLY B 107 2.31 53.00 19.88
C GLY B 107 2.02 54.37 20.45
N GLY B 108 3.02 55.02 21.06
CA GLY B 108 2.82 56.35 21.65
C GLY B 108 2.15 56.28 23.02
N ALA B 109 2.92 55.98 24.07
CA ALA B 109 2.36 55.94 25.41
C ALA B 109 3.41 56.39 26.42
N SER B 110 2.97 56.50 27.67
CA SER B 110 3.83 56.87 28.79
C SER B 110 4.09 55.68 29.71
N GLY B 111 3.65 54.50 29.32
CA GLY B 111 3.85 53.30 30.10
C GLY B 111 3.72 52.07 29.23
N PRO B 112 4.07 50.90 29.78
CA PRO B 112 3.95 49.65 29.02
C PRO B 112 2.52 49.39 28.57
N VAL B 113 2.34 49.15 27.27
CA VAL B 113 0.95 48.95 26.74
C VAL B 113 0.93 47.75 25.79
N ASN B 114 -0.26 47.33 25.36
CA ASN B 114 -0.41 46.17 24.43
C ASN B 114 -1.08 46.64 23.14
N ILE B 115 -0.39 46.51 22.00
CA ILE B 115 -1.00 46.88 20.68
C ILE B 115 -2.14 45.89 20.40
N SER B 116 -3.24 46.34 19.79
CA SER B 116 -4.41 45.45 19.57
C SER B 116 -4.35 44.81 18.18
N THR B 117 -4.77 43.55 18.06
CA THR B 117 -4.83 42.87 16.75
C THR B 117 -6.27 42.50 16.44
N SER B 118 -7.22 42.94 17.28
CA SER B 118 -8.66 42.62 17.08
C SER B 118 -9.22 43.43 15.90
N GLY B 119 -8.62 44.59 15.61
CA GLY B 119 -9.07 45.42 14.47
C GLY B 119 -10.29 46.25 14.82
N VAL B 120 -10.56 46.43 16.12
CA VAL B 120 -11.73 47.25 16.56
C VAL B 120 -11.52 48.70 16.08
N TYR B 121 -10.29 49.21 16.19
CA TYR B 121 -9.97 50.59 15.75
C TYR B 121 -10.47 50.81 14.32
N GLN B 122 -9.95 50.03 13.36
CA GLN B 122 -10.32 50.24 11.93
C GLN B 122 -11.85 50.23 11.81
N TRP B 123 -12.50 49.28 12.49
CA TRP B 123 -13.98 49.15 12.41
C TRP B 123 -14.67 50.40 12.99
N TRP B 124 -14.30 50.80 14.20
CA TRP B 124 -14.95 51.97 14.87
C TRP B 124 -14.70 53.25 14.06
N TYR B 125 -13.52 53.38 13.44
CA TYR B 125 -13.28 54.55 12.57
C TYR B 125 -14.28 54.52 11.42
N THR B 126 -14.31 53.43 10.65
CA THR B 126 -15.19 53.33 9.47
C THR B 126 -16.64 53.63 9.84
N ILE B 127 -17.07 53.29 11.05
CA ILE B 127 -18.52 53.43 11.36
C ILE B 127 -18.83 54.83 11.88
N GLY B 128 -17.85 55.70 12.08
CA GLY B 128 -18.19 57.07 12.46
C GLY B 128 -17.51 57.59 13.70
N MET B 129 -17.00 56.69 14.55
CA MET B 129 -16.33 57.09 15.81
C MET B 129 -15.03 57.83 15.48
N ARG B 130 -14.74 58.92 16.20
CA ARG B 130 -13.53 59.73 15.89
C ARG B 130 -12.80 60.12 17.19
N THR B 131 -13.52 60.21 18.32
CA THR B 131 -12.90 60.67 19.58
C THR B 131 -12.99 59.59 20.66
N ASN B 132 -12.40 59.84 21.83
CA ASN B 132 -12.49 58.87 22.96
C ASN B 132 -13.88 58.94 23.59
N GLN B 133 -14.52 60.12 23.55
CA GLN B 133 -15.88 60.27 24.10
C GLN B 133 -16.81 59.29 23.40
N ASP B 134 -16.74 59.23 22.07
CA ASP B 134 -17.60 58.28 21.29
C ASP B 134 -17.47 56.89 21.90
N LEU B 135 -16.26 56.52 22.34
CA LEU B 135 -16.03 55.17 22.93
C LEU B 135 -16.67 55.11 24.32
N TYR B 136 -16.44 56.13 25.14
CA TYR B 136 -17.00 56.15 26.52
C TYR B 136 -18.52 56.08 26.45
N VAL B 137 -19.13 56.90 25.59
CA VAL B 137 -20.62 56.92 25.46
C VAL B 137 -21.09 55.52 25.05
N GLY B 138 -20.43 54.93 24.04
CA GLY B 138 -20.82 53.59 23.56
C GLY B 138 -20.69 52.56 24.66
N SER B 139 -19.58 52.59 25.41
CA SER B 139 -19.35 51.60 26.50
C SER B 139 -20.48 51.70 27.52
N VAL B 140 -20.79 52.92 27.98
CA VAL B 140 -21.89 53.12 28.97
C VAL B 140 -23.18 52.55 28.38
N PHE B 141 -23.50 52.92 27.15
CA PHE B 141 -24.74 52.43 26.48
C PHE B 141 -24.78 50.90 26.52
N LEU B 142 -23.74 50.24 26.00
CA LEU B 142 -23.71 48.76 25.94
C LEU B 142 -23.79 48.20 27.36
N ALA B 143 -23.12 48.85 28.32
CA ALA B 143 -23.16 48.39 29.72
C ALA B 143 -24.61 48.42 30.22
N LEU B 144 -25.34 49.49 29.91
CA LEU B 144 -26.77 49.58 30.30
C LEU B 144 -27.54 48.44 29.65
N VAL B 145 -27.28 48.17 28.36
CA VAL B 145 -27.98 47.08 27.65
C VAL B 145 -27.70 45.77 28.39
N SER B 146 -26.44 45.55 28.81
CA SER B 146 -26.09 44.31 29.55
C SER B 146 -26.90 44.23 30.84
N ALA B 147 -27.02 45.34 31.57
CA ALA B 147 -27.82 45.37 32.82
C ALA B 147 -29.26 44.98 32.50
N ILE B 148 -29.82 45.51 31.41
CA ILE B 148 -31.24 45.24 31.05
C ILE B 148 -31.44 43.74 30.83
N PHE B 149 -30.57 43.11 30.04
CA PHE B 149 -30.68 41.66 29.77
C PHE B 149 -30.59 40.87 31.08
N LEU B 150 -29.74 41.34 32.00
CA LEU B 150 -29.55 40.61 33.29
C LEU B 150 -30.86 40.65 34.06
N PHE B 151 -31.53 41.81 34.12
CA PHE B 151 -32.85 41.90 34.80
C PHE B 151 -33.83 40.97 34.08
N ALA B 152 -33.76 40.94 32.74
CA ALA B 152 -34.70 40.10 31.95
C ALA B 152 -34.51 38.62 32.30
N SER B 153 -33.28 38.18 32.50
CA SER B 153 -33.05 36.77 32.92
C SER B 153 -33.83 36.52 34.21
N TRP B 154 -33.81 37.49 35.14
CA TRP B 154 -34.58 37.35 36.40
C TRP B 154 -36.08 37.45 36.12
N LEU B 155 -36.51 38.46 35.35
CA LEU B 155 -37.96 38.68 35.12
C LEU B 155 -38.58 37.46 34.45
N HIS B 156 -37.93 36.90 33.44
CA HIS B 156 -38.52 35.76 32.68
C HIS B 156 -38.41 34.47 33.48
N LEU B 157 -37.85 34.51 34.69
CA LEU B 157 -37.75 33.29 35.54
C LEU B 157 -38.68 33.42 36.75
N GLN B 158 -39.37 34.55 36.88
CA GLN B 158 -40.25 34.78 38.06
C GLN B 158 -41.72 34.55 37.66
N PRO B 159 -42.48 33.65 38.33
CA PRO B 159 -43.85 33.34 37.91
C PRO B 159 -44.62 34.51 37.28
N SER B 160 -45.41 34.23 36.23
CA SER B 160 -46.22 35.26 35.53
C SER B 160 -45.43 35.88 34.37
N PHE B 161 -44.10 35.72 34.36
CA PHE B 161 -43.29 36.22 33.23
C PHE B 161 -42.50 35.06 32.63
N THR B 162 -42.79 33.83 33.08
CA THR B 162 -42.06 32.64 32.57
C THR B 162 -42.83 32.08 31.36
N PRO B 163 -42.27 32.16 30.12
CA PRO B 163 -43.00 31.72 28.93
C PRO B 163 -43.42 30.25 29.00
N SER B 164 -44.62 29.93 28.50
CA SER B 164 -45.09 28.52 28.49
C SER B 164 -44.36 27.75 27.39
N LEU B 165 -44.33 26.42 27.49
CA LEU B 165 -43.68 25.58 26.44
C LEU B 165 -44.31 25.90 25.09
N SER B 166 -45.61 26.22 25.07
CA SER B 166 -46.31 26.53 23.80
C SER B 166 -45.65 27.74 23.14
N TRP B 167 -45.38 28.79 23.92
CA TRP B 167 -44.70 29.99 23.36
C TRP B 167 -43.32 29.60 22.83
N PHE B 168 -42.59 28.77 23.58
CA PHE B 168 -41.25 28.29 23.13
C PHE B 168 -41.40 27.49 21.83
N LYS B 169 -42.56 26.85 21.64
CA LYS B 169 -42.77 26.01 20.44
C LYS B 169 -43.56 26.79 19.38
N ASP B 170 -43.63 28.11 19.50
CA ASP B 170 -44.30 28.96 18.47
C ASP B 170 -43.26 29.30 17.39
N ALA B 171 -43.04 28.40 16.43
CA ALA B 171 -41.98 28.63 15.42
C ALA B 171 -42.44 29.66 14.37
N GLU B 172 -43.54 29.38 13.68
CA GLU B 172 -43.99 30.27 12.57
C GLU B 172 -43.77 31.74 12.96
N SER B 173 -44.25 32.14 14.14
CA SER B 173 -44.14 33.58 14.55
C SER B 173 -42.69 33.94 14.84
N ARG B 174 -41.99 33.13 15.65
CA ARG B 174 -40.59 33.46 16.03
C ARG B 174 -39.80 33.76 14.76
N LEU B 175 -39.83 32.83 13.79
CA LEU B 175 -39.05 33.01 12.54
C LEU B 175 -39.49 34.31 11.86
N ASN B 176 -40.81 34.54 11.76
CA ASN B 176 -41.33 35.77 11.10
C ASN B 176 -40.74 37.00 11.80
N HIS B 177 -40.86 37.07 13.12
CA HIS B 177 -40.37 38.25 13.88
C HIS B 177 -38.85 38.40 13.70
N HIS B 178 -38.10 37.31 13.87
CA HIS B 178 -36.62 37.38 13.78
C HIS B 178 -36.21 37.82 12.37
N LEU B 179 -36.81 37.25 11.33
CA LEU B 179 -36.41 37.57 9.93
C LEU B 179 -36.76 39.03 9.61
N SER B 180 -37.94 39.49 10.04
CA SER B 180 -38.38 40.87 9.70
C SER B 180 -37.78 41.88 10.69
N GLY B 181 -37.93 41.63 11.99
CA GLY B 181 -37.43 42.56 13.02
C GLY B 181 -35.96 42.40 13.32
N LEU B 182 -35.54 41.23 13.82
CA LEU B 182 -34.14 41.02 14.26
C LEU B 182 -33.17 41.18 13.09
N PHE B 183 -33.51 40.65 11.91
CA PHE B 183 -32.56 40.69 10.76
C PHE B 183 -32.84 41.89 9.85
N GLY B 184 -34.12 42.13 9.52
CA GLY B 184 -34.45 43.21 8.57
C GLY B 184 -34.41 44.58 9.19
N VAL B 185 -35.20 44.82 10.24
CA VAL B 185 -35.29 46.20 10.83
C VAL B 185 -33.94 46.56 11.46
N SER B 186 -33.05 45.59 11.65
CA SER B 186 -31.70 45.87 12.18
C SER B 186 -30.72 46.11 11.04
N SER B 187 -31.13 45.86 9.79
CA SER B 187 -30.26 46.17 8.63
C SER B 187 -30.64 47.55 8.11
N LEU B 188 -31.95 47.82 7.98
CA LEU B 188 -32.41 49.16 7.57
C LEU B 188 -31.94 50.16 8.63
N ALA B 189 -32.07 49.80 9.91
CA ALA B 189 -31.59 50.68 10.99
C ALA B 189 -30.10 50.97 10.77
N TRP B 190 -29.32 49.95 10.39
CA TRP B 190 -27.89 50.16 10.13
C TRP B 190 -27.75 51.09 8.93
N THR B 191 -28.46 50.87 7.83
CA THR B 191 -28.37 51.83 6.70
C THR B 191 -28.59 53.22 7.25
N GLY B 192 -29.50 53.39 8.20
CA GLY B 192 -29.77 54.71 8.81
C GLY B 192 -28.57 55.27 9.49
N HIS B 193 -27.74 54.44 10.12
CA HIS B 193 -26.50 54.94 10.73
C HIS B 193 -25.61 55.35 9.59
N LEU B 194 -25.27 54.42 8.71
CA LEU B 194 -24.38 54.70 7.58
C LEU B 194 -24.80 56.00 6.87
N VAL B 195 -25.94 56.03 6.20
CA VAL B 195 -26.44 57.23 5.47
C VAL B 195 -26.37 58.50 6.32
N HIS B 196 -26.64 58.42 7.62
CA HIS B 196 -26.73 59.64 8.47
C HIS B 196 -25.43 59.95 9.20
N VAL B 197 -24.69 58.95 9.69
CA VAL B 197 -23.48 59.23 10.52
C VAL B 197 -22.21 58.76 9.82
N ALA B 198 -22.08 57.45 9.55
CA ALA B 198 -20.82 56.92 8.98
C ALA B 198 -20.41 57.68 7.71
N ILE B 199 -21.30 57.77 6.73
CA ILE B 199 -20.92 58.41 5.43
C ILE B 199 -20.53 59.87 5.66
N PRO B 200 -21.34 60.70 6.36
CA PRO B 200 -20.95 62.08 6.65
C PRO B 200 -19.61 62.17 7.39
N GLU B 201 -19.39 61.31 8.39
CA GLU B 201 -18.12 61.33 9.16
C GLU B 201 -16.96 61.04 8.21
N SER B 202 -17.13 60.06 7.31
CA SER B 202 -16.07 59.72 6.33
C SER B 202 -15.82 60.90 5.39
N ARG B 203 -16.82 61.77 5.23
CA ARG B 203 -16.68 62.97 4.35
C ARG B 203 -16.36 64.19 5.21
N GLY B 204 -15.97 63.98 6.46
CA GLY B 204 -15.60 65.10 7.36
C GLY B 204 -16.79 65.99 7.68
N LYS B 205 -17.65 65.56 8.60
CA LYS B 205 -18.83 66.38 9.01
C LYS B 205 -19.48 65.70 10.23
N HIS B 206 -19.27 66.25 11.43
CA HIS B 206 -19.81 65.59 12.64
C HIS B 206 -21.32 65.57 12.64
N VAL B 207 -21.94 64.40 12.40
CA VAL B 207 -23.41 64.27 12.54
C VAL B 207 -23.61 63.33 13.72
N GLY B 208 -23.53 63.85 14.95
CA GLY B 208 -23.73 63.03 16.15
C GLY B 208 -25.10 63.26 16.75
N TRP B 209 -25.30 62.90 18.01
CA TRP B 209 -26.64 63.02 18.64
C TRP B 209 -27.01 64.49 18.77
N ASP B 210 -26.04 65.40 18.71
CA ASP B 210 -26.29 66.86 18.87
C ASP B 210 -26.94 67.49 17.64
N ASN B 211 -26.69 66.99 16.44
CA ASN B 211 -27.22 67.64 15.21
C ASN B 211 -27.78 66.63 14.21
N PHE B 212 -28.26 65.47 14.65
CA PHE B 212 -28.70 64.48 13.63
C PHE B 212 -30.10 64.84 13.14
N LEU B 213 -30.93 65.48 13.97
CA LEU B 213 -32.32 65.75 13.57
C LEU B 213 -32.34 66.96 12.65
N THR B 214 -31.20 67.60 12.42
CA THR B 214 -31.15 68.85 11.63
C THR B 214 -30.21 68.72 10.44
N GLN B 215 -29.52 67.59 10.29
CA GLN B 215 -28.52 67.43 9.21
C GLN B 215 -29.09 66.54 8.10
N LEU B 216 -29.30 67.10 6.91
CA LEU B 216 -29.83 66.32 5.76
C LEU B 216 -28.79 65.29 5.32
N PRO B 217 -29.07 63.97 5.37
CA PRO B 217 -28.13 62.96 4.89
C PRO B 217 -27.83 63.19 3.40
N HIS B 218 -28.87 63.52 2.63
CA HIS B 218 -28.68 63.79 1.17
C HIS B 218 -29.09 65.24 0.89
N PRO B 219 -28.39 65.98 0.00
CA PRO B 219 -28.69 67.39 -0.25
C PRO B 219 -30.16 67.56 -0.66
N GLN B 220 -30.65 66.68 -1.55
CA GLN B 220 -32.05 66.78 -2.03
C GLN B 220 -33.02 66.43 -0.90
N GLY B 221 -32.63 65.51 -0.01
CA GLY B 221 -33.51 65.07 1.09
C GLY B 221 -34.30 63.84 0.71
N LEU B 222 -35.44 63.60 1.38
CA LEU B 222 -36.27 62.39 1.11
C LEU B 222 -37.08 62.62 -0.18
N THR B 223 -36.98 63.81 -0.77
CA THR B 223 -37.78 64.14 -1.99
C THR B 223 -37.56 63.05 -3.05
N PRO B 224 -36.32 62.71 -3.44
CA PRO B 224 -36.08 61.73 -4.50
C PRO B 224 -36.75 60.39 -4.14
N PHE B 225 -36.63 59.97 -2.88
CA PHE B 225 -37.24 58.69 -2.43
C PHE B 225 -38.75 58.74 -2.64
N TRP B 226 -39.39 59.83 -2.20
CA TRP B 226 -40.86 59.94 -2.32
C TRP B 226 -41.26 60.03 -3.80
N THR B 227 -40.54 60.85 -4.58
CA THR B 227 -40.89 61.04 -6.02
C THR B 227 -40.59 59.77 -6.81
N GLY B 228 -39.88 58.81 -6.20
CA GLY B 228 -39.53 57.56 -6.90
C GLY B 228 -38.20 57.69 -7.62
N ASN B 229 -37.78 58.93 -7.92
CA ASN B 229 -36.45 59.15 -8.56
C ASN B 229 -35.38 58.73 -7.57
N TRP B 230 -35.32 57.44 -7.22
CA TRP B 230 -34.34 56.99 -6.20
C TRP B 230 -32.91 57.24 -6.69
N ALA B 231 -32.72 57.38 -8.01
CA ALA B 231 -31.35 57.52 -8.58
C ALA B 231 -30.62 58.72 -7.96
N ALA B 232 -31.34 59.80 -7.66
CA ALA B 232 -30.69 61.03 -7.14
C ALA B 232 -29.71 60.69 -6.00
N TYR B 233 -29.93 59.57 -5.30
CA TYR B 233 -29.08 59.23 -4.13
C TYR B 233 -27.80 58.55 -4.60
N ALA B 234 -27.70 58.25 -5.90
CA ALA B 234 -26.52 57.53 -6.43
C ALA B 234 -25.74 58.44 -7.40
N GLN B 235 -25.88 59.76 -7.25
CA GLN B 235 -25.15 60.71 -8.12
C GLN B 235 -24.03 61.38 -7.32
N ASN B 236 -22.97 61.86 -7.97
CA ASN B 236 -21.78 62.43 -7.32
C ASN B 236 -21.21 61.50 -6.26
N PRO B 237 -20.62 60.33 -6.63
CA PRO B 237 -19.98 59.47 -5.64
C PRO B 237 -18.65 60.09 -5.20
N ASP B 238 -18.12 59.66 -4.05
CA ASP B 238 -16.80 60.19 -3.58
C ASP B 238 -15.74 59.86 -4.64
N SER B 239 -14.97 60.86 -5.05
CA SER B 239 -13.94 60.66 -6.10
C SER B 239 -12.77 59.82 -5.55
N ALA B 240 -11.90 59.31 -6.42
CA ALA B 240 -10.72 58.55 -5.95
C ALA B 240 -9.83 59.47 -5.10
N SER B 241 -9.89 60.77 -5.37
CA SER B 241 -9.06 61.75 -4.61
C SER B 241 -9.64 61.95 -3.20
N HIS B 242 -10.76 61.27 -2.90
CA HIS B 242 -11.40 61.42 -1.57
C HIS B 242 -10.50 60.86 -0.47
N VAL B 243 -10.44 61.53 0.68
CA VAL B 243 -9.64 61.01 1.84
C VAL B 243 -10.62 60.70 2.98
N PHE B 244 -10.60 59.47 3.50
CA PHE B 244 -11.56 59.08 4.56
C PHE B 244 -11.46 60.07 5.72
N GLY B 245 -12.61 60.54 6.22
CA GLY B 245 -12.63 61.48 7.35
C GLY B 245 -12.35 62.91 6.91
N THR B 246 -12.30 63.14 5.59
CA THR B 246 -12.01 64.50 5.07
C THR B 246 -12.98 64.84 3.92
N SER B 247 -13.30 66.13 3.75
CA SER B 247 -14.18 66.55 2.64
C SER B 247 -13.41 66.48 1.32
N ASP B 248 -12.09 66.27 1.38
CA ASP B 248 -11.27 66.14 0.16
C ASP B 248 -11.85 65.03 -0.71
N GLY B 249 -12.15 65.33 -1.98
CA GLY B 249 -12.68 64.31 -2.91
C GLY B 249 -14.04 63.80 -2.49
N ALA B 250 -14.63 64.39 -1.45
CA ALA B 250 -15.93 63.92 -0.93
C ALA B 250 -17.03 64.17 -1.96
N GLY B 251 -18.00 63.25 -2.06
CA GLY B 251 -19.12 63.43 -3.00
C GLY B 251 -20.42 63.70 -2.26
N GLU B 252 -21.55 63.31 -2.85
CA GLU B 252 -22.84 63.53 -2.22
C GLU B 252 -23.73 62.31 -2.22
N ALA B 253 -23.29 61.21 -2.81
CA ALA B 253 -24.11 59.99 -2.92
C ALA B 253 -24.38 59.39 -1.55
N ILE B 254 -25.53 58.74 -1.36
CA ILE B 254 -25.79 58.04 -0.07
C ILE B 254 -25.91 56.54 -0.32
N LEU B 255 -26.50 56.09 -1.44
CA LEU B 255 -26.64 54.65 -1.79
C LEU B 255 -26.20 54.47 -3.23
N THR B 256 -25.19 53.64 -3.49
CA THR B 256 -24.65 53.44 -4.86
C THR B 256 -24.24 51.99 -5.07
N PHE B 257 -23.66 51.66 -6.23
CA PHE B 257 -23.17 50.29 -6.51
C PHE B 257 -21.83 50.39 -7.26
N LEU B 258 -20.87 51.11 -6.70
CA LEU B 258 -19.56 51.32 -7.39
C LEU B 258 -18.79 49.99 -7.44
N GLY B 259 -18.78 49.25 -6.34
CA GLY B 259 -17.99 48.00 -6.29
C GLY B 259 -16.53 48.28 -5.97
N GLY B 260 -15.70 47.23 -5.86
CA GLY B 260 -14.27 47.43 -5.60
C GLY B 260 -13.99 47.93 -4.20
N PHE B 261 -13.10 48.91 -4.05
CA PHE B 261 -12.70 49.43 -2.72
C PHE B 261 -12.32 50.90 -2.82
N HIS B 262 -12.49 51.65 -1.73
CA HIS B 262 -12.05 53.07 -1.72
C HIS B 262 -10.54 53.10 -1.95
N PRO B 263 -10.00 54.04 -2.75
CA PRO B 263 -8.56 54.04 -3.07
C PRO B 263 -7.66 54.15 -1.84
N GLN B 264 -7.90 55.17 -0.98
CA GLN B 264 -7.03 55.39 0.19
C GLN B 264 -7.26 54.28 1.24
N THR B 265 -8.52 54.05 1.61
CA THR B 265 -8.83 53.04 2.66
C THR B 265 -8.54 51.64 2.15
N GLN B 266 -8.62 51.43 0.83
CA GLN B 266 -8.41 50.08 0.25
C GLN B 266 -9.48 49.14 0.80
N SER B 267 -10.66 49.70 1.15
CA SER B 267 -11.76 48.89 1.72
C SER B 267 -13.06 49.22 1.00
N LEU B 268 -14.04 48.29 1.04
CA LEU B 268 -15.34 48.51 0.34
C LEU B 268 -15.83 49.93 0.63
N TRP B 269 -16.49 50.55 -0.35
CA TRP B 269 -17.05 51.93 -0.17
C TRP B 269 -18.21 51.88 0.83
N LEU B 270 -18.40 52.96 1.60
CA LEU B 270 -19.50 53.01 2.60
C LEU B 270 -20.85 53.05 1.88
N THR B 271 -20.99 53.89 0.85
CA THR B 271 -22.28 54.01 0.12
C THR B 271 -22.72 52.63 -0.35
N ASP B 272 -21.79 51.87 -0.95
CA ASP B 272 -22.10 50.50 -1.43
C ASP B 272 -22.50 49.64 -0.23
N MET B 273 -21.93 49.91 0.95
CA MET B 273 -22.31 49.16 2.17
C MET B 273 -23.65 49.66 2.70
N ALA B 274 -23.97 50.94 2.50
CA ALA B 274 -25.30 51.46 2.90
C ALA B 274 -26.37 50.80 2.05
N HIS B 275 -26.23 50.84 0.73
CA HIS B 275 -27.28 50.28 -0.15
C HIS B 275 -27.42 48.79 0.08
N HIS B 276 -26.33 48.09 0.40
CA HIS B 276 -26.40 46.65 0.70
C HIS B 276 -27.38 46.43 1.84
N HIS B 277 -27.16 47.07 2.98
CA HIS B 277 -28.03 46.84 4.17
C HIS B 277 -29.47 47.25 3.86
N LEU B 278 -29.66 48.30 3.08
CA LEU B 278 -31.02 48.74 2.67
C LEU B 278 -31.68 47.61 1.85
N ALA B 279 -30.96 47.11 0.85
CA ALA B 279 -31.52 46.06 -0.05
C ALA B 279 -31.83 44.79 0.77
N ILE B 280 -30.87 44.34 1.58
CA ILE B 280 -31.07 43.09 2.37
C ILE B 280 -32.20 43.31 3.38
N ALA B 281 -32.28 44.49 3.97
CA ALA B 281 -33.33 44.79 4.98
C ALA B 281 -34.70 44.61 4.33
N VAL B 282 -34.88 45.14 3.13
CA VAL B 282 -36.19 45.01 2.41
C VAL B 282 -36.50 43.52 2.26
N ILE B 283 -35.54 42.73 1.78
CA ILE B 283 -35.76 41.28 1.55
C ILE B 283 -36.15 40.63 2.88
N PHE B 284 -35.40 40.91 3.95
CA PHE B 284 -35.67 40.26 5.26
C PHE B 284 -37.09 40.57 5.72
N ILE B 285 -37.50 41.84 5.64
CA ILE B 285 -38.85 42.24 6.14
C ILE B 285 -39.91 41.48 5.34
N VAL B 286 -39.78 41.48 4.00
CA VAL B 286 -40.76 40.77 3.13
C VAL B 286 -40.73 39.27 3.46
N ALA B 287 -39.54 38.71 3.61
CA ALA B 287 -39.40 37.27 3.95
C ALA B 287 -40.07 37.00 5.31
N GLY B 288 -39.96 37.96 6.24
CA GLY B 288 -40.60 37.81 7.55
C GLY B 288 -42.10 37.62 7.42
N HIS B 289 -42.72 38.33 6.47
CA HIS B 289 -44.18 38.16 6.23
C HIS B 289 -44.42 36.94 5.35
N MET B 290 -44.16 35.73 5.88
CA MET B 290 -44.35 34.48 5.10
C MET B 290 -45.14 33.48 5.94
N TYR B 291 -44.60 33.07 7.09
CA TYR B 291 -45.27 32.03 7.93
C TYR B 291 -46.57 32.60 8.50
N ARG B 292 -47.47 31.72 8.96
CA ARG B 292 -48.79 32.15 9.48
C ARG B 292 -48.64 32.61 10.93
N THR B 293 -49.48 33.57 11.37
CA THR B 293 -49.46 34.04 12.77
C THR B 293 -50.86 33.93 13.38
N ASN B 294 -51.45 35.07 13.77
CA ASN B 294 -52.80 35.05 14.42
C ASN B 294 -53.77 35.88 13.59
N PHE B 295 -53.52 36.03 12.29
CA PHE B 295 -54.39 36.91 11.45
C PHE B 295 -55.07 36.08 10.36
N GLY B 296 -54.32 35.22 9.67
CA GLY B 296 -54.92 34.35 8.63
C GLY B 296 -53.94 34.11 7.50
N ILE B 297 -53.84 35.05 6.57
CA ILE B 297 -52.87 34.92 5.43
C ILE B 297 -51.56 34.33 5.99
N GLY B 298 -51.01 33.29 5.35
CA GLY B 298 -49.72 32.76 5.82
C GLY B 298 -49.49 31.31 5.46
N HIS B 299 -48.29 30.79 5.76
CA HIS B 299 -47.92 29.39 5.47
C HIS B 299 -47.70 28.62 6.77
N ARG B 300 -48.38 27.49 6.94
CA ARG B 300 -48.10 26.61 8.12
C ARG B 300 -46.89 25.75 7.77
N MET B 301 -45.81 25.83 8.55
CA MET B 301 -44.56 25.10 8.20
C MET B 301 -44.85 23.60 8.02
N SER B 302 -45.60 23.01 8.96
CA SER B 302 -45.89 21.55 8.90
C SER B 302 -46.39 21.17 7.51
N ALA B 303 -47.34 21.93 6.97
CA ALA B 303 -47.93 21.61 5.65
C ALA B 303 -46.83 21.56 4.58
N ILE B 304 -45.95 22.56 4.57
CA ILE B 304 -44.87 22.63 3.54
C ILE B 304 -44.01 21.36 3.64
N LEU B 305 -43.57 21.02 4.85
CA LEU B 305 -42.68 19.84 5.04
C LEU B 305 -43.40 18.56 4.59
N ASP B 306 -44.68 18.41 4.94
CA ASP B 306 -45.41 17.17 4.62
C ASP B 306 -45.77 17.12 3.13
N ALA B 307 -45.89 18.29 2.48
CA ALA B 307 -46.31 18.32 1.06
C ALA B 307 -45.12 18.08 0.13
N HIS B 308 -43.93 17.91 0.70
CA HIS B 308 -42.71 17.71 -0.13
C HIS B 308 -42.25 16.25 -0.09
N VAL B 309 -43.00 15.35 -0.73
CA VAL B 309 -42.60 13.92 -0.81
C VAL B 309 -42.41 13.55 -2.28
N ALA B 310 -41.20 13.11 -2.65
CA ALA B 310 -40.91 12.78 -4.06
C ALA B 310 -41.95 11.77 -4.57
N PRO B 311 -42.65 12.04 -5.68
CA PRO B 311 -43.71 11.14 -6.16
C PRO B 311 -43.13 9.77 -6.51
N SER B 312 -41.85 9.70 -6.86
CA SER B 312 -41.19 8.42 -7.22
C SER B 312 -40.94 7.58 -5.96
N GLY B 313 -41.19 8.16 -4.78
CA GLY B 313 -41.00 7.43 -3.51
C GLY B 313 -39.54 7.14 -3.24
N ARG B 314 -38.63 7.85 -3.92
CA ARG B 314 -37.17 7.65 -3.71
C ARG B 314 -36.79 8.13 -2.30
N LEU B 315 -37.47 9.16 -1.80
CA LEU B 315 -37.15 9.73 -0.46
C LEU B 315 -38.17 9.23 0.57
N GLY B 316 -38.86 8.12 0.27
CA GLY B 316 -39.83 7.55 1.22
C GLY B 316 -40.95 8.53 1.52
N ALA B 317 -41.18 8.82 2.81
CA ALA B 317 -42.25 9.76 3.22
C ALA B 317 -41.74 11.19 3.13
N GLY B 318 -40.57 11.41 2.52
CA GLY B 318 -40.03 12.77 2.35
C GLY B 318 -39.86 13.47 3.67
N HIS B 319 -40.31 14.73 3.77
CA HIS B 319 -40.13 15.53 5.00
C HIS B 319 -41.40 15.42 5.88
N LYS B 320 -42.32 14.54 5.50
CA LYS B 320 -43.56 14.34 6.29
C LYS B 320 -43.19 13.81 7.68
N GLY B 321 -43.74 14.40 8.74
CA GLY B 321 -43.44 13.96 10.12
C GLY B 321 -42.12 14.51 10.61
N LEU B 322 -41.69 15.66 10.08
CA LEU B 322 -40.35 16.20 10.46
C LEU B 322 -40.54 17.47 11.31
N PHE B 323 -41.68 18.16 11.14
CA PHE B 323 -41.91 19.42 11.88
C PHE B 323 -41.86 19.14 13.38
N GLU B 324 -42.60 18.12 13.85
CA GLU B 324 -42.58 17.75 15.28
C GLU B 324 -41.16 17.36 15.67
N THR B 325 -40.48 16.61 14.81
CA THR B 325 -39.10 16.15 15.11
C THR B 325 -38.23 17.37 15.43
N VAL B 326 -38.30 18.41 14.62
CA VAL B 326 -37.45 19.62 14.84
C VAL B 326 -38.04 20.44 15.99
N ASN B 327 -39.36 20.60 16.04
CA ASN B 327 -40.00 21.46 17.07
C ASN B 327 -39.87 20.83 18.47
N ASN B 328 -39.84 19.50 18.56
CA ASN B 328 -39.83 18.84 19.89
C ASN B 328 -38.42 18.35 20.26
N SER B 329 -37.41 18.71 19.46
CA SER B 329 -36.03 18.31 19.76
C SER B 329 -35.16 19.55 19.75
N LEU B 330 -34.58 19.84 20.91
CA LEU B 330 -33.72 21.04 21.08
C LEU B 330 -32.28 20.75 20.69
N HIS B 331 -31.96 19.47 20.41
CA HIS B 331 -30.60 19.13 19.92
C HIS B 331 -30.58 19.25 18.40
N PHE B 332 -31.64 18.79 17.73
CA PHE B 332 -31.73 18.91 16.25
C PHE B 332 -31.61 20.39 15.88
N GLN B 333 -32.38 21.25 16.55
CA GLN B 333 -32.36 22.71 16.25
C GLN B 333 -30.97 23.26 16.53
N LEU B 334 -30.39 22.93 17.69
CA LEU B 334 -29.06 23.47 18.07
C LEU B 334 -28.03 23.04 17.02
N GLY B 335 -28.10 21.79 16.57
CA GLY B 335 -27.17 21.29 15.54
C GLY B 335 -27.28 22.11 14.26
N LEU B 336 -28.50 22.34 13.79
CA LEU B 336 -28.70 23.16 12.57
C LEU B 336 -28.14 24.57 12.81
N ALA B 337 -28.41 25.14 13.98
CA ALA B 337 -27.93 26.51 14.29
C ALA B 337 -26.40 26.55 14.25
N LEU B 338 -25.75 25.59 14.92
CA LEU B 338 -24.27 25.57 14.97
C LEU B 338 -23.72 25.36 13.55
N ALA B 339 -24.36 24.48 12.77
CA ALA B 339 -23.92 24.24 11.38
C ALA B 339 -24.02 25.54 10.58
N SER B 340 -25.17 26.21 10.67
CA SER B 340 -25.38 27.48 9.92
C SER B 340 -24.39 28.53 10.41
N VAL B 341 -24.33 28.75 11.73
CA VAL B 341 -23.43 29.79 12.29
C VAL B 341 -21.98 29.44 11.91
N GLY B 342 -21.58 28.19 12.15
CA GLY B 342 -20.21 27.75 11.80
C GLY B 342 -19.87 28.12 10.36
N THR B 343 -20.70 27.68 9.40
CA THR B 343 -20.40 27.93 7.96
C THR B 343 -20.30 29.43 7.70
N ILE B 344 -21.22 30.22 8.25
CA ILE B 344 -21.23 31.71 8.01
C ILE B 344 -20.02 32.32 8.72
N CYS B 345 -19.58 31.75 9.85
CA CYS B 345 -18.38 32.24 10.55
C CYS B 345 -17.19 32.15 9.60
N SER B 346 -17.15 31.10 8.77
CA SER B 346 -16.05 30.94 7.77
C SER B 346 -16.21 31.96 6.62
N LEU B 347 -17.44 32.20 6.18
CA LEU B 347 -17.68 33.19 5.09
C LEU B 347 -17.12 34.55 5.52
N VAL B 348 -17.29 34.90 6.80
CA VAL B 348 -16.81 36.21 7.31
C VAL B 348 -15.29 36.29 7.09
N ALA B 349 -14.56 35.19 7.35
CA ALA B 349 -13.09 35.19 7.23
C ALA B 349 -12.68 35.18 5.75
N GLN B 350 -13.38 34.39 4.92
CA GLN B 350 -13.01 34.26 3.48
C GLN B 350 -13.41 35.50 2.68
N HIS B 351 -14.37 36.28 3.19
CA HIS B 351 -14.88 37.46 2.45
C HIS B 351 -14.31 38.75 3.03
N MET B 352 -13.67 38.68 4.21
CA MET B 352 -13.13 39.88 4.89
C MET B 352 -11.65 40.02 4.58
N TYR B 353 -10.97 38.96 4.14
CA TYR B 353 -9.56 39.08 3.68
C TYR B 353 -9.59 39.59 2.26
N SER B 354 -10.44 39.02 1.42
CA SER B 354 -10.49 39.39 -0.01
C SER B 354 -11.00 40.79 -0.10
N LEU B 355 -12.18 41.05 0.48
CA LEU B 355 -12.79 42.40 0.44
C LEU B 355 -12.70 43.03 1.83
N PRO B 356 -11.62 43.77 2.16
CA PRO B 356 -11.54 44.45 3.45
C PRO B 356 -12.78 45.34 3.61
N PRO B 357 -13.63 45.14 4.63
CA PRO B 357 -14.84 45.94 4.80
C PRO B 357 -14.60 47.16 5.69
N TYR B 358 -13.37 47.35 6.17
CA TYR B 358 -13.10 48.47 7.12
C TYR B 358 -11.91 49.30 6.62
N ALA B 359 -11.89 50.58 6.98
CA ALA B 359 -10.82 51.48 6.47
C ALA B 359 -9.44 51.04 6.98
N PHE B 360 -8.44 51.04 6.10
CA PHE B 360 -7.05 50.75 6.49
C PHE B 360 -6.93 49.38 7.15
N LEU B 361 -7.84 48.46 6.80
CA LEU B 361 -7.79 47.09 7.37
C LEU B 361 -6.65 46.32 6.70
N ALA B 362 -6.53 46.41 5.37
CA ALA B 362 -5.48 45.68 4.64
C ALA B 362 -4.10 46.13 5.14
N ASN B 363 -3.89 47.44 5.27
CA ASN B 363 -2.60 47.98 5.77
C ASN B 363 -2.16 47.16 6.98
N ASP B 364 -3.06 46.98 7.95
CA ASP B 364 -2.74 46.22 9.19
C ASP B 364 -2.69 44.72 8.86
N PHE B 365 -1.51 44.22 8.50
CA PHE B 365 -1.36 42.78 8.15
C PHE B 365 -1.60 41.91 9.38
N THR B 366 -1.02 42.29 10.53
CA THR B 366 -1.15 41.46 11.75
C THR B 366 -2.62 41.30 12.10
N THR B 367 -3.39 42.39 12.06
CA THR B 367 -4.85 42.31 12.32
C THR B 367 -5.49 41.34 11.33
N GLN B 368 -5.27 41.55 10.02
CA GLN B 368 -5.88 40.68 9.03
C GLN B 368 -5.62 39.20 9.34
N ALA B 369 -4.36 38.85 9.54
CA ALA B 369 -3.99 37.45 9.84
C ALA B 369 -4.66 36.95 11.12
N SER B 370 -4.63 37.74 12.20
CA SER B 370 -5.19 37.29 13.50
C SER B 370 -6.72 37.26 13.44
N LEU B 371 -7.33 37.99 12.53
CA LEU B 371 -8.81 37.93 12.39
C LEU B 371 -9.21 36.72 11.56
N TYR B 372 -8.54 36.42 10.46
CA TYR B 372 -8.84 35.19 9.68
C TYR B 372 -8.72 33.98 10.59
N THR B 373 -7.56 33.80 11.21
CA THR B 373 -7.28 32.64 12.09
C THR B 373 -8.31 32.54 13.22
N HIS B 374 -8.69 33.65 13.84
CA HIS B 374 -9.70 33.64 14.92
C HIS B 374 -10.97 33.02 14.39
N HIS B 375 -11.59 33.61 13.37
CA HIS B 375 -12.91 33.09 12.90
C HIS B 375 -12.77 31.66 12.39
N GLN B 376 -11.75 31.37 11.58
CA GLN B 376 -11.61 30.01 10.98
C GLN B 376 -11.54 28.95 12.07
N TYR B 377 -10.90 29.26 13.21
CA TYR B 377 -10.79 28.28 14.34
C TYR B 377 -12.14 28.22 15.08
N ILE B 378 -12.71 29.38 15.42
CA ILE B 378 -14.01 29.42 16.12
C ILE B 378 -15.01 28.66 15.25
N ALA B 379 -15.01 28.91 13.95
CA ALA B 379 -15.94 28.20 13.04
C ALA B 379 -15.78 26.69 13.22
N GLY B 380 -14.54 26.20 13.24
CA GLY B 380 -14.28 24.74 13.34
C GLY B 380 -14.88 24.14 14.61
N PHE B 381 -14.68 24.79 15.75
CA PHE B 381 -15.25 24.30 17.03
C PHE B 381 -16.78 24.27 16.94
N ILE B 382 -17.37 25.32 16.35
CA ILE B 382 -18.85 25.39 16.20
C ILE B 382 -19.32 24.20 15.37
N MET B 383 -18.63 23.89 14.27
CA MET B 383 -19.04 22.78 13.38
C MET B 383 -19.02 21.45 14.16
N CYS B 384 -17.98 21.24 14.97
CA CYS B 384 -17.88 20.00 15.78
C CYS B 384 -19.12 19.91 16.69
N GLY B 385 -19.53 21.04 17.26
CA GLY B 385 -20.73 21.06 18.12
C GLY B 385 -21.99 20.73 17.33
N ALA B 386 -22.07 21.19 16.08
CA ALA B 386 -23.24 20.89 15.22
C ALA B 386 -23.46 19.38 15.18
N PHE B 387 -22.47 18.63 14.67
CA PHE B 387 -22.59 17.15 14.58
C PHE B 387 -22.76 16.57 15.99
N ALA B 388 -21.99 17.08 16.95
CA ALA B 388 -22.06 16.58 18.34
C ALA B 388 -23.53 16.56 18.79
N HIS B 389 -24.17 17.73 18.80
CA HIS B 389 -25.59 17.81 19.27
C HIS B 389 -26.49 16.97 18.36
N GLY B 390 -26.12 16.81 17.08
CA GLY B 390 -26.89 15.95 16.18
C GLY B 390 -26.91 14.51 16.67
N ALA B 391 -25.76 14.01 17.11
CA ALA B 391 -25.68 12.63 17.67
C ALA B 391 -26.54 12.55 18.93
N ILE B 392 -26.48 13.58 19.77
CA ILE B 392 -27.30 13.62 21.02
C ILE B 392 -28.78 13.54 20.63
N PHE B 393 -29.16 14.23 19.55
CA PHE B 393 -30.57 14.18 19.07
C PHE B 393 -30.94 12.74 18.74
N TRP B 394 -30.06 12.02 18.02
CA TRP B 394 -30.37 10.63 17.60
C TRP B 394 -30.70 9.77 18.83
N ILE B 395 -30.03 10.00 19.96
CA ILE B 395 -30.22 9.12 21.15
C ILE B 395 -31.27 9.73 22.08
N ARG B 396 -31.08 10.97 22.52
CA ARG B 396 -31.98 11.58 23.53
C ARG B 396 -33.36 11.89 22.95
N ASP B 397 -33.44 12.36 21.70
CA ASP B 397 -34.77 12.80 21.18
C ASP B 397 -35.08 12.36 19.75
N TYR B 398 -35.05 11.08 19.43
CA TYR B 398 -35.47 10.61 18.09
C TYR B 398 -36.47 9.50 18.28
N ASP B 399 -37.65 9.61 17.69
CA ASP B 399 -38.69 8.56 17.83
C ASP B 399 -38.71 7.73 16.56
N PRO B 400 -38.14 6.52 16.56
CA PRO B 400 -38.04 5.74 15.35
C PRO B 400 -39.38 5.35 14.72
N GLU B 401 -40.49 5.43 15.47
CA GLU B 401 -41.82 4.99 14.98
C GLU B 401 -42.54 6.17 14.35
N GLN B 402 -42.36 7.35 14.91
CA GLN B 402 -42.97 8.52 14.25
C GLN B 402 -42.24 8.87 12.97
N ASN B 403 -40.91 8.97 13.04
CA ASN B 403 -40.09 9.11 11.84
C ASN B 403 -39.94 7.73 11.21
N LYS B 404 -40.91 7.35 10.39
CA LYS B 404 -40.88 6.01 9.75
C LYS B 404 -40.97 6.19 8.23
N GLY B 405 -39.83 6.09 7.54
CA GLY B 405 -39.81 6.29 6.07
C GLY B 405 -39.50 7.75 5.73
N ASN B 406 -39.43 8.61 6.74
CA ASN B 406 -39.09 10.05 6.49
C ASN B 406 -37.63 10.15 6.08
N VAL B 407 -37.24 11.25 5.45
CA VAL B 407 -35.84 11.41 4.95
C VAL B 407 -34.86 11.17 6.10
N LEU B 408 -35.27 11.39 7.35
CA LEU B 408 -34.32 11.26 8.50
C LEU B 408 -34.14 9.80 8.83
N ALA B 409 -35.16 8.96 8.67
CA ALA B 409 -35.08 7.53 9.01
C ALA B 409 -34.48 6.74 7.88
N ARG B 410 -34.58 7.23 6.65
CA ARG B 410 -33.99 6.54 5.48
C ARG B 410 -32.52 6.94 5.35
N MET B 411 -31.97 7.65 6.35
CA MET B 411 -30.53 7.99 6.36
C MET B 411 -29.78 6.86 7.06
N LEU B 412 -30.28 6.43 8.23
CA LEU B 412 -29.65 5.30 8.96
C LEU B 412 -29.78 4.04 8.08
N ASP B 413 -30.80 3.97 7.24
CA ASP B 413 -31.00 2.80 6.35
C ASP B 413 -29.76 2.65 5.46
N HIS B 414 -29.23 3.75 4.93
CA HIS B 414 -27.99 3.70 4.11
C HIS B 414 -26.84 4.33 4.90
N LYS B 415 -26.83 4.14 6.22
CA LYS B 415 -25.76 4.71 7.08
C LYS B 415 -24.39 4.21 6.60
N GLU B 416 -24.30 2.90 6.29
CA GLU B 416 -23.02 2.31 5.83
C GLU B 416 -22.61 2.98 4.51
N ALA B 417 -23.55 3.14 3.57
CA ALA B 417 -23.25 3.80 2.29
C ALA B 417 -22.59 5.16 2.57
N ILE B 418 -23.26 6.01 3.36
CA ILE B 418 -22.73 7.37 3.64
C ILE B 418 -21.35 7.25 4.28
N ILE B 419 -21.22 6.42 5.32
CA ILE B 419 -19.93 6.30 6.07
C ILE B 419 -18.86 5.73 5.13
N SER B 420 -19.15 4.62 4.44
CA SER B 420 -18.13 3.96 3.60
C SER B 420 -17.68 4.88 2.49
N HIS B 421 -18.61 5.59 1.85
CA HIS B 421 -18.24 6.47 0.71
C HIS B 421 -17.36 7.62 1.22
N LEU B 422 -17.61 8.09 2.45
CA LEU B 422 -16.75 9.15 3.04
C LEU B 422 -15.37 8.56 3.33
N SER B 423 -15.29 7.24 3.51
CA SER B 423 -13.98 6.57 3.75
C SER B 423 -13.17 6.56 2.45
N TRP B 424 -13.80 6.14 1.34
CA TRP B 424 -13.07 6.07 0.04
C TRP B 424 -12.52 7.45 -0.33
N VAL B 425 -13.35 8.50 -0.23
CA VAL B 425 -12.90 9.86 -0.64
C VAL B 425 -11.71 10.26 0.24
N SER B 426 -11.80 10.03 1.56
CA SER B 426 -10.71 10.41 2.48
C SER B 426 -9.43 9.67 2.10
N LEU B 427 -9.52 8.36 1.87
CA LEU B 427 -8.32 7.57 1.50
C LEU B 427 -7.75 8.10 0.18
N PHE B 428 -8.61 8.28 -0.83
CA PHE B 428 -8.15 8.76 -2.15
C PHE B 428 -7.41 10.09 -1.97
N LEU B 429 -8.06 11.05 -1.29
CA LEU B 429 -7.42 12.37 -1.07
C LEU B 429 -6.12 12.19 -0.29
N GLY B 430 -6.13 11.34 0.74
CA GLY B 430 -4.93 11.14 1.58
C GLY B 430 -3.79 10.48 0.81
N PHE B 431 -4.04 9.32 0.21
CA PHE B 431 -2.95 8.57 -0.47
C PHE B 431 -2.30 9.45 -1.54
N HIS B 432 -3.10 10.21 -2.29
CA HIS B 432 -2.55 11.00 -3.42
C HIS B 432 -2.00 12.36 -2.96
N THR B 433 -2.80 13.14 -2.22
CA THR B 433 -2.36 14.51 -1.83
C THR B 433 -0.97 14.43 -1.17
N LEU B 434 -0.75 13.44 -0.31
CA LEU B 434 0.55 13.29 0.37
C LEU B 434 1.58 12.73 -0.61
N GLY B 435 1.19 11.76 -1.42
CA GLY B 435 2.14 11.12 -2.37
C GLY B 435 2.78 12.13 -3.31
N LEU B 436 2.05 13.19 -3.67
CA LEU B 436 2.56 14.17 -4.64
C LEU B 436 3.32 15.23 -3.87
N TYR B 437 3.38 15.12 -2.54
CA TYR B 437 4.22 16.06 -1.74
C TYR B 437 5.55 15.35 -1.47
N VAL B 438 5.49 14.07 -1.11
CA VAL B 438 6.73 13.27 -0.88
C VAL B 438 7.47 13.15 -2.21
N HIS B 439 6.73 12.90 -3.30
CA HIS B 439 7.36 12.78 -4.65
C HIS B 439 8.15 14.06 -4.96
N ASN B 440 7.53 15.23 -4.76
CA ASN B 440 8.20 16.52 -5.02
C ASN B 440 9.39 16.67 -4.07
N ASP B 441 9.19 16.33 -2.79
CA ASP B 441 10.30 16.42 -1.79
C ASP B 441 11.48 15.57 -2.25
N VAL B 442 11.21 14.33 -2.69
CA VAL B 442 12.29 13.43 -3.20
C VAL B 442 13.01 14.16 -4.34
N MET B 443 12.26 14.71 -5.29
CA MET B 443 12.89 15.40 -6.45
C MET B 443 13.70 16.59 -5.95
N GLN B 444 13.18 17.34 -4.98
CA GLN B 444 13.94 18.49 -4.40
C GLN B 444 15.23 17.97 -3.76
N ALA B 445 15.15 16.87 -3.02
CA ALA B 445 16.34 16.31 -2.33
C ALA B 445 17.35 15.82 -3.37
N PHE B 446 16.87 15.22 -4.46
CA PHE B 446 17.77 14.67 -5.52
C PHE B 446 18.11 15.78 -6.52
N GLY B 447 17.78 17.03 -6.19
CA GLY B 447 18.12 18.17 -7.07
C GLY B 447 17.47 18.03 -8.44
N THR B 448 16.29 17.42 -8.51
CA THR B 448 15.57 17.29 -9.80
C THR B 448 14.23 18.01 -9.69
N PRO B 449 14.19 19.35 -9.51
CA PRO B 449 12.93 20.08 -9.30
C PRO B 449 12.02 19.94 -10.53
N GLU B 450 12.61 19.92 -11.73
CA GLU B 450 11.82 19.78 -12.97
C GLU B 450 11.02 18.48 -12.93
N LYS B 451 11.57 17.43 -12.32
CA LYS B 451 10.90 16.10 -12.31
C LYS B 451 9.70 16.12 -11.35
N GLN B 452 9.63 17.10 -10.45
CA GLN B 452 8.52 17.12 -9.46
C GLN B 452 7.19 17.34 -10.18
N ILE B 453 6.13 16.68 -9.72
CA ILE B 453 4.79 16.80 -10.38
C ILE B 453 4.11 18.07 -9.89
N LEU B 454 3.76 18.98 -10.81
CA LEU B 454 3.07 20.25 -10.43
C LEU B 454 1.79 20.38 -11.26
N ILE B 455 0.69 19.77 -10.81
CA ILE B 455 -0.61 19.86 -11.53
C ILE B 455 -1.13 21.30 -11.43
N GLU B 456 -1.70 21.83 -12.52
CA GLU B 456 -2.18 23.24 -12.52
C GLU B 456 -3.64 23.27 -12.06
N PRO B 457 -4.04 24.19 -11.15
CA PRO B 457 -5.44 24.32 -10.74
C PRO B 457 -6.26 25.02 -11.83
N VAL B 458 -6.41 24.39 -12.99
CA VAL B 458 -7.12 25.03 -14.15
C VAL B 458 -8.58 25.31 -13.77
N PHE B 459 -9.22 24.39 -13.04
CA PHE B 459 -10.67 24.57 -12.73
C PHE B 459 -10.89 25.86 -11.95
N ALA B 460 -10.03 26.15 -10.96
CA ALA B 460 -10.16 27.38 -10.15
C ALA B 460 -9.80 28.60 -11.02
N GLN B 461 -8.75 28.48 -11.83
CA GLN B 461 -8.30 29.61 -12.68
C GLN B 461 -9.45 30.04 -13.61
N TRP B 462 -10.28 29.09 -14.03
CA TRP B 462 -11.41 29.42 -14.95
C TRP B 462 -12.48 30.15 -14.15
N ILE B 463 -12.77 29.71 -12.93
CA ILE B 463 -13.72 30.45 -12.06
C ILE B 463 -13.18 31.86 -11.83
N GLN B 464 -11.85 32.01 -11.77
CA GLN B 464 -11.24 33.37 -11.60
C GLN B 464 -11.41 34.16 -12.90
N ALA B 465 -11.12 33.54 -14.04
CA ALA B 465 -11.29 34.22 -15.34
C ALA B 465 -12.76 34.60 -15.52
N ALA B 466 -13.67 33.72 -15.11
CA ALA B 466 -15.12 34.01 -15.21
C ALA B 466 -15.44 35.31 -14.46
N HIS B 467 -14.80 35.52 -13.31
CA HIS B 467 -15.05 36.74 -12.50
C HIS B 467 -14.31 37.94 -13.11
N GLY B 468 -13.36 37.70 -14.02
CA GLY B 468 -12.70 38.82 -14.71
C GLY B 468 -11.18 38.76 -14.61
N LYS B 469 -10.65 37.80 -13.87
CA LYS B 469 -9.16 37.64 -13.81
C LYS B 469 -8.65 37.43 -15.23
N ALA B 470 -7.65 38.21 -15.66
CA ALA B 470 -7.18 38.12 -17.06
C ALA B 470 -5.81 37.41 -17.12
N PHE B 471 -5.02 37.50 -16.05
CA PHE B 471 -3.67 36.89 -16.05
C PHE B 471 -3.70 35.56 -16.79
N TYR B 472 -4.68 34.71 -16.49
CA TYR B 472 -4.69 33.34 -17.05
C TYR B 472 -4.85 33.38 -18.57
N GLY B 473 -5.57 34.36 -19.09
CA GLY B 473 -5.82 34.39 -20.53
C GLY B 473 -6.77 33.29 -20.96
N PHE B 474 -8.02 33.34 -20.49
CA PHE B 474 -9.04 32.34 -20.91
C PHE B 474 -10.21 33.11 -21.56
N ASP B 475 -10.28 34.42 -21.33
CA ASP B 475 -11.34 35.27 -21.96
C ASP B 475 -12.70 34.61 -21.75
N LEU B 476 -13.15 34.49 -20.50
CA LEU B 476 -14.44 33.81 -20.19
C LEU B 476 -15.35 34.77 -19.43
N LEU B 477 -16.58 34.98 -19.91
CA LEU B 477 -17.56 35.85 -19.20
C LEU B 477 -16.96 37.24 -18.94
N LEU B 478 -16.87 37.65 -17.68
CA LEU B 478 -16.37 39.03 -17.36
C LEU B 478 -15.02 39.26 -18.03
N SER B 479 -14.18 38.22 -18.13
CA SER B 479 -12.87 38.37 -18.83
C SER B 479 -13.12 38.86 -20.26
N SER B 480 -14.20 38.40 -20.89
CA SER B 480 -14.55 38.85 -22.26
C SER B 480 -15.58 39.98 -22.19
N SER B 481 -15.17 41.21 -22.50
CA SER B 481 -16.08 42.37 -22.41
C SER B 481 -17.27 42.20 -23.37
N SER B 482 -17.02 41.67 -24.57
CA SER B 482 -18.09 41.51 -25.58
C SER B 482 -19.17 40.55 -25.09
N SER B 483 -19.03 40.02 -23.87
CA SER B 483 -20.00 39.03 -23.34
C SER B 483 -21.31 39.70 -22.94
N SER B 484 -22.29 38.90 -22.51
CA SER B 484 -23.58 39.48 -22.03
C SER B 484 -23.42 39.96 -20.58
N ALA B 485 -22.93 39.08 -19.70
CA ALA B 485 -22.75 39.45 -18.28
C ALA B 485 -21.80 40.64 -18.17
N ALA B 486 -20.67 40.59 -18.88
CA ALA B 486 -19.68 41.68 -18.80
C ALA B 486 -20.34 43.00 -19.23
N SER B 487 -21.03 43.00 -20.36
CA SER B 487 -21.68 44.24 -20.89
C SER B 487 -22.75 44.72 -19.91
N ALA B 488 -23.53 43.80 -19.33
CA ALA B 488 -24.64 44.17 -18.44
C ALA B 488 -24.11 44.93 -17.21
N SER B 489 -23.04 44.41 -16.59
CA SER B 489 -22.50 45.04 -15.35
C SER B 489 -21.59 46.23 -15.70
N GLN B 490 -21.21 46.36 -16.96
CA GLN B 490 -20.25 47.43 -17.37
C GLN B 490 -20.72 48.79 -16.86
N THR B 491 -22.01 48.95 -16.57
CA THR B 491 -22.54 50.27 -16.15
C THR B 491 -22.75 50.28 -14.63
N LEU B 492 -22.26 49.27 -13.92
CA LEU B 492 -22.50 49.18 -12.45
C LEU B 492 -21.20 48.88 -11.70
N TRP B 493 -21.15 47.78 -10.95
CA TRP B 493 -19.95 47.44 -10.13
C TRP B 493 -18.83 46.92 -11.03
N LEU B 494 -19.14 46.49 -12.25
CA LEU B 494 -18.12 45.86 -13.14
C LEU B 494 -16.91 46.79 -13.27
N PRO B 495 -17.05 48.07 -13.65
CA PRO B 495 -15.89 48.94 -13.86
C PRO B 495 -14.91 48.85 -12.68
N GLY B 496 -15.44 48.71 -11.46
CA GLY B 496 -14.57 48.64 -10.26
C GLY B 496 -14.09 47.24 -9.97
N TRP B 497 -14.99 46.25 -9.99
CA TRP B 497 -14.62 44.86 -9.63
C TRP B 497 -13.34 44.47 -10.38
N LEU B 498 -13.27 44.79 -11.68
CA LEU B 498 -12.09 44.41 -12.51
C LEU B 498 -10.85 45.16 -11.99
N ASP B 499 -10.90 46.50 -12.00
CA ASP B 499 -9.74 47.31 -11.54
C ASP B 499 -9.17 46.67 -10.28
N ALA B 500 -10.04 46.31 -9.33
CA ALA B 500 -9.59 45.72 -8.08
C ALA B 500 -9.11 44.28 -8.22
N ILE B 501 -9.82 43.46 -9.00
CA ILE B 501 -9.45 42.05 -9.13
C ILE B 501 -8.17 41.91 -9.95
N ASN B 502 -7.91 42.85 -10.86
CA ASN B 502 -6.71 42.81 -11.70
C ASN B 502 -5.57 43.63 -11.11
N ASN B 503 -5.61 43.89 -9.80
CA ASN B 503 -4.52 44.51 -9.08
C ASN B 503 -3.93 43.47 -8.14
N ASN B 504 -2.62 43.23 -8.26
CA ASN B 504 -1.96 42.19 -7.51
C ASN B 504 -1.44 42.64 -6.16
N GLN B 505 -1.68 43.90 -5.79
CA GLN B 505 -1.28 44.38 -4.48
C GLN B 505 -2.34 44.11 -3.40
N ASN B 506 -3.47 43.51 -3.76
CA ASN B 506 -4.49 43.17 -2.77
C ASN B 506 -4.74 41.66 -2.77
N SER B 507 -5.85 41.26 -2.15
CA SER B 507 -6.15 39.82 -2.02
C SER B 507 -7.46 39.44 -2.74
N LEU B 508 -7.94 40.24 -3.68
CA LEU B 508 -9.14 39.83 -4.44
C LEU B 508 -8.73 38.83 -5.49
N PHE B 509 -9.08 37.56 -5.29
CA PHE B 509 -8.81 36.47 -6.26
C PHE B 509 -7.31 36.45 -6.56
N LEU B 510 -6.51 35.96 -5.61
CA LEU B 510 -5.03 36.00 -5.75
C LEU B 510 -4.56 34.96 -6.76
N THR B 511 -3.46 35.23 -7.44
CA THR B 511 -3.02 34.30 -8.50
C THR B 511 -2.72 32.98 -7.83
N ILE B 512 -3.28 31.90 -8.35
CA ILE B 512 -3.10 30.55 -7.76
C ILE B 512 -2.11 29.80 -8.62
N GLY B 513 -1.30 28.96 -8.02
CA GLY B 513 -0.32 28.17 -8.79
C GLY B 513 -0.47 26.70 -8.53
N PRO B 514 0.48 25.81 -8.91
CA PRO B 514 0.31 24.41 -8.55
C PRO B 514 0.49 24.13 -7.07
N GLY B 515 1.16 25.05 -6.35
CA GLY B 515 1.30 24.90 -4.89
C GLY B 515 -0.05 24.96 -4.20
N ASP B 516 -0.93 25.85 -4.66
CA ASP B 516 -2.29 26.00 -4.05
C ASP B 516 -3.11 24.74 -4.34
N PHE B 517 -2.90 24.13 -5.51
CA PHE B 517 -3.67 22.92 -5.90
C PHE B 517 -3.51 21.85 -4.81
N LEU B 518 -2.28 21.56 -4.42
CA LEU B 518 -2.02 20.48 -3.41
C LEU B 518 -2.66 20.85 -2.07
N VAL B 519 -2.43 22.07 -1.59
CA VAL B 519 -2.94 22.46 -0.23
C VAL B 519 -4.46 22.44 -0.24
N HIS B 520 -5.09 22.87 -1.34
CA HIS B 520 -6.57 22.91 -1.44
C HIS B 520 -7.11 21.48 -1.31
N HIS B 521 -6.50 20.52 -1.99
CA HIS B 521 -6.93 19.10 -1.89
C HIS B 521 -6.67 18.58 -0.47
N ALA B 522 -5.58 19.04 0.16
CA ALA B 522 -5.30 18.65 1.57
C ALA B 522 -6.41 19.18 2.48
N ILE B 523 -6.86 20.42 2.24
CA ILE B 523 -7.98 21.01 3.04
C ILE B 523 -9.22 20.12 2.84
N ALA B 524 -9.47 19.69 1.61
CA ALA B 524 -10.63 18.82 1.32
C ALA B 524 -10.51 17.53 2.16
N LEU B 525 -9.31 16.95 2.22
CA LEU B 525 -9.10 15.69 2.99
C LEU B 525 -9.54 15.92 4.44
N GLY B 526 -9.09 17.02 5.04
CA GLY B 526 -9.50 17.35 6.42
C GLY B 526 -11.01 17.49 6.54
N LEU B 527 -11.61 18.22 5.59
CA LEU B 527 -13.08 18.43 5.60
C LEU B 527 -13.79 17.07 5.53
N HIS B 528 -13.39 16.21 4.61
CA HIS B 528 -14.05 14.89 4.43
C HIS B 528 -13.79 14.00 5.66
N THR B 529 -12.54 13.92 6.12
CA THR B 529 -12.20 13.01 7.25
C THR B 529 -12.92 13.49 8.51
N THR B 530 -12.63 14.70 8.98
CA THR B 530 -13.33 15.25 10.17
C THR B 530 -14.82 14.94 10.05
N THR B 531 -15.40 15.20 8.86
CA THR B 531 -16.83 14.91 8.63
C THR B 531 -17.10 13.42 8.85
N LEU B 532 -16.27 12.56 8.27
CA LEU B 532 -16.49 11.09 8.39
C LEU B 532 -16.53 10.71 9.86
N ILE B 533 -15.58 11.22 10.65
CA ILE B 533 -15.52 10.86 12.10
C ILE B 533 -16.84 11.27 12.76
N LEU B 534 -17.24 12.52 12.60
CA LEU B 534 -18.49 13.02 13.23
C LEU B 534 -19.70 12.26 12.67
N VAL B 535 -19.77 12.10 11.35
CA VAL B 535 -20.94 11.42 10.71
C VAL B 535 -21.03 9.98 11.24
N LYS B 536 -19.89 9.29 11.30
CA LYS B 536 -19.89 7.87 11.76
C LYS B 536 -20.45 7.84 13.19
N GLY B 537 -19.96 8.72 14.05
CA GLY B 537 -20.44 8.77 15.44
C GLY B 537 -21.92 9.10 15.51
N ALA B 538 -22.38 10.03 14.67
CA ALA B 538 -23.81 10.44 14.67
C ALA B 538 -24.69 9.27 14.22
N LEU B 539 -24.32 8.59 13.13
CA LEU B 539 -25.14 7.48 12.61
C LEU B 539 -25.09 6.30 13.58
N ASP B 540 -23.91 6.03 14.15
CA ASP B 540 -23.75 4.89 15.09
C ASP B 540 -23.98 5.37 16.53
N ALA B 541 -24.66 6.52 16.70
CA ALA B 541 -24.86 7.09 18.05
C ALA B 541 -25.67 6.12 18.91
N ARG B 542 -26.70 5.48 18.33
CA ARG B 542 -27.58 4.60 19.15
C ARG B 542 -27.60 3.17 18.59
N GLY B 543 -26.60 2.82 17.77
CA GLY B 543 -26.57 1.49 17.15
C GLY B 543 -25.19 1.09 16.67
N SER B 544 -24.87 -0.21 16.70
CA SER B 544 -23.56 -0.72 16.21
C SER B 544 -23.46 -2.22 16.51
N LYS B 545 -22.84 -2.99 15.62
CA LYS B 545 -22.73 -4.46 15.80
C LYS B 545 -22.01 -4.74 17.13
N LEU B 546 -20.97 -3.94 17.44
CA LEU B 546 -20.21 -4.14 18.70
C LEU B 546 -21.08 -3.74 19.91
N MET B 547 -21.81 -2.62 19.80
CA MET B 547 -22.64 -2.14 20.93
C MET B 547 -24.06 -1.82 20.43
N PRO B 548 -24.92 -2.83 20.18
CA PRO B 548 -26.26 -2.60 19.64
C PRO B 548 -27.18 -1.81 20.60
N ASP B 549 -26.79 -1.69 21.87
CA ASP B 549 -27.62 -0.98 22.87
C ASP B 549 -26.91 0.30 23.32
N LYS B 550 -26.29 1.02 22.38
CA LYS B 550 -25.52 2.25 22.72
C LYS B 550 -26.48 3.32 23.24
N LYS B 551 -27.70 3.37 22.69
CA LYS B 551 -28.70 4.39 23.14
C LYS B 551 -29.00 4.16 24.62
N ASP B 552 -29.09 2.90 25.05
CA ASP B 552 -29.39 2.59 26.47
C ASP B 552 -28.22 3.05 27.34
N PHE B 553 -27.02 3.15 26.76
CA PHE B 553 -25.81 3.55 27.54
C PHE B 553 -25.59 5.06 27.42
N GLY B 554 -26.53 5.77 26.79
CA GLY B 554 -26.45 7.24 26.72
C GLY B 554 -25.42 7.73 25.71
N TYR B 555 -24.96 8.98 25.86
CA TYR B 555 -24.01 9.56 24.88
C TYR B 555 -22.58 9.48 25.42
N SER B 556 -22.35 9.95 26.65
CA SER B 556 -20.97 9.97 27.19
C SER B 556 -20.78 8.82 28.17
N PHE B 557 -20.22 7.71 27.68
CA PHE B 557 -19.88 6.57 28.57
C PHE B 557 -18.46 6.12 28.23
N PRO B 558 -17.58 5.81 29.21
CA PRO B 558 -16.18 5.48 28.91
C PRO B 558 -16.07 4.38 27.86
N CYS B 559 -16.46 3.15 28.23
CA CYS B 559 -16.43 2.01 27.27
C CYS B 559 -17.43 0.95 27.74
N ASP B 560 -17.56 -0.15 26.98
CA ASP B 560 -18.47 -1.25 27.39
C ASP B 560 -17.62 -2.39 27.98
N GLY B 561 -16.39 -2.09 28.39
CA GLY B 561 -15.52 -3.10 29.01
C GLY B 561 -14.55 -3.70 28.02
N PRO B 562 -13.64 -4.60 28.44
CA PRO B 562 -12.70 -5.26 27.53
C PRO B 562 -13.37 -6.39 26.75
N GLY B 563 -14.68 -6.59 26.95
CA GLY B 563 -15.42 -7.65 26.24
C GLY B 563 -15.46 -7.42 24.74
N ARG B 564 -15.70 -8.49 23.97
CA ARG B 564 -15.72 -8.37 22.48
C ARG B 564 -14.41 -7.75 22.00
N GLY B 565 -13.27 -8.22 22.53
CA GLY B 565 -11.96 -7.68 22.13
C GLY B 565 -11.67 -6.34 22.79
N GLY B 566 -12.36 -5.28 22.36
CA GLY B 566 -12.16 -3.95 22.96
C GLY B 566 -13.30 -3.00 22.63
N THR B 567 -13.86 -2.34 23.64
CA THR B 567 -14.95 -1.36 23.41
C THR B 567 -14.43 0.04 23.76
N CYS B 568 -13.11 0.19 23.91
CA CYS B 568 -12.51 1.51 24.24
C CYS B 568 -12.99 2.55 23.22
N ASP B 569 -13.34 3.75 23.70
CA ASP B 569 -13.79 4.84 22.79
C ASP B 569 -14.85 4.30 21.82
N ILE B 570 -16.01 3.91 22.34
CA ILE B 570 -17.11 3.38 21.48
C ILE B 570 -18.31 4.32 21.56
N SER B 571 -18.30 5.26 22.52
CA SER B 571 -19.42 6.21 22.70
C SER B 571 -19.37 7.28 21.61
N ALA B 572 -20.53 7.84 21.25
CA ALA B 572 -20.58 8.90 20.23
C ALA B 572 -19.97 10.17 20.77
N TYR B 573 -19.52 10.17 22.03
CA TYR B 573 -18.80 11.35 22.57
C TYR B 573 -17.39 11.24 22.04
N ASP B 574 -16.94 10.01 21.80
CA ASP B 574 -15.54 9.77 21.36
C ASP B 574 -15.41 9.98 19.87
N ALA B 575 -16.49 10.13 19.11
CA ALA B 575 -16.35 10.53 17.70
C ALA B 575 -16.08 12.02 17.74
N PHE B 576 -16.77 12.77 18.60
CA PHE B 576 -16.42 14.19 18.81
C PHE B 576 -14.97 14.24 19.30
N TYR B 577 -14.66 13.64 20.44
CA TYR B 577 -13.29 13.76 21.01
C TYR B 577 -12.24 13.58 19.93
N LEU B 578 -12.41 12.59 19.05
CA LEU B 578 -11.38 12.30 18.01
C LEU B 578 -11.47 13.32 16.88
N ALA B 579 -12.69 13.71 16.50
CA ALA B 579 -12.89 14.66 15.37
C ALA B 579 -12.21 15.99 15.69
N VAL B 580 -12.16 16.37 16.97
CA VAL B 580 -11.55 17.66 17.38
C VAL B 580 -10.11 17.72 16.86
N PHE B 581 -9.36 16.63 17.04
CA PHE B 581 -7.93 16.61 16.60
C PHE B 581 -7.85 16.86 15.09
N TRP B 582 -8.67 16.13 14.31
CA TRP B 582 -8.66 16.31 12.84
C TRP B 582 -9.10 17.73 12.47
N MET B 583 -10.07 18.27 13.21
CA MET B 583 -10.53 19.66 12.96
C MET B 583 -9.33 20.61 13.13
N LEU B 584 -8.59 20.46 14.23
CA LEU B 584 -7.41 21.33 14.50
C LEU B 584 -6.38 21.12 13.38
N ASN B 585 -6.17 19.87 12.95
CA ASN B 585 -5.21 19.56 11.86
C ASN B 585 -5.68 20.26 10.59
N THR B 586 -6.96 20.15 10.25
CA THR B 586 -7.51 20.78 9.02
C THR B 586 -7.31 22.29 9.10
N ILE B 587 -7.84 22.93 10.15
CA ILE B 587 -7.75 24.42 10.28
C ILE B 587 -6.27 24.79 10.30
N GLY B 588 -5.44 24.01 10.98
CA GLY B 588 -3.99 24.28 11.00
C GLY B 588 -3.47 24.48 9.58
N TRP B 589 -3.79 23.56 8.67
CA TRP B 589 -3.30 23.65 7.27
C TRP B 589 -3.88 24.91 6.59
N VAL B 590 -5.14 25.24 6.86
CA VAL B 590 -5.78 26.40 6.17
C VAL B 590 -5.18 27.71 6.68
N THR B 591 -4.95 27.83 8.00
CA THR B 591 -4.45 29.09 8.57
C THR B 591 -2.95 29.21 8.29
N PHE B 592 -2.26 28.12 7.95
CA PHE B 592 -0.82 28.16 7.57
C PHE B 592 -0.73 28.58 6.13
N TYR B 593 -1.66 28.14 5.27
CA TYR B 593 -1.70 28.53 3.85
C TYR B 593 -2.01 30.01 3.75
N PHE B 594 -3.04 30.49 4.46
CA PHE B 594 -3.33 31.94 4.47
C PHE B 594 -2.04 32.66 4.79
N HIS B 595 -1.51 32.46 5.99
CA HIS B 595 -0.31 33.19 6.46
C HIS B 595 0.79 33.13 5.42
N TRP B 596 1.17 31.98 4.90
CA TRP B 596 2.33 31.99 3.96
C TRP B 596 1.98 32.71 2.66
N LYS B 597 0.85 32.38 2.03
CA LYS B 597 0.42 33.03 0.76
C LYS B 597 0.49 34.52 0.94
N HIS B 598 0.10 34.99 2.11
CA HIS B 598 0.02 36.44 2.37
C HIS B 598 1.37 36.96 2.85
N LEU B 599 2.09 36.26 3.69
CA LEU B 599 3.40 36.83 4.10
C LEU B 599 4.24 37.01 2.83
N THR B 600 4.22 36.04 1.92
CA THR B 600 4.96 36.20 0.66
C THR B 600 4.38 37.33 -0.18
N LEU B 601 3.07 37.54 -0.11
CA LEU B 601 2.46 38.67 -0.81
C LEU B 601 2.94 40.00 -0.26
N TRP B 602 2.98 40.13 1.07
CA TRP B 602 3.32 41.38 1.73
C TRP B 602 4.81 41.70 1.67
N GLN B 603 5.67 40.68 1.77
CA GLN B 603 7.11 40.89 1.64
C GLN B 603 7.53 41.15 0.20
N GLY B 604 6.63 40.96 -0.77
CA GLY B 604 6.95 41.12 -2.16
C GLY B 604 7.57 39.92 -2.82
N ASN B 605 7.88 38.87 -2.06
CA ASN B 605 8.51 37.66 -2.60
C ASN B 605 7.45 36.58 -2.84
N VAL B 606 6.58 36.84 -3.81
CA VAL B 606 5.54 35.87 -4.15
C VAL B 606 6.14 34.59 -4.74
N SER B 607 7.28 34.69 -5.41
CA SER B 607 7.94 33.50 -5.93
C SER B 607 8.35 32.56 -4.80
N GLN B 608 8.59 33.09 -3.61
CA GLN B 608 8.92 32.26 -2.46
C GLN B 608 7.84 31.23 -2.22
N PHE B 609 6.58 31.68 -2.12
CA PHE B 609 5.48 30.74 -1.95
C PHE B 609 5.24 29.93 -3.21
N ASP B 610 5.31 30.60 -4.38
CA ASP B 610 4.99 29.92 -5.65
C ASP B 610 5.93 28.73 -5.91
N GLU B 611 6.97 28.57 -5.09
CA GLU B 611 7.97 27.50 -5.36
C GLU B 611 8.16 26.61 -4.13
N SER B 612 8.42 27.22 -2.97
CA SER B 612 8.70 26.43 -1.74
C SER B 612 7.46 25.61 -1.34
N SER B 613 6.27 26.16 -1.55
CA SER B 613 5.01 25.46 -1.13
C SER B 613 4.87 24.13 -1.86
N THR B 614 5.40 24.03 -3.08
CA THR B 614 5.24 22.79 -3.89
C THR B 614 5.69 21.58 -3.07
N TYR B 615 6.83 21.69 -2.38
CA TYR B 615 7.33 20.58 -1.54
C TYR B 615 7.11 20.91 -0.05
N LEU B 616 6.97 19.89 0.80
CA LEU B 616 6.68 20.12 2.24
C LEU B 616 7.89 20.73 2.95
N MET B 617 9.11 20.38 2.53
CA MET B 617 10.32 20.90 3.22
C MET B 617 10.29 22.43 3.20
N GLY B 618 9.83 23.02 2.08
CA GLY B 618 9.73 24.48 1.99
C GLY B 618 8.79 25.04 3.05
N TRP B 619 7.68 24.35 3.32
CA TRP B 619 6.69 24.81 4.33
C TRP B 619 7.36 24.91 5.71
N LEU B 620 8.31 24.02 6.02
CA LEU B 620 8.91 24.00 7.37
C LEU B 620 10.05 25.03 7.45
N ARG B 621 11.06 24.89 6.58
CA ARG B 621 12.25 25.78 6.65
C ARG B 621 11.89 27.21 6.21
N ASP B 622 11.16 27.36 5.10
CA ASP B 622 10.88 28.72 4.57
C ASP B 622 9.75 29.40 5.35
N TYR B 623 8.90 28.64 6.04
CA TYR B 623 7.74 29.25 6.73
C TYR B 623 7.92 29.15 8.25
N LEU B 624 7.73 27.95 8.82
CA LEU B 624 7.78 27.80 10.30
C LEU B 624 9.17 28.19 10.83
N TRP B 625 10.24 27.61 10.26
CA TRP B 625 11.60 27.87 10.79
C TRP B 625 12.03 29.31 10.53
N LEU B 626 11.87 29.80 9.30
CA LEU B 626 12.36 31.17 8.96
C LEU B 626 11.63 32.22 9.79
N ASN B 627 10.29 32.16 9.86
CA ASN B 627 9.51 33.20 10.57
C ASN B 627 9.74 33.11 12.09
N SER B 628 9.99 31.91 12.61
CA SER B 628 10.14 31.72 14.08
C SER B 628 11.45 32.36 14.56
N SER B 629 12.32 32.78 13.65
CA SER B 629 13.64 33.34 14.03
C SER B 629 13.48 34.52 15.00
N GLN B 630 12.55 35.42 14.73
CA GLN B 630 12.38 36.64 15.57
C GLN B 630 11.64 36.28 16.86
N LEU B 631 10.46 35.68 16.75
CA LEU B 631 9.64 35.32 17.95
C LEU B 631 10.52 34.69 19.02
N ILE B 632 11.30 33.66 18.69
CA ILE B 632 12.16 32.94 19.68
C ILE B 632 13.19 33.90 20.27
N ASN B 633 13.51 35.01 19.61
CA ASN B 633 14.53 35.92 20.12
C ASN B 633 13.84 37.06 20.87
N GLY B 634 12.66 36.82 21.41
CA GLY B 634 12.05 37.84 22.25
C GLY B 634 12.86 38.15 23.48
N TYR B 635 13.45 37.11 24.08
CA TYR B 635 14.33 37.28 25.26
C TYR B 635 15.53 36.33 25.13
N ASN B 636 16.74 36.90 25.00
CA ASN B 636 17.98 36.14 24.85
C ASN B 636 18.96 36.61 25.90
N PRO B 637 20.07 35.87 26.11
CA PRO B 637 21.02 36.25 27.17
C PRO B 637 21.58 37.66 27.07
N PHE B 638 21.24 38.39 25.99
CA PHE B 638 21.72 39.75 25.82
C PHE B 638 20.67 40.81 26.08
N GLY B 639 19.40 40.46 26.14
CA GLY B 639 18.36 41.43 26.41
C GLY B 639 17.00 40.88 26.04
N MET B 640 16.02 41.78 26.01
CA MET B 640 14.63 41.40 25.65
C MET B 640 13.95 42.59 24.97
N ASN B 641 13.02 42.32 24.06
CA ASN B 641 12.28 43.35 23.34
C ASN B 641 10.78 43.15 23.51
N SER B 642 9.98 43.89 22.76
CA SER B 642 8.53 43.86 22.92
C SER B 642 7.90 42.53 22.54
N LEU B 643 8.66 41.64 21.93
CA LEU B 643 8.09 40.33 21.47
C LEU B 643 8.35 39.28 22.55
N SER B 644 8.70 39.72 23.76
CA SER B 644 9.05 38.76 24.84
C SER B 644 7.80 37.97 25.26
N VAL B 645 6.65 38.64 25.37
CA VAL B 645 5.40 37.97 25.82
C VAL B 645 5.07 36.85 24.83
N TRP B 646 5.19 37.11 23.52
CA TRP B 646 4.84 36.10 22.50
C TRP B 646 5.82 34.92 22.58
N ALA B 647 7.11 35.19 22.77
CA ALA B 647 8.09 34.09 22.94
C ALA B 647 7.70 33.26 24.17
N TRP B 648 7.36 33.94 25.27
CA TRP B 648 6.98 33.22 26.52
C TRP B 648 5.71 32.39 26.26
N ILE B 649 4.73 32.98 25.57
CA ILE B 649 3.45 32.26 25.25
C ILE B 649 3.77 31.09 24.31
N PHE B 650 4.58 31.34 23.29
CA PHE B 650 4.93 30.28 22.30
C PHE B 650 5.39 29.04 23.08
N LEU B 651 6.33 29.21 24.01
CA LEU B 651 6.81 28.07 24.83
C LEU B 651 5.67 27.59 25.73
N PHE B 652 4.92 28.53 26.31
CA PHE B 652 3.79 28.17 27.22
C PHE B 652 2.82 27.26 26.46
N GLY B 653 2.51 27.60 25.20
CA GLY B 653 1.61 26.77 24.38
C GLY B 653 2.14 25.35 24.28
N HIS B 654 3.43 25.20 23.96
CA HIS B 654 4.05 23.85 23.86
C HIS B 654 3.83 23.10 25.18
N LEU B 655 4.02 23.79 26.31
CA LEU B 655 3.88 23.12 27.64
C LEU B 655 2.46 22.59 27.81
N VAL B 656 1.45 23.44 27.60
CA VAL B 656 0.03 23.01 27.77
C VAL B 656 -0.26 21.88 26.77
N TYR B 657 0.25 22.01 25.55
CA TYR B 657 0.00 20.98 24.50
C TYR B 657 0.58 19.64 24.95
N ALA B 658 1.82 19.64 25.44
CA ALA B 658 2.48 18.39 25.88
C ALA B 658 1.75 17.82 27.09
N THR B 659 1.35 18.68 28.04
CA THR B 659 0.62 18.23 29.25
C THR B 659 -0.64 17.48 28.80
N GLY B 660 -1.31 17.96 27.75
CA GLY B 660 -2.53 17.30 27.25
C GLY B 660 -2.26 15.86 26.84
N PHE B 661 -1.04 15.57 26.38
CA PHE B 661 -0.69 14.20 25.93
C PHE B 661 -0.83 13.20 27.08
N MET B 662 -0.29 13.52 28.26
CA MET B 662 -0.33 12.59 29.41
C MET B 662 -1.76 12.08 29.64
N PHE B 663 -2.74 13.00 29.63
CA PHE B 663 -4.15 12.62 29.91
C PHE B 663 -4.70 11.77 28.76
N LEU B 664 -4.04 11.76 27.61
CA LEU B 664 -4.53 11.00 26.43
C LEU B 664 -3.72 9.71 26.26
N ILE B 665 -2.39 9.80 26.36
CA ILE B 665 -1.53 8.60 26.23
C ILE B 665 -1.73 7.72 27.45
N SER B 666 -1.55 8.27 28.66
CA SER B 666 -1.72 7.48 29.92
C SER B 666 -3.22 7.32 30.22
N TRP B 667 -3.61 6.23 30.89
CA TRP B 667 -5.05 5.98 31.17
C TRP B 667 -5.28 5.81 32.67
N ARG B 668 -6.55 5.79 33.10
CA ARG B 668 -6.90 5.70 34.54
C ARG B 668 -6.55 4.31 35.06
N GLY B 669 -5.63 4.22 36.04
CA GLY B 669 -5.22 2.93 36.59
C GLY B 669 -3.86 3.08 37.28
N TYR B 670 -2.84 3.42 36.50
CA TYR B 670 -1.50 3.69 37.09
C TYR B 670 -1.65 4.86 38.08
N TRP B 671 -2.44 5.87 37.69
CA TRP B 671 -2.68 7.05 38.56
C TRP B 671 -3.53 6.64 39.77
N GLN B 672 -4.60 5.89 39.53
CA GLN B 672 -5.50 5.46 40.64
C GLN B 672 -4.67 4.75 41.71
N GLU B 673 -3.97 3.68 41.32
CA GLU B 673 -3.14 2.92 42.29
C GLU B 673 -2.13 3.85 42.95
N LEU B 674 -1.56 4.79 42.17
CA LEU B 674 -0.57 5.76 42.72
C LEU B 674 -1.26 6.62 43.79
N ILE B 675 -2.49 7.06 43.52
CA ILE B 675 -3.26 7.88 44.51
C ILE B 675 -3.46 7.06 45.77
N GLU B 676 -3.70 5.75 45.62
CA GLU B 676 -3.89 4.87 46.81
C GLU B 676 -2.66 4.95 47.70
N THR B 677 -1.46 4.85 47.11
CA THR B 677 -0.20 4.92 47.89
C THR B 677 -0.10 6.29 48.56
N LEU B 678 -0.45 7.36 47.84
CA LEU B 678 -0.39 8.74 48.41
C LEU B 678 -1.33 8.83 49.61
N VAL B 679 -2.54 8.26 49.49
CA VAL B 679 -3.53 8.29 50.60
C VAL B 679 -2.90 7.61 51.83
N TRP B 680 -2.29 6.45 51.62
CA TRP B 680 -1.64 5.71 52.74
C TRP B 680 -0.59 6.60 53.40
N ALA B 681 0.32 7.16 52.61
CA ALA B 681 1.44 7.97 53.16
C ALA B 681 0.88 9.09 54.05
N HIS B 682 -0.09 9.84 53.55
CA HIS B 682 -0.62 11.01 54.32
C HIS B 682 -1.21 10.52 55.65
N GLU B 683 -1.99 9.44 55.61
CA GLU B 683 -2.65 8.93 56.85
C GLU B 683 -1.57 8.50 57.86
N LYS B 684 -0.41 8.06 57.37
CA LYS B 684 0.65 7.56 58.28
C LYS B 684 1.56 8.72 58.72
N THR B 685 1.75 9.71 57.84
CA THR B 685 2.66 10.84 58.16
C THR B 685 2.17 11.54 59.43
N PRO B 686 3.04 11.76 60.45
CA PRO B 686 2.66 12.49 61.66
C PRO B 686 2.62 14.01 61.43
N LEU B 687 1.86 14.73 62.27
CA LEU B 687 1.76 16.22 62.14
C LEU B 687 0.97 16.58 60.88
N ALA B 688 0.94 15.69 59.89
CA ALA B 688 0.15 15.93 58.66
C ALA B 688 -1.12 15.10 58.71
N ASN B 689 -1.09 13.97 59.42
CA ASN B 689 -2.30 13.12 59.58
C ASN B 689 -3.42 13.96 60.21
N LEU B 690 -3.05 14.97 60.99
CA LEU B 690 -4.05 15.84 61.65
C LEU B 690 -4.96 16.43 60.57
N VAL B 691 -4.38 17.10 59.58
CA VAL B 691 -5.17 17.65 58.44
C VAL B 691 -5.58 16.49 57.54
N TYR B 692 -6.85 16.46 57.10
CA TYR B 692 -7.34 15.34 56.27
C TYR B 692 -8.27 15.86 55.17
N TRP B 693 -8.51 15.05 54.14
CA TRP B 693 -9.36 15.47 53.00
C TRP B 693 -10.83 15.18 53.29
N LYS B 694 -11.72 16.12 52.97
CA LYS B 694 -13.18 15.89 53.14
C LYS B 694 -13.68 14.97 52.03
N ASP B 695 -13.14 15.11 50.82
CA ASP B 695 -13.54 14.24 49.68
C ASP B 695 -12.42 13.23 49.40
N LYS B 696 -12.78 11.96 49.21
CA LYS B 696 -11.76 10.90 48.93
C LYS B 696 -11.08 11.20 47.60
N PRO B 697 -9.74 11.35 47.57
CA PRO B 697 -9.01 11.61 46.33
C PRO B 697 -9.13 10.44 45.35
N VAL B 698 -9.65 10.67 44.14
CA VAL B 698 -9.76 9.59 43.12
C VAL B 698 -9.17 10.10 41.80
N ALA B 699 -8.74 9.19 40.92
CA ALA B 699 -8.12 9.59 39.63
C ALA B 699 -9.19 10.17 38.70
N LEU B 700 -8.78 10.94 37.69
CA LEU B 700 -9.74 11.56 36.75
C LEU B 700 -10.55 10.47 36.04
N SER B 701 -11.83 10.72 35.77
CA SER B 701 -12.69 9.72 35.08
C SER B 701 -12.12 9.38 33.71
N ILE B 702 -12.53 8.24 33.14
CA ILE B 702 -12.01 7.82 31.79
C ILE B 702 -12.40 8.87 30.76
N VAL B 703 -13.67 9.28 30.74
CA VAL B 703 -14.13 10.33 29.78
C VAL B 703 -13.56 11.67 30.22
N GLN B 704 -13.54 11.94 31.53
CA GLN B 704 -13.02 13.23 32.05
C GLN B 704 -11.62 13.50 31.51
N ALA B 705 -10.70 12.55 31.70
CA ALA B 705 -9.30 12.74 31.26
C ALA B 705 -9.27 13.00 29.74
N ARG B 706 -10.17 12.38 28.99
CA ARG B 706 -10.23 12.58 27.52
C ARG B 706 -10.44 14.07 27.24
N LEU B 707 -11.38 14.70 27.95
CA LEU B 707 -11.69 16.13 27.68
C LEU B 707 -10.58 17.00 28.28
N VAL B 708 -10.04 16.62 29.43
CA VAL B 708 -8.99 17.44 30.10
C VAL B 708 -7.75 17.47 29.20
N GLY B 709 -7.30 16.30 28.73
CA GLY B 709 -6.15 16.26 27.82
C GLY B 709 -6.44 17.04 26.54
N LEU B 710 -7.65 16.89 26.00
CA LEU B 710 -8.03 17.58 24.74
C LEU B 710 -8.05 19.09 24.94
N THR B 711 -8.54 19.57 26.10
CA THR B 711 -8.52 21.03 26.38
C THR B 711 -7.06 21.51 26.41
N HIS B 712 -6.19 20.80 27.12
CA HIS B 712 -4.74 21.16 27.13
C HIS B 712 -4.21 21.12 25.69
N PHE B 713 -4.51 20.05 24.95
CA PHE B 713 -4.01 19.91 23.56
C PHE B 713 -4.48 21.09 22.70
N SER B 714 -5.77 21.41 22.79
CA SER B 714 -6.34 22.52 21.98
C SER B 714 -5.73 23.85 22.41
N VAL B 715 -5.76 24.15 23.72
CA VAL B 715 -5.22 25.44 24.23
C VAL B 715 -3.80 25.63 23.66
N GLY B 716 -2.97 24.59 23.73
CA GLY B 716 -1.61 24.67 23.16
C GLY B 716 -1.66 25.07 21.70
N TYR B 717 -2.26 24.23 20.85
CA TYR B 717 -2.37 24.51 19.40
C TYR B 717 -2.80 25.95 19.12
N VAL B 718 -3.59 26.54 20.03
CA VAL B 718 -4.11 27.93 19.81
C VAL B 718 -3.03 28.93 20.23
N PHE B 719 -2.55 28.82 21.47
CA PHE B 719 -1.54 29.78 21.99
C PHE B 719 -0.26 29.70 21.16
N THR B 720 0.20 28.48 20.86
CA THR B 720 1.47 28.31 20.10
C THR B 720 1.34 29.01 18.75
N TYR B 721 0.21 28.83 18.05
CA TYR B 721 -0.01 29.49 16.74
C TYR B 721 -0.28 30.98 16.93
N ALA B 722 -1.24 31.36 17.75
CA ALA B 722 -1.49 32.79 18.00
C ALA B 722 -0.18 33.52 18.22
N ALA B 723 0.73 32.96 19.00
CA ALA B 723 2.05 33.58 19.21
C ALA B 723 2.73 33.75 17.85
N PHE B 724 2.95 32.67 17.11
CA PHE B 724 3.58 32.75 15.76
C PHE B 724 2.83 33.75 14.90
N LEU B 725 1.58 33.48 14.57
CA LEU B 725 0.79 34.34 13.65
C LEU B 725 0.94 35.80 14.00
N ILE B 726 1.08 36.18 15.27
CA ILE B 726 1.10 37.63 15.64
C ILE B 726 2.54 38.12 15.73
N ALA B 727 3.46 37.34 16.29
CA ALA B 727 4.84 37.85 16.50
C ALA B 727 5.65 37.78 15.22
N SER B 728 5.32 36.90 14.29
CA SER B 728 6.00 36.86 13.00
C SER B 728 5.46 37.90 12.04
N THR B 729 4.15 38.15 12.10
CA THR B 729 3.53 39.19 11.22
C THR B 729 3.94 40.58 11.72
N SER B 730 3.89 40.79 13.03
CA SER B 730 4.24 42.11 13.63
C SER B 730 5.75 42.37 13.51
N GLY B 731 6.57 41.35 13.79
CA GLY B 731 8.04 41.52 13.77
C GLY B 731 8.53 42.17 12.49
N LYS B 732 7.73 42.14 11.42
CA LYS B 732 8.13 42.69 10.14
C LYS B 732 7.17 43.80 9.71
N SER C 1 -24.68 3.31 42.44
CA SER C 1 -24.37 1.88 42.18
C SER C 1 -24.70 1.54 40.72
N HIS C 2 -23.89 0.66 40.11
CA HIS C 2 -24.13 0.24 38.71
C HIS C 2 -25.42 -0.59 38.65
N ILE C 3 -26.09 -0.60 37.49
CA ILE C 3 -27.37 -1.36 37.34
C ILE C 3 -27.09 -2.65 36.56
N VAL C 4 -27.32 -3.81 37.18
CA VAL C 4 -27.12 -5.11 36.48
C VAL C 4 -28.50 -5.72 36.20
N LYS C 5 -28.77 -6.08 34.94
CA LYS C 5 -30.08 -6.67 34.57
C LYS C 5 -29.86 -7.96 33.79
N ILE C 6 -30.59 -9.03 34.16
CA ILE C 6 -30.47 -10.33 33.43
C ILE C 6 -31.68 -10.46 32.50
N TYR C 7 -31.44 -10.53 31.18
CA TYR C 7 -32.55 -10.60 30.21
C TYR C 7 -32.98 -12.06 30.00
N ASP C 8 -34.18 -12.26 29.43
CA ASP C 8 -34.70 -13.63 29.21
C ASP C 8 -33.71 -14.45 28.36
N THR C 9 -32.77 -13.77 27.69
CA THR C 9 -31.81 -14.48 26.81
C THR C 9 -30.74 -15.17 27.67
N CYS C 10 -31.14 -15.72 28.82
CA CYS C 10 -30.19 -16.40 29.74
C CYS C 10 -30.28 -17.92 29.55
N ILE C 11 -29.15 -18.61 29.55
CA ILE C 11 -29.14 -20.10 29.34
C ILE C 11 -28.80 -20.79 30.67
N GLY C 12 -28.70 -20.01 31.77
CA GLY C 12 -28.37 -20.59 33.09
C GLY C 12 -27.02 -21.27 33.08
N CYS C 13 -26.04 -20.70 32.38
CA CYS C 13 -24.67 -21.27 32.31
C CYS C 13 -23.95 -21.07 33.64
N THR C 14 -24.39 -20.08 34.44
CA THR C 14 -23.78 -19.82 35.78
C THR C 14 -22.36 -19.26 35.61
N GLN C 15 -21.92 -19.05 34.37
CA GLN C 15 -20.54 -18.55 34.11
C GLN C 15 -20.40 -17.12 34.63
N CYS C 16 -21.40 -16.28 34.37
CA CYS C 16 -21.38 -14.87 34.85
C CYS C 16 -21.27 -14.86 36.38
N VAL C 17 -21.97 -15.78 37.04
CA VAL C 17 -21.93 -15.88 38.53
C VAL C 17 -20.50 -16.26 38.95
N ARG C 18 -19.95 -17.33 38.36
CA ARG C 18 -18.58 -17.78 38.72
C ARG C 18 -17.56 -16.75 38.21
N ALA C 19 -18.02 -15.57 37.81
CA ALA C 19 -17.11 -14.55 37.25
C ALA C 19 -17.17 -13.26 38.08
N CYS C 20 -18.28 -13.04 38.80
CA CYS C 20 -18.44 -11.79 39.59
C CYS C 20 -17.37 -11.74 40.69
N PRO C 21 -16.59 -10.64 40.80
CA PRO C 21 -15.54 -10.53 41.82
C PRO C 21 -16.06 -10.03 43.18
N LEU C 22 -17.31 -9.60 43.24
CA LEU C 22 -17.87 -9.06 44.51
C LEU C 22 -19.24 -9.67 44.81
N ASP C 23 -19.44 -10.95 44.50
CA ASP C 23 -20.71 -11.65 44.83
C ASP C 23 -21.90 -10.71 44.61
N VAL C 24 -22.21 -10.39 43.36
CA VAL C 24 -23.39 -9.53 43.04
C VAL C 24 -24.44 -10.38 42.33
N LEU C 25 -24.04 -11.51 41.76
CA LEU C 25 -24.99 -12.34 40.98
C LEU C 25 -25.15 -13.72 41.62
N GLU C 26 -26.32 -14.34 41.47
CA GLU C 26 -26.56 -15.71 42.00
C GLU C 26 -27.46 -16.46 41.01
N MET C 27 -27.51 -17.79 41.10
CA MET C 27 -28.33 -18.59 40.16
C MET C 27 -29.65 -18.99 40.82
N VAL C 28 -30.78 -18.50 40.30
CA VAL C 28 -32.12 -18.85 40.86
C VAL C 28 -32.85 -19.75 39.86
N PRO C 29 -33.82 -20.58 40.30
CA PRO C 29 -34.52 -21.50 39.39
C PRO C 29 -35.49 -20.81 38.43
N TRP C 30 -35.58 -21.27 37.17
CA TRP C 30 -36.50 -20.68 36.14
C TRP C 30 -36.95 -21.80 35.20
N ASN C 31 -37.85 -21.52 34.25
CA ASN C 31 -38.42 -22.58 33.39
C ASN C 31 -38.21 -22.30 31.90
N GLY C 32 -37.60 -21.18 31.53
CA GLY C 32 -37.52 -20.85 30.10
C GLY C 32 -36.26 -21.40 29.46
N CYS C 33 -35.42 -22.11 30.21
CA CYS C 33 -34.21 -22.74 29.61
C CYS C 33 -34.15 -24.21 30.00
N LYS C 34 -33.44 -25.03 29.22
CA LYS C 34 -33.34 -26.48 29.51
C LYS C 34 -32.45 -26.72 30.72
N ALA C 35 -31.77 -25.69 31.22
CA ALA C 35 -30.92 -25.82 32.43
C ALA C 35 -31.72 -25.38 33.65
N ASN C 36 -32.98 -25.00 33.45
CA ASN C 36 -33.89 -24.61 34.55
C ASN C 36 -33.15 -23.74 35.56
N GLN C 37 -32.50 -22.67 35.10
CA GLN C 37 -31.74 -21.74 35.96
C GLN C 37 -31.66 -20.39 35.26
N MET C 38 -31.73 -19.30 36.02
CA MET C 38 -31.59 -17.94 35.43
C MET C 38 -30.85 -17.05 36.44
N ALA C 39 -29.69 -16.53 36.05
CA ALA C 39 -28.87 -15.72 36.98
C ALA C 39 -29.69 -14.51 37.46
N SER C 40 -29.66 -14.23 38.76
CA SER C 40 -30.33 -13.01 39.29
C SER C 40 -29.24 -12.07 39.81
N ALA C 41 -29.55 -10.80 40.03
CA ALA C 41 -28.50 -9.92 40.60
C ALA C 41 -29.00 -9.42 41.96
N PRO C 42 -28.95 -10.24 43.03
CA PRO C 42 -29.50 -9.80 44.29
C PRO C 42 -28.78 -8.59 44.90
N ARG C 43 -27.45 -8.56 44.92
CA ARG C 43 -26.70 -7.49 45.62
C ARG C 43 -25.97 -6.59 44.64
N THR C 44 -26.68 -5.81 43.83
CA THR C 44 -26.00 -4.83 42.92
C THR C 44 -25.46 -3.66 43.74
N GLU C 45 -25.51 -3.75 45.07
CA GLU C 45 -24.93 -2.67 45.91
C GLU C 45 -23.42 -2.92 46.04
N ASP C 46 -22.94 -4.08 45.59
CA ASP C 46 -21.49 -4.41 45.69
C ASP C 46 -20.88 -4.42 44.28
N CYS C 47 -21.68 -4.07 43.25
CA CYS C 47 -21.18 -4.07 41.86
C CYS C 47 -20.12 -2.97 41.70
N VAL C 48 -18.99 -3.28 41.08
CA VAL C 48 -17.90 -2.28 40.87
C VAL C 48 -17.95 -1.80 39.42
N GLY C 49 -18.67 -2.52 38.54
CA GLY C 49 -18.77 -2.13 37.13
C GLY C 49 -17.67 -2.76 36.29
N CYS C 50 -17.02 -3.80 36.82
CA CYS C 50 -15.90 -4.47 36.10
C CYS C 50 -16.39 -5.03 34.77
N LYS C 51 -17.67 -5.43 34.71
CA LYS C 51 -18.25 -6.00 33.46
C LYS C 51 -17.58 -7.35 33.14
N ARG C 52 -17.03 -8.02 34.16
CA ARG C 52 -16.43 -9.36 33.95
C ARG C 52 -17.54 -10.34 33.54
N CYS C 53 -18.72 -10.20 34.15
CA CYS C 53 -19.85 -11.12 33.85
C CYS C 53 -20.18 -11.07 32.35
N GLU C 54 -20.28 -9.86 31.79
CA GLU C 54 -20.60 -9.70 30.34
C GLU C 54 -19.54 -10.44 29.52
N THR C 55 -18.27 -10.29 29.89
CA THR C 55 -17.17 -10.98 29.18
C THR C 55 -17.37 -12.50 29.32
N ALA C 56 -18.29 -12.92 30.20
CA ALA C 56 -18.51 -14.36 30.44
C ALA C 56 -19.89 -14.78 29.94
N CYS C 57 -20.68 -13.84 29.40
CA CYS C 57 -22.02 -14.17 28.86
C CYS C 57 -21.87 -14.70 27.43
N PRO C 58 -22.23 -15.98 27.15
CA PRO C 58 -22.05 -16.56 25.83
C PRO C 58 -23.23 -16.34 24.88
N THR C 59 -24.37 -15.88 25.40
CA THR C 59 -25.58 -15.72 24.57
C THR C 59 -25.39 -14.57 23.58
N ASP C 60 -26.08 -14.61 22.44
CA ASP C 60 -26.00 -13.50 21.45
C ASP C 60 -26.14 -12.17 22.20
N PHE C 61 -25.46 -11.12 21.73
CA PHE C 61 -25.46 -9.84 22.49
C PHE C 61 -25.03 -10.14 23.93
N LEU C 62 -25.85 -9.75 24.91
CA LEU C 62 -25.51 -9.99 26.34
C LEU C 62 -26.79 -10.19 27.15
N SER C 63 -26.97 -11.36 27.75
CA SER C 63 -28.14 -11.58 28.64
C SER C 63 -27.94 -10.74 29.92
N VAL C 64 -26.71 -10.69 30.43
CA VAL C 64 -26.41 -9.86 31.63
C VAL C 64 -25.89 -8.50 31.16
N ARG C 65 -26.43 -7.41 31.71
CA ARG C 65 -26.02 -6.05 31.29
C ARG C 65 -25.65 -5.22 32.53
N VAL C 66 -24.47 -4.60 32.52
CA VAL C 66 -24.04 -3.73 33.66
C VAL C 66 -24.04 -2.28 33.17
N TYR C 67 -25.01 -1.48 33.64
CA TYR C 67 -25.12 -0.07 33.21
C TYR C 67 -24.44 0.82 34.25
N LEU C 68 -23.16 1.17 34.02
CA LEU C 68 -22.40 1.97 35.01
C LEU C 68 -23.16 3.25 35.28
N GLY C 69 -23.54 3.48 36.55
CA GLY C 69 -24.29 4.70 36.92
C GLY C 69 -23.65 5.44 38.08
N SER C 70 -24.37 5.61 39.18
CA SER C 70 -23.86 6.37 40.35
C SER C 70 -22.61 5.67 40.92
N GLU C 71 -21.69 6.44 41.50
CA GLU C 71 -20.43 5.87 42.04
C GLU C 71 -20.36 6.08 43.55
N SER C 72 -20.10 5.01 44.32
CA SER C 72 -19.95 5.13 45.79
C SER C 72 -18.57 4.59 46.18
N THR C 73 -18.29 4.51 47.49
CA THR C 73 -16.99 3.92 47.94
C THR C 73 -16.90 2.48 47.45
N ARG C 74 -17.99 1.70 47.59
CA ARG C 74 -18.01 0.30 47.10
C ARG C 74 -17.97 0.33 45.57
N SER C 75 -18.84 1.14 44.95
CA SER C 75 -18.90 1.22 43.46
C SER C 75 -17.54 1.62 42.91
N MET C 76 -16.83 2.52 43.60
CA MET C 76 -15.49 2.97 43.15
C MET C 76 -14.42 2.02 43.70
N GLY C 77 -14.83 1.05 44.52
CA GLY C 77 -13.88 0.11 45.14
C GLY C 77 -12.76 0.87 45.84
N LEU C 78 -13.11 1.75 46.77
CA LEU C 78 -12.09 2.58 47.48
C LEU C 78 -11.84 1.99 48.87
N SER C 79 -10.57 1.66 49.18
CA SER C 79 -10.23 1.14 50.53
C SER C 79 -9.74 2.31 51.40
N TYR C 80 -9.71 3.52 50.85
CA TYR C 80 -9.23 4.71 51.60
C TYR C 80 -9.75 4.64 53.05
N TRP D 1 -29.22 -24.93 57.57
CA TRP D 1 -28.14 -23.90 57.62
C TRP D 1 -28.62 -22.72 58.47
N THR D 2 -27.73 -22.17 59.30
CA THR D 2 -28.07 -20.95 60.09
C THR D 2 -26.92 -19.96 59.92
N GLU D 3 -27.21 -18.74 59.43
CA GLU D 3 -26.17 -17.70 59.19
C GLU D 3 -25.11 -17.75 60.28
N PRO D 4 -23.88 -18.27 60.00
CA PRO D 4 -22.85 -18.39 61.03
C PRO D 4 -22.61 -17.07 61.77
N THR D 5 -22.37 -17.13 63.08
CA THR D 5 -22.08 -15.90 63.88
C THR D 5 -20.56 -15.73 64.03
N LEU D 6 -20.04 -14.51 63.90
CA LEU D 6 -18.57 -14.29 63.92
C LEU D 6 -18.01 -14.56 65.31
N ASN D 7 -16.91 -15.32 65.38
CA ASN D 7 -16.22 -15.50 66.68
C ASN D 7 -14.99 -14.60 66.59
N PRO D 8 -15.01 -13.37 67.14
CA PRO D 8 -13.88 -12.44 66.98
C PRO D 8 -12.66 -12.85 67.83
N ASP D 9 -12.65 -14.09 68.31
CA ASP D 9 -11.50 -14.61 69.08
C ASP D 9 -10.94 -15.82 68.31
N THR D 10 -11.03 -15.79 66.98
CA THR D 10 -10.57 -16.92 66.14
C THR D 10 -9.08 -16.72 65.85
N PRO D 11 -8.23 -17.74 66.06
CA PRO D 11 -6.82 -17.63 65.76
C PRO D 11 -6.64 -17.01 64.37
N SER D 12 -5.79 -16.00 64.25
CA SER D 12 -5.52 -15.37 62.94
C SER D 12 -4.25 -15.95 62.31
N PRO D 13 -4.17 -16.17 60.98
CA PRO D 13 -2.94 -16.63 60.34
C PRO D 13 -1.65 -15.91 60.71
N ILE D 14 -0.49 -16.52 60.50
CA ILE D 14 0.80 -15.91 60.92
C ILE D 14 1.32 -14.98 59.82
N PHE D 15 1.53 -13.71 60.14
CA PHE D 15 1.95 -12.71 59.12
C PHE D 15 2.63 -11.55 59.85
N GLY D 16 3.79 -11.12 59.38
CA GLY D 16 4.53 -10.05 60.05
C GLY D 16 3.87 -8.68 59.96
N GLY D 17 3.12 -8.43 58.90
CA GLY D 17 2.44 -7.14 58.74
C GLY D 17 2.83 -6.50 57.45
N SER D 18 1.96 -5.68 56.86
CA SER D 18 2.27 -5.07 55.55
C SER D 18 1.78 -3.64 55.47
N THR D 19 2.49 -2.79 54.74
CA THR D 19 2.02 -1.41 54.49
C THR D 19 1.08 -1.55 53.31
N GLY D 20 -0.03 -2.25 53.52
CA GLY D 20 -0.99 -2.48 52.44
C GLY D 20 -2.24 -3.13 52.97
N GLY D 21 -2.73 -2.69 54.12
CA GLY D 21 -3.89 -3.35 54.73
C GLY D 21 -5.05 -2.42 54.98
N LEU D 22 -5.45 -2.24 56.23
CA LEU D 22 -6.67 -1.42 56.52
C LEU D 22 -6.29 0.04 56.77
N LEU D 23 -7.19 0.97 56.47
CA LEU D 23 -6.93 2.41 56.69
C LEU D 23 -8.04 2.99 57.57
N ARG D 24 -8.26 4.31 57.51
CA ARG D 24 -9.29 4.96 58.34
C ARG D 24 -10.67 4.41 58.00
N LYS D 25 -10.90 4.09 56.71
CA LYS D 25 -12.23 3.59 56.26
C LYS D 25 -12.67 2.43 57.16
N ALA D 26 -11.73 1.55 57.53
CA ALA D 26 -12.09 0.36 58.33
C ALA D 26 -12.90 0.78 59.57
N GLN D 27 -12.54 1.91 60.18
CA GLN D 27 -13.21 2.36 61.43
C GLN D 27 -14.29 3.39 61.09
N VAL D 28 -13.95 4.42 60.31
CA VAL D 28 -14.93 5.51 59.99
C VAL D 28 -16.05 4.94 59.13
N GLU D 29 -15.72 4.09 58.15
CA GLU D 29 -16.75 3.57 57.21
C GLU D 29 -17.13 2.14 57.58
N GLU D 30 -16.31 1.16 57.21
CA GLU D 30 -16.64 -0.27 57.49
C GLU D 30 -15.46 -1.16 57.07
N PHE D 31 -15.50 -2.44 57.47
CA PHE D 31 -14.45 -3.39 57.04
C PHE D 31 -15.09 -4.78 56.93
N TYR D 32 -14.33 -5.78 56.47
CA TYR D 32 -14.92 -7.12 56.26
C TYR D 32 -14.03 -8.16 56.93
N VAL D 33 -14.59 -9.32 57.29
CA VAL D 33 -13.79 -10.35 58.03
C VAL D 33 -14.02 -11.72 57.40
N ILE D 34 -13.02 -12.27 56.72
CA ILE D 34 -13.14 -13.64 56.11
C ILE D 34 -12.68 -14.66 57.15
N THR D 35 -13.35 -15.83 57.19
CA THR D 35 -12.98 -16.90 58.15
C THR D 35 -13.03 -18.25 57.44
N TRP D 36 -12.13 -19.17 57.80
CA TRP D 36 -12.11 -20.52 57.18
C TRP D 36 -11.57 -21.56 58.17
N GLU D 37 -11.43 -22.80 57.72
CA GLU D 37 -10.97 -23.88 58.61
C GLU D 37 -9.96 -24.73 57.85
N SER D 38 -8.68 -24.63 58.20
CA SER D 38 -7.63 -25.34 57.44
C SER D 38 -7.45 -26.79 57.89
N ASN D 39 -6.79 -27.59 57.06
CA ASN D 39 -6.48 -28.99 57.40
C ASN D 39 -5.05 -29.06 57.91
N LYS D 40 -4.17 -28.21 57.38
CA LYS D 40 -2.75 -28.16 57.84
C LYS D 40 -2.25 -26.71 57.86
N GLU D 41 -1.11 -26.46 58.49
CA GLU D 41 -0.49 -25.12 58.47
C GLU D 41 0.20 -24.94 57.12
N GLN D 42 -0.29 -24.03 56.28
CA GLN D 42 0.24 -23.88 54.91
C GLN D 42 0.46 -22.41 54.61
N ILE D 43 1.43 -22.08 53.76
CA ILE D 43 1.66 -20.66 53.34
C ILE D 43 0.70 -20.32 52.19
N PHE D 44 -0.07 -19.24 52.32
CA PHE D 44 -0.95 -18.77 51.22
C PHE D 44 -0.52 -17.35 50.82
N GLU D 45 -1.05 -16.80 49.72
CA GLU D 45 -0.71 -15.42 49.29
C GLU D 45 -1.83 -14.49 49.72
N MET D 46 -1.48 -13.37 50.33
CA MET D 46 -2.51 -12.45 50.83
C MET D 46 -3.03 -11.60 49.68
N PRO D 47 -4.35 -11.38 49.56
CA PRO D 47 -4.90 -10.50 48.54
C PRO D 47 -4.49 -9.03 48.72
N THR D 48 -3.66 -8.74 49.71
CA THR D 48 -3.21 -7.35 50.00
C THR D 48 -1.74 -7.23 49.64
N GLY D 49 -0.98 -8.34 49.71
CA GLY D 49 0.44 -8.33 49.33
C GLY D 49 1.25 -9.16 50.28
N GLY D 50 1.93 -10.20 49.80
CA GLY D 50 2.83 -10.97 50.66
C GLY D 50 2.41 -12.41 50.86
N ALA D 51 3.04 -13.12 51.79
CA ALA D 51 2.69 -14.52 52.10
C ALA D 51 2.41 -14.68 53.58
N ALA D 52 1.54 -15.61 53.94
CA ALA D 52 1.18 -15.83 55.37
C ALA D 52 0.96 -17.32 55.64
N ILE D 53 1.32 -17.78 56.83
CA ILE D 53 1.13 -19.21 57.20
C ILE D 53 -0.23 -19.37 57.88
N MET D 54 -1.19 -20.01 57.20
CA MET D 54 -2.51 -20.26 57.79
C MET D 54 -2.35 -21.26 58.93
N ARG D 55 -3.14 -21.12 59.98
CA ARG D 55 -2.97 -21.98 61.17
C ARG D 55 -3.90 -23.18 61.01
N LYS D 56 -3.68 -24.24 61.78
CA LYS D 56 -4.52 -25.45 61.63
C LYS D 56 -5.86 -25.18 62.29
N GLY D 57 -6.95 -25.54 61.64
CA GLY D 57 -8.29 -25.30 62.20
C GLY D 57 -8.74 -23.87 61.97
N PRO D 58 -9.54 -23.29 62.86
CA PRO D 58 -10.09 -21.95 62.64
C PRO D 58 -9.07 -20.85 62.27
N ASN D 59 -9.37 -20.02 61.25
CA ASN D 59 -8.51 -18.86 60.87
C ASN D 59 -9.41 -17.65 60.63
N LEU D 60 -8.93 -16.43 60.89
CA LEU D 60 -9.74 -15.19 60.71
C LEU D 60 -8.84 -14.07 60.22
N LEU D 61 -9.20 -13.44 59.10
CA LEU D 61 -8.40 -12.33 58.51
C LEU D 61 -9.33 -11.17 58.19
N LYS D 62 -8.90 -9.93 58.38
CA LYS D 62 -9.78 -8.76 58.18
C LYS D 62 -9.31 -7.94 56.98
N PHE D 63 -10.25 -7.47 56.15
CA PHE D 63 -9.90 -6.66 54.95
C PHE D 63 -10.77 -5.41 54.93
N ALA D 64 -10.48 -4.48 54.01
CA ALA D 64 -11.26 -3.23 53.91
C ALA D 64 -12.05 -3.23 52.59
N ARG D 65 -12.05 -4.36 51.87
CA ARG D 65 -12.75 -4.43 50.56
C ARG D 65 -13.34 -5.84 50.39
N LYS D 66 -14.58 -5.94 49.92
CA LYS D 66 -15.25 -7.26 49.76
C LYS D 66 -14.49 -8.09 48.73
N GLU D 67 -14.02 -7.47 47.64
CA GLU D 67 -13.30 -8.20 46.57
C GLU D 67 -12.06 -8.87 47.17
N GLN D 68 -11.38 -8.18 48.10
CA GLN D 68 -10.18 -8.75 48.76
C GLN D 68 -10.56 -10.04 49.49
N CYS D 69 -11.63 -9.99 50.30
CA CYS D 69 -12.08 -11.18 51.07
C CYS D 69 -12.49 -12.29 50.08
N LEU D 70 -13.29 -11.95 49.07
CA LEU D 70 -13.76 -12.96 48.10
C LEU D 70 -12.55 -13.53 47.35
N ALA D 71 -11.57 -12.68 47.02
CA ALA D 71 -10.34 -13.17 46.35
C ALA D 71 -9.73 -14.30 47.19
N LEU D 72 -9.47 -14.03 48.47
CA LEU D 72 -8.90 -15.06 49.38
C LEU D 72 -9.87 -16.25 49.42
N THR D 73 -11.17 -15.98 49.43
CA THR D 73 -12.19 -17.06 49.47
C THR D 73 -11.95 -18.02 48.29
N THR D 74 -11.88 -17.48 47.08
CA THR D 74 -11.66 -18.31 45.88
C THR D 74 -10.30 -19.01 45.99
N GLN D 75 -9.28 -18.30 46.46
CA GLN D 75 -7.92 -18.89 46.60
C GLN D 75 -8.02 -20.12 47.49
N LEU D 76 -8.70 -20.01 48.64
CA LEU D 76 -8.83 -21.15 49.58
C LEU D 76 -9.73 -22.22 48.95
N ARG D 77 -10.80 -21.81 48.26
CA ARG D 77 -11.76 -22.78 47.65
C ARG D 77 -11.09 -23.53 46.49
N THR D 78 -9.99 -22.99 45.95
CA THR D 78 -9.34 -23.62 44.78
C THR D 78 -7.98 -24.20 45.17
N LYS D 79 -7.08 -23.36 45.69
CA LYS D 79 -5.72 -23.83 46.06
C LYS D 79 -5.82 -24.84 47.20
N PHE D 80 -6.74 -24.63 48.15
CA PHE D 80 -6.86 -25.52 49.33
C PHE D 80 -8.24 -26.19 49.35
N LYS D 81 -9.09 -25.87 48.37
CA LYS D 81 -10.45 -26.45 48.30
C LYS D 81 -11.17 -26.26 49.65
N PHE D 82 -11.00 -25.09 50.26
CA PHE D 82 -11.69 -24.79 51.55
C PHE D 82 -13.09 -24.24 51.26
N THR D 83 -13.84 -23.89 52.32
CA THR D 83 -15.17 -23.25 52.14
C THR D 83 -15.22 -21.99 52.99
N PRO D 84 -14.47 -20.91 52.65
CA PRO D 84 -14.41 -19.70 53.48
C PRO D 84 -15.71 -18.90 53.51
N CYS D 85 -15.95 -18.17 54.60
CA CYS D 85 -17.16 -17.30 54.71
C CYS D 85 -16.75 -15.96 55.31
N PHE D 86 -17.27 -14.85 54.76
CA PHE D 86 -16.83 -13.51 55.25
C PHE D 86 -18.05 -12.65 55.60
N TYR D 87 -17.86 -11.68 56.49
CA TYR D 87 -18.97 -10.79 56.94
C TYR D 87 -18.62 -9.34 56.63
N ARG D 88 -19.37 -8.39 57.20
CA ARG D 88 -19.05 -6.96 57.03
C ARG D 88 -19.20 -6.27 58.37
N VAL D 89 -18.11 -6.04 59.07
CA VAL D 89 -18.24 -5.47 60.43
C VAL D 89 -18.35 -3.95 60.30
N TYR D 90 -19.53 -3.41 60.61
CA TYR D 90 -19.76 -1.95 60.52
C TYR D 90 -19.12 -1.31 61.74
N PRO D 91 -18.94 0.03 61.82
CA PRO D 91 -18.24 0.63 62.96
C PRO D 91 -18.96 0.41 64.29
N SER D 92 -20.27 0.14 64.27
CA SER D 92 -21.07 -0.07 65.50
C SER D 92 -20.97 -1.51 65.99
N GLY D 93 -20.35 -2.39 65.19
CA GLY D 93 -20.20 -3.81 65.55
C GLY D 93 -21.17 -4.66 64.77
N GLU D 94 -22.03 -4.05 63.96
CA GLU D 94 -23.07 -4.80 63.23
C GLU D 94 -22.41 -5.72 62.20
N VAL D 95 -22.25 -6.99 62.53
CA VAL D 95 -21.67 -7.97 61.58
C VAL D 95 -22.77 -8.43 60.65
N GLN D 96 -22.53 -8.42 59.34
CA GLN D 96 -23.53 -8.90 58.37
C GLN D 96 -22.94 -10.01 57.53
N TYR D 97 -23.44 -11.24 57.69
CA TYR D 97 -22.90 -12.42 56.96
C TYR D 97 -23.00 -12.18 55.45
N LEU D 98 -21.90 -11.78 54.80
CA LEU D 98 -21.94 -11.43 53.36
C LEU D 98 -22.02 -12.70 52.49
N HIS D 99 -21.08 -13.63 52.65
CA HIS D 99 -21.04 -14.83 51.76
C HIS D 99 -21.20 -16.10 52.59
N PRO D 100 -21.72 -17.21 52.03
CA PRO D 100 -22.54 -17.19 50.82
C PRO D 100 -23.95 -16.61 51.03
N LYS D 101 -24.32 -16.33 52.28
CA LYS D 101 -25.66 -15.73 52.58
C LYS D 101 -26.75 -16.62 52.02
N ASP D 102 -26.66 -17.94 52.26
CA ASP D 102 -27.66 -18.92 51.75
C ASP D 102 -27.14 -20.32 52.08
N GLY D 103 -25.82 -20.47 52.16
CA GLY D 103 -25.20 -21.77 52.45
C GLY D 103 -24.70 -22.38 51.16
N VAL D 104 -25.40 -22.13 50.07
CA VAL D 104 -25.03 -22.68 48.74
C VAL D 104 -24.31 -21.57 47.99
N TYR D 105 -23.04 -21.77 47.66
CA TYR D 105 -22.24 -20.71 46.98
C TYR D 105 -22.99 -20.24 45.73
N PRO D 106 -23.18 -18.91 45.55
CA PRO D 106 -23.97 -18.38 44.42
C PRO D 106 -24.10 -19.20 43.13
N GLU D 107 -23.01 -19.66 42.54
CA GLU D 107 -23.03 -20.45 41.28
C GLU D 107 -24.09 -21.54 41.32
N LYS D 108 -24.26 -22.25 42.43
CA LYS D 108 -25.18 -23.42 42.46
C LYS D 108 -26.62 -22.96 42.68
N VAL D 109 -27.53 -23.42 41.82
CA VAL D 109 -28.97 -23.09 41.96
C VAL D 109 -29.47 -23.69 43.28
N ASN D 110 -30.35 -22.98 43.96
CA ASN D 110 -30.96 -23.52 45.21
C ASN D 110 -32.34 -22.88 45.32
N ALA D 111 -33.37 -23.70 45.47
CA ALA D 111 -34.73 -23.17 45.66
C ALA D 111 -34.76 -22.33 46.94
N GLY D 112 -35.46 -21.19 46.89
CA GLY D 112 -35.48 -20.30 48.06
C GLY D 112 -34.72 -19.02 47.78
N ARG D 113 -34.27 -18.84 46.53
CA ARG D 113 -33.60 -17.60 46.12
C ARG D 113 -34.57 -16.85 45.24
N PRO D 114 -35.05 -15.61 45.57
CA PRO D 114 -35.95 -14.92 44.64
C PRO D 114 -35.21 -14.33 43.43
N GLY D 115 -35.93 -14.06 42.36
CA GLY D 115 -35.29 -13.44 41.19
C GLY D 115 -35.25 -11.93 41.33
N VAL D 116 -34.05 -11.35 41.42
CA VAL D 116 -33.92 -9.87 41.49
C VAL D 116 -33.23 -9.39 40.22
N ASN D 117 -33.56 -8.19 39.74
CA ASN D 117 -32.95 -7.59 38.53
C ASN D 117 -32.98 -8.61 37.41
N GLN D 118 -34.18 -8.97 36.96
CA GLN D 118 -34.35 -9.98 35.90
C GLN D 118 -35.37 -9.46 34.91
N ASN D 119 -34.92 -8.90 33.79
CA ASN D 119 -35.84 -8.40 32.75
C ASN D 119 -36.26 -9.58 31.90
N PHE D 120 -37.55 -9.72 31.58
CA PHE D 120 -38.00 -10.91 30.84
C PHE D 120 -38.23 -10.52 29.38
N ARG D 121 -37.25 -9.84 28.77
CA ARG D 121 -37.36 -9.44 27.34
C ARG D 121 -35.96 -9.47 26.72
N ARG D 122 -35.89 -9.67 25.39
CA ARG D 122 -34.57 -9.63 24.70
C ARG D 122 -33.96 -8.24 24.91
N ILE D 123 -32.64 -8.18 25.14
CA ILE D 123 -31.96 -6.88 25.38
C ILE D 123 -32.35 -5.90 24.26
N GLY D 124 -32.69 -6.43 23.08
CA GLY D 124 -33.07 -5.56 21.94
C GLY D 124 -34.56 -5.27 21.90
N GLU D 125 -35.26 -5.44 23.04
CA GLU D 125 -36.70 -5.11 23.09
C GLU D 125 -36.87 -3.96 24.09
N ASN D 126 -35.78 -3.27 24.43
CA ASN D 126 -35.83 -2.11 25.35
C ASN D 126 -36.35 -0.90 24.58
N VAL D 127 -37.07 -0.01 25.24
CA VAL D 127 -37.69 1.18 24.58
C VAL D 127 -36.63 2.16 24.08
N ASN D 128 -37.08 3.24 23.42
CA ASN D 128 -36.14 4.30 23.00
C ASN D 128 -35.91 5.25 24.17
N PRO D 129 -34.76 5.94 24.27
CA PRO D 129 -34.52 6.91 25.35
C PRO D 129 -35.58 8.01 25.38
N ILE D 130 -36.14 8.35 24.21
CA ILE D 130 -37.15 9.45 24.13
C ILE D 130 -38.40 9.05 24.91
N LYS D 131 -38.73 7.77 24.95
CA LYS D 131 -39.96 7.29 25.65
C LYS D 131 -39.75 7.46 27.16
N VAL D 132 -38.49 7.55 27.60
CA VAL D 132 -38.17 7.70 29.05
C VAL D 132 -37.54 9.07 29.29
N LYS D 133 -37.70 9.99 28.33
CA LYS D 133 -37.09 11.34 28.46
C LYS D 133 -37.87 12.15 29.50
N PHE D 134 -37.18 12.85 30.40
CA PHE D 134 -37.84 13.68 31.44
C PHE D 134 -38.57 12.77 32.44
N THR D 135 -38.31 11.46 32.38
CA THR D 135 -38.95 10.51 33.32
C THR D 135 -37.94 10.09 34.39
N GLY D 136 -36.66 10.43 34.18
CA GLY D 136 -35.61 10.05 35.15
C GLY D 136 -35.59 8.56 35.40
N ASN D 137 -35.90 7.76 34.37
CA ASN D 137 -35.93 6.28 34.52
C ASN D 137 -35.18 5.66 33.33
N GLY D 138 -34.31 4.68 33.61
CA GLY D 138 -33.51 4.05 32.55
C GLY D 138 -34.37 3.23 31.59
N THR D 139 -33.93 3.10 30.33
CA THR D 139 -34.68 2.29 29.34
C THR D 139 -34.72 0.83 29.80
N MET D 140 -33.60 0.32 30.34
CA MET D 140 -33.52 -1.09 30.78
C MET D 140 -34.46 -1.31 31.98
N ASP D 141 -34.41 -0.42 32.97
CA ASP D 141 -35.23 -0.59 34.20
C ASP D 141 -36.72 -0.43 33.84
N ILE D 142 -37.04 0.49 32.93
CA ILE D 142 -38.45 0.74 32.53
C ILE D 142 -38.93 -0.44 31.67
N VAL E 1 -40.90 -30.07 16.12
CA VAL E 1 -41.11 -28.60 15.99
C VAL E 1 -39.77 -27.94 15.68
N GLY E 2 -39.76 -26.91 14.83
CA GLY E 2 -38.53 -26.17 14.50
C GLY E 2 -37.91 -26.65 13.20
N PRO E 3 -37.11 -25.81 12.51
CA PRO E 3 -36.44 -26.23 11.28
C PRO E 3 -35.67 -27.55 11.44
N LYS E 4 -35.62 -28.38 10.39
CA LYS E 4 -35.00 -29.72 10.49
C LYS E 4 -33.54 -29.64 10.90
N ARG E 5 -33.09 -30.53 11.79
CA ARG E 5 -31.67 -30.53 12.23
C ARG E 5 -30.76 -30.54 10.99
N GLY E 6 -29.82 -29.58 10.91
CA GLY E 6 -28.90 -29.51 9.76
C GLY E 6 -29.34 -28.48 8.74
N SER E 7 -30.62 -28.08 8.79
CA SER E 7 -31.15 -27.08 7.82
C SER E 7 -30.51 -25.71 8.08
N GLN E 8 -30.12 -25.01 7.01
CA GLN E 8 -29.56 -23.64 7.17
C GLN E 8 -30.70 -22.63 7.20
N VAL E 9 -30.75 -21.78 8.22
CA VAL E 9 -31.86 -20.80 8.38
C VAL E 9 -31.29 -19.38 8.44
N LYS E 10 -31.91 -18.42 7.76
CA LYS E 10 -31.43 -17.02 7.86
C LYS E 10 -31.84 -16.44 9.22
N ILE E 11 -30.86 -15.97 10.00
CA ILE E 11 -31.15 -15.39 11.34
C ILE E 11 -31.98 -14.11 11.16
N LEU E 12 -33.01 -13.93 11.99
CA LEU E 12 -33.90 -12.74 11.86
C LEU E 12 -33.77 -11.87 13.12
N ARG E 13 -33.00 -12.33 14.12
CA ARG E 13 -32.81 -11.55 15.37
C ARG E 13 -32.01 -10.28 15.03
N PRO E 14 -32.53 -9.07 15.34
CA PRO E 14 -31.86 -7.82 14.98
C PRO E 14 -30.48 -7.66 15.65
N GLU E 15 -30.37 -7.99 16.94
CA GLU E 15 -29.09 -7.79 17.67
C GLU E 15 -28.21 -9.04 17.54
N SER E 16 -28.31 -9.77 16.43
CA SER E 16 -27.50 -10.99 16.22
C SER E 16 -26.34 -10.70 15.27
N TYR E 17 -25.12 -11.07 15.67
CA TYR E 17 -23.92 -10.86 14.81
C TYR E 17 -24.13 -11.58 13.48
N TRP E 18 -25.02 -12.58 13.47
CA TRP E 18 -25.25 -13.38 12.23
C TRP E 18 -26.58 -13.02 11.59
N TYR E 19 -27.07 -11.79 11.81
CA TYR E 19 -28.34 -11.34 11.18
C TYR E 19 -28.15 -11.32 9.65
N ASN E 20 -29.25 -11.54 8.91
CA ASN E 20 -29.18 -11.54 7.42
C ASN E 20 -28.17 -12.59 6.95
N GLN E 21 -27.62 -13.38 7.88
CA GLN E 21 -26.64 -14.42 7.54
C GLN E 21 -27.24 -15.79 7.84
N THR E 22 -26.68 -16.85 7.28
CA THR E 22 -27.31 -18.19 7.45
C THR E 22 -26.51 -19.06 8.43
N GLY E 23 -27.15 -20.10 8.99
CA GLY E 23 -26.47 -21.03 9.91
C GLY E 23 -27.20 -22.36 9.97
N LYS E 24 -26.50 -23.43 10.34
CA LYS E 24 -27.13 -24.79 10.34
C LYS E 24 -27.80 -25.06 11.69
N VAL E 25 -29.02 -25.60 11.67
CA VAL E 25 -29.76 -25.91 12.93
C VAL E 25 -29.14 -27.16 13.56
N VAL E 26 -28.37 -27.00 14.64
CA VAL E 26 -27.76 -28.16 15.34
C VAL E 26 -28.88 -28.96 15.99
N SER E 27 -29.91 -28.31 16.52
CA SER E 27 -31.01 -29.01 17.23
C SER E 27 -32.17 -28.06 17.53
N VAL E 28 -33.32 -28.61 17.93
CA VAL E 28 -34.48 -27.76 18.34
C VAL E 28 -35.16 -28.42 19.55
N ASP E 29 -34.91 -27.90 20.76
CA ASP E 29 -35.49 -28.49 22.00
C ASP E 29 -37.00 -28.54 21.87
N GLN E 30 -37.59 -29.73 21.89
CA GLN E 30 -39.06 -29.85 21.67
C GLN E 30 -39.83 -29.59 22.97
N SER E 31 -39.24 -28.85 23.91
CA SER E 31 -39.98 -28.48 25.14
C SER E 31 -40.58 -27.08 24.94
N GLY E 32 -40.91 -26.37 26.01
CA GLY E 32 -41.40 -24.99 25.84
C GLY E 32 -40.28 -23.98 25.99
N ILE E 33 -39.04 -24.40 25.81
CA ILE E 33 -37.86 -23.52 25.99
C ILE E 33 -38.13 -22.27 25.15
N LEU E 34 -37.97 -21.08 25.74
CA LEU E 34 -38.16 -19.82 24.98
C LEU E 34 -37.48 -19.94 23.61
N TYR E 35 -36.15 -19.90 23.59
CA TYR E 35 -35.39 -20.02 22.30
C TYR E 35 -34.92 -21.47 22.14
N PRO E 36 -35.56 -22.29 21.29
CA PRO E 36 -35.21 -23.70 21.16
C PRO E 36 -34.27 -24.07 20.00
N VAL E 37 -34.27 -23.28 18.92
CA VAL E 37 -33.47 -23.66 17.72
C VAL E 37 -32.00 -23.32 17.91
N VAL E 38 -31.15 -24.32 18.19
CA VAL E 38 -29.67 -24.07 18.31
C VAL E 38 -29.09 -23.94 16.90
N VAL E 39 -28.51 -22.78 16.57
CA VAL E 39 -27.98 -22.56 15.19
C VAL E 39 -26.46 -22.36 15.27
N ARG E 40 -25.70 -23.08 14.45
CA ARG E 40 -24.23 -22.96 14.44
C ARG E 40 -23.81 -22.07 13.27
N PHE E 41 -22.70 -21.35 13.41
CA PHE E 41 -22.24 -20.41 12.33
C PHE E 41 -20.73 -20.58 12.12
N GLU E 42 -20.30 -20.62 10.85
CA GLU E 42 -18.85 -20.71 10.55
C GLU E 42 -18.17 -19.44 11.08
N THR E 43 -18.80 -18.28 10.87
CA THR E 43 -18.24 -17.01 11.40
C THR E 43 -18.45 -16.96 12.91
N GLN E 44 -17.62 -16.20 13.62
CA GLN E 44 -17.73 -16.10 15.10
C GLN E 44 -18.01 -14.63 15.48
N ASN E 45 -18.85 -14.42 16.50
CA ASN E 45 -19.17 -13.04 16.95
C ASN E 45 -17.90 -12.39 17.50
N TYR E 46 -17.98 -11.09 17.85
CA TYR E 46 -16.79 -10.36 18.36
C TYR E 46 -16.26 -11.10 19.60
N ALA E 47 -17.15 -11.64 20.41
CA ALA E 47 -16.74 -12.40 21.62
C ALA E 47 -15.94 -13.63 21.21
N GLY E 48 -16.30 -14.26 20.08
CA GLY E 48 -15.62 -15.48 19.61
C GLY E 48 -16.59 -16.63 19.51
N VAL E 49 -17.80 -16.47 20.05
CA VAL E 49 -18.85 -17.54 19.99
C VAL E 49 -19.27 -17.72 18.54
N THR E 50 -19.49 -18.96 18.11
CA THR E 50 -19.87 -19.24 16.69
C THR E 50 -21.28 -19.85 16.64
N THR E 51 -21.99 -19.87 17.77
CA THR E 51 -23.35 -20.50 17.81
C THR E 51 -24.27 -19.66 18.72
N ASN E 52 -25.57 -19.95 18.68
CA ASN E 52 -26.54 -19.24 19.55
C ASN E 52 -27.91 -19.90 19.40
N ASN E 53 -28.67 -19.99 20.50
CA ASN E 53 -30.04 -20.57 20.46
C ASN E 53 -31.02 -19.46 20.06
N PHE E 54 -31.62 -19.58 18.87
CA PHE E 54 -32.57 -18.55 18.39
C PHE E 54 -34.00 -19.12 18.48
N ALA E 55 -34.99 -18.24 18.71
CA ALA E 55 -36.40 -18.68 18.77
C ALA E 55 -36.86 -19.10 17.37
N LEU E 56 -37.96 -19.85 17.29
CA LEU E 56 -38.47 -20.34 15.98
C LEU E 56 -38.72 -19.15 15.06
N ASP E 57 -39.22 -18.03 15.59
CA ASP E 57 -39.55 -16.84 14.77
C ASP E 57 -38.25 -16.14 14.33
N GLU E 58 -37.14 -16.43 15.02
CA GLU E 58 -35.86 -15.73 14.70
C GLU E 58 -35.13 -16.46 13.57
N VAL E 59 -35.74 -17.52 13.02
CA VAL E 59 -35.04 -18.33 11.97
C VAL E 59 -35.95 -18.48 10.75
N GLN E 60 -35.38 -18.43 9.54
CA GLN E 60 -36.17 -18.60 8.29
C GLN E 60 -35.35 -19.44 7.30
N PRO E 61 -35.68 -20.74 7.10
CA PRO E 61 -34.93 -21.60 6.19
C PRO E 61 -34.64 -20.90 4.86
N ASP F 1 0.65 29.96 -23.09
CA ASP F 1 -0.74 29.60 -23.45
C ASP F 1 -1.49 29.10 -22.22
N ILE F 2 -2.57 28.35 -22.41
CA ILE F 2 -3.43 27.83 -21.31
C ILE F 2 -3.54 28.88 -20.19
N ALA F 3 -2.84 28.71 -19.07
CA ALA F 3 -3.02 29.66 -17.94
C ALA F 3 -1.77 30.51 -17.74
N GLY F 4 -1.30 31.16 -18.81
CA GLY F 4 -0.04 31.94 -18.72
C GLY F 4 1.16 31.02 -18.61
N LEU F 5 0.94 29.72 -18.78
CA LEU F 5 2.06 28.73 -18.69
C LEU F 5 2.81 28.71 -20.02
N THR F 6 4.02 29.28 -20.04
CA THR F 6 4.83 29.29 -21.28
C THR F 6 5.39 27.90 -21.55
N PRO F 7 5.56 27.47 -22.82
CA PRO F 7 6.16 26.16 -23.12
C PRO F 7 7.62 26.15 -22.61
N CYS F 8 8.05 25.03 -22.03
CA CYS F 8 9.42 24.95 -21.48
C CYS F 8 10.44 25.20 -22.59
N SER F 9 10.10 24.84 -23.82
CA SER F 9 11.00 25.11 -24.98
C SER F 9 11.22 26.62 -25.11
N GLU F 10 10.19 27.42 -24.80
CA GLU F 10 10.30 28.90 -24.86
C GLU F 10 10.49 29.47 -23.45
N SER F 11 10.63 28.59 -22.45
CA SER F 11 10.80 29.05 -21.04
C SER F 11 12.28 29.35 -20.77
N ALA F 12 12.62 30.62 -20.61
CA ALA F 12 14.02 31.01 -20.33
C ALA F 12 14.48 30.41 -18.99
N ALA F 13 13.65 30.54 -17.96
CA ALA F 13 13.99 30.00 -16.62
C ALA F 13 14.33 28.51 -16.77
N TYR F 14 13.57 27.79 -17.59
CA TYR F 14 13.83 26.35 -17.82
C TYR F 14 15.25 26.18 -18.38
N ALA F 15 15.63 27.07 -19.31
CA ALA F 15 17.00 27.01 -19.89
C ALA F 15 18.04 27.31 -18.81
N LYS F 16 17.82 28.37 -18.03
CA LYS F 16 18.76 28.70 -16.92
C LYS F 16 18.85 27.49 -15.98
N ARG F 17 17.70 26.93 -15.60
CA ARG F 17 17.67 25.75 -14.70
C ARG F 17 18.59 24.67 -15.27
N LEU F 18 18.67 24.57 -16.61
CA LEU F 18 19.60 23.59 -17.22
C LEU F 18 21.01 24.10 -17.00
N LYS F 19 21.30 25.29 -17.50
CA LYS F 19 22.67 25.83 -17.41
C LYS F 19 23.20 25.70 -16.00
N ASN F 20 22.48 26.22 -15.01
CA ASN F 20 22.98 26.23 -13.61
C ASN F 20 23.06 24.82 -13.05
N GLU F 21 22.21 23.90 -13.48
CA GLU F 21 22.21 22.56 -12.87
C GLU F 21 23.36 21.72 -13.42
N VAL F 22 23.70 21.88 -14.70
CA VAL F 22 24.82 21.14 -15.33
C VAL F 22 26.14 21.78 -14.87
N LYS F 23 26.14 23.09 -14.61
CA LYS F 23 27.35 23.76 -14.06
C LYS F 23 27.65 23.21 -12.67
N GLY F 24 26.63 22.93 -11.87
CA GLY F 24 26.82 22.42 -10.50
C GLY F 24 27.39 21.03 -10.49
N LEU F 25 27.32 20.32 -11.62
CA LEU F 25 27.87 18.94 -11.72
C LEU F 25 29.19 19.01 -12.48
N ASN F 26 29.40 20.05 -13.28
CA ASN F 26 30.68 20.25 -14.02
C ASN F 26 31.66 20.96 -13.11
N LYS F 27 31.30 21.19 -11.85
CA LYS F 27 32.24 21.76 -10.85
C LYS F 27 32.60 20.64 -9.90
N ARG F 28 31.80 19.57 -9.88
CA ARG F 28 32.08 18.39 -9.03
C ARG F 28 32.88 17.41 -9.86
N LEU F 29 32.94 17.61 -11.18
CA LEU F 29 33.68 16.71 -12.09
C LEU F 29 35.14 17.16 -12.09
N LYS F 30 35.39 18.44 -11.84
CA LYS F 30 36.77 18.97 -11.92
C LYS F 30 37.61 18.40 -10.77
N ASN F 31 37.02 18.25 -9.58
CA ASN F 31 37.83 17.80 -8.41
C ASN F 31 38.08 16.29 -8.51
N TYR F 32 38.03 15.72 -9.71
CA TYR F 32 38.23 14.27 -9.90
C TYR F 32 39.00 14.04 -11.20
N GLU F 33 39.86 13.01 -11.24
CA GLU F 33 40.70 12.74 -12.44
C GLU F 33 39.79 12.31 -13.60
N ALA F 34 40.20 12.54 -14.84
CA ALA F 34 39.34 12.30 -16.02
C ALA F 34 38.80 10.88 -16.14
N ASP F 35 39.50 9.88 -15.62
CA ASP F 35 39.07 8.47 -15.85
C ASP F 35 38.46 7.82 -14.61
N SER F 36 38.57 8.46 -13.44
CA SER F 36 38.11 7.82 -12.19
C SER F 36 36.63 7.44 -12.28
N ALA F 37 36.21 6.33 -11.68
CA ALA F 37 34.76 6.00 -11.63
C ALA F 37 33.99 7.21 -11.11
N PRO F 38 34.38 7.94 -10.04
CA PRO F 38 33.72 9.17 -9.70
C PRO F 38 33.40 10.04 -10.93
N ALA F 39 34.35 10.19 -11.85
CA ALA F 39 34.14 11.12 -12.99
C ALA F 39 33.28 10.48 -14.07
N ILE F 40 33.47 9.19 -14.36
CA ILE F 40 32.57 8.50 -15.32
C ILE F 40 31.13 8.69 -14.85
N ALA F 41 30.90 8.58 -13.55
CA ALA F 41 29.55 8.71 -12.97
C ALA F 41 29.02 10.14 -13.16
N LEU F 42 29.78 11.16 -12.80
CA LEU F 42 29.26 12.56 -12.86
C LEU F 42 28.99 12.93 -14.32
N LYS F 43 29.67 12.31 -15.26
CA LYS F 43 29.46 12.61 -16.70
C LYS F 43 28.17 11.93 -17.15
N ALA F 44 27.81 10.80 -16.54
CA ALA F 44 26.53 10.17 -16.90
C ALA F 44 25.40 11.03 -16.36
N THR F 45 25.55 11.55 -15.14
CA THR F 45 24.51 12.41 -14.52
C THR F 45 24.32 13.67 -15.38
N ILE F 46 25.38 14.14 -16.02
CA ILE F 46 25.30 15.39 -16.82
C ILE F 46 24.57 15.04 -18.12
N GLU F 47 24.92 13.90 -18.72
CA GLU F 47 24.24 13.46 -19.97
C GLU F 47 22.76 13.18 -19.67
N ARG F 48 22.47 12.42 -18.61
CA ARG F 48 21.07 12.05 -18.28
C ARG F 48 20.27 13.34 -18.03
N THR F 49 20.86 14.31 -17.33
CA THR F 49 20.16 15.60 -17.07
C THR F 49 19.88 16.29 -18.39
N GLN F 50 20.89 16.41 -19.26
CA GLN F 50 20.71 17.13 -20.55
C GLN F 50 19.71 16.42 -21.45
N ASN F 51 19.48 15.12 -21.25
CA ASN F 51 18.47 14.40 -22.04
C ASN F 51 17.11 14.66 -21.45
N ARG F 52 16.98 14.63 -20.14
CA ARG F 52 15.65 14.80 -19.48
C ARG F 52 15.18 16.23 -19.68
N PHE F 53 16.06 17.19 -19.45
CA PHE F 53 15.70 18.60 -19.59
C PHE F 53 15.44 18.95 -21.04
N ALA F 54 15.27 17.95 -21.90
CA ALA F 54 14.97 18.18 -23.32
C ALA F 54 13.81 17.27 -23.70
N ASN F 55 13.81 16.03 -23.20
CA ASN F 55 12.66 15.13 -23.44
C ASN F 55 11.42 15.84 -22.93
N TYR F 56 11.54 16.59 -21.83
CA TYR F 56 10.36 17.26 -21.23
C TYR F 56 9.85 18.35 -22.18
N ALA F 57 10.73 19.25 -22.60
CA ALA F 57 10.33 20.36 -23.49
C ALA F 57 9.77 19.80 -24.80
N LYS F 58 10.46 18.81 -25.38
CA LYS F 58 10.02 18.18 -26.66
C LYS F 58 8.60 17.60 -26.47
N ALA F 59 8.22 17.32 -25.22
CA ALA F 59 6.86 16.79 -24.95
C ALA F 59 5.89 17.95 -24.80
N GLY F 60 6.35 19.18 -25.06
CA GLY F 60 5.48 20.37 -24.94
C GLY F 60 4.94 20.54 -23.53
N LEU F 61 5.82 20.46 -22.53
CA LEU F 61 5.40 20.65 -21.12
C LEU F 61 5.40 22.14 -20.78
N LEU F 62 4.23 22.77 -20.71
CA LEU F 62 4.14 24.20 -20.35
C LEU F 62 4.65 24.38 -18.91
N CYS F 63 5.53 25.37 -18.68
CA CYS F 63 6.05 25.64 -17.31
C CYS F 63 5.89 27.13 -17.00
N GLY F 64 5.72 27.47 -15.72
CA GLY F 64 5.53 28.88 -15.32
C GLY F 64 6.85 29.61 -15.17
N ALA F 65 6.82 30.82 -14.61
CA ALA F 65 8.05 31.62 -14.43
C ALA F 65 9.08 30.82 -13.62
N ASP F 66 8.60 29.91 -12.77
CA ASP F 66 9.51 29.05 -11.96
C ASP F 66 10.41 28.26 -12.92
N GLY F 67 9.89 27.90 -14.10
CA GLY F 67 10.68 27.09 -15.05
C GLY F 67 10.46 25.61 -14.80
N LEU F 68 9.46 25.26 -13.99
CA LEU F 68 9.17 23.84 -13.66
C LEU F 68 7.93 23.40 -14.45
N PRO F 69 8.00 22.31 -15.24
CA PRO F 69 6.87 21.87 -16.07
C PRO F 69 5.57 21.71 -15.26
N HIS F 70 4.44 22.15 -15.81
CA HIS F 70 3.13 22.00 -15.13
C HIS F 70 2.24 21.06 -15.94
N LEU F 71 1.23 20.47 -15.30
CA LEU F 71 0.35 19.48 -16.01
C LEU F 71 -1.06 20.05 -16.13
N ILE F 72 -1.77 19.67 -17.20
CA ILE F 72 -3.19 20.12 -17.40
C ILE F 72 -4.11 18.94 -17.12
N SER F 73 -5.14 19.14 -16.29
CA SER F 73 -6.04 18.02 -15.90
C SER F 73 -7.29 17.99 -16.79
N ASP F 74 -7.88 19.16 -17.08
CA ASP F 74 -9.14 19.20 -17.88
C ASP F 74 -8.96 18.36 -19.15
N PRO F 75 -9.80 17.35 -19.40
CA PRO F 75 -9.69 16.52 -20.61
C PRO F 75 -9.79 17.40 -21.86
N GLY F 76 -10.75 18.33 -21.88
CA GLY F 76 -10.93 19.20 -23.06
C GLY F 76 -9.67 19.99 -23.36
N LEU F 77 -9.10 20.64 -22.35
CA LEU F 77 -7.85 21.43 -22.53
C LEU F 77 -6.71 20.48 -22.92
N ALA F 78 -6.55 19.37 -22.21
CA ALA F 78 -5.44 18.43 -22.48
C ALA F 78 -5.57 17.88 -23.90
N LEU F 79 -6.78 17.47 -24.30
CA LEU F 79 -6.98 16.87 -25.65
C LEU F 79 -6.87 17.97 -26.71
N LYS F 80 -7.71 19.01 -26.62
CA LYS F 80 -7.71 20.08 -27.65
C LYS F 80 -6.30 20.59 -27.92
N TYR F 81 -5.43 20.68 -26.91
CA TYR F 81 -4.09 21.29 -27.13
C TYR F 81 -2.97 20.26 -27.00
N GLY F 82 -3.24 18.98 -27.27
CA GLY F 82 -2.18 17.96 -27.33
C GLY F 82 -1.42 17.73 -26.04
N HIS F 83 -2.06 17.96 -24.90
CA HIS F 83 -1.43 17.72 -23.58
C HIS F 83 -2.11 16.49 -22.97
N ALA F 84 -2.39 15.46 -23.77
CA ALA F 84 -3.12 14.29 -23.26
C ALA F 84 -2.15 13.35 -22.52
N GLY F 85 -0.89 13.32 -22.94
CA GLY F 85 0.10 12.41 -22.32
C GLY F 85 0.26 12.69 -20.84
N GLU F 86 -0.15 13.87 -20.38
CA GLU F 86 0.02 14.24 -18.94
C GLU F 86 -1.32 14.06 -18.20
N VAL F 87 -1.34 13.22 -17.16
CA VAL F 87 -2.57 13.03 -16.33
C VAL F 87 -3.65 12.30 -17.13
N PHE F 88 -4.18 12.93 -18.19
CA PHE F 88 -5.30 12.32 -18.96
C PHE F 88 -5.01 10.85 -19.29
N ILE F 89 -4.18 10.61 -20.31
CA ILE F 89 -3.86 9.21 -20.74
C ILE F 89 -3.41 8.39 -19.53
N PRO F 90 -2.44 8.84 -18.71
CA PRO F 90 -2.02 8.11 -17.52
C PRO F 90 -3.21 7.68 -16.64
N THR F 91 -4.28 8.49 -16.61
CA THR F 91 -5.43 8.19 -15.73
C THR F 91 -5.99 6.80 -16.04
N PHE F 92 -6.33 6.55 -17.31
CA PHE F 92 -6.95 5.25 -17.70
C PHE F 92 -5.96 4.12 -17.40
N GLY F 93 -4.68 4.32 -17.72
CA GLY F 93 -3.65 3.28 -17.49
C GLY F 93 -3.74 2.74 -16.07
N PHE F 94 -3.74 3.63 -15.07
CA PHE F 94 -3.86 3.18 -13.66
C PHE F 94 -5.21 2.48 -13.47
N LEU F 95 -6.29 3.08 -13.97
CA LEU F 95 -7.65 2.51 -13.75
C LEU F 95 -7.68 1.07 -14.26
N TYR F 96 -7.09 0.81 -15.44
CA TYR F 96 -7.12 -0.55 -16.02
C TYR F 96 -6.40 -1.53 -15.09
N VAL F 97 -5.17 -1.20 -14.68
CA VAL F 97 -4.40 -2.09 -13.78
C VAL F 97 -5.14 -2.18 -12.43
N ALA F 98 -5.62 -1.05 -11.93
CA ALA F 98 -6.31 -1.04 -10.62
C ALA F 98 -7.47 -2.03 -10.66
N GLY F 99 -8.37 -1.88 -11.63
CA GLY F 99 -9.51 -2.80 -11.76
C GLY F 99 -9.04 -4.22 -12.01
N TRP F 100 -7.95 -4.37 -12.78
CA TRP F 100 -7.38 -5.72 -13.04
C TRP F 100 -7.03 -6.38 -11.70
N ILE F 101 -6.27 -5.67 -10.85
CA ILE F 101 -5.86 -6.22 -9.54
C ILE F 101 -7.11 -6.56 -8.73
N GLY F 102 -8.05 -5.62 -8.63
CA GLY F 102 -9.26 -5.83 -7.83
C GLY F 102 -10.08 -7.00 -8.35
N TYR F 103 -10.27 -7.07 -9.68
CA TYR F 103 -11.11 -8.13 -10.28
C TYR F 103 -10.47 -9.50 -10.00
N VAL F 104 -9.16 -9.62 -10.23
CA VAL F 104 -8.46 -10.91 -10.02
C VAL F 104 -8.62 -11.31 -8.55
N GLY F 105 -8.47 -10.34 -7.63
CA GLY F 105 -8.62 -10.64 -6.19
C GLY F 105 -9.99 -11.21 -5.88
N ARG F 106 -11.06 -10.59 -6.38
CA ARG F 106 -12.44 -11.05 -6.08
C ARG F 106 -12.64 -12.43 -6.73
N LEU F 107 -12.09 -12.65 -7.92
CA LEU F 107 -12.20 -13.97 -8.59
C LEU F 107 -11.65 -15.04 -7.65
N TYR F 108 -10.48 -14.80 -7.05
CA TYR F 108 -9.85 -15.79 -6.15
C TYR F 108 -10.70 -15.92 -4.89
N LEU F 109 -10.99 -14.81 -4.23
CA LEU F 109 -11.83 -14.84 -3.01
C LEU F 109 -13.06 -15.71 -3.27
N ASN F 110 -13.78 -15.48 -4.35
CA ASN F 110 -15.08 -16.18 -4.55
C ASN F 110 -14.86 -17.65 -4.95
N MET F 111 -13.64 -18.03 -5.32
CA MET F 111 -13.34 -19.44 -5.64
C MET F 111 -13.02 -20.18 -4.34
N VAL F 112 -12.21 -19.58 -3.47
CA VAL F 112 -11.85 -20.19 -2.16
C VAL F 112 -13.08 -20.21 -1.25
N LYS F 113 -14.03 -19.28 -1.43
CA LYS F 113 -15.29 -19.35 -0.65
C LYS F 113 -15.96 -20.64 -1.10
N GLY F 114 -16.42 -21.43 -0.16
CA GLY F 114 -17.00 -22.73 -0.53
C GLY F 114 -15.95 -23.80 -0.36
N GLU F 115 -14.90 -23.74 -1.16
CA GLU F 115 -13.77 -24.72 -1.04
C GLU F 115 -13.43 -24.99 0.42
N ALA F 116 -13.60 -26.23 0.88
CA ALA F 116 -13.21 -26.68 2.23
C ALA F 116 -13.15 -25.57 3.28
N LYS F 117 -11.96 -25.30 3.82
CA LYS F 117 -11.76 -24.25 4.84
C LYS F 117 -11.31 -23.01 4.11
N PRO F 118 -12.20 -22.05 3.74
CA PRO F 118 -11.77 -20.93 2.93
C PRO F 118 -10.77 -20.06 3.69
N THR F 119 -10.73 -20.15 5.02
CA THR F 119 -9.87 -19.25 5.82
C THR F 119 -8.40 -19.66 5.74
N GLU F 120 -8.12 -20.92 5.41
CA GLU F 120 -6.72 -21.41 5.38
C GLU F 120 -6.14 -21.29 3.98
N LYS F 121 -6.91 -20.76 3.03
CA LYS F 121 -6.39 -20.54 1.66
C LYS F 121 -6.16 -19.04 1.50
N GLU F 122 -6.32 -18.26 2.57
CA GLU F 122 -6.03 -16.81 2.53
C GLU F 122 -4.66 -16.60 3.17
N ILE F 123 -4.34 -17.38 4.20
CA ILE F 123 -3.00 -17.33 4.86
C ILE F 123 -2.03 -18.11 3.96
N ILE F 124 -2.20 -19.41 3.78
CA ILE F 124 -1.33 -20.17 2.84
C ILE F 124 -1.94 -20.06 1.45
N ILE F 125 -1.67 -18.97 0.73
CA ILE F 125 -2.26 -18.71 -0.61
C ILE F 125 -2.05 -19.90 -1.54
N ASP F 126 -3.07 -20.31 -2.30
CA ASP F 126 -2.91 -21.37 -3.32
C ASP F 126 -2.19 -20.77 -4.52
N VAL F 127 -0.85 -20.74 -4.52
CA VAL F 127 -0.13 -20.04 -5.63
C VAL F 127 -0.55 -20.63 -6.99
N PRO F 128 -0.71 -21.94 -7.24
CA PRO F 128 -1.23 -22.43 -8.52
C PRO F 128 -2.52 -21.73 -8.97
N ALA F 129 -3.60 -21.79 -8.19
CA ALA F 129 -4.88 -21.20 -8.65
C ALA F 129 -4.76 -19.68 -8.68
N ALA F 130 -3.97 -19.11 -7.79
CA ALA F 130 -3.75 -17.65 -7.84
C ALA F 130 -3.06 -17.29 -9.14
N LEU F 131 -2.30 -18.21 -9.74
CA LEU F 131 -1.54 -17.92 -10.98
C LEU F 131 -2.41 -18.23 -12.19
N ARG F 132 -3.54 -18.92 -11.98
CA ARG F 132 -4.47 -19.25 -13.10
C ARG F 132 -5.54 -18.16 -13.20
N LEU F 133 -5.57 -17.21 -12.26
CA LEU F 133 -6.64 -16.18 -12.24
C LEU F 133 -6.05 -14.80 -12.57
N THR F 134 -4.72 -14.66 -12.53
CA THR F 134 -4.08 -13.34 -12.77
C THR F 134 -4.40 -12.85 -14.18
N TRP F 135 -4.23 -13.71 -15.19
CA TRP F 135 -4.44 -13.28 -16.61
C TRP F 135 -5.95 -13.12 -16.89
N GLN F 136 -6.80 -13.75 -16.09
CA GLN F 136 -8.27 -13.67 -16.30
C GLN F 136 -8.73 -12.22 -16.10
N GLY F 137 -7.92 -11.41 -15.42
CA GLY F 137 -8.30 -10.00 -15.17
C GLY F 137 -7.87 -9.08 -16.29
N ALA F 138 -7.30 -9.64 -17.36
CA ALA F 138 -6.89 -8.81 -18.53
C ALA F 138 -8.13 -8.18 -19.15
N THR F 139 -9.19 -8.97 -19.36
CA THR F 139 -10.44 -8.45 -19.96
C THR F 139 -11.45 -8.17 -18.83
N TRP F 140 -10.98 -7.69 -17.69
CA TRP F 140 -11.89 -7.46 -16.52
C TRP F 140 -13.05 -6.53 -16.92
N PRO F 141 -12.83 -5.42 -17.66
CA PRO F 141 -13.92 -4.50 -17.96
C PRO F 141 -15.06 -5.24 -18.68
N VAL F 142 -14.71 -6.11 -19.63
CA VAL F 142 -15.74 -6.87 -20.40
C VAL F 142 -16.53 -7.73 -19.42
N GLN F 143 -15.83 -8.46 -18.54
CA GLN F 143 -16.52 -9.39 -17.60
C GLN F 143 -17.30 -8.60 -16.54
N VAL F 144 -16.73 -7.50 -16.04
CA VAL F 144 -17.40 -6.71 -14.96
C VAL F 144 -18.75 -6.21 -15.47
N VAL F 145 -18.78 -5.64 -16.68
CA VAL F 145 -20.04 -5.10 -17.25
C VAL F 145 -21.04 -6.25 -17.43
N ALA F 146 -20.58 -7.37 -17.99
CA ALA F 146 -21.46 -8.54 -18.21
C ALA F 146 -22.10 -8.95 -16.89
N GLU F 147 -21.46 -8.61 -15.76
CA GLU F 147 -21.98 -9.01 -14.44
C GLU F 147 -22.97 -7.94 -13.99
N LEU F 148 -22.72 -6.67 -14.28
CA LEU F 148 -23.71 -5.62 -13.97
C LEU F 148 -24.98 -5.93 -14.76
N ARG F 149 -24.85 -6.20 -16.07
CA ARG F 149 -26.01 -6.51 -16.96
C ARG F 149 -26.40 -7.97 -16.77
N ALA F 150 -26.51 -8.44 -15.53
CA ALA F 150 -26.88 -9.83 -15.20
C ALA F 150 -27.13 -9.89 -13.69
N ASN F 151 -26.85 -8.79 -12.98
CA ASN F 151 -27.08 -8.69 -11.52
C ASN F 151 -26.31 -9.76 -10.75
N THR F 152 -24.97 -9.77 -10.89
CA THR F 152 -24.14 -10.78 -10.19
C THR F 152 -22.91 -10.11 -9.58
N LEU F 153 -22.67 -8.84 -9.90
CA LEU F 153 -21.50 -8.11 -9.35
C LEU F 153 -21.75 -7.78 -7.88
N THR F 154 -23.01 -7.52 -7.50
CA THR F 154 -23.31 -7.09 -6.10
C THR F 154 -24.14 -8.16 -5.39
N GLU F 155 -24.40 -7.97 -4.09
CA GLU F 155 -25.18 -8.94 -3.30
C GLU F 155 -26.55 -8.34 -2.98
N LYS F 156 -27.53 -9.20 -2.73
CA LYS F 156 -28.90 -8.73 -2.42
C LYS F 156 -28.88 -8.05 -1.06
N ALA F 157 -29.69 -7.02 -0.86
CA ALA F 157 -29.60 -6.24 0.39
C ALA F 157 -30.16 -7.05 1.55
N GLU F 158 -30.79 -8.18 1.26
CA GLU F 158 -31.42 -8.99 2.33
C GLU F 158 -30.51 -10.18 2.63
N ASN F 159 -29.21 -10.06 2.33
CA ASN F 159 -28.24 -11.13 2.60
C ASN F 159 -26.95 -10.49 3.12
N ILE F 160 -27.00 -9.19 3.43
CA ILE F 160 -25.80 -8.49 4.00
C ILE F 160 -26.14 -8.05 5.43
N THR F 161 -25.39 -8.54 6.42
CA THR F 161 -25.65 -8.17 7.84
C THR F 161 -25.43 -6.67 8.02
N ILE F 162 -26.33 -6.00 8.76
CA ILE F 162 -26.21 -4.52 8.96
C ILE F 162 -26.28 -4.21 10.46
N SER F 163 -25.54 -3.21 10.91
CA SER F 163 -25.53 -2.82 12.35
C SER F 163 -26.92 -2.33 12.75
N PRO F 164 -27.39 -2.62 13.99
CA PRO F 164 -28.69 -2.12 14.44
C PRO F 164 -28.74 -0.59 14.28
N ARG F 165 -29.84 -0.08 13.71
CA ARG F 165 -29.95 1.38 13.46
C ARG F 165 -30.04 2.11 14.82
N GLY G 1 -50.75 61.95 -13.75
CA GLY G 1 -49.85 61.89 -14.92
C GLY G 1 -48.90 60.70 -14.83
N LEU G 2 -47.59 60.96 -14.84
CA LEU G 2 -46.58 59.87 -14.75
C LEU G 2 -45.82 60.02 -13.42
N GLU G 3 -46.40 60.75 -12.47
CA GLU G 3 -45.75 60.96 -11.15
C GLU G 3 -45.85 59.67 -10.33
N PRO G 4 -45.25 59.58 -9.12
CA PRO G 4 -45.27 58.35 -8.33
C PRO G 4 -46.69 57.79 -8.27
N TYR G 5 -47.70 58.67 -8.28
CA TYR G 5 -49.11 58.21 -8.19
C TYR G 5 -49.41 57.20 -9.30
N LEU G 6 -49.01 57.52 -10.53
CA LEU G 6 -49.33 56.62 -11.68
C LEU G 6 -48.77 55.23 -11.40
N GLN G 7 -47.49 55.13 -11.01
CA GLN G 7 -46.85 53.81 -10.81
C GLN G 7 -47.42 53.14 -9.55
N VAL G 8 -47.42 53.85 -8.43
CA VAL G 8 -47.90 53.25 -7.14
C VAL G 8 -49.36 52.84 -7.30
N CYS G 9 -50.22 53.76 -7.74
CA CYS G 9 -51.66 53.47 -7.86
C CYS G 9 -51.86 52.22 -8.73
N ALA G 10 -51.29 52.19 -9.93
CA ALA G 10 -51.48 51.05 -10.85
C ALA G 10 -51.09 49.75 -10.17
N GLY G 11 -49.86 49.65 -9.68
CA GLY G 11 -49.42 48.44 -8.96
C GLY G 11 -50.40 48.00 -7.90
N THR G 12 -50.71 48.88 -6.93
CA THR G 12 -51.71 48.57 -5.88
C THR G 12 -52.99 48.05 -6.52
N ALA G 13 -53.58 48.82 -7.44
CA ALA G 13 -54.88 48.42 -8.05
C ALA G 13 -54.76 47.01 -8.65
N THR G 14 -53.80 46.80 -9.55
CA THR G 14 -53.69 45.49 -10.25
C THR G 14 -53.59 44.35 -9.22
N MET G 15 -52.67 44.46 -8.27
CA MET G 15 -52.46 43.35 -7.29
C MET G 15 -53.75 43.12 -6.50
N LEU G 16 -54.37 44.20 -6.00
CA LEU G 16 -55.61 44.06 -5.19
C LEU G 16 -56.69 43.40 -6.04
N ALA G 17 -56.89 43.87 -7.27
CA ALA G 17 -57.95 43.32 -8.15
C ALA G 17 -57.65 41.85 -8.46
N VAL G 18 -56.40 41.54 -8.79
CA VAL G 18 -55.99 40.15 -9.13
C VAL G 18 -56.13 39.28 -7.88
N GLY G 19 -55.97 39.87 -6.70
CA GLY G 19 -56.08 39.12 -5.44
C GLY G 19 -57.47 39.20 -4.84
N ARG G 20 -58.39 39.89 -5.52
CA ARG G 20 -59.77 40.08 -4.99
C ARG G 20 -60.74 39.23 -5.83
N PHE G 21 -60.30 38.74 -6.99
CA PHE G 21 -61.22 38.01 -7.89
C PHE G 21 -60.51 36.84 -8.56
N ALA G 22 -59.18 36.93 -8.72
CA ALA G 22 -58.43 35.87 -9.44
C ALA G 22 -57.83 34.88 -8.45
N PHE G 23 -56.84 35.29 -7.65
CA PHE G 23 -56.16 34.35 -6.74
C PHE G 23 -56.88 34.27 -5.39
N LEU G 24 -57.91 35.11 -5.19
CA LEU G 24 -58.60 35.14 -3.87
C LEU G 24 -59.12 33.73 -3.52
N PRO G 25 -59.85 33.02 -4.42
CA PRO G 25 -60.38 31.70 -4.11
C PRO G 25 -59.23 30.72 -3.84
N LEU G 26 -58.22 30.71 -4.71
CA LEU G 26 -57.04 29.83 -4.53
C LEU G 26 -56.40 30.17 -3.18
N HIS G 27 -56.28 31.47 -2.87
CA HIS G 27 -55.67 31.90 -1.59
C HIS G 27 -56.44 31.27 -0.43
N ARG G 28 -57.77 31.38 -0.46
CA ARG G 28 -58.61 30.82 0.64
C ARG G 28 -58.42 29.30 0.69
N ARG G 29 -58.51 28.63 -0.47
CA ARG G 29 -58.41 27.15 -0.50
C ARG G 29 -57.05 26.73 0.09
N ASP G 30 -55.98 27.41 -0.30
CA ASP G 30 -54.62 27.05 0.18
C ASP G 30 -54.56 27.29 1.69
N LEU G 31 -55.14 28.39 2.18
CA LEU G 31 -55.14 28.69 3.63
C LEU G 31 -55.81 27.53 4.38
N GLU G 32 -56.96 27.06 3.89
CA GLU G 32 -57.71 25.97 4.58
C GLU G 32 -56.84 24.72 4.65
N ARG G 33 -56.69 24.01 3.53
CA ARG G 33 -55.90 22.76 3.51
C ARG G 33 -54.62 22.92 4.34
N SER G 34 -53.93 24.05 4.22
CA SER G 34 -52.64 24.18 4.95
C SER G 34 -52.88 24.18 6.46
N ALA G 35 -53.80 25.01 6.95
CA ALA G 35 -53.97 25.18 8.41
C ALA G 35 -54.89 24.16 9.04
N ALA G 36 -55.75 23.50 8.29
CA ALA G 36 -56.73 22.61 8.95
C ALA G 36 -56.30 21.16 8.76
N THR G 37 -55.91 20.82 7.55
CA THR G 37 -55.59 19.40 7.27
C THR G 37 -54.16 19.08 7.70
N ALA G 38 -53.18 19.23 6.79
CA ALA G 38 -51.79 18.84 7.11
C ALA G 38 -51.34 19.54 8.40
N GLY G 39 -51.52 20.86 8.48
CA GLY G 39 -51.20 21.58 9.73
C GLY G 39 -52.36 21.45 10.69
N PRO G 40 -52.19 21.27 12.01
CA PRO G 40 -53.36 21.20 12.88
C PRO G 40 -53.67 22.56 13.52
N LYS G 41 -54.22 22.54 14.74
CA LYS G 41 -54.50 23.82 15.46
C LYS G 41 -53.40 24.05 16.50
N THR G 42 -52.91 25.28 16.62
CA THR G 42 -51.85 25.61 17.60
C THR G 42 -52.49 26.20 18.87
N THR G 43 -51.67 26.75 19.77
CA THR G 43 -52.20 27.40 21.01
C THR G 43 -53.20 26.47 21.70
N GLY G 44 -52.81 25.22 21.94
CA GLY G 44 -53.69 24.28 22.65
C GLY G 44 -54.48 24.97 23.75
N SER G 45 -53.78 25.49 24.77
CA SER G 45 -54.44 26.24 25.86
C SER G 45 -53.44 26.55 26.99
N THR G 46 -53.87 27.30 28.02
CA THR G 46 -53.03 27.60 29.20
C THR G 46 -52.06 28.75 28.88
N TYR G 47 -51.68 29.53 29.91
CA TYR G 47 -50.71 30.64 29.73
C TYR G 47 -51.34 31.83 29.00
N PHE G 48 -50.64 32.97 28.97
CA PHE G 48 -51.13 34.17 28.24
C PHE G 48 -50.63 34.04 26.79
N ASP G 49 -50.56 32.79 26.29
CA ASP G 49 -50.08 32.54 24.91
C ASP G 49 -51.22 32.81 23.91
N SER G 50 -52.31 33.42 24.38
CA SER G 50 -53.43 33.78 23.46
C SER G 50 -52.89 34.70 22.36
N LEU G 51 -51.70 35.25 22.56
CA LEU G 51 -51.08 36.14 21.55
C LEU G 51 -50.94 35.37 20.23
N GLN G 52 -50.51 34.10 20.32
CA GLN G 52 -50.35 33.25 19.11
C GLN G 52 -51.73 32.87 18.57
N GLN G 53 -52.76 32.93 19.43
CA GLN G 53 -54.15 32.56 19.03
C GLN G 53 -54.67 33.58 18.02
N GLU G 54 -55.47 33.15 17.04
CA GLU G 54 -55.96 34.06 15.98
C GLU G 54 -56.72 35.25 16.59
N ALA G 55 -56.65 36.42 15.94
CA ALA G 55 -57.36 37.63 16.43
C ALA G 55 -58.86 37.52 16.09
N SER G 56 -59.49 38.66 15.77
CA SER G 56 -60.94 38.64 15.41
C SER G 56 -61.25 39.75 14.40
N PHE G 57 -60.72 40.95 14.62
CA PHE G 57 -60.95 42.08 13.68
C PHE G 57 -60.66 41.61 12.26
N ILE G 58 -59.64 40.75 12.08
CA ILE G 58 -59.29 40.25 10.73
C ILE G 58 -60.49 39.47 10.18
N THR G 59 -61.22 38.76 11.04
CA THR G 59 -62.35 37.92 10.58
C THR G 59 -63.66 38.70 10.65
N SER G 60 -63.60 40.01 10.39
CA SER G 60 -64.82 40.87 10.43
C SER G 60 -64.84 41.83 9.23
N THR G 61 -65.16 41.31 8.04
CA THR G 61 -65.24 42.16 6.81
C THR G 61 -66.50 41.81 6.02
N ASN G 62 -67.43 42.76 5.88
CA ASN G 62 -68.67 42.53 5.09
C ASN G 62 -68.29 42.34 3.62
N ASP G 63 -67.13 42.87 3.22
CA ASP G 63 -66.66 42.74 1.81
C ASP G 63 -66.97 41.34 1.29
N PRO G 64 -67.73 41.21 0.18
CA PRO G 64 -68.06 39.90 -0.39
C PRO G 64 -66.78 39.12 -0.73
N ALA G 65 -66.83 37.78 -0.71
CA ALA G 65 -65.63 36.96 -0.96
C ALA G 65 -64.71 37.05 0.27
N GLY G 66 -65.17 37.72 1.33
CA GLY G 66 -64.40 37.82 2.57
C GLY G 66 -63.00 38.39 2.38
N PHE G 67 -62.88 39.51 1.65
CA PHE G 67 -61.55 40.16 1.50
C PHE G 67 -61.21 40.83 2.83
N THR G 68 -60.47 40.14 3.71
CA THR G 68 -60.18 40.67 5.06
C THR G 68 -59.18 41.83 4.99
N LEU G 69 -59.06 42.62 6.06
CA LEU G 69 -58.12 43.77 6.09
C LEU G 69 -56.71 43.25 5.81
N ILE G 70 -56.35 42.09 6.38
CA ILE G 70 -55.00 41.51 6.17
C ILE G 70 -54.81 41.25 4.67
N ASP G 71 -55.86 40.77 3.99
CA ASP G 71 -55.78 40.51 2.53
C ASP G 71 -55.58 41.85 1.79
N THR G 72 -56.31 42.89 2.20
CA THR G 72 -56.18 44.22 1.56
C THR G 72 -54.77 44.75 1.81
N MET G 73 -54.23 44.52 3.01
CA MET G 73 -52.85 44.99 3.35
C MET G 73 -51.83 44.01 2.78
N ALA G 74 -52.29 42.86 2.27
CA ALA G 74 -51.38 41.87 1.68
C ALA G 74 -51.18 42.16 0.19
N TRP G 75 -52.24 42.02 -0.61
CA TRP G 75 -52.17 42.28 -2.06
C TRP G 75 -51.74 43.74 -2.28
N GLY G 76 -52.28 44.66 -1.47
CA GLY G 76 -51.90 46.08 -1.58
C GLY G 76 -50.43 46.27 -1.30
N ALA G 77 -49.89 45.56 -0.30
CA ALA G 77 -48.45 45.64 0.01
C ALA G 77 -47.66 45.13 -1.20
N LEU G 78 -48.07 44.01 -1.78
CA LEU G 78 -47.40 43.48 -2.99
C LEU G 78 -47.47 44.55 -4.09
N GLY G 79 -48.61 45.25 -4.18
CA GLY G 79 -48.79 46.29 -5.20
C GLY G 79 -47.91 47.50 -4.95
N HIS G 80 -47.65 47.84 -3.68
CA HIS G 80 -46.89 49.08 -3.39
C HIS G 80 -45.40 48.81 -3.59
N ALA G 81 -45.01 47.55 -3.77
CA ALA G 81 -43.60 47.18 -4.05
C ALA G 81 -43.40 47.03 -5.56
N LEU G 82 -44.48 46.95 -6.34
CA LEU G 82 -44.36 46.91 -7.82
C LEU G 82 -44.37 48.35 -8.32
N GLY G 83 -45.22 49.17 -7.74
CA GLY G 83 -45.25 50.59 -8.11
C GLY G 83 -43.90 51.21 -7.86
N PHE G 84 -43.22 50.79 -6.78
CA PHE G 84 -41.93 51.42 -6.40
C PHE G 84 -40.74 50.66 -7.02
N ALA G 85 -40.94 49.48 -7.59
CA ALA G 85 -39.85 48.79 -8.32
C ALA G 85 -39.86 49.23 -9.77
N PHE G 86 -41.04 49.55 -10.32
CA PHE G 86 -41.15 50.03 -11.72
C PHE G 86 -40.61 51.46 -11.82
N LEU G 87 -41.12 52.36 -10.96
CA LEU G 87 -40.61 53.76 -10.94
C LEU G 87 -39.10 53.74 -10.67
N ALA G 88 -38.67 53.03 -9.62
CA ALA G 88 -37.24 53.00 -9.25
C ALA G 88 -36.39 52.48 -10.41
N ALA G 89 -36.86 51.40 -11.07
CA ALA G 89 -36.08 50.80 -12.18
C ALA G 89 -35.87 51.84 -13.28
N SER G 90 -36.90 52.63 -13.59
CA SER G 90 -36.78 53.67 -14.64
C SER G 90 -35.85 54.79 -14.15
N SER G 91 -35.76 54.97 -12.83
CA SER G 91 -34.90 56.04 -12.24
C SER G 91 -33.45 55.85 -12.71
N LEU G 92 -32.93 54.63 -12.59
CA LEU G 92 -31.51 54.37 -12.96
C LEU G 92 -31.40 52.99 -13.60
N GLN G 93 -30.52 52.12 -13.09
CA GLN G 93 -30.31 50.76 -13.66
C GLN G 93 -29.72 50.88 -15.07
N ALA H 1 -14.19 62.71 36.73
CA ALA H 1 -14.76 63.96 37.28
C ALA H 1 -13.90 65.15 36.86
N ALA H 2 -13.36 65.12 35.64
CA ALA H 2 -12.50 66.22 35.14
C ALA H 2 -12.50 66.23 33.62
N GLY H 3 -11.96 67.29 33.00
CA GLY H 3 -11.90 67.37 31.53
C GLY H 3 -13.27 67.22 30.91
N SER H 4 -13.43 66.27 29.98
CA SER H 4 -14.74 66.03 29.32
C SER H 4 -15.46 64.87 30.02
N TYR H 5 -15.08 63.64 29.70
CA TYR H 5 -15.72 62.45 30.33
C TYR H 5 -15.50 62.51 31.85
N PRO H 6 -16.57 62.48 32.67
CA PRO H 6 -16.43 62.61 34.12
C PRO H 6 -16.25 61.27 34.84
N PHE H 7 -15.88 60.22 34.10
CA PHE H 7 -15.69 58.88 34.70
C PHE H 7 -14.34 58.30 34.25
N VAL H 8 -13.41 59.15 33.81
CA VAL H 8 -12.05 58.66 33.42
C VAL H 8 -11.34 58.17 34.69
N PRO H 9 -10.93 56.88 34.78
CA PRO H 9 -10.32 56.34 35.99
C PRO H 9 -9.04 57.10 36.38
N PRO H 10 -8.67 57.16 37.67
CA PRO H 10 -7.45 57.85 38.11
C PRO H 10 -6.22 57.01 37.76
N SER H 11 -5.02 57.62 37.81
CA SER H 11 -3.81 56.87 37.40
C SER H 11 -3.52 55.75 38.40
N TRP H 12 -4.07 55.85 39.61
CA TRP H 12 -3.80 54.82 40.66
C TRP H 12 -4.83 53.69 40.57
N ALA H 13 -5.81 53.81 39.67
CA ALA H 13 -6.83 52.75 39.50
C ALA H 13 -6.14 51.42 39.16
N PRO H 14 -5.24 51.36 38.15
CA PRO H 14 -4.52 50.13 37.84
C PRO H 14 -3.74 49.61 39.06
N SER H 15 -3.18 50.51 39.86
CA SER H 15 -2.36 50.10 41.03
C SER H 15 -3.29 49.60 42.15
N VAL H 16 -4.59 49.51 41.88
CA VAL H 16 -5.56 49.02 42.89
C VAL H 16 -6.39 47.89 42.28
N PHE H 17 -7.01 48.15 41.12
CA PHE H 17 -7.88 47.13 40.47
C PHE H 17 -7.07 45.86 40.17
N VAL H 18 -5.89 46.01 39.56
CA VAL H 18 -5.08 44.82 39.16
C VAL H 18 -4.73 44.02 40.42
N PRO H 19 -4.19 44.63 41.50
CA PRO H 19 -3.91 43.90 42.73
C PRO H 19 -5.16 43.22 43.31
N LEU H 20 -6.26 43.97 43.43
CA LEU H 20 -7.51 43.40 44.03
C LEU H 20 -8.00 42.24 43.16
N THR H 21 -8.12 42.46 41.85
CA THR H 21 -8.61 41.40 40.93
C THR H 21 -7.43 40.53 40.51
N GLY H 22 -7.21 39.41 41.21
CA GLY H 22 -6.04 38.55 40.91
C GLY H 22 -5.37 38.08 42.18
N LEU H 23 -5.60 38.79 43.30
CA LEU H 23 -5.01 38.39 44.60
C LEU H 23 -6.12 38.35 45.66
N VAL H 24 -6.74 39.50 45.94
CA VAL H 24 -7.80 39.58 47.00
C VAL H 24 -9.08 38.94 46.49
N LEU H 25 -9.69 39.52 45.44
CA LEU H 25 -10.98 39.01 44.92
C LEU H 25 -10.93 37.48 44.78
N PRO H 26 -9.94 36.89 44.06
CA PRO H 26 -9.91 35.44 43.84
C PRO H 26 -9.91 34.67 45.17
N ALA H 27 -9.12 35.14 46.13
CA ALA H 27 -9.02 34.43 47.44
C ALA H 27 -10.41 34.30 48.04
N ILE H 28 -11.17 35.40 48.05
CA ILE H 28 -12.56 35.38 48.61
C ILE H 28 -13.37 34.34 47.83
N ALA H 29 -13.34 34.40 46.50
CA ALA H 29 -14.13 33.47 45.67
C ALA H 29 -13.73 32.03 45.98
N MET H 30 -12.43 31.72 45.93
CA MET H 30 -11.96 30.33 46.16
C MET H 30 -12.42 29.87 47.55
N ALA H 31 -12.17 30.69 48.57
CA ALA H 31 -12.53 30.31 49.96
C ALA H 31 -14.05 30.12 50.07
N THR H 32 -14.82 31.08 49.57
CA THR H 32 -16.30 31.01 49.67
C THR H 32 -16.79 29.73 48.99
N LEU H 33 -16.32 29.49 47.76
CA LEU H 33 -16.74 28.27 47.00
C LEU H 33 -16.28 27.03 47.78
N PHE H 34 -15.01 27.00 48.18
CA PHE H 34 -14.46 25.84 48.94
C PHE H 34 -15.47 25.43 50.03
N VAL H 35 -15.93 26.40 50.81
CA VAL H 35 -16.88 26.11 51.92
C VAL H 35 -18.18 25.53 51.33
N TYR H 36 -18.72 26.16 50.29
CA TYR H 36 -19.97 25.65 49.65
C TYR H 36 -19.73 24.24 49.10
N ILE H 37 -18.63 24.06 48.36
CA ILE H 37 -18.35 22.73 47.73
C ILE H 37 -18.32 21.67 48.83
N GLU H 38 -17.69 21.98 49.97
CA GLU H 38 -17.57 20.98 51.07
C GLU H 38 -18.78 21.05 51.99
N LYS H 39 -19.64 22.07 51.80
CA LYS H 39 -20.87 22.20 52.62
C LYS H 39 -21.57 20.84 52.72
N ASP H 40 -21.92 20.41 53.93
CA ASP H 40 -22.58 19.09 54.12
C ASP H 40 -24.08 19.22 53.82
N ASN H 41 -24.74 18.11 53.50
CA ASN H 41 -26.19 18.12 53.17
C ASN H 41 -26.94 17.29 54.22
N MET I 1 9.01 -31.87 0.18
CA MET I 1 8.89 -30.76 -0.79
C MET I 1 7.43 -30.29 -0.84
N LYS I 2 6.46 -31.20 -0.73
CA LYS I 2 5.05 -30.74 -0.69
C LYS I 2 4.86 -29.75 0.46
N ASN I 3 5.50 -29.99 1.61
CA ASN I 3 5.31 -29.12 2.78
C ASN I 3 6.27 -27.93 2.72
N PHE I 4 7.39 -28.04 2.00
CA PHE I 4 8.26 -26.85 1.84
C PHE I 4 7.55 -25.88 0.92
N THR I 5 7.00 -26.39 -0.19
CA THR I 5 6.26 -25.54 -1.13
C THR I 5 5.06 -24.91 -0.41
N THR I 6 4.43 -25.64 0.51
CA THR I 6 3.31 -25.08 1.29
C THR I 6 3.81 -23.84 2.05
N TYR I 7 4.98 -23.95 2.69
CA TYR I 7 5.56 -22.80 3.44
C TYR I 7 5.84 -21.65 2.49
N LEU I 8 6.41 -21.94 1.31
CA LEU I 8 6.76 -20.88 0.33
C LEU I 8 5.49 -20.26 -0.23
N SER I 9 4.32 -20.81 0.11
CA SER I 9 3.03 -20.27 -0.36
C SER I 9 2.41 -19.38 0.71
N THR I 10 2.89 -19.43 1.96
CA THR I 10 2.24 -18.67 3.07
C THR I 10 2.24 -17.18 2.70
N ALA I 11 1.29 -16.42 3.25
CA ALA I 11 1.15 -14.99 2.90
C ALA I 11 2.49 -14.24 2.97
N PRO I 12 3.24 -14.27 4.10
CA PRO I 12 4.47 -13.48 4.21
C PRO I 12 5.45 -13.78 3.07
N VAL I 13 5.60 -15.06 2.71
CA VAL I 13 6.57 -15.46 1.64
C VAL I 13 6.05 -14.97 0.28
N VAL I 14 4.78 -15.23 -0.03
CA VAL I 14 4.22 -14.85 -1.36
C VAL I 14 4.30 -13.34 -1.53
N ALA I 15 3.92 -12.57 -0.50
CA ALA I 15 3.96 -11.09 -0.58
C ALA I 15 5.40 -10.64 -0.82
N LEU I 16 6.35 -11.24 -0.09
CA LEU I 16 7.79 -10.88 -0.24
C LEU I 16 8.19 -11.09 -1.71
N ALA I 17 7.76 -12.20 -2.30
CA ALA I 17 8.10 -12.50 -3.71
C ALA I 17 7.40 -11.50 -4.64
N TRP I 18 6.07 -11.47 -4.60
CA TRP I 18 5.30 -10.58 -5.52
C TRP I 18 5.91 -9.17 -5.51
N PHE I 19 6.08 -8.58 -4.32
CA PHE I 19 6.60 -7.20 -4.21
C PHE I 19 8.00 -7.09 -4.83
N THR I 20 8.89 -8.05 -4.51
CA THR I 20 10.27 -7.98 -5.03
C THR I 20 10.22 -7.91 -6.56
N VAL I 21 9.41 -8.76 -7.19
CA VAL I 21 9.29 -8.77 -8.68
C VAL I 21 8.76 -7.41 -9.14
N THR I 22 7.68 -6.92 -8.52
CA THR I 22 7.07 -5.63 -8.93
C THR I 22 8.10 -4.52 -8.75
N ALA I 23 8.76 -4.47 -7.59
CA ALA I 23 9.76 -3.42 -7.33
C ALA I 23 10.86 -3.50 -8.39
N ALA I 24 11.43 -4.69 -8.60
CA ALA I 24 12.54 -4.85 -9.56
C ALA I 24 12.07 -4.39 -10.95
N LEU I 25 10.83 -4.72 -11.32
CA LEU I 25 10.31 -4.35 -12.66
C LEU I 25 10.36 -2.83 -12.80
N LEU I 26 9.80 -2.11 -11.83
CA LEU I 26 9.80 -0.62 -11.88
C LEU I 26 11.24 -0.11 -11.93
N ILE I 27 12.11 -0.65 -11.07
CA ILE I 27 13.54 -0.23 -11.04
C ILE I 27 14.15 -0.45 -12.43
N GLU I 28 13.96 -1.64 -13.00
CA GLU I 28 14.57 -1.96 -14.33
C GLU I 28 13.97 -1.04 -15.39
N ILE I 29 12.66 -0.75 -15.31
CA ILE I 29 12.00 0.11 -16.32
C ILE I 29 12.68 1.48 -16.32
N ASN I 30 12.86 2.08 -15.14
CA ASN I 30 13.51 3.42 -15.03
C ASN I 30 14.99 3.28 -15.41
N ARG I 31 15.58 2.10 -15.19
CA ARG I 31 17.01 1.87 -15.50
C ARG I 31 17.23 2.04 -17.02
N PHE I 32 16.29 1.57 -17.84
CA PHE I 32 16.45 1.62 -19.31
C PHE I 32 15.70 2.84 -19.86
N PHE I 33 14.54 3.17 -19.29
CA PHE I 33 13.75 4.36 -19.71
C PHE I 33 13.71 5.37 -18.56
N PRO I 34 14.80 6.13 -18.27
CA PRO I 34 14.79 7.00 -17.11
C PRO I 34 14.00 8.30 -17.25
N ASP I 35 13.72 8.97 -16.12
CA ASP I 35 12.99 10.28 -16.14
C ASP I 35 11.68 10.16 -16.90
N PRO I 36 10.74 9.25 -16.51
CA PRO I 36 9.44 9.12 -17.17
C PRO I 36 8.38 10.07 -16.59
N LEU I 37 8.50 11.36 -16.86
CA LEU I 37 7.54 12.36 -16.28
C LEU I 37 6.22 12.33 -17.05
N VAL I 38 6.28 12.24 -18.38
CA VAL I 38 5.03 12.29 -19.20
C VAL I 38 4.99 11.08 -20.15
N PHE I 39 3.78 10.71 -20.60
CA PHE I 39 3.63 9.54 -21.51
C PHE I 39 3.96 9.96 -22.94
N SER I 40 4.33 11.23 -23.14
CA SER I 40 4.66 11.73 -24.49
C SER I 40 3.54 11.36 -25.48
N ARG J 1 61.62 -18.75 35.59
CA ARG J 1 62.73 -19.72 35.70
C ARG J 1 63.49 -19.76 34.38
N ALA J 2 64.63 -19.07 34.28
CA ALA J 2 65.44 -19.05 33.04
C ALA J 2 66.79 -18.38 33.31
N ASP J 3 67.72 -18.46 32.35
CA ASP J 3 69.03 -17.78 32.48
C ASP J 3 69.70 -18.20 33.79
N GLY J 4 69.49 -19.45 34.22
CA GLY J 4 70.09 -19.94 35.47
C GLY J 4 69.91 -18.96 36.61
N PHE J 5 68.69 -18.43 36.77
CA PHE J 5 68.39 -17.49 37.89
C PHE J 5 68.42 -18.26 39.21
N ILE J 6 68.54 -19.59 39.14
CA ILE J 6 68.54 -20.43 40.37
C ILE J 6 69.50 -19.82 41.39
N GLY J 7 69.04 -19.66 42.64
CA GLY J 7 69.88 -19.04 43.69
C GLY J 7 69.53 -17.57 43.88
N SER J 8 68.97 -16.93 42.84
CA SER J 8 68.60 -15.50 42.92
C SER J 8 67.51 -15.31 43.99
N THR J 9 67.47 -14.15 44.63
CA THR J 9 66.43 -13.86 45.65
C THR J 9 65.06 -14.23 45.08
N THR J 10 64.80 -13.88 43.82
CA THR J 10 63.50 -14.18 43.18
C THR J 10 63.26 -15.69 43.24
N ASN J 11 64.26 -16.49 42.87
CA ASN J 11 64.12 -17.97 42.91
C ASN J 11 63.79 -18.39 44.34
N LEU J 12 64.56 -17.91 45.32
CA LEU J 12 64.35 -18.29 46.74
C LEU J 12 62.94 -17.88 47.16
N ILE J 13 62.54 -16.65 46.87
CA ILE J 13 61.20 -16.14 47.31
C ILE J 13 60.11 -17.02 46.70
N MET J 14 60.18 -17.27 45.39
CA MET J 14 59.12 -18.05 44.71
C MET J 14 59.07 -19.46 45.30
N VAL J 15 60.23 -20.10 45.46
CA VAL J 15 60.28 -21.49 46.01
C VAL J 15 59.69 -21.46 47.41
N ALA J 16 60.12 -20.51 48.25
CA ALA J 16 59.63 -20.44 49.64
C ALA J 16 58.10 -20.25 49.63
N SER J 17 57.61 -19.33 48.80
CA SER J 17 56.15 -19.04 48.76
C SER J 17 55.39 -20.32 48.35
N THR J 18 55.81 -20.97 47.26
CA THR J 18 55.09 -22.17 46.78
C THR J 18 55.11 -23.25 47.86
N ALA J 19 56.27 -23.47 48.48
CA ALA J 19 56.38 -24.53 49.52
C ALA J 19 55.57 -24.16 50.75
N ALA J 20 55.73 -22.93 51.25
CA ALA J 20 55.02 -22.51 52.48
C ALA J 20 53.52 -22.66 52.28
N PHE J 21 53.05 -22.58 51.04
CA PHE J 21 51.60 -22.66 50.75
C PHE J 21 51.17 -24.09 50.45
N LEU J 22 52.09 -24.96 50.05
CA LEU J 22 51.71 -26.38 49.85
C LEU J 22 51.74 -27.06 51.22
N ALA J 23 52.63 -26.61 52.10
CA ALA J 23 52.70 -27.15 53.47
C ALA J 23 51.68 -26.44 54.36
N ALA J 24 50.78 -25.65 53.79
CA ALA J 24 49.71 -25.03 54.59
C ALA J 24 48.42 -25.77 54.29
N GLY J 25 48.46 -26.70 53.34
CA GLY J 25 47.28 -27.52 53.01
C GLY J 25 47.53 -28.97 53.36
N LYS J 26 48.74 -29.46 53.11
CA LYS J 26 49.11 -30.85 53.49
C LYS J 26 49.12 -30.96 55.01
N PHE J 27 49.26 -29.83 55.71
CA PHE J 27 49.38 -29.86 57.20
C PHE J 27 48.11 -29.27 57.83
N GLY J 28 47.00 -29.24 57.10
CA GLY J 28 45.71 -28.78 57.66
C GLY J 28 45.74 -27.41 58.31
N LEU J 29 46.40 -26.44 57.69
CA LEU J 29 46.38 -25.06 58.21
C LEU J 29 45.60 -24.19 57.23
N ALA J 30 44.71 -24.78 56.42
CA ALA J 30 43.93 -24.05 55.41
C ALA J 30 42.95 -24.96 54.68
N PRO J 31 41.91 -24.41 54.01
CA PRO J 31 40.93 -25.23 53.31
C PRO J 31 41.54 -26.16 52.26
N THR J 32 40.98 -27.36 52.06
CA THR J 32 41.50 -28.32 51.07
C THR J 32 40.37 -29.21 50.56
N VAL J 33 40.55 -29.90 49.44
CA VAL J 33 39.51 -30.87 49.01
C VAL J 33 39.24 -31.73 50.24
N LYS J 34 38.08 -31.60 50.86
CA LYS J 34 37.80 -32.30 52.16
C LYS J 34 38.41 -31.42 53.25
N ARG J 35 37.68 -31.16 54.33
CA ARG J 35 38.16 -30.21 55.38
C ARG J 35 38.11 -28.80 54.78
N GLY J 36 36.92 -28.37 54.34
CA GLY J 36 36.77 -27.05 53.70
C GLY J 36 36.84 -25.92 54.71
N THR J 37 35.73 -25.19 54.90
CA THR J 37 35.69 -24.07 55.88
C THR J 37 34.24 -23.77 56.27
N ASP J 38 33.98 -22.55 56.75
CA ASP J 38 32.62 -22.19 57.22
C ASP J 38 32.41 -20.67 57.12
N ALA J 39 31.28 -20.16 57.59
CA ALA J 39 31.01 -18.70 57.57
C ALA J 39 31.83 -18.03 58.67
N ALA J 40 32.63 -18.80 59.41
CA ALA J 40 33.50 -18.22 60.45
C ALA J 40 34.95 -18.62 60.18
N CYS J 41 35.25 -19.01 58.94
CA CYS J 41 36.63 -19.39 58.55
C CYS J 41 37.13 -20.56 59.40
N LYS J 42 36.28 -21.56 59.64
CA LYS J 42 36.71 -22.78 60.38
C LYS J 42 36.51 -23.99 59.48
N LEU J 43 37.54 -24.83 59.32
CA LEU J 43 37.45 -26.01 58.42
C LEU J 43 36.37 -26.96 58.96
N VAL J 44 35.24 -27.08 58.26
CA VAL J 44 34.13 -27.95 58.73
C VAL J 44 34.07 -29.19 57.82
N ASP J 45 35.17 -29.50 57.14
CA ASP J 45 35.23 -30.70 56.25
C ASP J 45 34.35 -30.45 55.03
N ARG J 46 34.38 -31.37 54.05
CA ARG J 46 33.58 -31.21 52.82
C ARG J 46 33.49 -32.52 52.05
N PRO J 47 32.36 -32.87 51.37
CA PRO J 47 32.33 -34.03 50.49
C PRO J 47 32.61 -33.61 49.04
N ASN J 48 33.69 -34.12 48.43
CA ASN J 48 33.93 -33.82 46.99
C ASN J 48 33.03 -34.75 46.17
N ALA J 49 32.45 -34.23 45.06
CA ALA J 49 31.47 -35.01 44.25
C ALA J 49 32.15 -36.00 43.30
N ALA J 50 33.39 -35.75 42.91
CA ALA J 50 34.12 -36.72 42.07
C ALA J 50 34.67 -37.84 42.93
N GLY J 51 34.86 -37.59 44.24
CA GLY J 51 35.47 -38.62 45.11
C GLY J 51 36.90 -38.89 44.68
N LEU J 52 37.73 -37.84 44.65
CA LEU J 52 39.13 -38.00 44.19
C LEU J 52 39.84 -39.07 45.04
N ILE J 53 40.58 -39.96 44.39
CA ILE J 53 41.32 -41.04 45.13
C ILE J 53 42.79 -40.63 45.22
N SER J 54 43.27 -40.33 46.44
CA SER J 54 44.68 -39.89 46.63
C SER J 54 45.47 -40.96 47.40
N ASN J 55 46.74 -41.16 47.06
CA ASN J 55 47.59 -42.14 47.77
C ASN J 55 48.29 -41.41 48.92
N ASP J 56 48.37 -40.08 48.84
CA ASP J 56 49.02 -39.28 49.90
C ASP J 56 48.39 -39.65 51.25
N PRO J 57 49.18 -39.88 52.31
CA PRO J 57 48.63 -40.32 53.60
C PRO J 57 47.56 -39.34 54.12
N SER J 58 47.84 -38.03 54.03
CA SER J 58 46.89 -37.01 54.54
C SER J 58 45.69 -36.88 53.59
N GLY J 59 45.80 -37.44 52.38
CA GLY J 59 44.70 -37.36 51.40
C GLY J 59 44.85 -36.17 50.47
N PHE J 60 45.98 -35.48 50.52
CA PHE J 60 46.23 -34.33 49.60
C PHE J 60 46.04 -34.81 48.16
N THR J 61 45.13 -34.18 47.41
CA THR J 61 44.84 -34.64 46.03
C THR J 61 45.49 -33.71 45.01
N ALA J 62 45.66 -34.17 43.77
CA ALA J 62 46.22 -33.30 42.72
C ALA J 62 45.46 -31.97 42.67
N VAL J 63 44.13 -32.00 42.73
CA VAL J 63 43.35 -30.74 42.80
C VAL J 63 43.99 -29.81 43.83
N ASP J 64 44.46 -30.33 44.97
CA ASP J 64 44.99 -29.47 46.04
C ASP J 64 46.47 -29.13 45.83
N THR J 65 47.21 -29.88 45.00
CA THR J 65 48.62 -29.51 44.72
C THR J 65 48.69 -28.46 43.61
N LEU J 66 47.62 -28.31 42.83
CA LEU J 66 47.56 -27.29 41.78
C LEU J 66 46.74 -26.09 42.27
N ALA J 67 46.21 -26.13 43.49
CA ALA J 67 45.37 -25.05 44.04
C ALA J 67 46.08 -24.33 45.17
N PHE J 68 47.12 -24.94 45.75
CA PHE J 68 47.91 -24.25 46.80
C PHE J 68 49.20 -23.70 46.19
N GLY J 69 49.82 -24.46 45.29
CA GLY J 69 51.04 -23.98 44.61
C GLY J 69 50.72 -22.73 43.78
N ALA J 70 49.54 -22.70 43.16
CA ALA J 70 49.12 -21.52 42.37
C ALA J 70 49.07 -20.30 43.30
N LEU J 71 48.51 -20.47 44.51
CA LEU J 71 48.47 -19.36 45.49
C LEU J 71 49.89 -18.91 45.80
N GLY J 72 50.79 -19.87 46.05
CA GLY J 72 52.20 -19.54 46.32
C GLY J 72 52.81 -18.77 45.16
N HIS J 73 52.49 -19.17 43.92
CA HIS J 73 53.04 -18.49 42.73
C HIS J 73 52.56 -17.04 42.68
N ILE J 74 51.26 -16.82 42.91
CA ILE J 74 50.71 -15.43 42.91
C ILE J 74 51.34 -14.66 44.07
N ALA J 75 51.42 -15.28 45.26
CA ALA J 75 52.00 -14.61 46.44
C ALA J 75 53.47 -14.25 46.14
N GLY J 76 54.24 -15.22 45.63
CA GLY J 76 55.65 -14.96 45.29
C GLY J 76 55.78 -13.80 44.32
N VAL J 77 54.99 -13.80 43.25
CA VAL J 77 55.05 -12.72 42.23
C VAL J 77 54.77 -11.38 42.93
N GLY J 78 53.71 -11.33 43.74
CA GLY J 78 53.38 -10.09 44.47
C GLY J 78 54.53 -9.63 45.35
N ILE J 79 55.13 -10.56 46.09
CA ILE J 79 56.27 -10.22 47.00
C ILE J 79 57.48 -9.83 46.16
N VAL J 80 57.81 -10.62 45.13
CA VAL J 80 59.03 -10.33 44.32
C VAL J 80 58.91 -8.92 43.75
N LEU J 81 57.80 -8.63 43.04
CA LEU J 81 57.62 -7.31 42.41
C LEU J 81 57.55 -6.22 43.48
N GLY J 82 56.89 -6.52 44.62
CA GLY J 82 56.76 -5.52 45.70
C GLY J 82 58.11 -5.14 46.28
N LEU J 83 58.93 -6.14 46.63
CA LEU J 83 60.29 -5.87 47.18
C LEU J 83 61.11 -5.23 46.07
N ARG J 84 60.92 -5.71 44.84
CA ARG J 84 61.68 -5.16 43.67
C ARG J 84 61.35 -3.67 43.53
N ALA J 85 60.06 -3.32 43.61
CA ALA J 85 59.64 -1.90 43.50
C ALA J 85 60.26 -1.12 44.66
N THR J 86 60.26 -1.71 45.86
CA THR J 86 60.88 -1.05 47.04
C THR J 86 62.40 -1.31 47.01
N GLY J 87 63.11 -0.96 48.08
CA GLY J 87 64.56 -1.23 48.15
C GLY J 87 64.83 -2.62 48.68
N ASN J 88 63.78 -3.33 49.12
CA ASN J 88 63.95 -4.68 49.71
C ASN J 88 64.60 -5.60 48.67
N LEU J 89 64.23 -5.43 47.40
CA LEU J 89 64.84 -6.26 46.31
C LEU J 89 65.08 -5.37 45.09
N MET K 1 1.28 0.00 60.81
CA MET K 1 1.53 -0.75 59.55
C MET K 1 3.03 -1.08 59.46
N LEU K 2 3.44 -2.22 60.01
CA LEU K 2 4.89 -2.59 60.04
C LEU K 2 5.61 -1.66 61.02
N GLU K 3 5.72 -2.07 62.29
CA GLU K 3 6.38 -1.25 63.33
C GLU K 3 7.88 -1.27 63.07
N THR K 4 8.42 -0.21 62.47
CA THR K 4 9.86 -0.20 62.08
C THR K 4 10.73 0.39 63.18
N PRO K 5 12.07 0.11 63.27
CA PRO K 5 12.91 0.78 64.25
C PRO K 5 12.66 2.29 64.27
N VAL K 6 12.48 2.91 63.09
CA VAL K 6 12.23 4.39 63.00
C VAL K 6 10.88 4.72 63.66
N THR K 7 9.77 4.21 63.12
CA THR K 7 8.42 4.55 63.66
C THR K 7 8.14 3.76 64.95
N SER K 8 9.05 3.79 65.93
CA SER K 8 8.82 3.10 67.23
C SER K 8 9.85 3.52 68.28
N THR K 9 11.10 3.82 67.87
CA THR K 9 12.16 4.29 68.81
C THR K 9 11.49 5.15 69.87
N PRO K 10 11.43 4.72 71.15
CA PRO K 10 10.68 5.47 72.16
C PRO K 10 11.16 6.92 72.20
N GLU K 11 12.44 7.19 71.92
CA GLU K 11 12.92 8.60 71.86
C GLU K 11 12.09 9.39 70.85
N VAL K 12 11.88 8.86 69.65
CA VAL K 12 11.17 9.65 68.59
C VAL K 12 9.67 9.60 68.84
N ALA K 13 9.14 8.56 69.49
CA ALA K 13 7.69 8.56 69.83
C ALA K 13 7.46 9.50 71.02
N SER K 14 8.53 9.98 71.65
CA SER K 14 8.40 10.93 72.78
C SER K 14 8.66 12.33 72.26
N TYR K 15 9.62 12.52 71.35
CA TYR K 15 9.85 13.84 70.73
C TYR K 15 8.54 14.34 70.14
N LEU K 16 7.85 13.45 69.42
CA LEU K 16 6.58 13.82 68.77
C LEU K 16 5.56 14.24 69.82
N SER K 17 5.57 13.62 71.01
CA SER K 17 4.52 13.90 72.02
C SER K 17 4.81 15.17 72.82
N ASN K 18 5.92 15.84 72.58
CA ASN K 18 6.17 17.14 73.25
C ASN K 18 5.96 18.27 72.26
N LEU K 19 5.80 17.96 70.97
CA LEU K 19 5.52 19.00 69.95
C LEU K 19 4.13 19.56 70.25
N PRO K 20 3.92 20.90 70.22
CA PRO K 20 2.63 21.51 70.52
C PRO K 20 1.49 21.18 69.58
N ALA K 21 1.27 19.91 69.27
CA ALA K 21 0.13 19.47 68.42
C ALA K 21 -0.29 18.10 68.96
N TYR K 22 0.68 17.32 69.39
CA TYR K 22 0.41 16.00 70.01
C TYR K 22 0.36 16.20 71.53
N ARG K 23 0.66 17.41 71.98
CA ARG K 23 0.57 17.72 73.42
C ARG K 23 -0.87 18.07 73.75
N THR K 24 -1.78 17.11 73.59
CA THR K 24 -3.21 17.33 73.99
C THR K 24 -3.25 17.64 75.49
N GLY K 25 -3.99 18.66 75.89
CA GLY K 25 -4.00 19.10 77.30
C GLY K 25 -3.80 20.60 77.32
N VAL K 26 -2.81 21.10 76.59
CA VAL K 26 -2.60 22.56 76.44
C VAL K 26 -3.80 23.10 75.65
N ALA K 27 -4.36 24.24 76.07
CA ALA K 27 -5.56 24.80 75.43
C ALA K 27 -5.29 25.03 73.95
N PRO K 28 -6.18 24.65 73.02
CA PRO K 28 -5.88 24.78 71.60
C PRO K 28 -5.28 26.16 71.22
N LEU K 29 -5.66 27.26 71.85
CA LEU K 29 -5.03 28.56 71.50
C LEU K 29 -3.54 28.52 71.83
N LEU K 30 -3.17 28.00 73.00
CA LEU K 30 -1.75 27.98 73.44
C LEU K 30 -1.00 26.93 72.62
N ARG K 31 -1.72 25.99 72.02
CA ARG K 31 -1.09 25.01 71.12
C ARG K 31 -1.07 25.62 69.72
N GLY K 32 -1.54 26.86 69.58
CA GLY K 32 -1.51 27.56 68.29
C GLY K 32 -0.45 28.64 68.30
N VAL K 33 -0.28 29.32 69.43
CA VAL K 33 0.76 30.38 69.55
C VAL K 33 2.14 29.71 69.46
N GLU K 34 2.28 28.55 70.10
CA GLU K 34 3.54 27.77 70.04
C GLU K 34 3.85 27.45 68.56
N ILE K 35 2.97 26.68 67.92
CA ILE K 35 3.18 26.29 66.49
C ILE K 35 3.32 27.54 65.63
N GLY K 36 2.49 28.56 65.88
CA GLY K 36 2.52 29.78 65.06
C GLY K 36 3.89 30.44 65.07
N ARG K 37 4.45 30.66 66.27
CA ARG K 37 5.76 31.34 66.38
C ARG K 37 6.83 30.46 65.70
N ALA K 38 6.79 29.16 65.94
CA ALA K 38 7.82 28.25 65.37
C ALA K 38 7.81 28.34 63.85
N HIS K 39 6.62 28.22 63.24
CA HIS K 39 6.50 28.26 61.75
C HIS K 39 6.63 29.70 61.25
N GLY K 40 6.47 30.69 62.14
CA GLY K 40 6.47 32.10 61.70
C GLY K 40 7.87 32.71 61.72
N PHE K 41 8.69 32.39 62.72
CA PHE K 41 10.02 33.03 62.85
C PHE K 41 10.93 32.64 61.70
N PHE K 42 10.88 31.38 61.25
CA PHE K 42 11.81 30.91 60.19
C PHE K 42 11.31 31.36 58.81
N LEU K 43 10.05 31.76 58.72
CA LEU K 43 9.46 32.14 57.39
C LEU K 43 10.24 33.32 56.79
N PRO K 44 10.49 34.43 57.51
CA PRO K 44 11.17 35.59 56.93
C PRO K 44 12.45 35.18 56.19
N GLY K 45 13.23 34.27 56.77
CA GLY K 45 14.50 33.84 56.14
C GLY K 45 14.45 33.80 54.63
N PRO K 46 13.82 32.79 53.96
CA PRO K 46 13.86 32.70 52.51
C PRO K 46 13.60 33.98 51.71
N PHE K 47 12.80 34.88 52.25
CA PHE K 47 12.43 36.14 51.55
C PHE K 47 13.50 37.20 51.74
N ILE K 48 14.18 37.20 52.89
CA ILE K 48 15.20 38.23 53.20
C ILE K 48 16.44 37.99 52.34
N LYS K 49 16.87 36.74 52.16
CA LYS K 49 18.17 36.49 51.50
C LYS K 49 18.03 36.21 50.01
N LEU K 50 16.88 35.72 49.55
CA LEU K 50 16.75 35.34 48.11
C LEU K 50 15.57 36.03 47.44
N GLY K 51 14.96 37.03 48.05
CA GLY K 51 13.76 37.69 47.50
C GLY K 51 14.05 38.75 46.46
N PRO K 52 13.03 39.45 45.93
CA PRO K 52 13.24 40.40 44.84
C PRO K 52 14.22 41.49 45.22
N LEU K 53 14.02 42.13 46.37
CA LEU K 53 14.93 43.19 46.86
C LEU K 53 15.85 42.56 47.92
N ARG K 54 16.70 41.61 47.51
CA ARG K 54 17.62 40.94 48.45
C ARG K 54 18.95 41.65 48.42
N ASN K 55 19.22 42.38 47.34
CA ASN K 55 20.53 43.05 47.17
C ASN K 55 20.34 44.57 47.30
N VAL K 56 19.21 45.03 47.86
CA VAL K 56 19.03 46.48 48.14
C VAL K 56 19.50 46.75 49.56
N GLU K 57 19.81 47.99 49.91
CA GLU K 57 20.39 48.28 51.24
C GLU K 57 19.30 48.60 52.26
N GLY K 58 19.26 47.86 53.37
CA GLY K 58 18.30 48.17 54.45
C GLY K 58 16.90 47.68 54.16
N ALA K 59 16.44 47.82 52.93
CA ALA K 59 15.06 47.43 52.58
C ALA K 59 15.03 45.97 52.13
N ALA K 60 16.01 45.18 52.52
CA ALA K 60 16.03 43.75 52.17
C ALA K 60 15.47 42.93 53.33
N GLU K 61 15.45 43.51 54.53
CA GLU K 61 14.94 42.80 55.73
C GLU K 61 13.54 43.29 56.03
N ILE K 62 13.25 44.57 55.83
CA ILE K 62 11.86 45.06 56.01
C ILE K 62 11.03 44.32 54.98
N ALA K 63 11.54 44.15 53.77
CA ALA K 63 10.73 43.54 52.68
C ALA K 63 10.56 42.05 52.89
N GLY K 64 11.52 41.40 53.54
CA GLY K 64 11.39 39.98 53.84
C GLY K 64 10.33 39.74 54.89
N CYS K 65 10.34 40.52 55.96
CA CYS K 65 9.38 40.32 57.07
C CYS K 65 8.00 40.83 56.66
N LEU K 66 7.94 41.83 55.77
CA LEU K 66 6.61 42.28 55.26
C LEU K 66 6.01 41.13 54.42
N SER K 67 6.81 40.56 53.51
CA SER K 67 6.32 39.44 52.67
C SER K 67 5.92 38.27 53.56
N ALA K 68 6.77 37.89 54.53
CA ALA K 68 6.45 36.79 55.45
C ALA K 68 5.09 37.05 56.09
N ALA K 69 4.91 38.23 56.68
CA ALA K 69 3.63 38.58 57.33
C ALA K 69 2.52 38.27 56.34
N GLY K 70 2.67 38.69 55.08
CA GLY K 70 1.67 38.40 54.05
C GLY K 70 1.30 36.92 54.02
N LEU K 71 2.30 36.05 53.81
CA LEU K 71 2.04 34.60 53.72
C LEU K 71 1.40 34.12 55.03
N VAL K 72 1.95 34.54 56.18
CA VAL K 72 1.36 34.17 57.50
C VAL K 72 -0.15 34.41 57.42
N ILE K 73 -0.57 35.59 56.98
CA ILE K 73 -2.02 35.93 56.92
C ILE K 73 -2.70 34.97 55.95
N ILE K 74 -2.08 34.69 54.80
CA ILE K 74 -2.66 33.74 53.81
C ILE K 74 -2.82 32.38 54.48
N LEU K 75 -1.80 31.91 55.20
CA LEU K 75 -1.86 30.60 55.90
C LEU K 75 -3.05 30.60 56.85
N ALA K 76 -3.31 31.73 57.52
CA ALA K 76 -4.41 31.81 58.50
C ALA K 76 -5.75 31.54 57.79
N ALA K 77 -6.01 32.22 56.66
CA ALA K 77 -7.31 32.07 55.97
C ALA K 77 -7.53 30.59 55.59
N ALA K 78 -6.49 29.93 55.08
CA ALA K 78 -6.60 28.50 54.70
C ALA K 78 -6.95 27.68 55.94
N LEU K 79 -6.29 27.96 57.07
CA LEU K 79 -6.60 27.24 58.33
C LEU K 79 -8.08 27.45 58.67
N SER K 80 -8.58 28.68 58.56
CA SER K 80 -9.99 28.97 58.93
C SER K 80 -10.94 28.18 58.03
N ILE K 81 -10.86 28.39 56.72
CA ILE K 81 -11.80 27.72 55.77
C ILE K 81 -11.71 26.20 55.95
N TYR K 82 -10.54 25.69 56.32
CA TYR K 82 -10.36 24.23 56.52
C TYR K 82 -11.33 23.77 57.63
N GLY K 83 -11.31 24.47 58.76
CA GLY K 83 -12.21 24.11 59.88
C GLY K 83 -13.66 24.22 59.48
N SER K 84 -14.00 25.26 58.71
CA SER K 84 -15.39 25.45 58.23
C SER K 84 -15.79 24.30 57.31
N ALA K 85 -14.83 23.79 56.52
CA ALA K 85 -15.14 22.72 55.54
C ALA K 85 -14.76 21.35 56.11
N MET K 86 -14.43 21.28 57.40
CA MET K 86 -14.09 19.97 58.03
C MET K 86 -14.93 19.78 59.30
N PHE K 87 -15.38 20.88 59.90
CA PHE K 87 -16.15 20.80 61.16
C PHE K 87 -17.59 21.28 60.92
N GLN K 88 -18.16 20.93 59.77
CA GLN K 88 -19.57 21.29 59.49
C GLN K 88 -20.43 20.74 60.63
N GLY K 89 -20.13 19.52 61.09
CA GLY K 89 -20.85 18.93 62.24
C GLY K 89 -20.01 19.05 63.49
N GLU K 90 -19.07 19.99 63.53
CA GLU K 90 -18.17 20.18 64.70
C GLU K 90 -17.72 18.82 65.24
N PRO K 91 -17.08 17.96 64.43
CA PRO K 91 -16.58 16.66 64.91
C PRO K 91 -15.88 16.81 66.27
N ARG K 92 -12.04 13.67 70.37
CA ARG K 92 -11.31 13.79 71.65
C ARG K 92 -10.46 15.06 71.62
N ASP K 93 -9.27 15.01 71.02
CA ASP K 93 -8.39 16.20 70.91
C ASP K 93 -9.27 17.39 70.55
N PRO K 94 -9.47 18.43 71.41
CA PRO K 94 -10.38 19.50 71.04
C PRO K 94 -9.84 20.25 69.81
N LEU K 95 -8.53 20.18 69.53
CA LEU K 95 -8.00 20.80 68.29
C LEU K 95 -8.78 20.24 67.10
N GLN K 96 -9.08 18.94 67.11
CA GLN K 96 -9.86 18.30 66.03
C GLN K 96 -11.36 18.53 66.28
N SER K 97 -11.74 19.76 66.62
CA SER K 97 -13.18 20.12 66.80
C SER K 97 -13.41 21.50 66.17
N ALA K 98 -14.67 21.90 65.98
CA ALA K 98 -14.96 23.19 65.30
C ALA K 98 -14.35 24.34 66.10
N GLU K 99 -14.68 24.46 67.38
CA GLU K 99 -14.16 25.57 68.22
C GLU K 99 -12.65 25.38 68.40
N GLY K 100 -12.21 24.13 68.60
CA GLY K 100 -10.77 23.85 68.78
C GLY K 100 -9.94 24.45 67.65
N TRP K 101 -10.37 24.24 66.40
CA TRP K 101 -9.61 24.76 65.25
C TRP K 101 -9.68 26.27 65.21
N ASN K 102 -10.84 26.88 65.48
CA ASN K 102 -11.01 28.35 65.41
C ASN K 102 -10.10 29.03 66.44
N GLU K 103 -9.79 28.34 67.53
CA GLU K 103 -8.86 28.89 68.55
C GLU K 103 -7.42 28.52 68.17
N PHE K 104 -7.19 27.38 67.53
CA PHE K 104 -5.83 27.06 67.05
C PHE K 104 -5.45 28.07 65.97
N THR K 105 -6.32 28.26 64.97
CA THR K 105 -6.03 29.23 63.88
C THR K 105 -5.65 30.56 64.50
N SER K 106 -6.43 31.08 65.45
CA SER K 106 -6.17 32.42 66.02
C SER K 106 -4.83 32.45 66.74
N GLY K 107 -4.53 31.41 67.52
CA GLY K 107 -3.23 31.31 68.21
C GLY K 107 -2.09 31.34 67.19
N PHE K 108 -2.27 30.66 66.06
CA PHE K 108 -1.23 30.62 65.00
C PHE K 108 -1.05 32.03 64.40
N THR K 109 -2.14 32.70 64.08
CA THR K 109 -2.07 34.03 63.41
C THR K 109 -1.38 35.05 64.33
N VAL K 110 -1.55 34.90 65.65
CA VAL K 110 -1.01 35.91 66.61
C VAL K 110 0.38 35.46 67.07
N GLY K 111 0.73 34.21 66.81
CA GLY K 111 2.05 33.71 67.20
C GLY K 111 3.00 33.80 66.04
N ALA K 112 2.52 33.55 64.84
CA ALA K 112 3.39 33.59 63.64
C ALA K 112 3.79 35.02 63.36
N LEU K 113 2.85 35.96 63.43
CA LEU K 113 3.15 37.39 63.18
C LEU K 113 4.02 37.90 64.34
N SER K 114 3.93 37.27 65.50
CA SER K 114 4.86 37.67 66.59
C SER K 114 6.23 37.12 66.28
N GLY K 115 6.31 35.92 65.69
CA GLY K 115 7.60 35.34 65.30
C GLY K 115 8.23 36.14 64.18
N VAL K 116 7.44 36.58 63.21
CA VAL K 116 7.97 37.38 62.05
C VAL K 116 8.55 38.67 62.61
N ALA K 117 7.95 39.24 63.64
CA ALA K 117 8.48 40.47 64.26
C ALA K 117 9.75 40.15 65.03
N TRP K 118 9.82 39.00 65.70
CA TRP K 118 11.03 38.59 66.44
C TRP K 118 12.21 38.49 65.46
N ALA K 119 11.97 37.98 64.25
CA ALA K 119 13.05 37.81 63.27
C ALA K 119 13.53 39.16 62.76
N PHE K 120 12.64 40.15 62.60
CA PHE K 120 13.09 41.50 62.19
C PHE K 120 13.83 42.17 63.34
N ALA K 121 13.40 41.92 64.56
CA ALA K 121 14.11 42.48 65.72
C ALA K 121 15.40 41.70 65.96
N CYS K 122 15.65 40.66 65.16
CA CYS K 122 16.91 39.87 65.26
C CYS K 122 17.77 40.18 64.04
N THR K 123 17.51 41.30 63.36
CA THR K 123 18.31 41.73 62.18
C THR K 123 18.69 43.20 62.39
N ARG L 1 -53.08 2.23 -29.10
CA ARG L 1 -52.03 3.27 -28.92
C ARG L 1 -51.98 4.13 -30.17
N ALA L 2 -50.82 4.67 -30.51
CA ALA L 2 -50.68 5.40 -31.79
C ALA L 2 -49.47 4.84 -32.54
N GLY L 3 -48.71 3.95 -31.90
CA GLY L 3 -47.52 3.35 -32.54
C GLY L 3 -46.49 2.94 -31.50
N ASN L 4 -45.25 2.68 -31.94
CA ASN L 4 -44.17 2.34 -30.97
C ASN L 4 -42.97 3.23 -31.24
N TRP L 5 -42.46 3.87 -30.19
CA TRP L 5 -41.28 4.75 -30.33
C TRP L 5 -40.11 3.92 -30.80
N LEU L 6 -40.03 2.67 -30.39
CA LEU L 6 -38.95 1.74 -30.76
C LEU L 6 -39.67 0.50 -31.28
N PRO L 7 -39.95 0.36 -32.57
CA PRO L 7 -40.55 -0.84 -33.10
C PRO L 7 -39.90 -2.08 -32.49
N GLY L 8 -40.68 -2.86 -31.75
CA GLY L 8 -40.13 -4.05 -31.10
C GLY L 8 -40.31 -3.98 -29.60
N SER L 9 -40.19 -2.79 -29.02
CA SER L 9 -40.29 -2.61 -27.56
C SER L 9 -41.70 -2.93 -27.08
N ASP L 10 -41.88 -2.93 -25.78
CA ASP L 10 -43.22 -3.19 -25.22
C ASP L 10 -43.40 -2.42 -23.92
N ALA L 11 -44.37 -2.83 -23.11
CA ALA L 11 -44.55 -2.29 -21.74
C ALA L 11 -45.11 -0.85 -21.64
N PRO L 12 -44.46 0.17 -21.02
CA PRO L 12 -45.07 1.43 -20.64
C PRO L 12 -46.50 1.07 -20.29
N ALA L 13 -46.68 0.21 -19.31
CA ALA L 13 -48.04 -0.12 -18.85
C ALA L 13 -48.58 1.05 -18.05
N TRP L 14 -47.70 1.74 -17.33
CA TRP L 14 -48.09 2.92 -16.53
C TRP L 14 -48.74 3.96 -17.44
N LEU L 15 -48.45 3.91 -18.74
CA LEU L 15 -49.06 4.84 -19.71
C LEU L 15 -50.29 4.16 -20.29
N PRO L 16 -51.51 4.61 -19.98
CA PRO L 16 -52.73 3.95 -20.45
C PRO L 16 -52.88 4.00 -21.96
N ASP L 17 -53.66 3.10 -22.55
CA ASP L 17 -53.81 3.04 -24.00
C ASP L 17 -54.61 4.22 -24.52
N ASP L 18 -55.62 4.65 -23.77
CA ASP L 18 -56.50 5.74 -24.27
C ASP L 18 -55.74 7.07 -24.38
N LEU L 19 -54.70 7.27 -23.56
CA LEU L 19 -53.99 8.59 -23.52
C LEU L 19 -53.75 9.07 -24.95
N PRO L 20 -54.30 10.24 -25.35
CA PRO L 20 -54.16 10.72 -26.71
C PRO L 20 -52.69 10.97 -27.08
N GLY L 21 -52.11 10.10 -27.91
CA GLY L 21 -50.72 10.28 -28.34
C GLY L 21 -49.79 9.24 -27.73
N ASN L 22 -50.33 8.11 -27.28
CA ASN L 22 -49.48 7.12 -26.57
C ASN L 22 -48.62 6.38 -27.58
N TYR L 23 -47.39 6.84 -27.82
CA TYR L 23 -46.45 6.08 -28.66
C TYR L 23 -45.52 5.30 -27.75
N GLY L 24 -45.78 5.29 -26.45
CA GLY L 24 -44.98 4.47 -25.52
C GLY L 24 -43.70 5.13 -25.04
N PHE L 25 -43.41 6.38 -25.41
CA PHE L 25 -42.09 6.97 -25.07
C PHE L 25 -42.02 7.49 -23.65
N ASP L 26 -41.62 6.64 -22.72
CA ASP L 26 -41.34 7.15 -21.35
C ASP L 26 -40.15 6.34 -20.83
N PRO L 27 -38.92 6.56 -21.35
CA PRO L 27 -37.78 5.78 -20.93
C PRO L 27 -37.46 6.01 -19.44
N LEU L 28 -37.37 7.25 -18.98
CA LEU L 28 -37.00 7.56 -17.57
C LEU L 28 -38.20 7.37 -16.64
N GLY L 29 -39.24 6.66 -17.11
CA GLY L 29 -40.42 6.38 -16.28
C GLY L 29 -40.84 7.59 -15.46
N LEU L 30 -41.19 8.69 -16.12
CA LEU L 30 -41.60 9.92 -15.41
C LEU L 30 -43.12 9.94 -15.24
N CYS L 31 -43.81 8.95 -15.81
CA CYS L 31 -45.30 8.95 -15.76
C CYS L 31 -45.82 7.80 -14.89
N LYS L 32 -44.93 7.10 -14.18
CA LYS L 32 -45.37 5.94 -13.36
C LYS L 32 -46.41 6.40 -12.33
N ASP L 33 -46.11 7.44 -11.55
CA ASP L 33 -47.03 7.91 -10.50
C ASP L 33 -48.31 8.40 -11.15
N PRO L 34 -49.52 7.90 -10.80
CA PRO L 34 -50.73 8.33 -11.50
C PRO L 34 -50.90 9.85 -11.43
N ALA L 35 -50.76 10.43 -10.24
CA ALA L 35 -50.90 11.89 -10.09
C ALA L 35 -49.99 12.61 -11.08
N SER L 36 -48.68 12.32 -11.04
CA SER L 36 -47.72 13.00 -11.94
C SER L 36 -48.17 12.81 -13.39
N LEU L 37 -48.67 11.61 -13.72
CA LEU L 37 -49.14 11.33 -15.11
C LEU L 37 -50.22 12.35 -15.47
N LYS L 38 -51.18 12.59 -14.57
CA LYS L 38 -52.26 13.58 -14.83
C LYS L 38 -51.63 14.93 -15.16
N ARG L 39 -50.79 15.46 -14.26
CA ARG L 39 -50.20 16.81 -14.47
C ARG L 39 -49.39 16.82 -15.78
N PHE L 40 -48.55 15.81 -15.98
CA PHE L 40 -47.69 15.77 -17.20
C PHE L 40 -48.59 15.80 -18.44
N THR L 41 -49.67 15.00 -18.43
CA THR L 41 -50.57 14.94 -19.60
C THR L 41 -51.15 16.33 -19.88
N GLU L 42 -51.70 16.97 -18.86
CA GLU L 42 -52.32 18.31 -19.04
C GLU L 42 -51.24 19.30 -19.51
N SER L 43 -50.06 19.27 -18.89
CA SER L 43 -48.98 20.22 -19.24
C SER L 43 -48.57 20.03 -20.71
N GLU L 44 -48.46 18.78 -21.15
CA GLU L 44 -48.03 18.50 -22.55
C GLU L 44 -48.97 19.26 -23.50
N VAL L 45 -50.28 19.06 -23.38
CA VAL L 45 -51.25 19.72 -24.30
C VAL L 45 -51.11 21.24 -24.15
N ILE L 46 -51.02 21.75 -22.92
CA ILE L 46 -50.84 23.22 -22.72
C ILE L 46 -49.57 23.66 -23.46
N HIS L 47 -48.46 22.94 -23.28
CA HIS L 47 -47.19 23.30 -23.95
C HIS L 47 -47.38 23.24 -25.48
N CYS L 48 -48.00 22.16 -25.97
CA CYS L 48 -48.21 22.00 -27.44
C CYS L 48 -48.93 23.24 -27.98
N ARG L 49 -50.07 23.61 -27.39
CA ARG L 49 -50.87 24.74 -27.92
C ARG L 49 -50.01 26.01 -27.97
N TRP L 50 -49.33 26.34 -26.86
CA TRP L 50 -48.45 27.53 -26.83
C TRP L 50 -47.34 27.37 -27.87
N ALA L 51 -46.72 26.18 -27.94
CA ALA L 51 -45.61 25.95 -28.88
C ALA L 51 -46.09 26.16 -30.32
N MET L 52 -47.26 25.62 -30.65
CA MET L 52 -47.79 25.76 -32.04
C MET L 52 -47.97 27.24 -32.38
N LEU L 53 -48.55 28.00 -31.45
CA LEU L 53 -48.76 29.46 -31.68
C LEU L 53 -47.40 30.12 -31.90
N GLY L 54 -46.44 29.84 -31.02
CA GLY L 54 -45.10 30.45 -31.11
C GLY L 54 -44.43 30.17 -32.44
N ALA L 55 -44.37 28.90 -32.85
CA ALA L 55 -43.71 28.52 -34.11
C ALA L 55 -44.36 29.29 -35.26
N ALA L 56 -45.69 29.31 -35.31
CA ALA L 56 -46.41 30.03 -36.39
C ALA L 56 -46.02 31.51 -36.35
N GLY L 57 -46.04 32.12 -35.16
CA GLY L 57 -45.69 33.55 -35.03
C GLY L 57 -44.24 33.81 -35.40
N CYS L 58 -43.34 32.93 -34.97
CA CYS L 58 -41.89 33.11 -35.25
C CYS L 58 -41.66 33.13 -36.77
N LEU L 59 -42.33 32.22 -37.49
CA LEU L 59 -42.16 32.14 -38.96
C LEU L 59 -43.02 33.23 -39.63
N GLY L 60 -44.21 33.50 -39.09
CA GLY L 60 -45.13 34.48 -39.70
C GLY L 60 -44.52 35.87 -39.77
N VAL L 61 -43.94 36.35 -38.67
CA VAL L 61 -43.35 37.72 -38.62
C VAL L 61 -42.29 37.82 -39.73
N GLU L 62 -41.63 36.69 -40.05
CA GLU L 62 -40.58 36.68 -41.09
C GLU L 62 -41.22 36.41 -42.46
N ALA L 63 -42.15 35.45 -42.52
CA ALA L 63 -42.77 35.07 -43.81
C ALA L 63 -43.50 36.27 -44.41
N LEU L 64 -44.35 36.95 -43.62
CA LEU L 64 -45.12 38.11 -44.13
C LEU L 64 -44.13 39.23 -44.48
N GLY L 65 -43.10 39.43 -43.65
CA GLY L 65 -42.06 40.42 -43.96
C GLY L 65 -41.95 41.54 -42.95
N PHE L 66 -41.99 41.22 -41.66
CA PHE L 66 -42.02 42.30 -40.64
C PHE L 66 -40.84 42.15 -39.67
N GLY L 67 -40.01 41.12 -39.86
CA GLY L 67 -38.80 40.99 -39.02
C GLY L 67 -38.46 39.55 -38.73
N ASN L 68 -37.87 39.28 -37.56
CA ASN L 68 -37.54 37.89 -37.15
C ASN L 68 -38.03 37.66 -35.72
N TRP L 69 -38.12 36.40 -35.29
CA TRP L 69 -38.63 36.09 -33.92
C TRP L 69 -37.73 36.73 -32.87
N TYR L 70 -36.41 36.67 -33.06
CA TYR L 70 -35.47 37.21 -32.03
C TYR L 70 -35.57 38.73 -31.98
N ASP L 71 -35.18 39.41 -33.08
CA ASP L 71 -35.23 40.89 -33.12
C ASP L 71 -36.68 41.35 -33.19
N ALA L 72 -37.44 41.19 -32.11
CA ALA L 72 -38.81 41.72 -32.03
C ALA L 72 -38.92 42.53 -30.73
N PRO L 73 -38.52 42.04 -29.54
CA PRO L 73 -38.49 42.88 -28.33
C PRO L 73 -37.30 43.84 -28.35
N LEU L 74 -36.76 44.13 -29.54
CA LEU L 74 -35.61 45.05 -29.67
C LEU L 74 -36.09 46.49 -29.48
N TRP L 75 -37.27 46.82 -29.99
CA TRP L 75 -37.78 48.21 -29.89
C TRP L 75 -37.75 48.66 -28.42
N ALA L 76 -38.14 47.80 -27.50
CA ALA L 76 -38.24 48.20 -26.09
C ALA L 76 -36.86 48.55 -25.53
N ILE L 77 -35.80 48.12 -26.21
CA ILE L 77 -34.40 48.38 -25.72
C ILE L 77 -33.78 49.46 -26.60
N ASN L 78 -33.81 49.26 -27.91
CA ASN L 78 -33.28 50.27 -28.87
C ASN L 78 -33.92 51.63 -28.59
N GLY L 79 -35.19 51.65 -28.16
CA GLY L 79 -35.88 52.90 -27.93
C GLY L 79 -36.78 53.29 -29.09
N GLY L 80 -37.61 52.35 -29.54
CA GLY L 80 -38.54 52.56 -30.62
C GLY L 80 -39.97 52.39 -30.16
N SER L 81 -40.82 51.99 -31.10
CA SER L 81 -42.25 51.80 -30.80
C SER L 81 -42.68 50.39 -31.21
N PRO L 82 -43.75 49.81 -30.63
CA PRO L 82 -44.24 48.54 -31.09
C PRO L 82 -44.78 48.67 -32.52
N THR L 83 -44.82 47.58 -33.26
CA THR L 83 -45.29 47.63 -34.67
C THR L 83 -45.91 46.29 -35.08
N TRP L 84 -47.22 46.16 -34.96
CA TRP L 84 -47.93 44.93 -35.43
C TRP L 84 -48.32 45.10 -36.89
N PHE L 85 -47.84 44.24 -37.78
CA PHE L 85 -48.13 44.31 -39.23
C PHE L 85 -47.75 45.69 -39.77
N GLY L 86 -46.72 46.33 -39.21
CA GLY L 86 -46.35 47.70 -39.62
C GLY L 86 -47.06 48.75 -38.80
N ILE L 87 -48.36 48.56 -38.55
CA ILE L 87 -49.18 49.53 -37.78
C ILE L 87 -48.54 49.77 -36.42
N SER L 88 -48.11 50.99 -36.14
CA SER L 88 -47.47 51.31 -34.83
C SER L 88 -48.52 51.19 -33.72
N VAL L 89 -48.32 50.26 -32.78
CA VAL L 89 -49.23 50.10 -31.61
C VAL L 89 -48.80 51.12 -30.56
N PRO L 90 -49.73 51.87 -29.92
CA PRO L 90 -49.36 52.96 -29.00
C PRO L 90 -49.14 52.51 -27.55
N PHE L 91 -48.14 51.65 -27.31
CA PHE L 91 -47.91 51.13 -25.94
C PHE L 91 -46.42 51.14 -25.59
N ASP L 92 -46.11 50.80 -24.34
CA ASP L 92 -44.70 50.76 -23.89
C ASP L 92 -44.49 49.47 -23.12
N LEU L 93 -43.27 48.94 -23.10
CA LEU L 93 -43.04 47.64 -22.42
C LEU L 93 -43.77 47.63 -21.08
N ASN L 94 -43.69 48.71 -20.31
CA ASN L 94 -44.30 48.75 -18.95
C ASN L 94 -45.80 48.45 -19.05
N THR L 95 -46.52 49.14 -19.93
CA THR L 95 -48.00 48.94 -20.01
C THR L 95 -48.31 47.56 -20.57
N LEU L 96 -47.45 47.03 -21.45
CA LEU L 96 -47.65 45.69 -22.03
C LEU L 96 -47.44 44.66 -20.92
N LEU L 97 -46.36 44.80 -20.16
CA LEU L 97 -46.09 43.85 -19.07
C LEU L 97 -47.31 43.81 -18.14
N ALA L 98 -47.86 44.96 -17.74
CA ALA L 98 -49.01 45.01 -16.82
C ALA L 98 -50.24 44.37 -17.47
N VAL L 99 -50.55 44.76 -18.71
CA VAL L 99 -51.71 44.17 -19.44
C VAL L 99 -51.56 42.66 -19.42
N GLU L 100 -50.39 42.15 -19.79
CA GLU L 100 -50.16 40.69 -19.83
C GLU L 100 -50.43 40.11 -18.46
N PHE L 101 -49.71 40.58 -17.44
CA PHE L 101 -49.87 40.04 -16.06
C PHE L 101 -51.35 39.80 -15.76
N VAL L 102 -52.15 40.87 -15.67
CA VAL L 102 -53.58 40.73 -15.28
C VAL L 102 -54.27 39.75 -16.23
N ALA L 103 -54.02 39.88 -17.54
CA ALA L 103 -54.69 39.02 -18.53
C ALA L 103 -54.39 37.55 -18.24
N MET L 104 -53.10 37.20 -18.11
CA MET L 104 -52.70 35.80 -17.83
C MET L 104 -53.08 35.43 -16.39
N ALA L 105 -53.00 36.39 -15.48
CA ALA L 105 -53.33 36.12 -14.05
C ALA L 105 -54.77 35.63 -13.94
N ALA L 106 -55.65 36.07 -14.84
CA ALA L 106 -57.08 35.70 -14.76
C ALA L 106 -57.34 34.43 -15.56
N ALA L 107 -56.98 34.42 -16.85
CA ALA L 107 -57.29 33.25 -17.72
C ALA L 107 -56.62 31.99 -17.16
N GLU L 108 -55.34 32.06 -16.82
CA GLU L 108 -54.60 30.85 -16.35
C GLU L 108 -55.21 30.38 -15.04
N SER L 109 -55.48 31.31 -14.11
CA SER L 109 -56.08 30.92 -12.80
C SER L 109 -57.45 30.29 -13.04
N ARG L 110 -58.22 30.83 -13.99
CA ARG L 110 -59.57 30.29 -14.31
C ARG L 110 -59.42 28.84 -14.77
N ARG L 111 -58.51 28.59 -15.73
CA ARG L 111 -58.30 27.21 -16.25
C ARG L 111 -57.85 26.29 -15.11
N GLY L 112 -56.86 26.74 -14.33
CA GLY L 112 -56.33 25.91 -13.22
C GLY L 112 -57.40 25.63 -12.19
N ASP L 113 -58.25 26.63 -11.89
CA ASP L 113 -59.30 26.46 -10.86
C ASP L 113 -60.28 25.37 -11.27
N GLU L 114 -60.63 25.31 -12.57
CA GLU L 114 -61.58 24.28 -13.06
C GLU L 114 -61.04 22.91 -12.64
N THR L 115 -61.85 22.12 -11.91
CA THR L 115 -61.37 20.79 -11.42
C THR L 115 -62.19 19.67 -12.05
N ASP L 116 -61.78 19.19 -13.24
CA ASP L 116 -62.45 18.08 -13.90
C ASP L 116 -61.41 17.09 -14.41
N ALA L 117 -60.18 17.57 -14.62
CA ALA L 117 -59.07 16.77 -15.12
C ALA L 117 -59.38 16.15 -16.49
N ALA L 118 -60.43 16.64 -17.12
CA ALA L 118 -60.79 16.19 -18.49
C ALA L 118 -61.24 17.43 -19.22
N LYS L 119 -61.78 18.39 -18.48
CA LYS L 119 -62.21 19.67 -19.07
C LYS L 119 -61.18 20.72 -18.70
N ARG L 120 -60.07 20.32 -18.06
CA ARG L 120 -59.02 21.31 -17.79
C ARG L 120 -58.06 21.32 -18.96
N ILE L 121 -58.07 20.26 -19.77
CA ILE L 121 -57.21 20.19 -20.99
C ILE L 121 -58.10 20.35 -22.23
N TYR L 122 -59.34 19.84 -22.14
CA TYR L 122 -60.27 19.92 -23.30
C TYR L 122 -61.59 20.56 -22.85
N PRO L 123 -61.63 21.89 -22.63
CA PRO L 123 -62.83 22.57 -22.17
C PRO L 123 -63.97 22.51 -23.19
N GLY L 124 -63.64 22.68 -24.48
CA GLY L 124 -64.68 22.73 -25.53
C GLY L 124 -65.58 23.94 -25.34
N GLY L 125 -66.89 23.78 -25.54
CA GLY L 125 -67.83 24.89 -25.34
C GLY L 125 -67.41 26.13 -26.11
N ALA L 126 -67.22 27.26 -25.40
CA ALA L 126 -66.79 28.52 -26.05
C ALA L 126 -65.44 28.31 -26.74
N PHE L 127 -64.63 27.38 -26.23
CA PHE L 127 -63.29 27.12 -26.81
C PHE L 127 -63.44 26.23 -28.06
N ASP L 128 -64.65 25.75 -28.33
CA ASP L 128 -64.89 24.96 -29.57
C ASP L 128 -66.10 25.54 -30.29
N PRO L 129 -66.05 26.80 -30.79
CA PRO L 129 -67.20 27.44 -31.41
C PRO L 129 -67.76 26.68 -32.62
N LEU L 130 -66.91 26.42 -33.62
CA LEU L 130 -67.35 25.67 -34.83
C LEU L 130 -67.76 24.24 -34.44
N ASN L 131 -67.57 23.86 -33.17
CA ASN L 131 -67.99 22.53 -32.69
C ASN L 131 -67.36 21.43 -33.56
N PHE L 132 -66.07 21.53 -33.86
CA PHE L 132 -65.38 20.53 -34.71
C PHE L 132 -65.28 19.19 -33.98
N ALA L 133 -65.35 19.22 -32.64
CA ALA L 133 -65.19 17.97 -31.85
C ALA L 133 -66.27 16.95 -32.25
N LYS L 134 -67.49 17.42 -32.54
CA LYS L 134 -68.61 16.50 -32.87
C LYS L 134 -68.24 15.60 -34.05
N GLY L 135 -68.59 14.31 -33.98
CA GLY L 135 -68.32 13.38 -35.11
C GLY L 135 -67.09 12.53 -34.88
N ASP L 136 -66.13 13.01 -34.08
CA ASP L 136 -64.86 12.27 -33.81
C ASP L 136 -63.87 13.29 -33.25
N ILE L 137 -63.24 12.98 -32.11
CA ILE L 137 -62.36 14.04 -31.51
C ILE L 137 -60.98 13.43 -31.29
N GLU L 138 -60.91 12.10 -31.12
CA GLU L 138 -59.62 11.43 -30.82
C GLU L 138 -58.60 11.75 -31.92
N THR L 139 -58.99 11.62 -33.20
CA THR L 139 -58.03 11.85 -34.31
C THR L 139 -57.54 13.30 -34.24
N LEU L 140 -58.46 14.25 -34.06
CA LEU L 140 -58.08 15.68 -34.00
C LEU L 140 -57.14 15.88 -32.80
N LYS L 141 -57.43 15.21 -31.68
CA LYS L 141 -56.56 15.32 -30.48
C LYS L 141 -55.16 14.79 -30.81
N LEU L 142 -55.10 13.66 -31.52
CA LEU L 142 -53.79 13.07 -31.91
C LEU L 142 -53.05 14.06 -32.82
N LYS L 143 -53.75 14.61 -33.81
CA LYS L 143 -53.14 15.61 -34.72
C LYS L 143 -52.68 16.82 -33.90
N GLU L 144 -53.52 17.25 -32.96
CA GLU L 144 -53.18 18.40 -32.07
C GLU L 144 -51.89 18.07 -31.30
N ILE L 145 -51.85 16.88 -30.70
CA ILE L 145 -50.67 16.49 -29.86
C ILE L 145 -49.47 16.21 -30.76
N LYS L 146 -49.67 15.56 -31.91
CA LYS L 146 -48.57 15.21 -32.84
C LYS L 146 -48.04 16.49 -33.49
N ASN L 147 -48.91 17.34 -34.02
CA ASN L 147 -48.49 18.62 -34.62
C ASN L 147 -47.81 19.46 -33.55
N GLY L 148 -48.23 19.33 -32.29
CA GLY L 148 -47.65 20.14 -31.22
C GLY L 148 -46.28 19.65 -30.85
N ARG L 149 -46.09 18.35 -30.73
CA ARG L 149 -44.74 17.80 -30.47
C ARG L 149 -43.81 18.27 -31.58
N LEU L 150 -44.30 18.39 -32.82
CA LEU L 150 -43.48 18.95 -33.94
C LEU L 150 -43.16 20.40 -33.62
N ALA L 151 -44.13 21.17 -33.13
CA ALA L 151 -43.93 22.61 -32.88
C ALA L 151 -43.01 22.82 -31.70
N MET L 152 -43.22 22.11 -30.61
CA MET L 152 -42.37 22.22 -29.40
C MET L 152 -40.92 21.98 -29.82
N MET L 153 -40.66 20.94 -30.59
CA MET L 153 -39.29 20.64 -31.10
C MET L 153 -38.82 21.75 -32.03
N ALA L 154 -39.65 22.18 -32.99
CA ALA L 154 -39.28 23.29 -33.88
C ALA L 154 -38.91 24.52 -33.09
N CYS L 155 -39.76 24.94 -32.16
CA CYS L 155 -39.50 26.18 -31.37
C CYS L 155 -38.11 26.06 -30.74
N LEU L 156 -37.73 24.87 -30.28
CA LEU L 156 -36.37 24.66 -29.72
C LEU L 156 -35.35 24.84 -30.85
N GLY L 157 -35.66 24.30 -32.03
CA GLY L 157 -34.72 24.40 -33.17
C GLY L 157 -34.41 25.85 -33.53
N PHE L 158 -35.43 26.70 -33.56
CA PHE L 158 -35.23 28.12 -33.93
C PHE L 158 -34.24 28.75 -32.94
N VAL L 159 -34.46 28.54 -31.64
CA VAL L 159 -33.56 29.13 -30.61
C VAL L 159 -32.15 28.54 -30.78
N ALA L 160 -32.05 27.22 -30.91
CA ALA L 160 -30.73 26.57 -31.01
C ALA L 160 -29.97 27.07 -32.24
N GLN L 161 -30.65 27.13 -33.40
CA GLN L 161 -29.96 27.55 -34.64
C GLN L 161 -29.54 29.02 -34.49
N HIS L 162 -30.41 29.85 -33.91
CA HIS L 162 -30.06 31.28 -33.68
C HIS L 162 -28.86 31.37 -32.73
N ALA L 163 -28.80 30.49 -31.74
CA ALA L 163 -27.70 30.51 -30.75
C ALA L 163 -26.38 30.13 -31.43
N ALA L 164 -26.40 29.13 -32.31
CA ALA L 164 -25.14 28.65 -32.94
C ALA L 164 -24.99 29.24 -34.34
N THR L 165 -25.90 28.91 -35.26
CA THR L 165 -25.84 29.42 -36.65
C THR L 165 -25.97 30.95 -36.64
N GLY L 166 -26.70 31.50 -35.67
CA GLY L 166 -26.92 32.96 -35.63
C GLY L 166 -27.68 33.43 -36.86
N LYS L 167 -28.71 32.68 -37.26
CA LYS L 167 -29.49 33.03 -38.48
C LYS L 167 -30.98 32.83 -38.21
N THR L 168 -31.84 33.55 -38.93
CA THR L 168 -33.32 33.41 -38.76
C THR L 168 -33.75 32.04 -39.28
N PRO L 169 -34.85 31.44 -38.77
CA PRO L 169 -35.27 30.11 -39.19
C PRO L 169 -35.38 30.01 -40.71
N LEU L 170 -36.11 30.92 -41.34
CA LEU L 170 -36.31 30.88 -42.81
C LEU L 170 -34.95 31.04 -43.50
N GLN L 171 -34.15 32.00 -43.05
CA GLN L 171 -32.82 32.26 -43.68
C GLN L 171 -31.93 31.01 -43.51
N ALA L 172 -31.90 30.44 -42.31
CA ALA L 172 -31.05 29.25 -42.05
C ALA L 172 -31.47 28.12 -43.00
N LEU L 173 -32.78 27.93 -43.19
CA LEU L 173 -33.28 26.89 -44.12
C LEU L 173 -32.62 27.09 -45.49
N GLY L 174 -32.75 28.30 -46.06
CA GLY L 174 -32.16 28.57 -47.38
C GLY L 174 -30.67 28.22 -47.39
N ASP L 175 -29.97 28.55 -46.32
CA ASP L 175 -28.51 28.25 -46.22
C ASP L 175 -28.31 26.74 -46.41
N HIS L 176 -29.12 25.93 -45.71
CA HIS L 176 -29.01 24.45 -45.83
C HIS L 176 -29.27 24.04 -47.29
N ILE L 177 -30.44 24.42 -47.82
CA ILE L 177 -30.79 24.03 -49.23
C ILE L 177 -29.66 24.51 -50.15
N GLY L 178 -29.17 25.73 -49.94
CA GLY L 178 -28.04 26.26 -50.74
C GLY L 178 -26.91 25.27 -50.84
N ASN L 179 -26.10 25.11 -49.79
CA ASN L 179 -25.03 24.08 -49.78
C ASN L 179 -25.31 23.08 -48.66
N PRO L 180 -26.21 22.08 -48.86
CA PRO L 180 -26.59 21.17 -47.77
C PRO L 180 -25.42 20.66 -46.92
N TRP L 181 -24.45 19.98 -47.54
CA TRP L 181 -23.32 19.37 -46.78
C TRP L 181 -22.49 20.45 -46.07
N GLY L 182 -22.50 21.69 -46.56
CA GLY L 182 -21.62 22.72 -45.97
C GLY L 182 -22.33 23.70 -45.05
N SER L 183 -23.60 23.46 -44.74
CA SER L 183 -24.37 24.43 -43.92
C SER L 183 -25.27 23.64 -42.98
N ASN L 184 -24.65 22.91 -42.07
CA ASN L 184 -25.44 22.05 -41.17
C ASN L 184 -25.06 22.36 -39.74
N PHE L 185 -25.60 21.61 -38.79
CA PHE L 185 -25.21 21.81 -37.39
C PHE L 185 -23.72 21.51 -37.28
N ALA L 186 -23.22 20.56 -38.06
CA ALA L 186 -21.81 20.15 -37.95
C ALA L 186 -20.89 21.31 -38.35
N THR L 187 -21.03 21.84 -39.56
CA THR L 187 -20.24 23.02 -40.00
C THR L 187 -20.82 24.29 -39.37
N ASN L 188 -20.56 24.50 -38.09
CA ASN L 188 -21.16 25.66 -37.38
C ASN L 188 -20.18 26.08 -36.29
N GLY L 189 -19.62 25.11 -35.56
CA GLY L 189 -18.61 25.45 -34.55
C GLY L 189 -19.06 25.12 -33.15
N VAL L 190 -20.32 25.37 -32.82
CA VAL L 190 -20.81 25.13 -31.44
C VAL L 190 -21.33 23.69 -31.31
N SER L 191 -22.12 23.20 -32.26
CA SER L 191 -22.76 21.84 -32.18
C SER L 191 -21.76 20.73 -31.86
N LEU L 192 -20.86 20.43 -32.79
CA LEU L 192 -19.92 19.30 -32.59
C LEU L 192 -18.62 19.82 -31.99
N PRO L 193 -17.88 19.04 -31.17
CA PRO L 193 -16.64 19.48 -30.54
C PRO L 193 -15.46 19.60 -31.52
N PHE L 194 -15.18 18.53 -32.26
CA PHE L 194 -14.03 18.50 -33.20
C PHE L 194 -14.26 19.53 -34.33
N ARG M 1 -51.68 -16.90 -63.47
CA ARG M 1 -50.35 -16.30 -63.61
C ARG M 1 -50.12 -15.81 -65.03
N ALA M 2 -49.22 -14.83 -65.17
CA ALA M 2 -48.82 -14.32 -66.47
C ALA M 2 -47.56 -14.99 -67.00
N GLY M 3 -46.98 -15.90 -66.24
CA GLY M 3 -45.76 -16.57 -66.64
C GLY M 3 -44.94 -16.94 -65.41
N ASN M 4 -43.64 -17.10 -65.63
CA ASN M 4 -42.71 -17.45 -64.57
C ASN M 4 -41.45 -16.60 -64.70
N TRP M 5 -41.02 -16.03 -63.59
CA TRP M 5 -39.79 -15.23 -63.59
C TRP M 5 -38.58 -16.08 -63.94
N LEU M 6 -38.50 -17.28 -63.37
CA LEU M 6 -37.43 -18.24 -63.66
C LEU M 6 -38.09 -19.56 -63.99
N PRO M 7 -38.31 -19.87 -65.32
CA PRO M 7 -38.98 -21.11 -65.76
C PRO M 7 -38.35 -22.38 -65.21
N GLY M 8 -39.07 -23.04 -64.30
CA GLY M 8 -38.52 -24.23 -63.65
C GLY M 8 -38.50 -24.04 -62.15
N SER M 9 -38.88 -22.85 -61.68
CA SER M 9 -38.96 -22.61 -60.22
C SER M 9 -40.41 -22.75 -59.76
N ASP M 10 -40.67 -22.51 -58.48
CA ASP M 10 -42.05 -22.66 -57.92
C ASP M 10 -42.09 -21.97 -56.57
N ALA M 11 -40.93 -21.52 -56.06
CA ALA M 11 -40.80 -20.87 -54.73
C ALA M 11 -41.98 -19.93 -54.38
N PRO M 12 -42.45 -18.95 -55.21
CA PRO M 12 -43.54 -18.08 -54.76
C PRO M 12 -44.86 -18.82 -54.62
N ALA M 13 -45.37 -18.89 -53.38
CA ALA M 13 -46.66 -19.49 -53.09
C ALA M 13 -47.62 -18.54 -52.38
N TRP M 14 -47.12 -17.57 -51.62
CA TRP M 14 -47.98 -16.60 -50.98
C TRP M 14 -48.70 -15.72 -52.00
N LEU M 15 -48.06 -15.46 -53.14
CA LEU M 15 -48.66 -14.65 -54.18
C LEU M 15 -49.88 -15.35 -54.76
N PRO M 16 -51.06 -14.72 -54.73
CA PRO M 16 -52.23 -15.34 -55.35
C PRO M 16 -52.07 -15.49 -56.85
N ASP M 17 -52.64 -16.56 -57.40
CA ASP M 17 -52.57 -16.81 -58.83
C ASP M 17 -53.40 -15.81 -59.64
N ASP M 18 -54.39 -15.16 -59.02
CA ASP M 18 -55.25 -14.22 -59.71
C ASP M 18 -54.74 -12.79 -59.65
N LEU M 19 -53.72 -12.52 -58.83
CA LEU M 19 -53.12 -11.20 -58.70
C LEU M 19 -52.66 -10.69 -60.06
N PRO M 20 -53.19 -9.56 -60.54
CA PRO M 20 -52.77 -9.06 -61.85
C PRO M 20 -51.29 -8.75 -61.92
N GLY M 21 -50.58 -9.40 -62.83
CA GLY M 21 -49.15 -9.20 -62.95
C GLY M 21 -48.33 -10.22 -62.19
N ASN M 22 -48.99 -11.29 -61.75
CA ASN M 22 -48.31 -12.31 -60.95
C ASN M 22 -47.40 -13.17 -61.82
N TYR M 23 -46.15 -12.77 -61.95
CA TYR M 23 -45.13 -13.57 -62.61
C TYR M 23 -44.36 -14.45 -61.65
N GLY M 24 -44.72 -14.44 -60.37
CA GLY M 24 -44.01 -15.23 -59.38
C GLY M 24 -42.57 -14.81 -59.20
N PHE M 25 -42.34 -13.53 -58.98
CA PHE M 25 -40.99 -12.99 -58.74
C PHE M 25 -40.98 -12.29 -57.39
N ASP M 26 -40.71 -13.05 -56.34
CA ASP M 26 -40.53 -12.43 -55.01
C ASP M 26 -39.28 -13.06 -54.40
N PRO M 27 -38.06 -12.63 -54.81
CA PRO M 27 -36.84 -13.18 -54.25
C PRO M 27 -36.63 -12.92 -52.74
N LEU M 28 -37.03 -11.76 -52.21
CA LEU M 28 -36.76 -11.46 -50.79
C LEU M 28 -38.00 -11.80 -49.96
N GLY M 29 -39.08 -12.26 -50.59
CA GLY M 29 -40.29 -12.67 -49.85
C GLY M 29 -40.96 -11.54 -49.11
N LEU M 30 -41.27 -10.45 -49.81
CA LEU M 30 -41.86 -9.28 -49.16
C LEU M 30 -43.38 -9.31 -49.14
N CYS M 31 -44.00 -10.21 -49.90
CA CYS M 31 -45.45 -10.24 -50.03
C CYS M 31 -46.11 -11.27 -49.13
N LYS M 32 -45.37 -11.87 -48.20
CA LYS M 32 -45.92 -12.90 -47.33
C LYS M 32 -47.09 -12.37 -46.51
N ASP M 33 -46.92 -11.23 -45.87
CA ASP M 33 -47.96 -10.66 -45.03
C ASP M 33 -49.09 -10.11 -45.90
N PRO M 34 -50.34 -10.54 -45.67
CA PRO M 34 -51.45 -10.05 -46.53
C PRO M 34 -51.62 -8.55 -46.52
N ALA M 35 -51.44 -7.89 -45.38
CA ALA M 35 -51.53 -6.43 -45.35
C ALA M 35 -50.43 -5.79 -46.17
N SER M 36 -49.20 -6.25 -46.01
CA SER M 36 -48.11 -5.80 -46.87
C SER M 36 -48.36 -6.20 -48.31
N LEU M 37 -49.01 -7.35 -48.53
CA LEU M 37 -49.36 -7.76 -49.89
C LEU M 37 -50.25 -6.71 -50.55
N LYS M 38 -51.32 -6.31 -49.86
CA LYS M 38 -52.25 -5.29 -50.42
C LYS M 38 -51.48 -3.98 -50.63
N ARG M 39 -50.76 -3.51 -49.61
CA ARG M 39 -50.05 -2.21 -49.71
C ARG M 39 -49.10 -2.22 -50.91
N PHE M 40 -48.26 -3.26 -51.02
CA PHE M 40 -47.26 -3.32 -52.12
C PHE M 40 -48.01 -3.33 -53.46
N THR M 41 -49.11 -4.09 -53.54
CA THR M 41 -49.90 -4.15 -54.80
C THR M 41 -50.35 -2.74 -55.19
N GLU M 42 -50.96 -2.02 -54.24
CA GLU M 42 -51.45 -0.65 -54.51
C GLU M 42 -50.25 0.25 -54.87
N SER M 43 -49.16 0.14 -54.12
CA SER M 43 -47.96 0.98 -54.38
C SER M 43 -47.45 0.69 -55.79
N GLU M 44 -47.34 -0.59 -56.15
CA GLU M 44 -46.83 -0.97 -57.50
C GLU M 44 -47.68 -0.28 -58.58
N VAL M 45 -48.99 -0.51 -58.56
CA VAL M 45 -49.90 0.06 -59.60
C VAL M 45 -49.73 1.58 -59.64
N ILE M 46 -49.79 2.23 -58.47
CA ILE M 46 -49.60 3.71 -58.40
C ILE M 46 -48.27 4.07 -59.07
N HIS M 47 -47.18 3.48 -58.60
CA HIS M 47 -45.84 3.75 -59.19
C HIS M 47 -45.92 3.56 -60.70
N CYS M 48 -46.52 2.46 -61.17
CA CYS M 48 -46.63 2.17 -62.61
C CYS M 48 -47.36 3.32 -63.31
N ARG M 49 -48.55 3.68 -62.85
CA ARG M 49 -49.37 4.73 -63.52
C ARG M 49 -48.57 6.03 -63.60
N TRP M 50 -47.98 6.47 -62.48
CA TRP M 50 -47.16 7.71 -62.48
C TRP M 50 -46.01 7.56 -63.49
N ALA M 51 -45.23 6.49 -63.38
CA ALA M 51 -44.07 6.28 -64.28
C ALA M 51 -44.54 6.35 -65.74
N MET M 52 -45.68 5.74 -66.05
CA MET M 52 -46.21 5.75 -67.44
C MET M 52 -46.46 7.19 -67.86
N LEU M 53 -47.05 8.01 -66.99
CA LEU M 53 -47.30 9.44 -67.30
C LEU M 53 -45.95 10.16 -67.45
N GLY M 54 -45.02 9.92 -66.51
CA GLY M 54 -43.70 10.57 -66.56
C GLY M 54 -42.97 10.23 -67.86
N ALA M 55 -42.96 8.96 -68.24
CA ALA M 55 -42.23 8.53 -69.45
C ALA M 55 -42.83 9.24 -70.68
N ALA M 56 -44.16 9.29 -70.76
CA ALA M 56 -44.84 9.95 -71.90
C ALA M 56 -44.42 11.43 -71.94
N GLY M 57 -44.39 12.09 -70.78
CA GLY M 57 -43.99 13.51 -70.71
C GLY M 57 -42.51 13.70 -71.00
N CYS M 58 -41.65 12.82 -70.47
CA CYS M 58 -40.18 12.98 -70.65
C CYS M 58 -39.83 12.94 -72.13
N LEU M 59 -40.36 11.97 -72.88
CA LEU M 59 -40.04 11.82 -74.32
C LEU M 59 -40.99 12.70 -75.14
N GLY M 60 -42.27 12.73 -74.78
CA GLY M 60 -43.27 13.52 -75.52
C GLY M 60 -42.78 14.93 -75.80
N VAL M 61 -42.28 15.62 -74.76
CA VAL M 61 -41.85 17.03 -74.94
C VAL M 61 -40.76 17.07 -76.01
N GLU M 62 -39.86 16.09 -76.00
CA GLU M 62 -38.77 16.02 -77.01
C GLU M 62 -39.38 15.76 -78.39
N ALA M 63 -40.28 14.79 -78.49
CA ALA M 63 -40.94 14.48 -79.78
C ALA M 63 -41.44 15.78 -80.42
N LEU M 64 -42.36 16.47 -79.73
CA LEU M 64 -42.86 17.74 -80.23
C LEU M 64 -41.75 18.77 -80.38
N GLY M 65 -40.68 18.65 -79.60
CA GLY M 65 -39.52 19.50 -79.76
C GLY M 65 -39.59 20.82 -79.02
N PHE M 66 -39.92 20.78 -77.73
CA PHE M 66 -39.94 21.98 -76.89
C PHE M 66 -38.91 21.92 -75.78
N GLY M 67 -38.01 20.93 -75.83
CA GLY M 67 -36.99 20.77 -74.78
C GLY M 67 -36.97 19.35 -74.24
N ASN M 68 -36.02 19.04 -73.35
CA ASN M 68 -35.92 17.68 -72.76
C ASN M 68 -36.48 17.71 -71.33
N TRP M 69 -36.76 16.54 -70.75
CA TRP M 69 -37.36 16.47 -69.39
C TRP M 69 -36.43 17.15 -68.37
N TYR M 70 -35.12 16.96 -68.51
CA TYR M 70 -34.17 17.50 -67.51
C TYR M 70 -34.14 19.04 -67.58
N ASP M 71 -34.28 19.60 -68.78
CA ASP M 71 -34.18 21.08 -68.94
C ASP M 71 -35.45 21.75 -68.37
N ALA M 72 -36.54 20.99 -68.19
CA ALA M 72 -37.81 21.60 -67.73
C ALA M 72 -37.60 22.31 -66.37
N PRO M 73 -37.08 21.64 -65.32
CA PRO M 73 -36.94 22.26 -64.01
C PRO M 73 -35.61 23.02 -63.87
N LEU M 74 -35.41 24.08 -64.66
CA LEU M 74 -34.15 24.87 -64.58
C LEU M 74 -34.48 26.37 -64.66
N TRP M 75 -35.49 26.75 -65.44
CA TRP M 75 -35.84 28.18 -65.61
C TRP M 75 -35.93 28.84 -64.23
N ALA M 76 -36.59 28.19 -63.26
CA ALA M 76 -36.76 28.79 -61.95
C ALA M 76 -35.44 29.03 -61.25
N ILE M 77 -34.44 28.17 -61.46
CA ILE M 77 -33.12 28.41 -60.91
C ILE M 77 -32.49 29.65 -61.53
N ASN M 78 -32.65 29.83 -62.84
CA ASN M 78 -32.15 31.01 -63.54
C ASN M 78 -33.15 32.16 -63.53
N GLY M 79 -34.28 32.00 -62.86
CA GLY M 79 -35.30 33.03 -62.81
C GLY M 79 -35.85 33.38 -64.18
N GLY M 80 -36.18 32.35 -64.96
CA GLY M 80 -36.70 32.56 -66.31
C GLY M 80 -38.21 32.54 -66.37
N SER M 81 -38.77 31.81 -67.33
CA SER M 81 -40.21 31.76 -67.48
C SER M 81 -40.67 30.33 -67.69
N PRO M 82 -41.87 29.99 -67.23
CA PRO M 82 -42.46 28.68 -67.58
C PRO M 82 -43.16 28.77 -68.92
N THR M 83 -43.07 27.67 -69.68
CA THR M 83 -43.65 27.63 -71.02
C THR M 83 -44.12 26.21 -71.30
N TRP M 84 -45.42 26.03 -71.40
CA TRP M 84 -46.02 24.75 -71.72
C TRP M 84 -46.52 24.77 -73.16
N PHE M 85 -46.10 23.76 -73.94
CA PHE M 85 -46.43 23.68 -75.37
C PHE M 85 -45.98 24.93 -76.12
N GLY M 86 -44.92 25.56 -75.64
CA GLY M 86 -44.47 26.84 -76.18
C GLY M 86 -45.16 28.04 -75.58
N ILE M 87 -46.47 27.93 -75.34
CA ILE M 87 -47.24 29.02 -74.76
C ILE M 87 -46.72 29.32 -73.36
N SER M 88 -46.53 30.61 -73.08
CA SER M 88 -45.98 31.01 -71.79
C SER M 88 -47.04 30.94 -70.69
N VAL M 89 -46.58 30.71 -69.46
CA VAL M 89 -47.45 30.67 -68.30
C VAL M 89 -46.92 31.62 -67.23
N PRO M 90 -47.76 32.44 -66.60
CA PRO M 90 -47.27 33.43 -65.64
C PRO M 90 -47.19 32.93 -64.21
N PHE M 91 -46.20 32.12 -63.87
CA PHE M 91 -46.07 31.58 -62.53
C PHE M 91 -44.62 31.70 -62.07
N ASP M 92 -44.31 31.12 -60.91
CA ASP M 92 -42.96 31.10 -60.37
C ASP M 92 -42.84 29.92 -59.42
N LEU M 93 -41.63 29.74 -58.88
CA LEU M 93 -41.29 28.53 -58.15
C LEU M 93 -42.20 28.30 -56.94
N ASN M 94 -42.29 29.30 -56.06
CA ASN M 94 -43.02 29.12 -54.81
C ASN M 94 -44.52 28.93 -55.06
N THR M 95 -45.09 29.72 -55.98
CA THR M 95 -46.51 29.57 -56.29
C THR M 95 -46.81 28.21 -56.88
N LEU M 96 -45.96 27.73 -57.78
CA LEU M 96 -46.15 26.40 -58.35
C LEU M 96 -46.07 25.33 -57.27
N LEU M 97 -45.09 25.45 -56.37
CA LEU M 97 -44.96 24.49 -55.28
C LEU M 97 -46.22 24.47 -54.42
N ALA M 98 -46.73 25.66 -54.06
CA ALA M 98 -47.91 25.74 -53.20
C ALA M 98 -49.13 25.14 -53.89
N VAL M 99 -49.36 25.50 -55.15
CA VAL M 99 -50.53 25.01 -55.87
C VAL M 99 -50.46 23.49 -56.01
N GLU M 100 -49.25 23.01 -56.31
CA GLU M 100 -49.06 21.55 -56.44
C GLU M 100 -49.41 20.91 -55.11
N PHE M 101 -48.78 21.35 -54.01
CA PHE M 101 -49.02 20.71 -52.69
C PHE M 101 -50.52 20.56 -52.45
N VAL M 102 -51.22 21.68 -52.43
CA VAL M 102 -52.68 21.63 -52.13
C VAL M 102 -53.34 20.64 -53.10
N ALA M 103 -53.10 20.76 -54.40
CA ALA M 103 -53.85 19.85 -55.28
C ALA M 103 -53.58 18.39 -54.93
N MET M 104 -52.28 18.07 -54.83
CA MET M 104 -51.89 16.66 -54.60
C MET M 104 -52.43 16.21 -53.24
N ALA M 105 -52.42 17.10 -52.26
CA ALA M 105 -52.87 16.76 -50.89
C ALA M 105 -54.36 16.37 -50.92
N ALA M 106 -55.20 17.21 -51.52
CA ALA M 106 -56.66 16.94 -51.52
C ALA M 106 -56.96 15.67 -52.34
N ALA M 107 -56.21 15.44 -53.42
CA ALA M 107 -56.48 14.27 -54.30
C ALA M 107 -55.95 12.98 -53.65
N GLU M 108 -54.65 12.91 -53.39
CA GLU M 108 -54.04 11.67 -52.84
C GLU M 108 -54.74 11.29 -51.53
N SER M 109 -55.03 12.28 -50.68
CA SER M 109 -55.75 12.02 -49.41
C SER M 109 -57.03 11.23 -49.71
N ARG M 110 -57.89 11.74 -50.59
CA ARG M 110 -59.18 11.08 -50.89
C ARG M 110 -58.93 9.65 -51.36
N ARG M 111 -57.95 9.44 -52.24
CA ARG M 111 -57.65 8.09 -52.78
C ARG M 111 -57.34 7.16 -51.60
N GLY M 112 -56.45 7.58 -50.70
CA GLY M 112 -56.12 6.78 -49.51
C GLY M 112 -57.29 6.72 -48.55
N ASP M 113 -58.09 7.78 -48.48
CA ASP M 113 -59.29 7.80 -47.59
C ASP M 113 -60.17 6.59 -47.91
N GLU M 114 -59.97 5.96 -49.08
CA GLU M 114 -60.81 4.80 -49.48
C GLU M 114 -60.56 3.63 -48.54
N THR M 115 -61.55 2.75 -48.34
CA THR M 115 -61.40 1.63 -47.38
C THR M 115 -61.54 0.29 -48.10
N ASP M 116 -62.26 0.25 -49.22
CA ASP M 116 -62.52 -1.03 -49.94
C ASP M 116 -61.17 -1.63 -50.39
N ALA M 117 -60.11 -0.83 -50.44
CA ALA M 117 -58.76 -1.33 -50.82
C ALA M 117 -58.72 -1.63 -52.32
N ALA M 118 -59.64 -2.45 -52.82
CA ALA M 118 -59.70 -2.75 -54.27
C ALA M 118 -59.89 -1.46 -55.05
N LYS M 119 -60.78 -0.58 -54.56
CA LYS M 119 -61.00 0.74 -55.22
C LYS M 119 -59.70 1.54 -55.17
N ARG M 120 -59.02 1.53 -54.01
CA ARG M 120 -57.72 2.24 -53.88
C ARG M 120 -56.82 1.86 -55.05
N ILE M 121 -56.95 0.62 -55.55
CA ILE M 121 -56.13 0.17 -56.71
C ILE M 121 -56.90 0.49 -58.00
N TYR M 122 -58.20 0.16 -58.04
CA TYR M 122 -59.02 0.40 -59.25
C TYR M 122 -60.33 1.08 -58.85
N PRO M 123 -60.42 2.43 -58.91
CA PRO M 123 -61.62 3.15 -58.49
C PRO M 123 -62.75 3.06 -59.53
N GLY M 124 -62.42 3.25 -60.82
CA GLY M 124 -63.43 3.21 -61.89
C GLY M 124 -64.43 4.35 -61.75
N GLY M 125 -65.68 4.12 -62.19
CA GLY M 125 -66.72 5.16 -62.12
C GLY M 125 -66.27 6.44 -62.80
N ALA M 126 -66.19 7.55 -62.05
CA ALA M 126 -65.68 8.81 -62.62
C ALA M 126 -64.29 8.57 -63.22
N PHE M 127 -63.54 7.62 -62.65
CA PHE M 127 -62.19 7.29 -63.18
C PHE M 127 -62.32 6.31 -64.35
N ASP M 128 -63.56 5.99 -64.74
CA ASP M 128 -63.79 5.08 -65.89
C ASP M 128 -64.79 5.74 -66.85
N PRO M 129 -64.48 6.91 -67.44
CA PRO M 129 -65.44 7.63 -68.28
C PRO M 129 -65.85 6.82 -69.51
N LEU M 130 -64.87 6.27 -70.25
CA LEU M 130 -65.17 5.49 -71.47
C LEU M 130 -65.73 4.12 -71.08
N ASN M 131 -65.62 3.76 -69.79
CA ASN M 131 -66.16 2.47 -69.30
C ASN M 131 -65.62 1.32 -70.17
N PHE M 132 -64.31 1.29 -70.41
CA PHE M 132 -63.71 0.16 -71.16
C PHE M 132 -63.56 -1.03 -70.21
N ALA M 133 -63.97 -0.85 -68.95
CA ALA M 133 -63.87 -1.93 -67.94
C ALA M 133 -65.16 -2.75 -67.92
N LYS M 134 -65.85 -2.83 -69.07
CA LYS M 134 -67.10 -3.64 -69.17
C LYS M 134 -66.74 -5.13 -69.32
N GLY M 135 -65.61 -5.43 -69.97
CA GLY M 135 -65.18 -6.83 -70.15
C GLY M 135 -63.67 -6.93 -70.29
N ASP M 136 -63.14 -8.15 -70.38
CA ASP M 136 -61.69 -8.33 -70.56
C ASP M 136 -60.88 -7.46 -69.59
N ILE M 137 -61.49 -7.07 -68.47
CA ILE M 137 -60.81 -6.22 -67.50
C ILE M 137 -59.64 -6.97 -66.87
N GLU M 138 -59.83 -8.26 -66.60
CA GLU M 138 -58.81 -9.04 -65.91
C GLU M 138 -57.49 -9.08 -66.68
N THR M 139 -57.55 -9.05 -68.01
CA THR M 139 -56.33 -9.04 -68.82
C THR M 139 -55.86 -7.64 -69.17
N LEU M 140 -56.79 -6.69 -69.29
CA LEU M 140 -56.40 -5.28 -69.54
C LEU M 140 -55.56 -4.78 -68.37
N LYS M 141 -55.85 -5.27 -67.16
CA LYS M 141 -55.07 -4.88 -65.96
C LYS M 141 -53.63 -5.39 -66.12
N LEU M 142 -53.47 -6.61 -66.66
CA LEU M 142 -52.11 -7.15 -66.90
C LEU M 142 -51.37 -6.20 -67.84
N LYS M 143 -52.05 -5.72 -68.88
CA LYS M 143 -51.43 -4.77 -69.84
C LYS M 143 -51.06 -3.49 -69.09
N GLU M 144 -51.94 -3.03 -68.19
CA GLU M 144 -51.68 -1.78 -67.42
C GLU M 144 -50.42 -1.99 -66.55
N ILE M 145 -50.33 -3.12 -65.87
CA ILE M 145 -49.18 -3.36 -64.94
C ILE M 145 -47.92 -3.63 -65.78
N LYS M 146 -48.04 -4.45 -66.83
CA LYS M 146 -46.82 -4.80 -67.61
C LYS M 146 -46.26 -3.53 -68.24
N ASN M 147 -47.10 -2.75 -68.93
CA ASN M 147 -46.64 -1.46 -69.51
C ASN M 147 -46.12 -0.57 -68.38
N GLY M 148 -46.80 -0.57 -67.23
CA GLY M 148 -46.39 0.29 -66.10
C GLY M 148 -45.01 -0.11 -65.56
N ARG M 149 -44.78 -1.40 -65.34
CA ARG M 149 -43.45 -1.87 -64.88
C ARG M 149 -42.40 -1.44 -65.91
N LEU M 150 -42.70 -1.65 -67.20
CA LEU M 150 -41.76 -1.23 -68.27
C LEU M 150 -41.55 0.28 -68.17
N ALA M 151 -42.61 1.04 -67.94
CA ALA M 151 -42.50 2.52 -67.86
C ALA M 151 -41.55 2.90 -66.72
N MET M 152 -41.70 2.27 -65.56
CA MET M 152 -40.82 2.57 -64.39
C MET M 152 -39.37 2.27 -64.76
N MET M 153 -39.12 1.13 -65.39
CA MET M 153 -37.75 0.75 -65.82
C MET M 153 -37.25 1.77 -66.83
N ALA M 154 -38.11 2.18 -67.77
CA ALA M 154 -37.72 3.16 -68.82
C ALA M 154 -37.34 4.48 -68.17
N CYS M 155 -38.10 4.90 -67.14
CA CYS M 155 -37.80 6.17 -66.43
C CYS M 155 -36.39 6.09 -65.83
N LEU M 156 -36.07 4.96 -65.20
CA LEU M 156 -34.69 4.76 -64.66
C LEU M 156 -33.70 4.90 -65.81
N GLY M 157 -34.02 4.32 -66.97
CA GLY M 157 -33.13 4.40 -68.15
C GLY M 157 -32.85 5.84 -68.55
N PHE M 158 -33.90 6.67 -68.61
CA PHE M 158 -33.73 8.09 -68.98
C PHE M 158 -32.75 8.74 -68.01
N VAL M 159 -32.96 8.54 -66.71
CA VAL M 159 -32.08 9.14 -65.68
C VAL M 159 -30.65 8.62 -65.88
N ALA M 160 -30.50 7.31 -66.06
CA ALA M 160 -29.14 6.71 -66.19
C ALA M 160 -28.43 7.25 -67.44
N GLN M 161 -29.14 7.30 -68.57
CA GLN M 161 -28.53 7.81 -69.82
C GLN M 161 -28.09 9.26 -69.58
N HIS M 162 -28.95 10.07 -68.95
CA HIS M 162 -28.61 11.49 -68.66
C HIS M 162 -27.46 11.53 -67.66
N ALA M 163 -27.44 10.60 -66.69
CA ALA M 163 -26.38 10.60 -65.65
C ALA M 163 -25.03 10.23 -66.27
N ALA M 164 -24.99 9.22 -67.14
CA ALA M 164 -23.72 8.77 -67.74
C ALA M 164 -23.50 9.45 -69.10
N THR M 165 -24.33 9.10 -70.09
CA THR M 165 -24.20 9.68 -71.45
C THR M 165 -24.37 11.21 -71.37
N GLY M 166 -25.37 11.67 -70.61
CA GLY M 166 -25.63 13.12 -70.49
C GLY M 166 -26.57 13.60 -71.59
N LYS M 167 -26.51 12.97 -72.76
CA LYS M 167 -27.36 13.41 -73.91
C LYS M 167 -28.82 13.03 -73.64
N THR M 168 -29.76 13.61 -74.39
CA THR M 168 -31.20 13.33 -74.17
C THR M 168 -31.53 11.88 -74.57
N PRO M 169 -32.65 11.29 -74.06
CA PRO M 169 -32.99 9.90 -74.37
C PRO M 169 -33.13 9.68 -75.88
N LEU M 170 -33.85 10.57 -76.57
CA LEU M 170 -34.04 10.45 -78.04
C LEU M 170 -32.67 10.54 -78.70
N GLN M 171 -31.86 11.53 -78.31
CA GLN M 171 -30.51 11.71 -78.90
C GLN M 171 -29.69 10.43 -78.65
N ALA M 172 -29.67 9.96 -77.40
CA ALA M 172 -28.91 8.73 -77.06
C ALA M 172 -29.42 7.57 -77.92
N LEU M 173 -30.73 7.49 -78.11
CA LEU M 173 -31.32 6.40 -78.95
C LEU M 173 -30.71 6.48 -80.35
N GLY M 174 -30.72 7.68 -80.95
CA GLY M 174 -30.15 7.86 -82.30
C GLY M 174 -28.67 7.51 -82.32
N ASP M 175 -27.94 7.90 -81.29
CA ASP M 175 -26.47 7.63 -81.22
C ASP M 175 -26.25 6.11 -81.31
N HIS M 176 -27.02 5.34 -80.54
CA HIS M 176 -26.89 3.85 -80.57
C HIS M 176 -27.29 3.35 -81.96
N ILE M 177 -28.42 3.84 -82.49
CA ILE M 177 -28.89 3.40 -83.83
C ILE M 177 -27.80 3.70 -84.86
N GLY M 178 -27.20 4.89 -84.80
CA GLY M 178 -26.16 5.29 -85.76
C GLY M 178 -24.86 4.51 -85.54
N ASN M 179 -24.41 4.41 -84.29
CA ASN M 179 -23.16 3.67 -83.96
C ASN M 179 -23.46 2.66 -82.85
N PRO M 180 -24.09 1.50 -83.16
CA PRO M 180 -24.48 0.54 -82.12
C PRO M 180 -23.27 -0.10 -81.44
N TRP M 181 -22.30 -0.58 -82.23
CA TRP M 181 -21.11 -1.29 -81.65
C TRP M 181 -20.19 -0.27 -80.97
N GLY M 182 -20.22 0.99 -81.40
CA GLY M 182 -19.37 2.03 -80.80
C GLY M 182 -20.02 2.68 -79.59
N SER M 183 -21.24 3.19 -79.74
CA SER M 183 -21.93 3.90 -78.63
C SER M 183 -22.83 2.94 -77.86
N ASN M 184 -22.61 2.81 -76.55
CA ASN M 184 -23.44 1.89 -75.71
C ASN M 184 -23.14 2.19 -74.23
N PHE M 185 -23.91 1.56 -73.33
CA PHE M 185 -23.67 1.74 -71.88
C PHE M 185 -22.25 1.27 -71.54
N ALA M 186 -21.73 0.32 -72.32
CA ALA M 186 -20.36 -0.22 -72.09
C ALA M 186 -19.31 0.85 -72.35
N THR M 187 -19.60 1.80 -73.25
CA THR M 187 -18.59 2.82 -73.64
C THR M 187 -18.96 4.19 -73.03
N ASN M 188 -19.98 4.25 -72.17
CA ASN M 188 -20.34 5.54 -71.50
C ASN M 188 -19.23 5.93 -70.53
N GLY M 189 -18.51 4.94 -69.96
CA GLY M 189 -17.40 5.22 -69.03
C GLY M 189 -17.88 5.34 -67.60
N VAL M 190 -19.16 5.09 -67.35
CA VAL M 190 -19.72 5.15 -65.96
C VAL M 190 -20.26 3.77 -65.60
N SER M 191 -20.91 3.10 -66.55
CA SER M 191 -21.51 1.77 -66.29
C SER M 191 -20.43 0.77 -65.87
N LEU M 192 -19.30 0.76 -66.58
CA LEU M 192 -18.24 -0.25 -66.29
C LEU M 192 -17.26 0.31 -65.25
N PRO M 193 -16.50 -0.54 -64.53
CA PRO M 193 -15.58 -0.09 -63.46
C PRO M 193 -14.85 1.24 -63.70
N PHE M 194 -14.65 2.02 -62.65
CA PHE M 194 -13.95 3.30 -62.74
C PHE M 194 -14.58 4.20 -63.81
N GLN N 1 49.09 -48.32 36.67
CA GLN N 1 47.69 -48.72 37.01
C GLN N 1 46.80 -47.48 36.99
N LEU N 2 45.96 -47.31 38.02
CA LEU N 2 45.05 -46.14 38.09
C LEU N 2 45.87 -44.87 38.31
N TYR N 3 45.63 -43.84 37.50
CA TYR N 3 46.37 -42.55 37.64
C TYR N 3 45.36 -41.41 37.83
N PHE N 4 45.44 -40.71 38.97
CA PHE N 4 44.53 -39.57 39.24
C PHE N 4 43.09 -40.04 39.02
N THR N 5 42.74 -41.23 39.53
CA THR N 5 41.38 -41.80 39.31
C THR N 5 40.43 -41.33 40.41
N SER N 6 39.12 -41.49 40.19
CA SER N 6 38.11 -41.10 41.20
C SER N 6 36.97 -42.13 41.17
N GLU N 7 36.24 -42.28 42.27
CA GLU N 7 35.16 -43.29 42.34
C GLU N 7 34.22 -43.09 41.15
N SER N 8 33.88 -41.84 40.84
CA SER N 8 32.95 -41.53 39.72
C SER N 8 33.49 -42.11 38.41
N THR N 9 34.77 -41.89 38.12
CA THR N 9 35.37 -42.38 36.85
C THR N 9 35.30 -43.90 36.81
N LEU N 10 35.60 -44.55 37.93
CA LEU N 10 35.61 -46.05 37.98
C LEU N 10 34.20 -46.58 37.69
N GLN N 11 33.17 -45.90 38.19
CA GLN N 11 31.77 -46.31 37.91
C GLN N 11 31.65 -46.68 36.42
N TYR N 12 32.20 -45.85 35.53
CA TYR N 12 32.05 -46.09 34.06
C TYR N 12 33.36 -46.63 33.48
N LEU N 13 34.40 -46.79 34.31
CA LEU N 13 35.68 -47.37 33.83
C LEU N 13 35.91 -48.71 34.54
N ASP N 14 35.61 -49.83 33.86
CA ASP N 14 35.73 -51.16 34.51
C ASP N 14 36.94 -51.93 33.99
N GLY N 15 37.78 -51.36 33.12
CA GLY N 15 39.02 -52.05 32.73
C GLY N 15 38.97 -52.62 31.34
N THR N 16 37.78 -52.96 30.82
CA THR N 16 37.64 -53.62 29.50
C THR N 16 38.43 -52.89 28.41
N LEU N 17 38.13 -51.62 28.16
CA LEU N 17 38.78 -50.87 27.05
C LEU N 17 40.29 -51.03 27.11
N PRO N 18 40.97 -51.28 25.97
CA PRO N 18 42.42 -51.37 25.94
C PRO N 18 43.10 -50.11 26.48
N GLY N 19 43.88 -50.23 27.55
CA GLY N 19 44.63 -49.07 28.04
C GLY N 19 43.80 -48.21 28.97
N ASP N 20 42.99 -48.81 29.83
CA ASP N 20 42.10 -48.05 30.76
C ASP N 20 42.83 -47.88 32.09
N PHE N 21 43.42 -46.69 32.33
CA PHE N 21 44.15 -46.42 33.59
C PHE N 21 43.27 -45.58 34.51
N GLY N 22 41.96 -45.49 34.21
CA GLY N 22 41.03 -44.73 35.05
C GLY N 22 41.37 -43.25 35.08
N PHE N 23 42.09 -42.77 34.06
CA PHE N 23 42.49 -41.33 34.03
C PHE N 23 41.49 -40.53 33.22
N ASP N 24 40.36 -40.16 33.83
CA ASP N 24 39.35 -39.31 33.13
C ASP N 24 38.94 -38.19 34.10
N PRO N 25 39.84 -37.24 34.43
CA PRO N 25 39.54 -36.20 35.42
C PRO N 25 38.21 -35.48 35.16
N LEU N 26 38.06 -34.88 33.98
CA LEU N 26 36.83 -34.12 33.66
C LEU N 26 35.65 -35.10 33.57
N GLY N 27 35.89 -36.31 33.08
CA GLY N 27 34.82 -37.33 33.00
C GLY N 27 34.04 -37.22 31.70
N LEU N 28 34.70 -37.46 30.56
CA LEU N 28 34.03 -37.32 29.24
C LEU N 28 33.56 -38.70 28.75
N LEU N 29 34.09 -39.78 29.32
CA LEU N 29 33.75 -41.14 28.83
C LEU N 29 32.55 -41.70 29.60
N ASP N 30 31.91 -40.86 30.42
CA ASP N 30 30.70 -41.30 31.18
C ASP N 30 29.56 -41.53 30.21
N PRO N 31 29.03 -42.77 30.08
CA PRO N 31 27.97 -43.07 29.13
C PRO N 31 26.64 -42.41 29.52
N VAL N 32 26.31 -42.42 30.82
CA VAL N 32 25.01 -41.85 31.29
C VAL N 32 24.74 -40.52 30.57
N ASN N 33 23.61 -40.42 29.87
CA ASN N 33 23.24 -39.17 29.22
C ASN N 33 24.36 -38.64 28.33
N SER N 34 24.66 -39.36 27.25
CA SER N 34 25.72 -38.94 26.32
C SER N 34 25.13 -38.76 24.93
N GLY N 35 25.90 -38.18 24.00
CA GLY N 35 25.42 -38.05 22.62
C GLY N 35 26.47 -37.45 21.73
N GLY N 36 26.06 -36.92 20.57
CA GLY N 36 27.00 -36.26 19.64
C GLY N 36 28.30 -37.03 19.49
N PHE N 37 29.43 -36.31 19.48
CA PHE N 37 30.74 -36.94 19.30
C PHE N 37 31.35 -37.20 20.67
N VAL N 38 30.62 -36.94 21.74
CA VAL N 38 31.14 -37.14 23.12
C VAL N 38 30.71 -38.53 23.61
N THR N 39 30.00 -39.28 22.76
CA THR N 39 29.62 -40.66 23.13
C THR N 39 30.89 -41.47 23.41
N PRO N 40 30.93 -42.33 24.46
CA PRO N 40 32.16 -43.05 24.81
C PRO N 40 32.77 -43.77 23.61
N GLN N 41 31.93 -44.37 22.76
CA GLN N 41 32.43 -45.14 21.59
C GLN N 41 33.27 -44.22 20.69
N TRP N 42 32.73 -43.06 20.31
CA TRP N 42 33.44 -42.16 19.39
C TRP N 42 34.76 -41.70 20.03
N LEU N 43 34.74 -41.39 21.33
CA LEU N 43 35.95 -40.88 22.02
C LEU N 43 37.06 -41.94 21.94
N ALA N 44 36.73 -43.18 22.29
CA ALA N 44 37.73 -44.27 22.23
C ALA N 44 38.18 -44.48 20.78
N TYR N 45 37.23 -44.45 19.84
CA TYR N 45 37.56 -44.65 18.41
C TYR N 45 38.56 -43.57 17.99
N SER N 46 38.30 -42.31 18.35
CA SER N 46 39.20 -41.20 17.97
C SER N 46 40.58 -41.39 18.59
N GLU N 47 40.65 -41.81 19.85
CA GLU N 47 41.95 -41.95 20.54
C GLU N 47 42.83 -42.91 19.72
N VAL N 48 42.29 -44.06 19.32
CA VAL N 48 43.06 -45.05 18.52
C VAL N 48 43.52 -44.38 17.22
N ILE N 49 42.61 -43.69 16.53
CA ILE N 49 42.95 -43.03 15.23
C ILE N 49 44.08 -42.02 15.48
N HIS N 50 43.96 -41.22 16.55
CA HIS N 50 45.01 -40.22 16.89
C HIS N 50 46.34 -40.95 17.13
N CYS N 51 46.32 -42.05 17.90
CA CYS N 51 47.56 -42.79 18.22
C CYS N 51 48.23 -43.21 16.91
N ARG N 52 47.47 -43.81 15.99
CA ARG N 52 48.05 -44.32 14.71
C ARG N 52 48.64 -43.15 13.92
N TRP N 53 47.87 -42.07 13.76
CA TRP N 53 48.38 -40.88 13.02
C TRP N 53 49.61 -40.31 13.73
N ALA N 54 49.54 -40.17 15.06
CA ALA N 54 50.66 -39.57 15.82
C ALA N 54 51.92 -40.44 15.66
N MET N 55 51.76 -41.76 15.71
CA MET N 55 52.93 -42.68 15.60
C MET N 55 53.57 -42.50 14.22
N LEU N 56 52.76 -42.36 13.17
CA LEU N 56 53.30 -42.11 11.81
C LEU N 56 54.03 -40.76 11.79
N GLY N 57 53.40 -39.73 12.36
CA GLY N 57 54.02 -38.39 12.40
C GLY N 57 55.27 -38.38 13.25
N ALA N 58 55.18 -38.91 14.47
CA ALA N 58 56.35 -38.94 15.39
C ALA N 58 57.54 -39.57 14.71
N ALA N 59 57.31 -40.58 13.86
CA ALA N 59 58.41 -41.27 13.16
C ALA N 59 58.74 -40.57 11.85
N GLY N 60 57.91 -39.59 11.44
CA GLY N 60 58.13 -38.89 10.17
C GLY N 60 58.69 -37.50 10.35
N CYS N 61 58.56 -36.92 11.54
CA CYS N 61 59.04 -35.54 11.80
C CYS N 61 60.50 -35.58 12.26
N ILE N 62 61.03 -36.78 12.51
CA ILE N 62 62.45 -36.92 12.92
C ILE N 62 63.20 -37.76 11.89
N ALA N 63 62.54 -38.54 11.04
CA ALA N 63 63.30 -39.39 10.10
C ALA N 63 64.02 -38.59 9.03
N PRO N 64 63.48 -37.59 8.29
CA PRO N 64 64.26 -36.82 7.32
C PRO N 64 65.55 -36.23 7.91
N GLU N 65 65.59 -35.93 9.20
CA GLU N 65 66.77 -35.35 9.87
C GLU N 65 67.71 -36.47 10.30
N ILE N 66 67.21 -37.45 11.06
CA ILE N 66 68.08 -38.56 11.56
C ILE N 66 68.78 -39.20 10.36
N LEU N 67 68.08 -39.32 9.23
CA LEU N 67 68.65 -39.95 8.01
C LEU N 67 69.38 -38.89 7.17
N GLY N 68 68.73 -37.74 6.94
CA GLY N 68 69.34 -36.69 6.08
C GLY N 68 70.68 -36.22 6.62
N LYS N 69 70.76 -36.00 7.94
CA LYS N 69 72.03 -35.56 8.57
C LYS N 69 73.05 -36.68 8.46
N ALA N 70 72.62 -37.94 8.61
CA ALA N 70 73.54 -39.09 8.48
C ALA N 70 74.13 -39.10 7.05
N GLY N 71 73.43 -38.50 6.09
CA GLY N 71 73.95 -38.42 4.71
C GLY N 71 73.15 -39.28 3.74
N VAL N 72 72.08 -39.92 4.23
CA VAL N 72 71.21 -40.74 3.33
C VAL N 72 70.64 -39.82 2.25
N GLY N 73 70.08 -38.67 2.63
CA GLY N 73 69.55 -37.72 1.63
C GLY N 73 68.44 -36.84 2.18
N VAL N 74 68.01 -35.84 1.40
CA VAL N 74 66.92 -34.90 1.84
C VAL N 74 67.47 -33.96 2.93
N ASP N 75 67.42 -34.37 4.19
CA ASP N 75 68.00 -33.57 5.30
C ASP N 75 67.18 -32.30 5.54
N ILE N 76 65.84 -32.40 5.53
CA ILE N 76 64.97 -31.25 5.85
C ILE N 76 64.45 -31.43 7.27
N ARG N 77 63.92 -30.37 7.87
CA ARG N 77 63.27 -30.47 9.19
C ARG N 77 61.76 -30.52 8.92
N TRP N 78 60.96 -31.14 9.79
CA TRP N 78 59.52 -31.34 9.49
C TRP N 78 58.77 -30.06 9.13
N PHE N 79 59.26 -28.87 9.47
CA PHE N 79 58.45 -27.66 9.16
C PHE N 79 58.84 -27.13 7.79
N GLU N 80 60.00 -27.55 7.28
CA GLU N 80 60.47 -27.12 5.94
C GLU N 80 60.18 -28.20 4.89
N THR N 81 58.91 -28.54 4.68
CA THR N 81 58.52 -29.52 3.65
C THR N 81 57.42 -28.91 2.79
N GLY N 82 56.75 -27.88 3.28
CA GLY N 82 55.63 -27.29 2.55
C GLY N 82 54.36 -27.34 3.38
N VAL N 83 54.43 -27.94 4.54
CA VAL N 83 53.26 -27.97 5.47
C VAL N 83 52.97 -26.52 5.80
N ILE N 84 53.97 -25.78 6.28
CA ILE N 84 53.79 -24.35 6.66
C ILE N 84 54.68 -23.50 5.76
N PRO N 85 54.27 -23.21 4.51
CA PRO N 85 55.07 -22.43 3.57
C PRO N 85 55.83 -21.24 4.18
N PRO N 86 55.27 -20.37 5.05
CA PRO N 86 56.05 -19.27 5.64
C PRO N 86 57.31 -19.74 6.37
N ALA N 87 57.34 -20.97 6.88
CA ALA N 87 58.49 -21.49 7.64
C ALA N 87 59.42 -22.26 6.73
N GLY N 88 59.11 -22.30 5.44
CA GLY N 88 60.01 -22.97 4.49
C GLY N 88 59.27 -23.81 3.48
N THR N 89 59.92 -24.15 2.36
CA THR N 89 59.33 -25.02 1.33
C THR N 89 60.43 -25.87 0.69
N TYR N 90 60.16 -27.15 0.39
CA TYR N 90 61.15 -27.98 -0.34
C TYR N 90 61.02 -27.61 -1.80
N ASP N 91 62.10 -27.70 -2.57
CA ASP N 91 62.06 -27.24 -3.98
C ASP N 91 61.77 -28.39 -4.95
N LYS N 92 62.28 -29.59 -4.68
CA LYS N 92 62.15 -30.71 -5.65
C LYS N 92 60.87 -31.53 -5.41
N TYR N 93 59.70 -31.03 -5.83
CA TYR N 93 58.46 -31.83 -5.72
C TYR N 93 57.92 -32.13 -7.13
N TRP N 94 57.57 -33.38 -7.41
CA TRP N 94 57.13 -33.76 -8.77
C TRP N 94 55.90 -32.93 -9.17
N THR N 95 55.28 -32.24 -8.21
CA THR N 95 54.04 -31.46 -8.51
C THR N 95 53.90 -30.29 -7.53
N ASP N 96 52.89 -29.44 -7.73
CA ASP N 96 52.66 -28.27 -6.86
C ASP N 96 52.25 -28.75 -5.46
N PRO N 97 52.59 -28.02 -4.38
CA PRO N 97 52.15 -28.40 -3.04
C PRO N 97 50.61 -28.43 -3.00
N TYR N 98 49.96 -27.42 -3.57
CA TYR N 98 48.48 -27.38 -3.62
C TYR N 98 47.97 -28.53 -4.49
N SER N 99 48.62 -28.78 -5.63
CA SER N 99 48.21 -29.90 -6.51
C SER N 99 48.27 -31.21 -5.71
N LEU N 100 49.33 -31.39 -4.92
CA LEU N 100 49.43 -32.61 -4.06
C LEU N 100 48.26 -32.60 -3.09
N PHE N 101 47.91 -31.43 -2.55
CA PHE N 101 46.80 -31.33 -1.57
C PHE N 101 45.49 -31.73 -2.23
N PHE N 102 45.30 -31.33 -3.50
CA PHE N 102 44.06 -31.70 -4.24
C PHE N 102 43.94 -33.23 -4.27
N ILE N 103 45.02 -33.91 -4.67
CA ILE N 103 45.01 -35.41 -4.71
C ILE N 103 44.79 -35.91 -3.28
N GLU N 104 45.46 -35.31 -2.30
CA GLU N 104 45.34 -35.75 -0.89
C GLU N 104 43.86 -35.68 -0.45
N VAL N 105 43.19 -34.56 -0.74
CA VAL N 105 41.76 -34.39 -0.34
C VAL N 105 40.94 -35.51 -0.98
N ILE N 106 41.10 -35.74 -2.28
CA ILE N 106 40.25 -36.75 -2.98
C ILE N 106 40.52 -38.12 -2.35
N ALA N 107 41.80 -38.44 -2.12
CA ALA N 107 42.16 -39.77 -1.59
C ALA N 107 41.57 -39.95 -0.19
N MET N 108 41.70 -38.94 0.66
CA MET N 108 41.18 -39.04 2.06
C MET N 108 39.66 -39.18 2.04
N GLN N 109 39.00 -38.55 1.06
CA GLN N 109 37.52 -38.63 0.94
C GLN N 109 37.09 -40.09 0.76
N PHE N 110 37.78 -40.82 -0.11
CA PHE N 110 37.41 -42.24 -0.38
C PHE N 110 37.95 -43.16 0.71
N ALA N 111 38.77 -42.63 1.62
CA ALA N 111 39.39 -43.48 2.66
C ALA N 111 38.80 -43.18 4.04
N GLU N 112 38.39 -41.93 4.28
CA GLU N 112 37.90 -41.55 5.62
C GLU N 112 36.37 -41.47 5.62
N LEU N 113 35.74 -41.42 4.45
CA LEU N 113 34.26 -41.46 4.40
C LEU N 113 33.82 -42.93 4.43
N ARG N 114 34.54 -43.80 3.73
CA ARG N 114 34.24 -45.26 3.78
C ARG N 114 34.48 -45.74 5.21
N ARG N 115 35.60 -45.34 5.81
CA ARG N 115 35.90 -45.71 7.22
C ARG N 115 34.73 -45.28 8.10
N TRP N 116 34.24 -44.05 7.91
CA TRP N 116 33.12 -43.53 8.74
C TRP N 116 31.86 -44.33 8.50
N GLN N 117 31.49 -44.56 7.23
CA GLN N 117 30.22 -45.27 6.92
C GLN N 117 30.22 -46.64 7.59
N ASP N 118 31.39 -47.17 7.94
CA ASP N 118 31.49 -48.52 8.56
C ASP N 118 31.21 -48.39 10.07
N PHE N 119 31.27 -47.17 10.60
CA PHE N 119 30.97 -46.93 12.03
C PHE N 119 29.48 -46.60 12.16
N LYS N 120 29.02 -45.62 11.38
CA LYS N 120 27.59 -45.23 11.38
C LYS N 120 26.75 -46.44 11.03
N TYR N 121 27.05 -47.11 9.91
CA TYR N 121 26.28 -48.28 9.45
C TYR N 121 27.23 -49.47 9.44
N PRO N 122 27.50 -50.16 10.58
CA PRO N 122 28.49 -51.23 10.63
C PRO N 122 28.50 -52.17 9.41
N GLY N 123 29.69 -52.53 8.92
CA GLY N 123 29.81 -53.47 7.79
C GLY N 123 28.93 -53.08 6.61
N SER N 124 29.06 -51.84 6.13
CA SER N 124 28.28 -51.37 4.96
C SER N 124 29.20 -51.19 3.75
N MET N 125 30.52 -51.22 3.97
CA MET N 125 31.49 -51.00 2.86
C MET N 125 31.80 -52.32 2.17
N SER N 126 31.23 -53.43 2.66
CA SER N 126 31.55 -54.76 2.08
C SER N 126 30.50 -55.16 1.04
N LYS N 127 29.38 -54.42 0.96
CA LYS N 127 28.29 -54.81 0.03
C LYS N 127 28.43 -54.06 -1.29
N GLN N 128 28.63 -52.73 -1.26
CA GLN N 128 28.72 -51.94 -2.51
C GLN N 128 30.03 -52.27 -3.21
N TYR N 129 29.98 -52.55 -4.52
CA TYR N 129 31.20 -52.96 -5.26
C TYR N 129 32.27 -51.87 -5.18
N PHE N 130 33.49 -52.23 -4.78
CA PHE N 130 34.60 -51.24 -4.74
C PHE N 130 35.85 -51.89 -5.35
N VAL N 131 35.82 -52.16 -6.65
CA VAL N 131 36.99 -52.78 -7.36
C VAL N 131 37.31 -54.13 -6.70
N GLY N 132 36.30 -54.78 -6.11
CA GLY N 132 36.50 -56.10 -5.48
C GLY N 132 37.15 -55.99 -4.11
N LEU N 133 37.64 -54.80 -3.77
CA LEU N 133 38.27 -54.57 -2.44
C LEU N 133 37.20 -54.63 -1.36
N GLU N 134 35.97 -54.21 -1.69
CA GLU N 134 34.85 -54.21 -0.71
C GLU N 134 34.98 -55.39 0.25
N ALA N 135 35.25 -56.59 -0.27
CA ALA N 135 35.33 -57.80 0.58
C ALA N 135 36.34 -57.58 1.70
N VAL N 136 37.44 -56.87 1.41
CA VAL N 136 38.51 -56.64 2.43
C VAL N 136 38.15 -55.41 3.26
N GLN N 137 37.05 -54.72 2.91
CA GLN N 137 36.65 -53.48 3.63
C GLN N 137 35.49 -53.79 4.58
N GLY N 138 35.24 -55.07 4.85
CA GLY N 138 34.11 -55.47 5.73
C GLY N 138 34.32 -55.01 7.17
N GLY N 139 35.47 -55.31 7.75
CA GLY N 139 35.77 -54.92 9.14
C GLY N 139 35.02 -55.78 10.16
N SER N 140 35.39 -55.69 11.44
CA SER N 140 34.72 -56.47 12.51
C SER N 140 33.72 -55.58 13.25
N GLY N 141 33.14 -56.07 14.35
CA GLY N 141 32.17 -55.24 15.05
C GLY N 141 32.76 -53.99 15.67
N ASP N 142 34.00 -54.07 16.18
CA ASP N 142 34.65 -52.92 16.85
C ASP N 142 35.07 -51.94 15.79
N PRO N 143 34.65 -50.65 15.84
CA PRO N 143 34.98 -49.71 14.76
C PRO N 143 36.47 -49.40 14.71
N ALA N 144 37.12 -49.30 15.88
CA ALA N 144 38.56 -48.95 15.94
C ALA N 144 39.39 -50.05 15.29
N TYR N 145 39.06 -51.32 15.56
CA TYR N 145 39.88 -52.44 15.03
C TYR N 145 39.12 -53.11 13.87
N PRO N 146 39.43 -52.77 12.60
CA PRO N 146 38.76 -53.36 11.44
C PRO N 146 39.03 -54.86 11.31
N GLY N 147 40.25 -55.22 10.89
CA GLY N 147 40.61 -56.64 10.69
C GLY N 147 40.58 -56.97 9.23
N GLY N 148 40.10 -58.16 8.89
CA GLY N 148 39.97 -58.54 7.48
C GLY N 148 41.26 -59.08 6.91
N PRO N 149 41.32 -59.50 5.62
CA PRO N 149 42.60 -59.88 5.03
C PRO N 149 43.55 -58.70 4.79
N TRP N 150 43.13 -57.45 5.04
CA TRP N 150 44.01 -56.30 4.74
C TRP N 150 44.56 -55.67 6.01
N PHE N 151 43.70 -55.04 6.82
CA PHE N 151 44.18 -54.29 8.01
C PHE N 151 44.97 -55.25 8.89
N ASN N 152 44.49 -56.46 9.16
CA ASN N 152 45.33 -57.47 9.86
C ASN N 152 45.69 -58.48 8.77
N LEU N 153 46.67 -58.15 7.93
CA LEU N 153 46.98 -59.01 6.77
C LEU N 153 47.85 -60.19 7.20
N PHE N 154 48.66 -60.03 8.25
CA PHE N 154 49.57 -61.11 8.68
C PHE N 154 48.94 -61.82 9.87
N ASN N 155 47.64 -61.71 10.06
CA ASN N 155 46.91 -62.29 11.23
C ASN N 155 47.75 -62.22 12.50
N LEU N 156 48.45 -61.12 12.73
CA LEU N 156 49.21 -60.95 13.99
C LEU N 156 48.15 -60.86 15.08
N GLY N 157 48.30 -61.65 16.14
CA GLY N 157 47.22 -61.76 17.13
C GLY N 157 46.49 -63.04 16.84
N ALA N 158 45.21 -63.14 17.16
CA ALA N 158 44.37 -64.33 16.85
C ALA N 158 44.85 -65.57 17.60
N LYS N 159 46.16 -65.72 17.83
CA LYS N 159 46.63 -66.82 18.70
C LYS N 159 46.22 -66.41 20.12
N SER N 160 44.99 -66.71 20.54
CA SER N 160 44.45 -66.37 21.90
C SER N 160 43.97 -64.92 21.97
N GLU N 161 42.96 -64.66 22.81
CA GLU N 161 42.53 -63.28 22.98
C GLU N 161 43.52 -62.48 23.83
N ALA N 162 44.28 -63.16 24.67
CA ALA N 162 45.28 -62.47 25.50
C ALA N 162 46.29 -61.75 24.62
N ASP N 163 46.67 -62.35 23.49
CA ASP N 163 47.71 -61.73 22.64
C ASP N 163 47.13 -60.49 21.98
N MET N 164 45.90 -60.57 21.48
CA MET N 164 45.25 -59.37 20.89
C MET N 164 45.22 -58.30 21.96
N LYS N 165 44.79 -58.64 23.18
CA LYS N 165 44.64 -57.60 24.22
C LYS N 165 46.00 -56.97 24.57
N LYS N 166 47.08 -57.74 24.59
CA LYS N 166 48.42 -57.16 24.86
C LYS N 166 48.83 -56.31 23.67
N LEU N 167 48.59 -56.76 22.45
CA LEU N 167 49.02 -56.01 21.24
C LEU N 167 48.25 -54.70 21.17
N LYS N 168 47.04 -54.65 21.74
CA LYS N 168 46.21 -53.43 21.72
C LYS N 168 46.67 -52.50 22.82
N LEU N 169 47.21 -53.01 23.92
CA LEU N 169 47.77 -52.16 25.00
C LEU N 169 49.09 -51.60 24.49
N ASN N 170 49.88 -52.42 23.80
CA ASN N 170 51.17 -51.95 23.23
C ASN N 170 50.90 -50.72 22.36
N GLU N 171 49.87 -50.78 21.52
CA GLU N 171 49.57 -49.67 20.57
C GLU N 171 49.08 -48.42 21.33
N ILE N 172 48.16 -48.59 22.28
CA ILE N 172 47.56 -47.42 22.99
C ILE N 172 48.63 -46.73 23.83
N LYS N 173 49.75 -47.41 24.10
CA LYS N 173 50.80 -46.84 24.97
C LYS N 173 51.91 -46.34 24.06
N ASN N 174 52.24 -47.10 23.01
CA ASN N 174 53.24 -46.65 22.02
C ASN N 174 52.64 -45.49 21.25
N GLY N 175 51.36 -45.18 21.49
CA GLY N 175 50.67 -44.11 20.74
C GLY N 175 50.38 -42.95 21.63
N ARG N 176 50.15 -43.18 22.92
CA ARG N 176 50.00 -42.06 23.86
C ARG N 176 51.39 -41.42 24.03
N LEU N 177 52.48 -42.18 23.93
CA LEU N 177 53.86 -41.63 23.98
C LEU N 177 54.12 -40.87 22.69
N ALA N 178 53.59 -41.34 21.57
CA ALA N 178 53.82 -40.68 20.28
C ALA N 178 53.01 -39.41 20.22
N MET N 179 51.82 -39.41 20.81
CA MET N 179 50.97 -38.20 20.84
C MET N 179 51.68 -37.14 21.69
N LEU N 180 52.22 -37.51 22.85
CA LEU N 180 52.98 -36.55 23.71
C LEU N 180 54.25 -36.10 23.00
N ALA N 181 54.82 -36.93 22.13
CA ALA N 181 56.04 -36.57 21.37
C ALA N 181 55.69 -35.57 20.30
N VAL N 182 54.62 -35.83 19.53
CA VAL N 182 54.27 -34.92 18.40
C VAL N 182 54.06 -33.51 18.97
N PHE N 183 53.35 -33.41 20.11
CA PHE N 183 53.17 -32.10 20.76
C PHE N 183 54.54 -31.53 21.13
N GLY N 184 55.42 -32.39 21.66
CA GLY N 184 56.78 -31.94 22.01
C GLY N 184 57.50 -31.40 20.80
N TYR N 185 57.43 -32.10 19.67
CA TYR N 185 58.10 -31.65 18.42
C TYR N 185 57.63 -30.22 18.09
N GLY N 186 56.31 -30.03 18.04
CA GLY N 186 55.77 -28.70 17.68
C GLY N 186 56.17 -27.63 18.68
N ALA N 187 56.00 -27.92 19.98
CA ALA N 187 56.32 -26.91 21.03
C ALA N 187 57.79 -26.52 20.95
N GLN N 188 58.69 -27.51 20.90
CA GLN N 188 60.14 -27.22 20.85
C GLN N 188 60.45 -26.44 19.57
N ALA N 189 59.84 -26.84 18.45
CA ALA N 189 60.07 -26.15 17.17
C ALA N 189 59.71 -24.67 17.31
N VAL N 190 58.55 -24.38 17.93
CA VAL N 190 58.10 -22.97 18.05
C VAL N 190 59.12 -22.19 18.89
N LEU N 191 59.45 -22.68 20.09
CA LEU N 191 60.36 -21.92 20.99
C LEU N 191 61.78 -21.90 20.41
N THR N 192 62.41 -23.07 20.28
CA THR N 192 63.82 -23.12 19.81
C THR N 192 63.91 -22.61 18.37
N GLY N 193 63.05 -23.13 17.47
CA GLY N 193 63.14 -22.75 16.05
C GLY N 193 63.92 -23.78 15.25
N LYS N 194 64.46 -24.79 15.93
CA LYS N 194 65.26 -25.85 15.25
C LYS N 194 64.44 -27.13 15.15
N GLY N 195 65.04 -28.21 14.64
CA GLY N 195 64.33 -29.49 14.50
C GLY N 195 64.46 -30.40 15.68
N PRO N 196 63.50 -31.31 15.91
CA PRO N 196 63.59 -32.29 16.97
C PRO N 196 64.98 -32.87 17.17
N TYR N 197 65.63 -33.39 16.13
CA TYR N 197 66.93 -34.07 16.31
C TYR N 197 67.98 -33.09 16.84
N GLU N 198 68.09 -31.91 16.24
CA GLU N 198 69.11 -30.94 16.68
C GLU N 198 68.82 -30.59 18.14
N ASN N 199 67.55 -30.43 18.51
CA ASN N 199 67.18 -30.14 19.92
C ASN N 199 67.71 -31.24 20.84
N LEU N 200 67.51 -32.51 20.51
CA LEU N 200 68.11 -33.61 21.34
C LEU N 200 69.62 -33.46 21.30
N LEU N 201 70.24 -33.37 20.13
CA LEU N 201 71.72 -33.36 20.03
C LEU N 201 72.31 -32.10 20.66
N ASP N 202 71.46 -31.23 21.22
CA ASP N 202 71.96 -30.03 21.94
C ASP N 202 71.81 -30.26 23.44
N HIS N 203 70.73 -30.91 23.87
CA HIS N 203 70.61 -31.27 25.30
C HIS N 203 71.78 -32.18 25.61
N LEU N 204 71.97 -33.21 24.80
CA LEU N 204 73.06 -34.18 25.03
C LEU N 204 74.39 -33.45 25.21
N ALA N 205 74.64 -32.36 24.49
CA ALA N 205 75.93 -31.65 24.58
C ALA N 205 76.05 -30.96 25.94
N ASP N 206 75.43 -29.78 26.11
CA ASP N 206 75.45 -29.07 27.41
C ASP N 206 74.04 -29.13 27.99
N PRO N 207 73.63 -30.21 28.70
CA PRO N 207 72.23 -30.32 29.16
C PRO N 207 71.77 -29.11 29.99
N VAL N 208 72.55 -28.72 31.00
CA VAL N 208 72.15 -27.61 31.90
C VAL N 208 71.97 -26.33 31.09
N ASN N 209 72.85 -26.08 30.12
CA ASN N 209 72.79 -24.81 29.33
C ASN N 209 71.82 -24.98 28.16
N ASN N 210 71.34 -26.19 27.92
CA ASN N 210 70.45 -26.45 26.75
C ASN N 210 69.15 -27.11 27.23
N ASN N 211 68.27 -26.34 27.86
CA ASN N 211 66.97 -26.88 28.35
C ASN N 211 65.86 -25.87 28.04
N ILE N 212 64.62 -26.17 28.46
CA ILE N 212 63.47 -25.24 28.22
C ILE N 212 63.74 -23.92 28.94
N LEU N 213 64.27 -23.97 30.17
CA LEU N 213 64.50 -22.74 30.96
C LEU N 213 65.48 -21.84 30.21
N THR N 214 66.63 -22.38 29.81
CA THR N 214 67.61 -21.59 29.03
C THR N 214 66.98 -21.18 27.70
N ASN N 215 66.22 -22.08 27.07
CA ASN N 215 65.60 -21.81 25.76
C ASN N 215 64.58 -20.66 25.86
N PHE N 216 64.17 -20.31 27.08
CA PHE N 216 63.24 -19.16 27.26
C PHE N 216 63.90 -17.89 26.73
N GLY N 217 65.20 -17.71 27.00
CA GLY N 217 65.92 -16.53 26.52
C GLY N 217 66.71 -16.83 25.25
N LYS N 218 67.43 -17.95 25.23
CA LYS N 218 68.26 -18.32 24.05
C LYS N 218 67.35 -18.85 22.94
N ALA O 1 22.07 -49.66 -12.39
CA ALA O 1 20.75 -49.23 -11.88
C ALA O 1 19.68 -50.25 -12.27
N TYR O 2 18.42 -49.81 -12.39
CA TYR O 2 17.31 -50.72 -12.76
C TYR O 2 17.30 -51.94 -11.82
N GLY O 3 17.53 -51.72 -10.53
CA GLY O 3 17.52 -52.83 -9.55
C GLY O 3 17.28 -52.35 -8.13
N PRO O 4 16.70 -53.17 -7.24
CA PRO O 4 16.51 -52.79 -5.83
C PRO O 4 17.88 -52.72 -5.14
N ASP O 5 18.83 -53.53 -5.60
CA ASP O 5 20.20 -53.54 -5.01
C ASP O 5 21.14 -52.73 -5.92
N ARG O 6 20.59 -51.81 -6.70
CA ARG O 6 21.40 -51.01 -7.66
C ARG O 6 22.53 -50.31 -6.89
N PRO O 7 23.73 -50.14 -7.49
CA PRO O 7 24.82 -49.40 -6.84
C PRO O 7 24.30 -48.02 -6.43
N LEU O 8 24.66 -47.54 -5.24
CA LEU O 8 24.11 -46.24 -4.76
C LEU O 8 25.19 -45.15 -4.79
N TRP O 9 24.83 -43.93 -4.42
CA TRP O 9 25.76 -42.77 -4.44
C TRP O 9 26.78 -42.77 -3.30
N TYR O 10 26.34 -43.02 -2.06
CA TYR O 10 27.22 -42.99 -0.88
C TYR O 10 27.09 -44.36 -0.28
N PRO O 11 27.87 -45.36 -0.72
CA PRO O 11 27.71 -46.70 -0.23
C PRO O 11 27.46 -46.70 1.28
N GLY O 12 26.40 -47.36 1.73
CA GLY O 12 26.07 -47.38 3.16
C GLY O 12 24.79 -46.63 3.39
N ASN O 13 24.78 -45.31 3.16
CA ASN O 13 23.54 -44.50 3.31
C ASN O 13 22.40 -45.18 2.55
N PRO O 14 21.21 -45.38 3.17
CA PRO O 14 20.06 -45.96 2.46
C PRO O 14 19.54 -45.01 1.37
N ALA O 15 18.95 -45.57 0.31
CA ALA O 15 18.45 -44.75 -0.82
C ALA O 15 17.09 -44.12 -0.46
N PRO O 16 16.71 -42.97 -1.05
CA PRO O 16 15.40 -42.35 -0.80
C PRO O 16 14.26 -43.28 -1.23
N ALA O 17 13.12 -43.19 -0.54
CA ALA O 17 11.96 -44.05 -0.86
C ALA O 17 11.47 -43.75 -2.29
N TYR O 18 11.35 -42.46 -2.64
CA TYR O 18 10.84 -42.07 -3.97
C TYR O 18 11.74 -42.66 -5.06
N LEU O 19 13.06 -42.71 -4.79
CA LEU O 19 14.01 -43.31 -5.77
C LEU O 19 14.01 -44.83 -5.58
N ASP O 20 13.09 -45.53 -6.25
CA ASP O 20 12.96 -47.01 -6.09
C ASP O 20 14.11 -47.71 -6.83
N GLY O 21 14.45 -47.24 -8.03
CA GLY O 21 15.53 -47.86 -8.83
C GLY O 21 15.11 -48.09 -10.26
N THR O 22 13.82 -47.90 -10.55
CA THR O 22 13.29 -48.10 -11.93
C THR O 22 13.83 -47.01 -12.85
N LEU O 23 13.57 -45.73 -12.51
CA LEU O 23 14.07 -44.59 -13.32
C LEU O 23 15.49 -44.86 -13.81
N ALA O 24 15.81 -44.44 -15.03
CA ALA O 24 17.16 -44.66 -15.61
C ALA O 24 18.22 -43.98 -14.75
N GLY O 25 19.39 -44.59 -14.60
CA GLY O 25 20.49 -43.98 -13.85
C GLY O 25 20.08 -43.61 -12.43
N ASP O 26 19.22 -44.42 -11.81
CA ASP O 26 18.81 -44.17 -10.41
C ASP O 26 19.92 -44.69 -9.48
N TYR O 27 20.46 -43.83 -8.62
CA TYR O 27 21.49 -44.25 -7.63
C TYR O 27 21.07 -43.75 -6.25
N GLY O 28 19.78 -43.42 -6.09
CA GLY O 28 19.27 -42.93 -4.80
C GLY O 28 20.01 -41.68 -4.34
N PHE O 29 20.13 -40.67 -5.21
CA PHE O 29 20.88 -39.44 -4.86
C PHE O 29 19.96 -38.22 -4.90
N ASP O 30 19.31 -37.90 -3.77
CA ASP O 30 18.48 -36.67 -3.67
C ASP O 30 18.67 -36.13 -2.25
N PRO O 31 19.88 -35.72 -1.84
CA PRO O 31 20.14 -35.30 -0.46
C PRO O 31 19.19 -34.21 0.07
N LEU O 32 18.82 -33.23 -0.75
CA LEU O 32 17.99 -32.12 -0.23
C LEU O 32 16.54 -32.42 -0.54
N GLY O 33 16.16 -33.69 -0.61
CA GLY O 33 14.78 -34.11 -0.92
C GLY O 33 14.07 -33.24 -1.93
N LEU O 34 14.75 -32.87 -3.02
CA LEU O 34 14.15 -31.95 -4.03
C LEU O 34 13.00 -32.67 -4.75
N SER O 35 13.10 -33.99 -4.92
CA SER O 35 12.06 -34.75 -5.67
C SER O 35 11.21 -35.57 -4.68
N SER O 36 11.04 -35.05 -3.46
CA SER O 36 10.22 -35.76 -2.44
C SER O 36 8.82 -36.02 -3.01
N ASP O 37 8.28 -35.06 -3.76
CA ASP O 37 6.93 -35.21 -4.36
C ASP O 37 7.01 -36.12 -5.59
N PRO O 38 6.03 -37.02 -5.81
CA PRO O 38 6.02 -37.90 -6.98
C PRO O 38 5.89 -37.10 -8.28
N GLU O 39 4.98 -36.12 -8.30
CA GLU O 39 4.80 -35.26 -9.50
C GLU O 39 6.11 -34.49 -9.76
N THR O 40 6.77 -34.04 -8.68
CA THR O 40 8.07 -33.34 -8.83
C THR O 40 9.06 -34.30 -9.50
N MET O 41 9.09 -35.56 -9.05
CA MET O 41 9.99 -36.57 -9.68
C MET O 41 9.76 -36.58 -11.19
N ARG O 42 8.50 -36.73 -11.62
CA ARG O 42 8.19 -36.82 -13.08
C ARG O 42 8.76 -35.59 -13.78
N TRP O 43 8.48 -34.40 -13.25
CA TRP O 43 8.97 -33.14 -13.87
C TRP O 43 10.50 -33.13 -13.88
N MET O 44 11.11 -33.44 -12.73
CA MET O 44 12.60 -33.41 -12.62
C MET O 44 13.19 -34.42 -13.61
N VAL O 45 12.58 -35.61 -13.71
CA VAL O 45 13.08 -36.66 -14.65
C VAL O 45 13.03 -36.10 -16.07
N HIS O 46 11.89 -35.49 -16.45
CA HIS O 46 11.74 -34.91 -17.80
C HIS O 46 12.79 -33.82 -18.01
N ALA O 47 12.94 -32.93 -17.02
CA ALA O 47 13.91 -31.81 -17.13
C ALA O 47 15.32 -32.38 -17.35
N GLU O 48 15.71 -33.37 -16.55
CA GLU O 48 17.05 -33.99 -16.72
C GLU O 48 17.13 -34.60 -18.12
N LEU O 49 16.04 -35.24 -18.58
CA LEU O 49 16.01 -35.84 -19.94
C LEU O 49 15.92 -34.71 -20.98
N GLN O 50 16.01 -33.45 -20.54
CA GLN O 50 16.00 -32.32 -21.50
C GLN O 50 17.36 -31.61 -21.45
N ASN O 51 17.84 -31.28 -20.25
CA ASN O 51 19.15 -30.60 -20.11
C ASN O 51 20.26 -31.53 -20.62
N ALA O 52 20.25 -32.79 -20.20
CA ALA O 52 21.31 -33.73 -20.59
C ALA O 52 21.33 -33.90 -22.11
N ARG O 53 20.17 -34.05 -22.75
CA ARG O 53 20.13 -34.30 -24.22
C ARG O 53 20.75 -33.11 -24.95
N TRP O 54 20.32 -31.88 -24.60
CA TRP O 54 20.89 -30.66 -25.22
C TRP O 54 22.38 -30.58 -24.87
N ALA O 55 22.71 -30.84 -23.61
CA ALA O 55 24.12 -30.78 -23.17
C ALA O 55 24.95 -31.75 -24.03
N MET O 56 24.41 -32.95 -24.28
CA MET O 56 25.16 -33.97 -25.07
C MET O 56 25.47 -33.42 -26.47
N LEU O 57 24.46 -32.83 -27.14
CA LEU O 57 24.67 -32.23 -28.48
C LEU O 57 25.68 -31.08 -28.38
N GLY O 58 25.52 -30.23 -27.37
CA GLY O 58 26.42 -29.09 -27.18
C GLY O 58 27.85 -29.54 -26.97
N ALA O 59 28.05 -30.60 -26.17
CA ALA O 59 29.41 -31.12 -25.92
C ALA O 59 30.00 -31.69 -27.22
N ALA O 60 29.16 -32.35 -28.03
CA ALA O 60 29.64 -32.92 -29.32
C ALA O 60 30.17 -31.79 -30.21
N GLY O 61 29.51 -30.63 -30.16
CA GLY O 61 29.93 -29.50 -31.00
C GLY O 61 31.21 -28.85 -30.49
N VAL O 62 31.28 -28.54 -29.19
CA VAL O 62 32.47 -27.86 -28.61
C VAL O 62 33.67 -28.76 -28.80
N LEU O 63 33.46 -30.07 -28.91
CA LEU O 63 34.58 -31.01 -29.14
C LEU O 63 34.85 -31.14 -30.63
N LEU O 64 33.85 -31.18 -31.50
CA LEU O 64 34.16 -31.36 -32.95
C LEU O 64 34.79 -30.09 -33.51
N THR O 65 34.16 -28.93 -33.32
CA THR O 65 34.77 -27.67 -33.79
C THR O 65 36.15 -27.51 -33.16
N SER O 66 36.30 -27.67 -31.85
CA SER O 66 37.64 -27.59 -31.22
C SER O 66 38.61 -28.55 -31.92
N ILE O 67 38.25 -29.82 -32.12
CA ILE O 67 39.23 -30.77 -32.72
C ILE O 67 39.65 -30.18 -34.05
N GLY O 68 38.70 -29.62 -34.79
CA GLY O 68 39.01 -29.03 -36.10
C GLY O 68 40.00 -27.90 -35.97
N ALA O 69 39.73 -26.94 -35.10
CA ALA O 69 40.59 -25.76 -34.97
C ALA O 69 42.01 -26.17 -34.58
N ALA O 70 42.16 -27.26 -33.82
CA ALA O 70 43.50 -27.73 -33.37
C ALA O 70 44.24 -28.37 -34.55
N VAL O 71 43.56 -29.20 -35.33
CA VAL O 71 44.17 -29.85 -36.54
C VAL O 71 44.51 -28.78 -37.58
N GLY O 72 43.87 -27.60 -37.51
CA GLY O 72 44.15 -26.51 -38.45
C GLY O 72 42.88 -26.12 -39.18
N LEU O 73 42.01 -27.09 -39.45
CA LEU O 73 40.74 -26.85 -40.20
C LEU O 73 40.12 -25.56 -39.70
N PRO O 74 39.87 -24.55 -40.57
CA PRO O 74 39.20 -23.31 -40.17
C PRO O 74 37.93 -23.55 -39.34
N PHE O 75 38.05 -23.51 -38.00
CA PHE O 75 36.86 -23.68 -37.12
C PHE O 75 37.00 -22.72 -35.93
N PRO O 76 36.10 -21.72 -35.77
CA PRO O 76 36.17 -20.80 -34.65
C PRO O 76 35.90 -21.56 -33.33
N GLU O 77 36.70 -21.28 -32.30
CA GLU O 77 36.53 -22.01 -31.02
C GLU O 77 35.14 -21.72 -30.45
N TRP O 78 34.61 -22.61 -29.62
CA TRP O 78 33.23 -22.43 -29.11
C TRP O 78 33.00 -21.00 -28.62
N TYR O 79 33.98 -20.38 -28.00
CA TYR O 79 33.74 -19.05 -27.38
C TYR O 79 33.59 -17.99 -28.45
N GLU O 80 34.27 -18.11 -29.58
CA GLU O 80 34.26 -17.06 -30.61
C GLU O 80 33.44 -17.50 -31.82
N ALA O 81 32.65 -18.56 -31.70
CA ALA O 81 31.85 -19.08 -32.83
C ALA O 81 30.47 -18.43 -32.79
N GLY O 82 30.35 -17.28 -32.15
CA GLY O 82 29.09 -16.54 -32.17
C GLY O 82 29.29 -15.26 -32.92
N ALA O 83 30.47 -14.65 -32.76
CA ALA O 83 30.80 -13.41 -33.50
C ALA O 83 31.12 -13.75 -34.96
N ALA O 84 31.24 -15.05 -35.26
CA ALA O 84 31.51 -15.49 -36.65
C ALA O 84 30.38 -15.01 -37.56
N PRO O 85 30.67 -14.49 -38.78
CA PRO O 85 29.61 -13.95 -39.65
C PRO O 85 28.55 -15.01 -40.00
N LEU O 86 27.27 -14.67 -39.84
CA LEU O 86 26.17 -15.62 -40.19
C LEU O 86 26.21 -15.89 -41.70
N PRO O 87 26.08 -17.16 -42.14
CA PRO O 87 26.13 -17.48 -43.57
C PRO O 87 24.89 -16.95 -44.31
N SER O 88 25.03 -16.70 -45.62
CA SER O 88 23.88 -16.21 -46.43
C SER O 88 22.88 -17.34 -46.68
N THR O 89 21.75 -17.03 -47.31
CA THR O 89 20.72 -18.06 -47.60
C THR O 89 20.13 -17.78 -49.00
N VAL O 90 19.63 -18.81 -49.67
CA VAL O 90 19.01 -18.62 -51.02
C VAL O 90 17.92 -17.55 -50.89
N HIS O 91 17.18 -17.56 -49.78
CA HIS O 91 16.10 -16.57 -49.56
C HIS O 91 16.70 -15.17 -49.38
N GLY O 92 17.77 -15.06 -48.59
CA GLY O 92 18.40 -13.75 -48.33
C GLY O 92 19.50 -13.85 -47.28
N ASP O 93 19.95 -12.71 -46.76
CA ASP O 93 21.02 -12.71 -45.73
C ASP O 93 20.39 -12.87 -44.35
N TRP O 94 21.15 -13.43 -43.39
CA TRP O 94 20.62 -13.67 -42.02
C TRP O 94 20.83 -12.44 -41.14
N SER O 95 19.85 -12.09 -40.31
CA SER O 95 20.03 -10.97 -39.35
C SER O 95 19.93 -11.53 -37.93
N PHE O 96 20.81 -11.09 -37.02
CA PHE O 96 20.85 -11.67 -35.65
C PHE O 96 19.45 -11.61 -35.03
N GLY O 97 18.77 -10.47 -35.14
CA GLY O 97 17.43 -10.33 -34.55
C GLY O 97 16.46 -11.35 -35.12
N THR O 98 16.41 -11.46 -36.45
CA THR O 98 15.54 -12.48 -37.10
C THR O 98 15.97 -13.87 -36.65
N LEU O 99 17.28 -14.13 -36.62
CA LEU O 99 17.78 -15.48 -36.25
C LEU O 99 17.26 -15.86 -34.87
N THR O 100 17.40 -14.96 -33.89
CA THR O 100 16.93 -15.25 -32.51
C THR O 100 15.42 -15.46 -32.54
N ALA O 101 14.68 -14.57 -33.21
CA ALA O 101 13.20 -14.68 -33.24
C ALA O 101 12.80 -16.02 -33.86
N THR O 102 13.39 -16.38 -35.00
CA THR O 102 13.06 -17.66 -35.68
C THR O 102 13.38 -18.82 -34.75
N MET O 103 14.53 -18.77 -34.08
CA MET O 103 14.96 -19.88 -33.18
C MET O 103 13.92 -20.07 -32.08
N PHE O 104 13.48 -18.98 -31.45
CA PHE O 104 12.47 -19.06 -30.36
C PHE O 104 11.12 -19.51 -30.93
N LEU O 105 10.70 -18.90 -32.05
CA LEU O 105 9.40 -19.25 -32.67
C LEU O 105 9.32 -20.77 -32.85
N LEU O 106 10.28 -21.35 -33.57
CA LEU O 106 10.25 -22.82 -33.85
C LEU O 106 10.23 -23.56 -32.51
N PHE O 107 11.10 -23.16 -31.57
CA PHE O 107 11.20 -23.87 -30.27
C PHE O 107 9.84 -23.81 -29.54
N HIS O 108 9.16 -22.66 -29.61
CA HIS O 108 7.87 -22.51 -28.89
C HIS O 108 6.90 -23.59 -29.39
N TRP O 109 6.83 -23.81 -30.70
CA TRP O 109 5.90 -24.81 -31.28
C TRP O 109 6.22 -26.20 -30.73
N ALA O 110 7.48 -26.62 -30.83
CA ALA O 110 7.87 -27.98 -30.36
C ALA O 110 7.66 -28.09 -28.85
N GLU O 111 8.19 -27.13 -28.09
CA GLU O 111 8.06 -27.15 -26.61
C GLU O 111 6.57 -27.30 -26.24
N GLN O 112 5.69 -26.52 -26.88
CA GLN O 112 4.25 -26.57 -26.55
C GLN O 112 3.74 -28.01 -26.71
N LYS O 113 3.99 -28.62 -27.87
CA LYS O 113 3.50 -30.00 -28.14
C LYS O 113 4.09 -30.95 -27.10
N ARG O 114 5.39 -30.85 -26.86
CA ARG O 114 6.07 -31.77 -25.89
C ARG O 114 5.44 -31.60 -24.51
N ILE O 115 5.34 -30.36 -24.02
CA ILE O 115 4.82 -30.11 -22.64
C ILE O 115 3.34 -30.50 -22.61
N MET O 116 2.60 -30.21 -23.68
CA MET O 116 1.14 -30.51 -23.70
C MET O 116 0.93 -32.02 -23.57
N ASP O 117 1.74 -32.82 -24.28
CA ASP O 117 1.64 -34.30 -24.15
C ASP O 117 2.09 -34.68 -22.73
N PHE O 118 3.13 -34.02 -22.23
CA PHE O 118 3.63 -34.30 -20.85
C PHE O 118 2.47 -34.07 -19.87
N ARG O 119 1.78 -32.94 -20.01
CA ARG O 119 0.63 -32.62 -19.11
C ARG O 119 -0.56 -33.52 -19.47
N ASN O 120 -0.85 -33.68 -20.76
CA ASN O 120 -1.98 -34.53 -21.22
C ASN O 120 -1.43 -35.62 -22.14
N PRO O 121 -1.13 -36.83 -21.65
CA PRO O 121 -0.52 -37.88 -22.48
C PRO O 121 -1.37 -38.20 -23.71
N GLY O 122 -0.74 -38.27 -24.89
CA GLY O 122 -1.46 -38.64 -26.13
C GLY O 122 -2.23 -37.47 -26.72
N SER O 123 -2.18 -36.31 -26.07
CA SER O 123 -2.93 -35.12 -26.55
C SER O 123 -2.47 -34.77 -27.97
N GLN O 124 -1.17 -34.84 -28.23
CA GLN O 124 -0.63 -34.47 -29.57
C GLN O 124 -1.04 -35.53 -30.60
N GLY O 125 -1.21 -36.78 -30.17
CA GLY O 125 -1.58 -37.86 -31.09
C GLY O 125 -3.07 -37.86 -31.39
N ASP O 126 -3.57 -36.76 -31.98
CA ASP O 126 -5.03 -36.64 -32.29
C ASP O 126 -5.18 -36.36 -33.79
N GLY O 127 -4.19 -36.73 -34.59
CA GLY O 127 -4.25 -36.52 -36.05
C GLY O 127 -4.47 -35.07 -36.38
N SER O 128 -4.38 -34.20 -35.38
CA SER O 128 -4.53 -32.75 -35.60
C SER O 128 -3.39 -32.24 -36.49
N PHE O 129 -2.16 -32.63 -36.20
CA PHE O 129 -1.01 -32.25 -37.06
C PHE O 129 -0.87 -33.26 -38.20
N PHE O 130 -1.52 -33.01 -39.34
CA PHE O 130 -1.34 -33.86 -40.53
C PHE O 130 -1.51 -35.35 -40.20
N GLY O 131 -2.46 -35.70 -39.36
CA GLY O 131 -2.78 -37.13 -39.15
C GLY O 131 -1.78 -37.93 -38.36
N ILE O 132 -0.60 -37.37 -38.09
CA ILE O 132 0.41 -38.06 -37.23
C ILE O 132 -0.23 -38.30 -35.86
N THR O 133 -0.35 -39.56 -35.42
CA THR O 133 -1.02 -39.87 -34.13
C THR O 133 -0.05 -40.61 -33.20
N ASP O 134 0.08 -41.92 -33.38
CA ASP O 134 0.94 -42.73 -32.46
C ASP O 134 2.36 -42.15 -32.42
N ASP O 135 2.85 -41.66 -33.56
CA ASP O 135 4.22 -41.08 -33.62
C ASP O 135 4.29 -39.87 -32.68
N PHE O 136 3.15 -39.22 -32.40
CA PHE O 136 3.13 -38.05 -31.48
C PHE O 136 2.78 -38.51 -30.06
N LYS O 137 2.66 -39.83 -29.85
CA LYS O 137 2.42 -40.36 -28.48
C LYS O 137 3.77 -40.48 -27.76
N SER O 138 3.75 -40.69 -26.43
CA SER O 138 5.00 -40.81 -25.65
C SER O 138 5.09 -42.20 -25.01
N LYS O 139 6.15 -42.95 -25.34
CA LYS O 139 6.34 -44.30 -24.74
C LYS O 139 6.47 -44.11 -23.23
N GLU O 140 7.25 -43.12 -22.80
CA GLU O 140 7.44 -42.83 -21.35
C GLU O 140 7.71 -41.33 -21.19
N ASN O 141 7.65 -40.82 -19.95
CA ASN O 141 7.99 -39.39 -19.74
C ASN O 141 9.46 -39.20 -20.13
N GLY O 142 9.74 -38.28 -21.06
CA GLY O 142 11.12 -38.09 -21.54
C GLY O 142 11.49 -39.12 -22.59
N TYR O 143 10.56 -40.01 -22.94
CA TYR O 143 10.81 -41.03 -23.98
C TYR O 143 9.69 -40.96 -25.01
N PRO O 144 9.76 -40.05 -26.00
CA PRO O 144 8.67 -39.87 -26.98
C PRO O 144 8.77 -40.85 -28.15
N GLY O 145 8.89 -42.16 -27.86
CA GLY O 145 9.06 -43.13 -28.95
C GLY O 145 8.04 -43.04 -30.06
N GLY O 146 8.39 -43.55 -31.24
CA GLY O 146 7.46 -43.55 -32.37
C GLY O 146 8.16 -43.95 -33.63
N ARG O 147 7.66 -43.56 -34.79
CA ARG O 147 8.38 -43.82 -36.05
C ARG O 147 8.90 -42.49 -36.56
N LEU O 148 8.94 -41.47 -35.69
CA LEU O 148 9.50 -40.15 -36.07
C LEU O 148 10.59 -39.79 -35.06
N PHE O 149 10.55 -40.34 -33.85
CA PHE O 149 11.54 -40.01 -32.79
C PHE O 149 12.44 -41.21 -32.53
N ASP O 150 11.92 -42.44 -32.64
CA ASP O 150 12.79 -43.64 -32.60
C ASP O 150 12.62 -44.37 -33.94
N PRO O 151 13.17 -43.86 -35.05
CA PRO O 151 13.00 -44.50 -36.33
C PRO O 151 13.54 -45.93 -36.38
N ILE O 152 14.76 -46.20 -35.88
CA ILE O 152 15.40 -47.54 -35.99
C ILE O 152 14.63 -48.57 -35.17
N GLY O 153 13.99 -48.14 -34.08
CA GLY O 153 13.13 -49.07 -33.31
C GLY O 153 13.84 -49.72 -32.14
N PHE O 154 14.74 -49.01 -31.47
CA PHE O 154 15.40 -49.56 -30.26
C PHE O 154 14.33 -49.80 -29.19
N SER O 155 13.43 -48.82 -29.01
CA SER O 155 12.34 -48.95 -28.00
C SER O 155 11.37 -50.05 -28.43
N ARG O 156 11.03 -50.09 -29.72
CA ARG O 156 10.05 -51.10 -30.23
C ARG O 156 10.70 -52.49 -30.18
N GLY O 157 12.03 -52.56 -30.13
CA GLY O 157 12.73 -53.85 -30.14
C GLY O 157 12.95 -54.40 -28.74
N ASP O 158 14.06 -55.13 -28.53
CA ASP O 158 14.34 -55.74 -27.21
C ASP O 158 14.23 -54.68 -26.11
N GLU O 159 13.42 -54.93 -25.09
CA GLU O 159 13.28 -53.98 -23.96
C GLU O 159 14.59 -53.92 -23.19
N ALA O 160 15.26 -55.06 -23.03
CA ALA O 160 16.56 -55.10 -22.30
C ALA O 160 17.53 -54.12 -22.99
N MET O 161 17.63 -54.19 -24.31
CA MET O 161 18.51 -53.24 -25.06
C MET O 161 17.98 -51.82 -24.82
N TYR O 162 16.66 -51.64 -24.90
CA TYR O 162 16.06 -50.31 -24.66
C TYR O 162 16.44 -49.84 -23.26
N LYS O 163 16.22 -50.68 -22.25
CA LYS O 163 16.57 -50.32 -20.85
C LYS O 163 18.07 -50.02 -20.76
N LYS O 164 18.92 -50.96 -21.21
CA LYS O 164 20.38 -50.67 -21.24
C LYS O 164 20.61 -49.34 -21.93
N TYR O 165 19.99 -49.12 -23.09
CA TYR O 165 20.22 -47.86 -23.85
C TYR O 165 19.80 -46.66 -22.99
N LYS O 166 18.72 -46.82 -22.22
CA LYS O 166 18.22 -45.71 -21.36
C LYS O 166 19.31 -45.34 -20.34
N GLN O 167 19.95 -46.35 -19.74
CA GLN O 167 21.04 -46.10 -18.75
C GLN O 167 22.18 -45.37 -19.46
N ASN O 168 22.62 -45.88 -20.61
CA ASN O 168 23.69 -45.20 -21.38
C ASN O 168 23.34 -43.73 -21.52
N GLU O 169 22.12 -43.43 -21.96
CA GLU O 169 21.71 -42.01 -22.20
C GLU O 169 21.87 -41.21 -20.91
N ILE O 170 21.31 -41.69 -19.79
CA ILE O 170 21.35 -40.91 -18.52
C ILE O 170 22.81 -40.70 -18.11
N VAL O 171 23.61 -41.75 -18.06
CA VAL O 171 25.02 -41.63 -17.58
C VAL O 171 25.78 -40.68 -18.52
N ASN O 172 25.66 -40.89 -19.83
CA ASN O 172 26.40 -40.05 -20.81
C ASN O 172 25.92 -38.60 -20.67
N GLY O 173 24.60 -38.39 -20.53
CA GLY O 173 24.05 -37.03 -20.41
C GLY O 173 24.57 -36.33 -19.18
N ARG O 174 24.61 -37.02 -18.03
CA ARG O 174 25.13 -36.42 -16.78
C ARG O 174 26.60 -36.05 -16.99
N LEU O 175 27.37 -36.92 -17.64
CA LEU O 175 28.80 -36.63 -17.92
C LEU O 175 28.90 -35.39 -18.82
N ALA O 176 28.07 -35.33 -19.86
CA ALA O 176 28.12 -34.18 -20.81
C ALA O 176 27.83 -32.89 -20.05
N MET O 177 26.84 -32.93 -19.15
CA MET O 177 26.48 -31.72 -18.35
C MET O 177 27.71 -31.30 -17.53
N VAL O 178 28.33 -32.24 -16.82
CA VAL O 178 29.57 -31.92 -16.04
C VAL O 178 30.65 -31.43 -17.02
N ALA O 179 30.89 -32.13 -18.12
CA ALA O 179 31.88 -31.73 -19.15
C ALA O 179 31.62 -30.30 -19.57
N ASN O 180 30.37 -29.94 -19.81
CA ASN O 180 30.02 -28.59 -20.29
C ASN O 180 30.46 -27.55 -19.24
N LEU O 181 30.19 -27.77 -17.96
CA LEU O 181 30.67 -26.82 -16.92
C LEU O 181 32.18 -26.70 -17.04
N GLY O 182 32.85 -27.79 -17.35
CA GLY O 182 34.31 -27.74 -17.53
C GLY O 182 34.63 -26.81 -18.66
N PHE O 183 34.22 -27.13 -19.87
CA PHE O 183 34.47 -26.28 -21.07
C PHE O 183 34.33 -24.81 -20.72
N TRP O 184 33.33 -24.44 -19.90
CA TRP O 184 33.05 -23.04 -19.51
C TRP O 184 34.02 -22.57 -18.44
N ALA O 185 34.26 -23.38 -17.40
CA ALA O 185 35.15 -22.99 -16.28
C ALA O 185 36.61 -23.01 -16.68
N GLN O 186 37.01 -23.96 -17.51
CA GLN O 186 38.39 -23.99 -18.03
C GLN O 186 38.55 -22.76 -18.90
N TYR O 187 37.55 -22.40 -19.70
CA TYR O 187 37.64 -21.14 -20.49
C TYR O 187 37.76 -19.95 -19.55
N ALA O 188 36.93 -19.87 -18.53
CA ALA O 188 36.96 -18.68 -17.66
C ALA O 188 38.04 -18.84 -16.60
N ALA O 189 39.24 -19.21 -17.01
CA ALA O 189 40.37 -19.38 -16.09
C ALA O 189 41.61 -19.48 -16.98
N THR O 190 41.51 -20.25 -18.06
CA THR O 190 42.66 -20.45 -18.96
C THR O 190 42.49 -19.55 -20.18
N GLY O 191 41.28 -19.40 -20.68
CA GLY O 191 41.01 -18.55 -21.85
C GLY O 191 41.45 -19.21 -23.13
N LYS O 192 41.42 -20.54 -23.20
CA LYS O 192 42.00 -21.21 -24.39
C LYS O 192 41.00 -22.15 -25.07
N GLY O 193 39.99 -22.64 -24.36
CA GLY O 193 39.04 -23.59 -24.97
C GLY O 193 39.56 -25.02 -24.99
N PRO O 194 38.73 -26.08 -24.78
CA PRO O 194 39.23 -27.45 -24.67
C PRO O 194 40.02 -27.94 -25.89
N ILE O 195 40.65 -29.12 -25.80
CA ILE O 195 41.50 -29.69 -26.88
C ILE O 195 42.79 -28.85 -26.95
N GLN O 196 42.80 -27.61 -26.49
CA GLN O 196 44.05 -26.83 -26.32
C GLN O 196 44.43 -27.09 -24.87
N ASN O 197 43.44 -27.10 -23.98
CA ASN O 197 43.67 -27.41 -22.54
C ASN O 197 44.07 -28.88 -22.40
N LEU O 198 43.48 -29.80 -23.17
CA LEU O 198 43.93 -31.23 -23.14
C LEU O 198 45.35 -31.30 -23.69
N ALA O 199 45.70 -30.49 -24.70
CA ALA O 199 47.03 -30.54 -25.33
C ALA O 199 48.09 -29.96 -24.40
N ASP O 200 47.77 -28.88 -23.68
CA ASP O 200 48.71 -28.28 -22.71
C ASP O 200 48.93 -29.26 -21.55
N HIS O 201 47.87 -29.90 -21.06
CA HIS O 201 47.99 -30.85 -19.93
C HIS O 201 48.76 -32.09 -20.38
N LEU O 202 48.85 -32.38 -21.67
CA LEU O 202 49.55 -33.64 -22.05
C LEU O 202 50.99 -33.31 -22.41
N ALA O 203 51.34 -32.02 -22.47
CA ALA O 203 52.72 -31.60 -22.80
C ALA O 203 53.50 -31.32 -21.53
N ASP O 204 52.88 -30.72 -20.52
CA ASP O 204 53.56 -30.55 -19.20
C ASP O 204 52.57 -31.00 -18.15
N PRO O 205 52.19 -32.30 -18.04
CA PRO O 205 51.14 -32.69 -17.13
C PRO O 205 51.26 -32.23 -15.68
N TYR O 206 52.46 -32.02 -15.18
CA TYR O 206 52.65 -31.74 -13.74
C TYR O 206 52.59 -30.24 -13.46
N HIS O 207 53.01 -29.43 -14.42
CA HIS O 207 53.06 -27.97 -14.18
C HIS O 207 51.92 -27.28 -14.94
N THR O 208 50.96 -28.05 -15.45
CA THR O 208 49.79 -27.48 -16.15
C THR O 208 48.50 -27.95 -15.48
N THR O 209 48.35 -27.71 -14.17
CA THR O 209 47.14 -28.14 -13.43
C THR O 209 46.23 -26.93 -13.18
N PHE O 210 45.06 -27.17 -12.58
CA PHE O 210 44.13 -26.06 -12.25
C PHE O 210 44.81 -25.13 -11.23
N THR O 211 45.60 -25.71 -10.32
CA THR O 211 46.27 -24.90 -9.27
C THR O 211 47.10 -23.81 -9.94
N THR O 212 47.86 -24.17 -10.99
CA THR O 212 48.68 -23.19 -11.73
C THR O 212 47.89 -22.66 -12.92
N ASN O 213 46.99 -21.70 -12.68
CA ASN O 213 46.19 -21.10 -13.77
C ASN O 213 45.76 -19.69 -13.38
N GLY O 214 46.30 -19.16 -12.28
CA GLY O 214 45.88 -17.83 -11.80
C GLY O 214 44.51 -17.71 -11.17
N VAL O 215 43.44 -18.14 -11.83
CA VAL O 215 42.07 -17.89 -11.31
C VAL O 215 41.64 -18.96 -10.29
N SER O 216 41.82 -20.25 -10.61
CA SER O 216 41.37 -21.34 -9.71
C SER O 216 41.85 -21.08 -8.28
N VAL O 217 43.15 -21.27 -8.03
CA VAL O 217 43.71 -21.02 -6.67
C VAL O 217 44.23 -19.58 -6.63
N PRO O 218 43.59 -18.65 -5.88
CA PRO O 218 43.98 -17.25 -5.86
C PRO O 218 45.38 -17.03 -5.27
N PHE O 219 45.62 -17.53 -4.06
CA PHE O 219 46.94 -17.34 -3.39
C PHE O 219 48.04 -18.00 -4.24
N TYR O 220 47.80 -19.23 -4.71
CA TYR O 220 48.82 -19.94 -5.53
C TYR O 220 48.65 -19.53 -7.01
N ARG P 1 -13.24 -32.97 -32.04
CA ARG P 1 -13.50 -31.61 -32.59
C ARG P 1 -12.17 -30.85 -32.69
N PRO P 2 -11.89 -30.14 -33.81
CA PRO P 2 -10.67 -29.34 -33.93
C PRO P 2 -10.61 -28.30 -32.80
N LEU P 3 -9.45 -28.17 -32.15
CA LEU P 3 -9.29 -27.18 -31.04
C LEU P 3 -8.23 -26.14 -31.42
N TRP P 4 -8.31 -24.95 -30.84
CA TRP P 4 -7.31 -23.89 -31.12
C TRP P 4 -5.91 -24.43 -30.79
N MET P 5 -5.82 -25.33 -29.81
CA MET P 5 -4.51 -25.94 -29.46
C MET P 5 -4.72 -27.42 -29.12
N PRO P 6 -4.05 -28.37 -29.81
CA PRO P 6 -4.19 -29.79 -29.51
C PRO P 6 -3.90 -30.06 -28.02
N GLY P 7 -4.83 -30.73 -27.33
CA GLY P 7 -4.62 -31.05 -25.91
C GLY P 7 -5.17 -29.98 -24.98
N ALA P 8 -5.54 -28.82 -25.53
CA ALA P 8 -6.12 -27.74 -24.71
C ALA P 8 -7.43 -28.21 -24.07
N THR P 9 -7.66 -27.87 -22.80
CA THR P 9 -8.88 -28.32 -22.09
C THR P 9 -10.08 -27.49 -22.58
N VAL P 10 -11.05 -28.14 -23.24
CA VAL P 10 -12.27 -27.43 -23.71
C VAL P 10 -12.97 -26.82 -22.48
N PRO P 11 -13.46 -25.58 -22.55
CA PRO P 11 -14.06 -24.92 -21.37
C PRO P 11 -15.21 -25.73 -20.77
N ALA P 12 -16.41 -25.66 -21.36
CA ALA P 12 -17.61 -26.34 -20.79
C ALA P 12 -18.82 -25.70 -21.45
N HIS P 13 -18.84 -24.36 -21.49
CA HIS P 13 -19.97 -23.62 -22.12
C HIS P 13 -19.75 -23.58 -23.63
N LEU P 14 -18.54 -23.92 -24.09
CA LEU P 14 -18.25 -23.92 -25.54
C LEU P 14 -18.46 -25.33 -26.11
N LYS P 15 -19.70 -25.84 -26.05
CA LYS P 15 -20.00 -27.16 -26.67
C LYS P 15 -20.17 -26.95 -28.17
N GLY P 16 -19.53 -27.80 -28.99
CA GLY P 16 -19.57 -27.58 -30.45
C GLY P 16 -20.95 -27.24 -30.94
N GLU P 17 -21.24 -25.95 -31.15
CA GLU P 17 -22.56 -25.49 -31.65
C GLU P 17 -22.36 -24.21 -32.45
N LEU P 18 -21.63 -23.24 -31.89
CA LEU P 18 -21.38 -21.95 -32.58
C LEU P 18 -20.36 -22.15 -33.71
N ALA P 19 -20.51 -21.42 -34.81
CA ALA P 19 -19.59 -21.55 -35.96
C ALA P 19 -18.16 -21.22 -35.52
N GLY P 20 -17.26 -22.19 -35.56
CA GLY P 20 -15.86 -21.95 -35.17
C GLY P 20 -15.64 -22.26 -33.72
N ASP P 21 -16.38 -23.22 -33.15
CA ASP P 21 -16.25 -23.52 -31.70
C ASP P 21 -15.03 -24.42 -31.49
N PHE P 22 -13.83 -23.81 -31.44
CA PHE P 22 -12.58 -24.61 -31.26
C PHE P 22 -12.22 -24.67 -29.76
N GLY P 23 -13.18 -24.32 -28.89
CA GLY P 23 -12.95 -24.39 -27.44
C GLY P 23 -11.88 -23.41 -26.99
N PHE P 24 -11.98 -22.15 -27.45
CA PHE P 24 -11.00 -21.11 -27.03
C PHE P 24 -11.70 -20.07 -26.19
N ASP P 25 -11.74 -20.30 -24.90
CA ASP P 25 -12.21 -19.24 -23.96
C ASP P 25 -11.27 -19.36 -22.77
N PRO P 26 -9.95 -19.11 -22.91
CA PRO P 26 -9.03 -19.29 -21.81
C PRO P 26 -9.50 -18.45 -20.61
N LEU P 27 -9.76 -17.15 -20.80
CA LEU P 27 -10.13 -16.24 -19.71
C LEU P 27 -11.62 -16.40 -19.38
N ASN P 28 -12.24 -17.55 -19.66
CA ASN P 28 -13.70 -17.80 -19.43
C ASN P 28 -14.52 -16.51 -19.56
N LEU P 29 -14.49 -15.87 -20.72
CA LEU P 29 -15.26 -14.63 -20.97
C LEU P 29 -16.70 -14.98 -21.36
N GLY P 30 -16.89 -16.01 -22.19
CA GLY P 30 -18.23 -16.37 -22.66
C GLY P 30 -18.93 -17.35 -21.74
N LYS P 31 -18.58 -17.34 -20.45
CA LYS P 31 -19.19 -18.27 -19.46
C LYS P 31 -20.69 -18.02 -19.41
N ASP P 32 -21.12 -16.75 -19.35
CA ASP P 32 -22.56 -16.41 -19.29
C ASP P 32 -23.22 -16.70 -20.64
N PRO P 33 -24.32 -17.47 -20.69
CA PRO P 33 -25.02 -17.75 -21.94
C PRO P 33 -25.40 -16.46 -22.68
N GLN P 34 -25.96 -15.50 -21.96
CA GLN P 34 -26.35 -14.20 -22.58
C GLN P 34 -25.09 -13.49 -23.10
N ALA P 35 -24.03 -13.45 -22.28
CA ALA P 35 -22.77 -12.81 -22.69
C ALA P 35 -22.28 -13.51 -23.96
N LEU P 36 -22.28 -14.85 -23.96
CA LEU P 36 -21.80 -15.62 -25.13
C LEU P 36 -22.63 -15.23 -26.36
N ARG P 37 -23.94 -15.13 -26.20
CA ARG P 37 -24.84 -14.79 -27.34
C ARG P 37 -24.45 -13.42 -27.90
N TRP P 38 -24.31 -12.42 -27.02
CA TRP P 38 -23.95 -11.04 -27.47
C TRP P 38 -22.54 -11.08 -28.10
N TYR P 39 -21.61 -11.79 -27.47
CA TYR P 39 -20.23 -11.89 -28.01
C TYR P 39 -20.28 -12.55 -29.39
N GLN P 40 -21.13 -13.57 -29.55
CA GLN P 40 -21.26 -14.26 -30.85
C GLN P 40 -21.69 -13.24 -31.92
N GLN P 41 -22.74 -12.47 -31.63
CA GLN P 41 -23.21 -11.43 -32.58
C GLN P 41 -22.08 -10.42 -32.80
N ALA P 42 -21.41 -10.01 -31.71
CA ALA P 42 -20.31 -9.03 -31.81
C ALA P 42 -19.20 -9.57 -32.72
N GLU P 43 -18.87 -10.84 -32.56
CA GLU P 43 -17.80 -11.47 -33.40
C GLU P 43 -18.21 -11.39 -34.86
N LEU P 44 -19.39 -11.92 -35.19
CA LEU P 44 -19.87 -11.92 -36.60
C LEU P 44 -19.77 -10.49 -37.15
N VAL P 45 -20.30 -9.51 -36.42
CA VAL P 45 -20.29 -8.09 -36.90
C VAL P 45 -18.84 -7.67 -37.13
N HIS P 46 -17.95 -7.95 -36.17
CA HIS P 46 -16.53 -7.55 -36.30
C HIS P 46 -15.92 -8.21 -37.54
N GLY P 47 -16.10 -9.53 -37.69
CA GLY P 47 -15.52 -10.25 -38.83
C GLY P 47 -16.07 -9.72 -40.14
N ARG P 48 -17.39 -9.56 -40.25
CA ARG P 48 -18.02 -9.08 -41.50
C ARG P 48 -17.47 -7.68 -41.83
N THR P 49 -17.42 -6.80 -40.82
CA THR P 49 -16.92 -5.41 -41.04
C THR P 49 -15.46 -5.46 -41.50
N ALA P 50 -14.63 -6.25 -40.84
CA ALA P 50 -13.19 -6.34 -41.18
C ALA P 50 -13.04 -6.93 -42.59
N MET P 51 -13.80 -7.97 -42.90
CA MET P 51 -13.69 -8.65 -44.22
C MET P 51 -14.03 -7.66 -45.33
N THR P 52 -15.03 -6.81 -45.11
CA THR P 52 -15.46 -5.82 -46.15
C THR P 52 -14.55 -4.59 -46.12
N ALA P 53 -13.58 -4.56 -45.20
CA ALA P 53 -12.64 -3.42 -45.10
C ALA P 53 -11.26 -3.84 -45.63
N VAL P 54 -10.78 -5.01 -45.23
CA VAL P 54 -9.46 -5.51 -45.69
C VAL P 54 -9.61 -5.74 -47.18
N ALA P 55 -10.82 -6.08 -47.64
CA ALA P 55 -11.05 -6.21 -49.10
C ALA P 55 -10.95 -4.83 -49.76
N GLY P 56 -11.17 -3.77 -48.99
CA GLY P 56 -11.15 -2.40 -49.55
C GLY P 56 -9.78 -1.77 -49.38
N ILE P 57 -8.87 -2.48 -48.73
CA ILE P 57 -7.49 -1.95 -48.50
C ILE P 57 -6.51 -2.79 -49.32
N LEU P 58 -6.75 -4.10 -49.41
CA LEU P 58 -5.85 -5.00 -50.18
C LEU P 58 -6.24 -4.98 -51.66
N ILE P 59 -7.46 -5.45 -51.97
CA ILE P 59 -7.91 -5.50 -53.40
C ILE P 59 -7.56 -4.19 -54.12
N PRO P 60 -8.10 -3.02 -53.71
CA PRO P 60 -7.86 -1.76 -54.43
C PRO P 60 -6.35 -1.50 -54.57
N GLY P 61 -5.58 -1.85 -53.54
CA GLY P 61 -4.12 -1.66 -53.59
C GLY P 61 -3.47 -2.58 -54.61
N LEU P 62 -3.79 -3.88 -54.57
CA LEU P 62 -3.13 -4.85 -55.49
C LEU P 62 -3.37 -4.41 -56.93
N LEU P 63 -4.54 -3.84 -57.21
CA LEU P 63 -4.84 -3.35 -58.58
C LEU P 63 -4.12 -2.02 -58.81
N THR P 64 -3.94 -1.16 -57.81
CA THR P 64 -3.14 0.09 -58.02
C THR P 64 -1.69 -0.31 -58.33
N LYS P 65 -1.18 -1.32 -57.63
CA LYS P 65 0.24 -1.76 -57.82
C LYS P 65 0.31 -2.60 -59.11
N ALA P 66 -0.80 -2.77 -59.82
CA ALA P 66 -0.80 -3.49 -61.12
C ALA P 66 -1.26 -2.54 -62.21
N GLY P 67 -1.36 -1.25 -61.92
CA GLY P 67 -1.72 -0.24 -62.94
C GLY P 67 -3.20 -0.14 -63.22
N VAL P 68 -4.03 -1.03 -62.70
CA VAL P 68 -5.48 -1.01 -63.06
C VAL P 68 -6.14 0.24 -62.46
N LEU P 69 -5.99 0.53 -61.17
CA LEU P 69 -6.71 1.71 -60.63
C LEU P 69 -5.70 2.78 -60.21
N ASN P 70 -6.08 3.71 -59.34
CA ASN P 70 -5.11 4.70 -58.79
C ASN P 70 -5.47 5.02 -57.34
N VAL P 71 -6.28 4.15 -56.71
CA VAL P 71 -6.71 4.36 -55.29
C VAL P 71 -5.49 4.72 -54.43
N PRO P 72 -5.60 5.70 -53.50
CA PRO P 72 -4.49 6.05 -52.61
C PRO P 72 -4.32 5.03 -51.47
N GLU P 73 -3.26 5.16 -50.68
CA GLU P 73 -3.03 4.25 -49.53
C GLU P 73 -4.21 4.36 -48.56
N TRP P 74 -4.53 3.28 -47.85
CA TRP P 74 -5.64 3.29 -46.86
C TRP P 74 -5.38 4.37 -45.81
N TYR P 75 -4.11 4.67 -45.54
CA TYR P 75 -3.75 5.65 -44.50
C TYR P 75 -3.65 7.06 -45.10
N GLU P 76 -4.10 7.22 -46.35
CA GLU P 76 -4.03 8.54 -47.04
C GLU P 76 -5.31 8.78 -47.84
N ALA P 77 -6.05 7.72 -48.16
CA ALA P 77 -7.27 7.86 -49.00
C ALA P 77 -8.24 8.83 -48.31
N GLY P 78 -8.40 8.69 -46.99
CA GLY P 78 -9.31 9.59 -46.24
C GLY P 78 -9.13 11.04 -46.65
N LYS P 79 -7.90 11.56 -46.56
CA LYS P 79 -7.63 12.98 -46.88
C LYS P 79 -7.87 13.20 -48.38
N VAL P 80 -7.38 12.29 -49.22
CA VAL P 80 -7.53 12.43 -50.69
C VAL P 80 -9.02 12.56 -51.01
N SER P 81 -9.84 11.64 -50.48
CA SER P 81 -11.30 11.66 -50.77
C SER P 81 -11.93 12.93 -50.19
N ALA P 82 -11.51 13.34 -48.99
CA ALA P 82 -12.07 14.56 -48.37
C ALA P 82 -11.80 15.77 -49.28
N GLU P 83 -10.56 15.91 -49.76
CA GLU P 83 -10.22 17.03 -50.67
C GLU P 83 -10.88 16.78 -52.03
N GLN P 84 -11.09 15.51 -52.39
CA GLN P 84 -11.73 15.16 -53.68
C GLN P 84 -13.22 15.48 -53.63
N THR P 85 -13.92 14.89 -52.65
CA THR P 85 -15.40 15.10 -52.52
C THR P 85 -15.67 16.54 -52.10
N GLY P 86 -14.93 17.04 -51.11
CA GLY P 86 -15.13 18.42 -50.61
C GLY P 86 -16.04 18.45 -49.39
N ILE P 87 -16.65 17.31 -49.05
CA ILE P 87 -17.50 17.23 -47.83
C ILE P 87 -16.63 17.42 -46.59
N ALA P 88 -17.07 18.24 -45.64
CA ALA P 88 -16.29 18.46 -44.39
C ALA P 88 -16.38 17.21 -43.51
N LEU P 89 -15.30 16.90 -42.78
CA LEU P 89 -15.28 15.71 -41.90
C LEU P 89 -16.55 15.71 -41.05
N GLY P 90 -16.73 16.71 -40.19
CA GLY P 90 -17.93 16.81 -39.34
C GLY P 90 -19.18 16.36 -40.07
N PRO P 91 -19.70 17.09 -41.08
CA PRO P 91 -20.96 16.71 -41.72
C PRO P 91 -20.94 15.25 -42.20
N LEU P 92 -19.86 14.84 -42.86
CA LEU P 92 -19.80 13.46 -43.42
C LEU P 92 -19.98 12.45 -42.29
N LEU P 93 -19.24 12.61 -41.19
CA LEU P 93 -19.32 11.65 -40.06
C LEU P 93 -20.73 11.69 -39.46
N ALA P 94 -21.21 12.88 -39.10
CA ALA P 94 -22.53 12.98 -38.43
C ALA P 94 -23.58 12.19 -39.21
N VAL P 95 -23.70 12.47 -40.51
CA VAL P 95 -24.72 11.76 -41.35
C VAL P 95 -24.52 10.25 -41.19
N GLN P 96 -23.28 9.78 -41.35
CA GLN P 96 -23.00 8.33 -41.23
C GLN P 96 -23.47 7.81 -39.88
N LEU P 97 -23.15 8.54 -38.80
CA LEU P 97 -23.54 8.10 -37.44
C LEU P 97 -25.06 7.88 -37.38
N PHE P 98 -25.83 8.84 -37.90
CA PHE P 98 -27.31 8.74 -37.83
C PHE P 98 -27.78 7.49 -38.58
N MET P 99 -27.30 7.30 -39.81
CA MET P 99 -27.75 6.14 -40.63
C MET P 99 -27.33 4.84 -39.94
N CYS P 100 -26.06 4.74 -39.54
CA CYS P 100 -25.55 3.52 -38.85
C CYS P 100 -26.32 3.35 -37.53
N GLY P 101 -26.56 4.45 -36.83
CA GLY P 101 -27.28 4.38 -35.55
C GLY P 101 -28.65 3.75 -35.72
N PHE P 102 -29.38 4.15 -36.76
CA PHE P 102 -30.75 3.63 -36.98
C PHE P 102 -30.69 2.12 -37.25
N VAL P 103 -29.80 1.69 -38.16
CA VAL P 103 -29.73 0.25 -38.51
C VAL P 103 -29.26 -0.55 -37.29
N GLU P 104 -28.30 -0.01 -36.54
CA GLU P 104 -27.81 -0.68 -35.31
C GLU P 104 -28.96 -0.77 -34.31
N GLY P 105 -29.74 0.32 -34.15
CA GLY P 105 -30.88 0.32 -33.24
C GLY P 105 -31.82 -0.84 -33.51
N LYS P 106 -32.18 -1.04 -34.78
CA LYS P 106 -33.12 -2.13 -35.15
C LYS P 106 -32.49 -3.49 -34.79
N ARG P 107 -31.24 -3.70 -35.19
CA ARG P 107 -30.54 -4.97 -34.87
C ARG P 107 -30.44 -5.12 -33.36
N TRP P 108 -30.12 -4.03 -32.66
CA TRP P 108 -29.96 -4.07 -31.18
C TRP P 108 -31.25 -4.56 -30.54
N MET P 109 -32.39 -3.94 -30.89
CA MET P 109 -33.69 -4.31 -30.27
C MET P 109 -34.05 -5.75 -30.65
N ASP P 110 -33.69 -6.17 -31.87
CA ASP P 110 -34.00 -7.55 -32.33
C ASP P 110 -33.30 -8.55 -31.42
N PHE P 111 -32.09 -8.22 -30.94
CA PHE P 111 -31.40 -9.10 -29.96
C PHE P 111 -32.16 -9.04 -28.64
N LEU P 112 -32.33 -7.84 -28.08
CA LEU P 112 -33.05 -7.64 -26.80
C LEU P 112 -34.33 -8.46 -26.85
N LYS P 113 -35.07 -8.37 -27.93
CA LYS P 113 -36.30 -9.20 -28.11
C LYS P 113 -36.20 -9.85 -29.48
N PRO P 114 -35.86 -11.15 -29.57
CA PRO P 114 -35.68 -11.80 -30.86
C PRO P 114 -36.89 -11.74 -31.80
N GLY P 115 -36.66 -11.42 -33.08
CA GLY P 115 -37.74 -11.36 -34.08
C GLY P 115 -38.79 -10.33 -33.72
N SER P 116 -38.37 -9.19 -33.18
CA SER P 116 -39.36 -8.16 -32.70
C SER P 116 -39.55 -7.08 -33.77
N GLN P 117 -38.53 -6.81 -34.59
CA GLN P 117 -38.62 -5.74 -35.61
C GLN P 117 -39.78 -6.03 -36.58
N SER P 118 -40.18 -7.30 -36.68
CA SER P 118 -41.27 -7.68 -37.62
C SER P 118 -42.64 -7.31 -37.02
N GLU P 119 -42.66 -6.39 -36.05
CA GLU P 119 -43.92 -5.97 -35.44
C GLU P 119 -44.93 -5.60 -36.51
N ALA P 120 -46.18 -6.03 -36.33
CA ALA P 120 -47.22 -5.66 -37.31
C ALA P 120 -47.43 -4.15 -37.39
N GLY P 121 -47.10 -3.52 -38.52
CA GLY P 121 -47.34 -2.07 -38.72
C GLY P 121 -46.09 -1.22 -38.59
N SER P 122 -45.02 -1.76 -38.03
CA SER P 122 -43.78 -0.97 -37.78
C SER P 122 -43.23 -0.35 -39.07
N PHE P 123 -42.34 -1.05 -39.78
CA PHE P 123 -41.70 -0.45 -40.97
C PHE P 123 -42.65 -0.51 -42.18
N LEU P 124 -43.61 0.41 -42.23
CA LEU P 124 -44.54 0.48 -43.40
C LEU P 124 -44.71 -0.93 -43.96
N GLY P 125 -44.20 -1.17 -45.17
CA GLY P 125 -44.25 -2.54 -45.75
C GLY P 125 -42.85 -3.13 -45.84
N PHE P 126 -42.50 -4.03 -44.90
CA PHE P 126 -41.15 -4.65 -44.88
C PHE P 126 -40.92 -5.30 -43.51
N GLU P 127 -41.65 -4.84 -42.49
CA GLU P 127 -41.47 -5.37 -41.11
C GLU P 127 -41.22 -6.88 -41.18
N ALA P 128 -42.00 -7.62 -41.97
CA ALA P 128 -41.85 -9.08 -42.02
C ALA P 128 -40.39 -9.42 -42.27
N SER P 129 -39.82 -8.91 -43.36
CA SER P 129 -38.38 -9.13 -43.68
C SER P 129 -37.55 -8.92 -42.42
N PHE P 130 -37.89 -7.91 -41.61
CA PHE P 130 -37.13 -7.61 -40.37
C PHE P 130 -37.52 -8.62 -39.28
N LYS P 131 -37.34 -9.91 -39.55
CA LYS P 131 -37.67 -10.97 -38.56
C LYS P 131 -36.36 -11.51 -37.97
N GLY P 132 -35.48 -12.06 -38.82
CA GLY P 132 -34.20 -12.60 -38.37
C GLY P 132 -34.24 -14.11 -38.19
N THR P 133 -33.10 -14.79 -38.37
CA THR P 133 -33.04 -16.27 -38.23
C THR P 133 -31.78 -16.64 -37.46
N ASP P 134 -31.91 -16.98 -36.17
CA ASP P 134 -30.71 -17.30 -35.34
C ASP P 134 -30.03 -15.98 -34.95
N ASN P 135 -29.01 -16.03 -34.09
CA ASN P 135 -28.36 -14.79 -33.58
C ASN P 135 -27.89 -13.88 -34.72
N GLY P 136 -26.60 -13.92 -35.07
CA GLY P 136 -26.08 -13.00 -36.10
C GLY P 136 -26.30 -13.50 -37.52
N TYR P 137 -27.55 -13.80 -37.86
CA TYR P 137 -27.88 -14.28 -39.23
C TYR P 137 -29.27 -13.77 -39.62
N PRO P 138 -29.42 -12.51 -40.08
CA PRO P 138 -30.72 -11.95 -40.45
C PRO P 138 -31.14 -12.46 -41.84
N GLY P 139 -31.42 -13.76 -41.96
CA GLY P 139 -31.84 -14.33 -43.25
C GLY P 139 -33.10 -13.66 -43.77
N GLY P 140 -33.18 -13.47 -45.09
CA GLY P 140 -34.37 -12.86 -45.71
C GLY P 140 -34.00 -11.73 -46.65
N PRO P 141 -34.13 -10.45 -46.24
CA PRO P 141 -33.67 -9.35 -47.08
C PRO P 141 -32.18 -9.60 -47.31
N PHE P 142 -31.46 -9.99 -46.25
CA PHE P 142 -30.03 -10.36 -46.40
C PHE P 142 -29.96 -11.79 -46.91
N ASP P 143 -28.83 -12.20 -47.51
CA ASP P 143 -28.75 -13.56 -48.11
C ASP P 143 -29.91 -13.73 -49.10
N PRO P 144 -30.10 -12.84 -50.09
CA PRO P 144 -31.23 -12.93 -51.01
C PRO P 144 -31.16 -14.18 -51.89
N MET P 145 -29.95 -14.50 -52.39
CA MET P 145 -29.80 -15.66 -53.30
C MET P 145 -30.05 -16.98 -52.57
N GLY P 146 -30.44 -16.93 -51.30
CA GLY P 146 -30.84 -18.14 -50.56
C GLY P 146 -29.78 -19.19 -50.49
N MET P 147 -28.57 -18.82 -50.12
CA MET P 147 -27.45 -19.78 -50.09
C MET P 147 -27.47 -20.53 -48.76
N CYS P 148 -28.11 -19.94 -47.75
CA CYS P 148 -28.22 -20.59 -46.43
C CYS P 148 -29.56 -21.31 -46.32
N ASN P 149 -30.12 -21.75 -47.43
CA ASN P 149 -31.42 -22.46 -47.44
C ASN P 149 -31.26 -23.77 -48.21
N GLU P 150 -30.09 -24.04 -48.77
CA GLU P 150 -29.83 -25.26 -49.56
C GLU P 150 -30.02 -26.49 -48.68
N SER P 151 -29.12 -26.71 -47.73
CA SER P 151 -29.27 -27.84 -46.78
C SER P 151 -28.98 -27.37 -45.37
N GLU P 152 -28.87 -28.31 -44.43
CA GLU P 152 -28.53 -27.95 -43.04
C GLU P 152 -27.03 -28.14 -42.82
N ALA P 153 -26.31 -28.60 -43.85
CA ALA P 153 -24.86 -28.82 -43.77
C ALA P 153 -24.14 -27.82 -44.69
N LYS P 154 -24.86 -27.19 -45.62
CA LYS P 154 -24.23 -26.12 -46.43
C LYS P 154 -24.30 -24.88 -45.56
N THR P 155 -25.32 -24.75 -44.73
CA THR P 155 -25.33 -23.61 -43.78
C THR P 155 -24.10 -23.79 -42.90
N LYS P 156 -23.90 -24.96 -42.30
CA LYS P 156 -22.80 -25.12 -41.32
C LYS P 156 -21.44 -25.01 -41.99
N ASP P 157 -21.36 -25.18 -43.29
CA ASP P 157 -20.05 -24.96 -43.97
C ASP P 157 -19.91 -23.49 -44.26
N LEU P 158 -20.91 -22.88 -44.89
CA LEU P 158 -20.82 -21.46 -45.28
C LEU P 158 -20.64 -20.60 -44.02
N LYS P 159 -21.04 -21.11 -42.86
CA LYS P 159 -20.95 -20.34 -41.58
C LYS P 159 -19.56 -20.50 -40.95
N LEU P 160 -18.90 -21.64 -41.16
CA LEU P 160 -17.52 -21.84 -40.66
C LEU P 160 -16.58 -21.08 -41.58
N LYS P 161 -17.00 -20.82 -42.81
CA LYS P 161 -16.16 -20.08 -43.78
C LYS P 161 -16.25 -18.60 -43.46
N GLU P 162 -17.38 -18.12 -42.96
CA GLU P 162 -17.54 -16.71 -42.59
C GLU P 162 -16.69 -16.46 -41.38
N ILE P 163 -16.73 -17.35 -40.40
CA ILE P 163 -16.02 -17.10 -39.11
C ILE P 163 -14.51 -17.23 -39.34
N LYS P 164 -14.03 -18.26 -40.01
CA LYS P 164 -12.57 -18.43 -40.13
C LYS P 164 -12.03 -17.30 -41.00
N ASN P 165 -12.76 -16.87 -42.02
CA ASN P 165 -12.30 -15.79 -42.93
C ASN P 165 -12.38 -14.49 -42.16
N GLY P 166 -13.41 -14.31 -41.34
CA GLY P 166 -13.55 -13.09 -40.53
C GLY P 166 -12.41 -12.99 -39.57
N ARG P 167 -12.29 -13.97 -38.66
CA ARG P 167 -11.19 -13.96 -37.66
C ARG P 167 -9.89 -13.56 -38.37
N LEU P 168 -9.62 -14.16 -39.53
CA LEU P 168 -8.38 -13.87 -40.29
C LEU P 168 -8.39 -12.39 -40.71
N ALA P 169 -9.50 -11.92 -41.27
CA ALA P 169 -9.58 -10.52 -41.76
C ALA P 169 -9.41 -9.56 -40.58
N MET P 170 -10.01 -9.89 -39.43
CA MET P 170 -9.90 -9.01 -38.23
C MET P 170 -8.43 -8.89 -37.84
N LEU P 171 -7.72 -10.01 -37.76
CA LEU P 171 -6.27 -9.98 -37.42
C LEU P 171 -5.51 -9.25 -38.53
N ALA P 172 -5.93 -9.43 -39.78
CA ALA P 172 -5.26 -8.77 -40.93
C ALA P 172 -5.33 -7.25 -40.76
N CYS P 173 -6.50 -6.73 -40.38
CA CYS P 173 -6.66 -5.27 -40.17
C CYS P 173 -5.70 -4.81 -39.08
N LEU P 174 -5.66 -5.54 -37.95
CA LEU P 174 -4.71 -5.19 -36.86
C LEU P 174 -3.29 -5.18 -37.44
N GLY P 175 -2.95 -6.20 -38.21
CA GLY P 175 -1.61 -6.26 -38.83
C GLY P 175 -1.34 -5.03 -39.69
N PHE P 176 -2.27 -4.72 -40.60
CA PHE P 176 -2.05 -3.57 -41.52
C PHE P 176 -1.74 -2.31 -40.71
N ALA P 177 -2.53 -2.06 -39.67
CA ALA P 177 -2.31 -0.85 -38.82
C ALA P 177 -0.93 -0.91 -38.19
N ALA P 178 -0.59 -2.04 -37.56
CA ALA P 178 0.73 -2.18 -36.90
C ALA P 178 1.85 -2.10 -37.95
N GLN P 179 1.66 -2.77 -39.09
CA GLN P 179 2.70 -2.77 -40.15
C GLN P 179 3.02 -1.33 -40.52
N TYR P 180 2.00 -0.53 -40.84
CA TYR P 180 2.22 0.87 -41.25
C TYR P 180 2.73 1.68 -40.06
N GLY P 181 2.23 1.39 -38.86
CA GLY P 181 2.68 2.10 -37.64
C GLY P 181 4.17 1.95 -37.43
N ALA P 182 4.72 0.78 -37.76
CA ALA P 182 6.16 0.53 -37.54
C ALA P 182 6.93 0.72 -38.85
N THR P 183 6.55 -0.02 -39.90
CA THR P 183 7.25 0.06 -41.21
C THR P 183 7.06 1.46 -41.82
N GLY P 184 5.84 2.01 -41.76
CA GLY P 184 5.56 3.31 -42.38
C GLY P 184 5.26 3.14 -43.87
N LYS P 185 4.87 1.93 -44.28
CA LYS P 185 4.59 1.65 -45.71
C LYS P 185 3.27 0.89 -45.83
N GLY P 186 2.79 0.67 -47.06
CA GLY P 186 1.55 -0.08 -47.29
C GLY P 186 1.74 -1.57 -47.07
N PRO P 187 0.67 -2.36 -46.87
CA PRO P 187 0.80 -3.78 -46.56
C PRO P 187 1.58 -4.52 -47.66
N LEU P 188 1.22 -4.28 -48.93
CA LEU P 188 1.91 -4.94 -50.07
C LEU P 188 3.40 -4.59 -50.00
N ASP P 189 3.71 -3.31 -49.77
CA ASP P 189 5.13 -2.87 -49.66
C ASP P 189 5.82 -3.75 -48.62
N ASN P 190 5.21 -3.91 -47.44
CA ASN P 190 5.82 -4.72 -46.35
C ASN P 190 6.07 -6.15 -46.84
N LEU P 191 5.05 -6.76 -47.46
CA LEU P 191 5.18 -8.16 -47.94
C LEU P 191 6.30 -8.23 -48.99
N ALA P 192 6.31 -7.30 -49.94
CA ALA P 192 7.33 -7.31 -51.01
C ALA P 192 8.72 -7.17 -50.39
N ASP P 193 8.88 -6.23 -49.46
CA ASP P 193 10.19 -5.99 -48.80
C ASP P 193 10.62 -7.26 -48.05
N HIS P 194 9.66 -7.91 -47.39
CA HIS P 194 9.97 -9.16 -46.64
C HIS P 194 10.42 -10.25 -47.62
N LEU P 195 9.65 -10.47 -48.70
CA LEU P 195 9.99 -11.56 -49.65
C LEU P 195 11.37 -11.29 -50.27
N ALA P 196 11.77 -10.02 -50.36
CA ALA P 196 13.10 -9.67 -50.91
C ALA P 196 14.17 -10.34 -50.06
N ALA P 197 14.36 -9.90 -48.83
CA ALA P 197 15.29 -10.57 -47.89
C ALA P 197 14.44 -11.10 -46.74
N PRO P 198 13.89 -12.32 -46.82
CA PRO P 198 12.99 -12.77 -45.79
C PRO P 198 13.67 -12.84 -44.44
N LEU P 199 14.96 -13.15 -44.37
CA LEU P 199 15.64 -13.40 -43.09
C LEU P 199 16.34 -12.16 -42.57
N LYS P 200 15.92 -10.97 -43.01
CA LYS P 200 16.59 -9.71 -42.60
C LYS P 200 15.54 -8.62 -42.45
N THR P 201 14.28 -8.91 -42.81
CA THR P 201 13.19 -7.91 -42.77
C THR P 201 12.01 -8.46 -41.98
N THR P 202 12.10 -8.43 -40.63
CA THR P 202 10.98 -8.93 -39.78
C THR P 202 10.60 -7.86 -38.77
N PHE P 203 9.56 -8.12 -37.96
CA PHE P 203 9.13 -7.14 -36.93
C PHE P 203 10.30 -6.82 -36.01
N VAL P 204 11.18 -7.80 -35.78
CA VAL P 204 12.36 -7.59 -34.89
C VAL P 204 13.21 -6.47 -35.47
N ASP P 205 13.48 -6.52 -36.78
CA ASP P 205 14.34 -5.50 -37.43
C ASP P 205 13.47 -4.37 -37.99
N ASN P 206 12.66 -3.73 -37.14
CA ASN P 206 11.84 -2.57 -37.60
C ASN P 206 12.20 -1.34 -36.75
N GLY P 207 12.61 -1.54 -35.50
CA GLY P 207 13.04 -0.42 -34.64
C GLY P 207 11.95 0.04 -33.68
N ILE P 208 10.71 -0.40 -33.88
CA ILE P 208 9.59 0.08 -33.02
C ILE P 208 8.96 -1.09 -32.27
N SER P 209 8.88 -2.27 -32.90
CA SER P 209 8.28 -3.45 -32.24
C SER P 209 9.00 -3.74 -30.93
N ILE P 210 10.34 -3.69 -30.95
CA ILE P 210 11.14 -3.97 -29.72
C ILE P 210 12.18 -2.85 -29.56
N PRO P 211 11.94 -1.82 -28.72
CA PRO P 211 12.88 -0.72 -28.52
C PRO P 211 14.08 -1.30 -27.77
N ILE P 212 15.06 -1.86 -28.50
CA ILE P 212 16.21 -2.53 -27.81
C ILE P 212 17.21 -1.46 -27.36
N HIS P 213 17.25 -1.19 -26.06
CA HIS P 213 18.22 -0.19 -25.51
C HIS P 213 19.49 -0.92 -25.08
N LEU P 214 19.36 -2.03 -24.35
CA LEU P 214 20.53 -2.79 -23.85
C LEU P 214 21.34 -3.34 -25.04
N ALA Q 1 -8.50 -55.16 -59.32
CA ALA Q 1 -9.62 -55.71 -60.11
C ALA Q 1 -10.65 -54.61 -60.36
N ASN Q 2 -10.23 -53.33 -60.35
CA ASN Q 2 -11.22 -52.22 -60.46
C ASN Q 2 -10.79 -51.23 -61.55
N ARG Q 3 -11.17 -49.96 -61.37
CA ARG Q 3 -10.88 -48.91 -62.40
C ARG Q 3 -9.37 -48.63 -62.43
N PRO Q 4 -8.84 -47.97 -63.47
CA PRO Q 4 -7.42 -47.59 -63.50
C PRO Q 4 -7.12 -46.67 -62.32
N SER Q 5 -5.97 -46.84 -61.67
CA SER Q 5 -5.59 -45.96 -60.54
C SER Q 5 -4.59 -44.90 -61.04
N TRP Q 6 -4.78 -43.64 -60.62
CA TRP Q 6 -3.84 -42.57 -61.03
C TRP Q 6 -2.42 -43.04 -60.77
N PHE Q 7 -2.21 -43.78 -59.67
CA PHE Q 7 -0.87 -44.35 -59.38
C PHE Q 7 -1.02 -45.85 -59.09
N PRO Q 8 -0.79 -46.72 -60.09
CA PRO Q 8 -0.95 -48.17 -59.90
C PRO Q 8 -0.24 -48.63 -58.62
N GLY Q 9 -0.95 -49.38 -57.77
CA GLY Q 9 -0.36 -49.85 -56.50
C GLY Q 9 -0.89 -49.07 -55.31
N SER Q 10 -1.70 -48.04 -55.56
CA SER Q 10 -2.28 -47.23 -54.46
C SER Q 10 -3.78 -47.56 -54.31
N LYS Q 11 -4.32 -47.38 -53.11
CA LYS Q 11 -5.76 -47.70 -52.86
C LYS Q 11 -6.64 -46.61 -53.47
N PHE Q 12 -7.91 -46.94 -53.78
CA PHE Q 12 -8.85 -45.93 -54.31
C PHE Q 12 -9.48 -45.16 -53.15
N PRO Q 13 -9.61 -43.81 -53.24
CA PRO Q 13 -10.29 -43.04 -52.20
C PRO Q 13 -11.68 -43.62 -51.96
N ALA Q 14 -12.09 -43.73 -50.69
CA ALA Q 14 -13.41 -44.31 -50.36
C ALA Q 14 -14.52 -43.61 -51.15
N HIS Q 15 -14.57 -42.28 -51.10
CA HIS Q 15 -15.65 -41.53 -51.79
C HIS Q 15 -15.63 -41.84 -53.29
N LEU Q 16 -14.44 -42.00 -53.87
CA LEU Q 16 -14.31 -42.31 -55.32
C LEU Q 16 -14.50 -43.82 -55.52
N ASP Q 17 -15.75 -44.26 -55.75
CA ASP Q 17 -16.05 -45.71 -55.92
C ASP Q 17 -15.90 -46.11 -57.40
N GLY Q 18 -16.22 -45.21 -58.32
CA GLY Q 18 -16.12 -45.54 -59.75
C GLY Q 18 -17.38 -45.13 -60.50
N THR Q 19 -18.40 -44.70 -59.76
CA THR Q 19 -19.67 -44.24 -60.40
C THR Q 19 -19.35 -43.09 -61.36
N LEU Q 20 -18.53 -42.13 -60.90
CA LEU Q 20 -18.25 -40.93 -61.74
C LEU Q 20 -17.44 -41.33 -62.98
N PRO Q 21 -17.67 -40.70 -64.15
CA PRO Q 21 -16.85 -40.98 -65.33
C PRO Q 21 -15.40 -40.54 -65.06
N GLY Q 22 -14.42 -41.31 -65.54
CA GLY Q 22 -13.01 -40.98 -65.29
C GLY Q 22 -12.68 -40.98 -63.81
N ASP Q 23 -13.32 -41.87 -63.04
CA ASP Q 23 -13.07 -41.96 -61.57
C ASP Q 23 -11.83 -42.81 -61.32
N HIS Q 24 -10.65 -42.30 -61.70
CA HIS Q 24 -9.39 -43.06 -61.53
C HIS Q 24 -8.91 -42.98 -60.08
N GLY Q 25 -9.81 -42.62 -59.15
CA GLY Q 25 -9.43 -42.60 -57.72
C GLY Q 25 -8.33 -41.59 -57.44
N PHE Q 26 -8.58 -40.31 -57.72
CA PHE Q 26 -7.55 -39.26 -57.52
C PHE Q 26 -8.12 -38.07 -56.74
N ASP Q 27 -8.03 -38.11 -55.41
CA ASP Q 27 -8.48 -36.96 -54.58
C ASP Q 27 -7.57 -36.89 -53.35
N PRO Q 28 -6.26 -36.64 -53.49
CA PRO Q 28 -5.34 -36.65 -52.35
C PRO Q 28 -5.72 -35.62 -51.29
N LEU Q 29 -6.13 -34.42 -51.71
CA LEU Q 29 -6.49 -33.35 -50.75
C LEU Q 29 -7.92 -33.58 -50.25
N SER Q 30 -8.55 -34.68 -50.68
CA SER Q 30 -9.93 -35.02 -50.23
C SER Q 30 -10.85 -33.82 -50.47
N LEU Q 31 -10.67 -33.14 -51.61
CA LEU Q 31 -11.49 -31.94 -51.92
C LEU Q 31 -12.95 -32.34 -52.15
N GLY Q 32 -13.19 -33.48 -52.82
CA GLY Q 32 -14.58 -33.88 -53.15
C GLY Q 32 -15.08 -35.00 -52.27
N VAL Q 33 -14.61 -35.07 -51.02
CA VAL Q 33 -15.11 -36.12 -50.07
C VAL Q 33 -16.62 -35.92 -49.88
N ASP Q 34 -17.06 -34.66 -49.72
CA ASP Q 34 -18.50 -34.36 -49.53
C ASP Q 34 -19.26 -34.78 -50.81
N PRO Q 35 -20.20 -35.73 -50.72
CA PRO Q 35 -20.94 -36.19 -51.90
C PRO Q 35 -21.65 -35.01 -52.58
N ALA Q 36 -22.30 -34.16 -51.79
CA ALA Q 36 -22.99 -32.97 -52.35
C ALA Q 36 -21.98 -32.14 -53.14
N LYS Q 37 -20.77 -31.98 -52.62
CA LYS Q 37 -19.75 -31.16 -53.29
C LYS Q 37 -19.24 -31.96 -54.47
N LEU Q 38 -19.02 -33.26 -54.30
CA LEU Q 38 -18.58 -34.12 -55.42
C LEU Q 38 -19.49 -33.86 -56.62
N LYS Q 39 -20.77 -33.58 -56.38
CA LYS Q 39 -21.72 -33.37 -57.49
C LYS Q 39 -21.40 -32.05 -58.16
N TRP Q 40 -21.28 -30.98 -57.39
CA TRP Q 40 -20.90 -29.67 -57.97
C TRP Q 40 -19.53 -29.80 -58.61
N TYR Q 41 -18.53 -30.27 -57.85
CA TYR Q 41 -17.14 -30.34 -58.39
C TYR Q 41 -17.12 -31.10 -59.72
N GLN Q 42 -17.94 -32.15 -59.84
CA GLN Q 42 -17.97 -32.96 -61.09
C GLN Q 42 -18.41 -32.07 -62.25
N GLN Q 43 -19.52 -31.36 -62.10
CA GLN Q 43 -20.03 -30.48 -63.17
C GLN Q 43 -18.96 -29.43 -63.49
N ALA Q 44 -18.27 -28.94 -62.46
CA ALA Q 44 -17.23 -27.90 -62.67
C ALA Q 44 -16.07 -28.48 -63.48
N GLU Q 45 -15.72 -29.75 -63.29
CA GLU Q 45 -14.66 -30.39 -64.13
C GLU Q 45 -15.13 -30.34 -65.57
N LEU Q 46 -16.35 -30.78 -65.84
CA LEU Q 46 -16.88 -30.83 -67.22
C LEU Q 46 -16.82 -29.42 -67.79
N GLN Q 47 -17.49 -28.43 -67.19
CA GLN Q 47 -17.55 -27.06 -67.77
C GLN Q 47 -16.13 -26.50 -67.90
N ASN Q 48 -15.31 -26.57 -66.86
CA ASN Q 48 -13.95 -25.97 -66.91
C ASN Q 48 -13.19 -26.67 -68.02
N GLY Q 49 -13.38 -27.97 -68.19
CA GLY Q 49 -12.66 -28.73 -69.23
C GLY Q 49 -13.13 -28.37 -70.61
N ARG Q 50 -14.41 -28.55 -70.89
CA ARG Q 50 -14.98 -28.23 -72.21
C ARG Q 50 -14.52 -26.83 -72.64
N TRP Q 51 -14.54 -25.85 -71.74
CA TRP Q 51 -14.15 -24.46 -72.09
C TRP Q 51 -12.66 -24.38 -72.38
N ALA Q 52 -11.88 -25.25 -71.78
CA ALA Q 52 -10.41 -25.21 -71.96
C ALA Q 52 -10.05 -25.98 -73.21
N MET Q 53 -10.85 -26.98 -73.57
CA MET Q 53 -10.59 -27.69 -74.84
C MET Q 53 -10.70 -26.65 -75.94
N LEU Q 54 -11.72 -25.80 -75.88
CA LEU Q 54 -11.92 -24.75 -76.88
C LEU Q 54 -10.82 -23.70 -76.76
N GLY Q 55 -10.38 -23.40 -75.54
CA GLY Q 55 -9.30 -22.43 -75.33
C GLY Q 55 -7.97 -22.91 -75.88
N ALA Q 56 -7.64 -24.18 -75.69
CA ALA Q 56 -6.39 -24.75 -76.22
C ALA Q 56 -6.45 -24.80 -77.75
N ALA Q 57 -7.59 -25.23 -78.30
CA ALA Q 57 -7.77 -25.25 -79.77
C ALA Q 57 -7.94 -23.82 -80.27
N GLY Q 58 -8.07 -22.85 -79.36
CA GLY Q 58 -8.21 -21.44 -79.76
C GLY Q 58 -6.89 -20.71 -79.69
N ILE Q 59 -5.83 -21.40 -79.26
CA ILE Q 59 -4.48 -20.78 -79.14
C ILE Q 59 -3.53 -21.53 -80.08
N LEU Q 60 -3.43 -22.85 -79.92
CA LEU Q 60 -2.57 -23.67 -80.80
C LEU Q 60 -2.99 -23.43 -82.25
N VAL Q 61 -4.29 -23.50 -82.55
CA VAL Q 61 -4.76 -23.38 -83.96
C VAL Q 61 -4.27 -22.05 -84.55
N PRO Q 62 -4.65 -20.87 -84.02
CA PRO Q 62 -4.25 -19.58 -84.61
C PRO Q 62 -2.73 -19.53 -84.82
N ASP Q 63 -1.95 -20.07 -83.87
CA ASP Q 63 -0.48 -20.06 -83.99
C ASP Q 63 -0.05 -21.04 -85.10
N LEU Q 64 -0.70 -22.20 -85.17
CA LEU Q 64 -0.38 -23.20 -86.22
C LEU Q 64 -0.58 -22.55 -87.60
N LEU Q 65 -1.74 -21.91 -87.81
CA LEU Q 65 -2.02 -21.24 -89.11
C LEU Q 65 -0.98 -20.14 -89.33
N ARG Q 66 -0.68 -19.37 -88.28
CA ARG Q 66 0.32 -18.29 -88.37
C ARG Q 66 1.68 -18.87 -88.79
N ALA Q 67 2.08 -19.98 -88.16
CA ALA Q 67 3.37 -20.63 -88.49
C ALA Q 67 3.38 -21.06 -89.95
N VAL Q 68 2.30 -21.73 -90.39
CA VAL Q 68 2.20 -22.19 -91.81
C VAL Q 68 2.07 -20.95 -92.70
N GLY Q 69 1.63 -19.83 -92.13
CA GLY Q 69 1.42 -18.60 -92.93
C GLY Q 69 -0.01 -18.56 -93.47
N MET Q 70 -0.72 -19.69 -93.40
CA MET Q 70 -2.12 -19.75 -93.89
C MET Q 70 -2.95 -18.71 -93.14
N GLY Q 71 -2.75 -18.61 -91.81
CA GLY Q 71 -3.50 -17.63 -91.01
C GLY Q 71 -3.24 -16.22 -91.48
N GLY Q 72 -4.27 -15.36 -91.42
CA GLY Q 72 -4.14 -13.95 -91.86
C GLY Q 72 -3.41 -13.11 -90.82
N PRO Q 73 -3.23 -11.79 -91.02
CA PRO Q 73 -2.62 -10.94 -90.00
C PRO Q 73 -3.25 -11.22 -88.62
N ALA Q 74 -4.53 -11.60 -88.60
CA ALA Q 74 -5.21 -11.92 -87.32
C ALA Q 74 -4.49 -13.09 -86.65
N ALA Q 75 -4.22 -14.16 -87.39
CA ALA Q 75 -3.47 -15.32 -86.84
C ALA Q 75 -2.05 -14.87 -86.49
N GLN Q 76 -1.49 -13.94 -87.27
CA GLN Q 76 -0.12 -13.42 -87.02
C GLN Q 76 -0.09 -12.75 -85.64
N VAL Q 77 -1.25 -12.35 -85.11
CA VAL Q 77 -1.30 -11.78 -83.74
C VAL Q 77 -1.19 -12.93 -82.73
N PRO Q 78 -0.21 -12.93 -81.80
CA PRO Q 78 -0.11 -13.96 -80.78
C PRO Q 78 -1.36 -13.93 -79.87
N TRP Q 79 -1.76 -15.09 -79.33
CA TRP Q 79 -3.00 -15.14 -78.51
C TRP Q 79 -2.89 -14.16 -77.35
N PHE Q 80 -1.70 -14.04 -76.74
CA PHE Q 80 -1.52 -13.14 -75.57
C PHE Q 80 -1.44 -11.70 -76.05
N GLU Q 81 -1.78 -11.45 -77.31
CA GLU Q 81 -1.77 -10.07 -77.86
C GLU Q 81 -3.08 -9.80 -78.58
N ALA Q 82 -3.90 -10.85 -78.78
CA ALA Q 82 -5.18 -10.70 -79.51
C ALA Q 82 -6.04 -9.63 -78.81
N GLY Q 83 -5.89 -9.50 -77.49
CA GLY Q 83 -6.70 -8.52 -76.73
C GLY Q 83 -6.53 -7.11 -77.27
N LYS Q 84 -5.28 -6.71 -77.53
CA LYS Q 84 -5.01 -5.35 -78.08
C LYS Q 84 -5.45 -5.29 -79.55
N TYR Q 85 -5.33 -6.41 -80.27
CA TYR Q 85 -5.66 -6.42 -81.73
C TYR Q 85 -7.05 -5.82 -81.94
N GLU Q 86 -7.19 -4.94 -82.94
CA GLU Q 86 -8.49 -4.27 -83.22
C GLU Q 86 -9.39 -5.21 -84.04
N TYR Q 87 -10.71 -4.99 -83.99
CA TYR Q 87 -11.66 -5.82 -84.77
C TYR Q 87 -12.74 -4.93 -85.40
N PHE Q 88 -13.71 -4.49 -84.58
CA PHE Q 88 -14.81 -3.63 -85.09
C PHE Q 88 -15.34 -2.80 -83.91
N ALA Q 89 -15.43 -3.41 -82.73
CA ALA Q 89 -15.90 -2.70 -81.53
C ALA Q 89 -14.79 -2.70 -80.48
N PRO Q 90 -14.75 -1.74 -79.52
CA PRO Q 90 -13.72 -1.76 -78.47
C PRO Q 90 -13.79 -2.98 -77.56
N PRO Q 91 -12.73 -3.37 -76.84
CA PRO Q 91 -12.77 -4.60 -76.03
C PRO Q 91 -13.97 -4.59 -75.07
N SER Q 92 -14.33 -3.41 -74.55
CA SER Q 92 -15.44 -3.32 -73.55
C SER Q 92 -16.76 -3.82 -74.16
N ALA Q 93 -17.13 -3.28 -75.33
CA ALA Q 93 -18.43 -3.65 -75.94
C ALA Q 93 -18.52 -5.18 -76.11
N LEU Q 94 -17.45 -5.79 -76.62
CA LEU Q 94 -17.45 -7.25 -76.88
C LEU Q 94 -17.74 -7.98 -75.56
N PHE Q 95 -17.03 -7.61 -74.49
CA PHE Q 95 -17.20 -8.29 -73.17
C PHE Q 95 -18.64 -8.12 -72.69
N ALA Q 96 -19.18 -6.89 -72.75
CA ALA Q 96 -20.54 -6.64 -72.24
C ALA Q 96 -21.55 -7.51 -73.01
N SER Q 97 -21.42 -7.56 -74.35
CA SER Q 97 -22.37 -8.35 -75.17
C SER Q 97 -22.27 -9.83 -74.79
N MET Q 98 -21.05 -10.35 -74.68
CA MET Q 98 -20.85 -11.79 -74.35
C MET Q 98 -21.43 -12.06 -72.96
N MET Q 99 -21.35 -11.08 -72.06
CA MET Q 99 -21.90 -11.24 -70.69
C MET Q 99 -23.41 -11.50 -70.78
N PHE Q 100 -24.15 -10.61 -71.44
CA PHE Q 100 -25.62 -10.76 -71.56
C PHE Q 100 -25.91 -12.12 -72.20
N LEU Q 101 -25.20 -12.45 -73.28
CA LEU Q 101 -25.38 -13.76 -73.94
C LEU Q 101 -25.12 -14.87 -72.92
N PHE Q 102 -24.01 -14.78 -72.19
CA PHE Q 102 -23.65 -15.87 -71.23
C PHE Q 102 -24.73 -15.98 -70.15
N ALA Q 103 -25.20 -14.85 -69.64
CA ALA Q 103 -26.21 -14.89 -68.57
C ALA Q 103 -27.35 -15.84 -68.95
N PHE Q 104 -27.82 -15.81 -70.20
CA PHE Q 104 -28.99 -16.66 -70.54
C PHE Q 104 -28.59 -18.13 -70.49
N VAL Q 105 -27.56 -18.50 -71.25
CA VAL Q 105 -27.12 -19.93 -71.32
C VAL Q 105 -26.74 -20.40 -69.90
N GLU Q 106 -25.95 -19.60 -69.17
CA GLU Q 106 -25.48 -20.03 -67.83
C GLU Q 106 -26.67 -20.28 -66.90
N PHE Q 107 -27.60 -19.31 -66.82
CA PHE Q 107 -28.76 -19.45 -65.90
C PHE Q 107 -29.63 -20.63 -66.35
N ARG Q 108 -29.83 -20.77 -67.66
CA ARG Q 108 -30.65 -21.89 -68.19
C ARG Q 108 -30.00 -23.22 -67.80
N ARG Q 109 -28.66 -23.30 -67.90
CA ARG Q 109 -27.93 -24.54 -67.53
C ARG Q 109 -28.04 -24.76 -66.02
N LEU Q 110 -27.90 -23.70 -65.22
CA LEU Q 110 -27.96 -23.82 -63.74
C LEU Q 110 -29.32 -24.42 -63.34
N GLN Q 111 -30.41 -23.91 -63.91
CA GLN Q 111 -31.76 -24.46 -63.62
C GLN Q 111 -31.69 -25.98 -63.63
N ASP Q 112 -30.79 -26.56 -64.43
CA ASP Q 112 -30.67 -28.04 -64.53
C ASP Q 112 -29.79 -28.58 -63.39
N ILE Q 113 -28.72 -27.90 -63.00
CA ILE Q 113 -27.94 -28.39 -61.84
C ILE Q 113 -28.84 -28.30 -60.61
N ARG Q 114 -29.64 -27.23 -60.46
CA ARG Q 114 -30.48 -27.01 -59.25
C ARG Q 114 -31.69 -27.95 -59.26
N LYS Q 115 -32.53 -27.90 -60.28
CA LYS Q 115 -33.65 -28.87 -60.42
C LYS Q 115 -33.41 -29.70 -61.67
N PRO Q 116 -32.76 -30.88 -61.57
CA PRO Q 116 -32.42 -31.67 -62.75
C PRO Q 116 -33.62 -31.96 -63.65
N GLY Q 117 -33.54 -31.54 -64.92
CA GLY Q 117 -34.63 -31.79 -65.88
C GLY Q 117 -35.76 -30.79 -65.72
N SER Q 118 -35.43 -29.51 -65.74
CA SER Q 118 -36.45 -28.45 -65.53
C SER Q 118 -36.15 -27.27 -66.44
N ALA Q 119 -35.27 -27.46 -67.40
CA ALA Q 119 -34.90 -26.36 -68.30
C ALA Q 119 -35.00 -26.86 -69.74
N ASN Q 120 -35.18 -28.17 -69.91
CA ASN Q 120 -35.20 -28.75 -71.28
C ASN Q 120 -36.53 -28.43 -71.95
N GLN Q 121 -36.65 -27.23 -72.52
CA GLN Q 121 -37.90 -26.80 -73.21
C GLN Q 121 -37.71 -25.41 -73.81
N ASP Q 122 -37.88 -25.27 -75.13
CA ASP Q 122 -37.73 -23.96 -75.79
C ASP Q 122 -38.79 -23.00 -75.20
N PRO Q 123 -38.38 -21.88 -74.57
CA PRO Q 123 -39.33 -20.91 -74.03
C PRO Q 123 -40.18 -20.30 -75.14
N ILE Q 124 -39.54 -19.87 -76.24
CA ILE Q 124 -40.27 -19.23 -77.37
C ILE Q 124 -41.14 -20.28 -78.07
N PHE Q 125 -40.62 -21.50 -78.24
CA PHE Q 125 -41.38 -22.55 -78.96
C PHE Q 125 -41.64 -23.73 -78.03
N THR Q 126 -42.89 -23.87 -77.55
CA THR Q 126 -43.25 -24.97 -76.63
C THR Q 126 -42.96 -26.32 -77.29
N ASN Q 127 -43.17 -26.41 -78.61
CA ASN Q 127 -42.95 -27.69 -79.34
C ASN Q 127 -41.50 -28.13 -79.17
N ASN Q 128 -40.55 -27.20 -79.31
CA ASN Q 128 -39.10 -27.56 -79.23
C ASN Q 128 -38.74 -27.90 -77.78
N LYS Q 129 -37.97 -28.97 -77.57
CA LYS Q 129 -37.52 -29.34 -76.20
C LYS Q 129 -36.45 -30.43 -76.26
N LEU Q 130 -35.48 -30.39 -75.34
CA LEU Q 130 -34.39 -31.39 -75.28
C LEU Q 130 -34.90 -32.66 -74.59
N PRO Q 131 -34.44 -33.86 -74.98
CA PRO Q 131 -34.85 -35.10 -74.31
C PRO Q 131 -34.16 -35.23 -72.95
N ALA Q 132 -34.62 -36.16 -72.11
CA ALA Q 132 -34.02 -36.34 -70.76
C ALA Q 132 -32.53 -36.65 -70.91
N GLY Q 133 -31.68 -36.04 -70.07
CA GLY Q 133 -30.23 -36.27 -70.13
C GLY Q 133 -29.56 -36.04 -68.79
N GLU Q 134 -28.40 -36.64 -68.58
CA GLU Q 134 -27.66 -36.49 -67.29
C GLU Q 134 -27.27 -35.02 -67.09
N VAL Q 135 -27.41 -34.50 -65.87
CA VAL Q 135 -26.96 -33.11 -65.58
C VAL Q 135 -25.52 -32.97 -66.07
N GLY Q 136 -25.27 -32.07 -67.03
CA GLY Q 136 -23.92 -31.91 -67.60
C GLY Q 136 -23.87 -32.42 -69.03
N TYR Q 137 -24.73 -33.37 -69.38
CA TYR Q 137 -24.80 -33.88 -70.77
C TYR Q 137 -26.17 -33.49 -71.35
N PRO Q 138 -26.30 -32.31 -71.99
CA PRO Q 138 -27.61 -31.84 -72.50
C PRO Q 138 -28.25 -32.80 -73.51
N GLY Q 139 -27.49 -33.22 -74.52
CA GLY Q 139 -28.04 -34.10 -75.57
C GLY Q 139 -29.01 -33.36 -76.47
N GLY Q 140 -29.93 -34.09 -77.12
CA GLY Q 140 -30.88 -33.46 -78.05
C GLY Q 140 -30.17 -32.58 -79.06
N ILE Q 141 -30.65 -31.35 -79.25
CA ILE Q 141 -30.00 -30.40 -80.19
C ILE Q 141 -28.52 -30.27 -79.83
N PHE Q 142 -28.17 -30.46 -78.56
CA PHE Q 142 -26.75 -30.31 -78.13
C PHE Q 142 -25.96 -31.52 -78.64
N ASP Q 143 -26.66 -32.47 -79.26
CA ASP Q 143 -25.97 -33.63 -79.89
C ASP Q 143 -26.57 -33.81 -81.28
N PRO Q 144 -26.36 -32.88 -82.23
CA PRO Q 144 -26.98 -32.94 -83.56
C PRO Q 144 -26.58 -34.20 -84.35
N LEU Q 145 -25.31 -34.61 -84.24
CA LEU Q 145 -24.82 -35.77 -85.04
C LEU Q 145 -25.34 -37.08 -84.42
N GLY Q 146 -26.13 -36.97 -83.34
CA GLY Q 146 -26.74 -38.17 -82.72
C GLY Q 146 -25.68 -39.19 -82.30
N TYR Q 147 -24.60 -38.74 -81.66
CA TYR Q 147 -23.57 -39.67 -81.15
C TYR Q 147 -23.93 -40.09 -79.72
N SER Q 148 -25.12 -39.72 -79.26
CA SER Q 148 -25.56 -40.06 -77.89
C SER Q 148 -26.07 -41.50 -77.81
N LYS Q 149 -25.96 -42.26 -78.90
CA LYS Q 149 -26.38 -43.68 -78.85
C LYS Q 149 -25.12 -44.56 -78.95
N GLY Q 150 -24.22 -44.21 -79.87
CA GLY Q 150 -22.99 -45.00 -80.08
C GLY Q 150 -22.01 -44.91 -78.92
N ASN Q 151 -22.04 -45.88 -78.00
CA ASN Q 151 -21.08 -45.95 -76.88
C ASN Q 151 -20.96 -44.60 -76.21
N MET Q 152 -22.00 -44.18 -75.49
CA MET Q 152 -21.89 -42.90 -74.73
C MET Q 152 -20.82 -43.10 -73.67
N GLU Q 153 -20.80 -44.24 -73.00
CA GLU Q 153 -19.85 -44.44 -71.87
C GLU Q 153 -18.42 -44.20 -72.29
N THR Q 154 -17.95 -44.82 -73.37
CA THR Q 154 -16.52 -44.68 -73.72
C THR Q 154 -16.32 -43.36 -74.46
N LEU Q 155 -17.38 -42.75 -74.99
CA LEU Q 155 -17.21 -41.40 -75.60
C LEU Q 155 -17.15 -40.40 -74.45
N LYS Q 156 -17.71 -40.73 -73.27
CA LYS Q 156 -17.66 -39.85 -72.07
C LYS Q 156 -16.31 -40.00 -71.37
N LEU Q 157 -15.75 -41.21 -71.34
CA LEU Q 157 -14.40 -41.43 -70.76
C LEU Q 157 -13.38 -40.89 -71.74
N LYS Q 158 -13.79 -40.57 -72.96
CA LYS Q 158 -12.88 -39.93 -73.94
C LYS Q 158 -12.89 -38.43 -73.69
N GLU Q 159 -14.03 -37.90 -73.24
CA GLU Q 159 -14.16 -36.42 -73.03
C GLU Q 159 -13.37 -36.02 -71.78
N ILE Q 160 -13.63 -36.67 -70.65
CA ILE Q 160 -12.97 -36.29 -69.37
C ILE Q 160 -11.45 -36.32 -69.56
N LYS Q 161 -10.92 -37.38 -70.17
CA LYS Q 161 -9.45 -37.51 -70.33
C LYS Q 161 -8.94 -36.36 -71.20
N ASN Q 162 -9.57 -36.13 -72.35
CA ASN Q 162 -9.17 -35.01 -73.23
C ASN Q 162 -9.31 -33.69 -72.44
N ALA Q 163 -10.43 -33.53 -71.72
CA ALA Q 163 -10.67 -32.28 -70.97
C ALA Q 163 -9.56 -32.06 -69.96
N ARG Q 164 -9.21 -33.09 -69.19
CA ARG Q 164 -8.16 -32.95 -68.14
C ARG Q 164 -6.85 -32.53 -68.82
N LEU Q 165 -6.51 -33.19 -69.94
CA LEU Q 165 -5.24 -32.87 -70.66
C LEU Q 165 -5.32 -31.44 -71.16
N ALA Q 166 -6.45 -31.04 -71.74
CA ALA Q 166 -6.61 -29.67 -72.29
C ALA Q 166 -6.48 -28.65 -71.14
N MET Q 167 -6.99 -28.99 -69.96
CA MET Q 167 -6.92 -28.07 -68.79
C MET Q 167 -5.45 -27.89 -68.39
N LEU Q 168 -4.69 -28.98 -68.30
CA LEU Q 168 -3.25 -28.88 -67.98
C LEU Q 168 -2.55 -28.14 -69.12
N GLY Q 169 -3.04 -28.31 -70.36
CA GLY Q 169 -2.44 -27.62 -71.52
C GLY Q 169 -2.54 -26.12 -71.37
N PHE Q 170 -3.74 -25.62 -71.05
CA PHE Q 170 -3.96 -24.14 -70.90
C PHE Q 170 -3.12 -23.64 -69.73
N ALA Q 171 -2.85 -24.50 -68.74
CA ALA Q 171 -1.98 -24.10 -67.61
C ALA Q 171 -0.55 -23.95 -68.14
N GLY Q 172 -0.10 -24.91 -68.95
CA GLY Q 172 1.25 -24.85 -69.52
C GLY Q 172 1.44 -23.61 -70.38
N PHE Q 173 0.47 -23.33 -71.25
CA PHE Q 173 0.59 -22.16 -72.17
C PHE Q 173 0.82 -20.90 -71.34
N VAL Q 174 -0.03 -20.68 -70.33
CA VAL Q 174 0.08 -19.45 -69.50
C VAL Q 174 1.43 -19.48 -68.75
N ALA Q 175 1.77 -20.61 -68.14
CA ALA Q 175 3.03 -20.71 -67.37
C ALA Q 175 4.24 -20.48 -68.28
N GLN Q 176 4.25 -21.12 -69.45
CA GLN Q 176 5.37 -20.98 -70.40
C GLN Q 176 5.45 -19.51 -70.85
N TYR Q 177 4.31 -18.92 -71.20
CA TYR Q 177 4.28 -17.49 -71.61
C TYR Q 177 4.66 -16.62 -70.41
N GLN Q 178 4.27 -17.03 -69.20
CA GLN Q 178 4.59 -16.26 -67.97
C GLN Q 178 6.11 -16.20 -67.79
N THR Q 179 6.81 -17.28 -68.15
CA THR Q 179 8.30 -17.32 -67.97
C THR Q 179 8.99 -17.04 -69.31
N THR Q 180 8.78 -17.89 -70.32
CA THR Q 180 9.45 -17.71 -71.64
C THR Q 180 8.98 -16.40 -72.29
N GLY Q 181 7.71 -16.05 -72.13
CA GLY Q 181 7.17 -14.85 -72.80
C GLY Q 181 7.05 -15.08 -74.30
N LYS Q 182 6.74 -16.32 -74.70
CA LYS Q 182 6.65 -16.66 -76.15
C LYS Q 182 5.38 -17.47 -76.40
N THR Q 183 5.02 -17.68 -77.67
CA THR Q 183 3.83 -18.50 -78.01
C THR Q 183 4.16 -19.97 -77.72
N PRO Q 184 3.16 -20.86 -77.53
CA PRO Q 184 3.41 -22.25 -77.18
C PRO Q 184 4.27 -22.96 -78.24
N LEU Q 185 3.93 -22.78 -79.52
CA LEU Q 185 4.68 -23.45 -80.63
C LEU Q 185 6.14 -23.00 -80.59
N GLN Q 186 6.37 -21.72 -80.31
CA GLN Q 186 7.77 -21.20 -80.22
C GLN Q 186 8.51 -21.96 -79.12
N ASN Q 187 7.89 -22.10 -77.95
CA ASN Q 187 8.52 -22.84 -76.82
C ASN Q 187 8.78 -24.29 -77.25
N LEU Q 188 7.78 -24.91 -77.91
CA LEU Q 188 7.92 -26.32 -78.35
C LEU Q 188 9.10 -26.43 -79.31
N SER Q 189 9.22 -25.49 -80.26
CA SER Q 189 10.33 -25.51 -81.24
C SER Q 189 11.66 -25.31 -80.50
N ASP Q 190 11.69 -24.39 -79.53
CA ASP Q 190 12.93 -24.14 -78.75
C ASP Q 190 13.37 -25.46 -78.11
N HIS Q 191 12.42 -26.26 -77.64
CA HIS Q 191 12.75 -27.57 -77.02
C HIS Q 191 13.27 -28.53 -78.10
N LEU Q 192 12.46 -28.79 -79.13
CA LEU Q 192 12.87 -29.79 -80.16
C LEU Q 192 14.21 -29.43 -80.82
N ALA Q 193 14.77 -28.23 -80.60
CA ALA Q 193 16.11 -27.86 -81.11
C ALA Q 193 17.19 -28.43 -80.20
N ASN Q 194 17.29 -27.94 -78.96
CA ASN Q 194 18.22 -28.51 -77.97
C ASN Q 194 17.36 -29.02 -76.82
N PRO Q 195 16.78 -30.25 -76.87
CA PRO Q 195 15.87 -30.65 -75.82
C PRO Q 195 16.57 -30.96 -74.49
N TRP Q 196 17.89 -31.21 -74.53
CA TRP Q 196 18.62 -31.61 -73.30
C TRP Q 196 19.20 -30.38 -72.58
N SER Q 197 18.73 -29.18 -72.93
CA SER Q 197 19.28 -27.94 -72.30
C SER Q 197 18.21 -26.83 -72.29
N THR Q 198 17.05 -27.08 -72.89
CA THR Q 198 15.95 -26.06 -72.87
C THR Q 198 14.86 -26.52 -71.89
N THR Q 199 15.22 -27.34 -70.90
CA THR Q 199 14.25 -27.80 -69.88
C THR Q 199 13.91 -26.63 -68.95
N VAL Q 200 12.76 -26.69 -68.27
CA VAL Q 200 12.31 -25.56 -67.40
C VAL Q 200 13.45 -25.22 -66.44
N LEU Q 201 14.13 -26.24 -65.90
CA LEU Q 201 15.21 -26.00 -64.90
C LEU Q 201 16.28 -25.11 -65.55
N SER Q 202 16.78 -25.52 -66.73
CA SER Q 202 17.86 -24.74 -67.41
C SER Q 202 17.35 -23.32 -67.68
N ASN Q 203 16.14 -23.19 -68.21
CA ASN Q 203 15.57 -21.85 -68.52
C ASN Q 203 15.51 -21.01 -67.23
N ASP Q 204 14.92 -21.54 -66.16
CA ASP Q 204 14.74 -20.77 -64.91
C ASP Q 204 16.12 -20.47 -64.30
N LEU Q 205 17.07 -21.42 -64.39
CA LEU Q 205 18.44 -21.16 -63.91
C LEU Q 205 19.04 -19.98 -64.67
N ALA Q 206 18.85 -19.96 -65.99
CA ALA Q 206 19.37 -18.84 -66.82
C ALA Q 206 18.69 -17.53 -66.41
N ARG Q 207 17.39 -17.57 -66.15
CA ARG Q 207 16.64 -16.35 -65.73
C ARG Q 207 17.42 -15.65 -64.61
N ASP R 1 48.62 -79.89 4.55
CA ASP R 1 48.13 -78.63 4.02
C ASP R 1 49.25 -77.86 3.32
N ARG R 2 48.89 -77.11 2.27
CA ARG R 2 49.88 -76.33 1.49
C ARG R 2 50.56 -75.30 2.39
N LYS R 3 51.76 -74.89 2.02
CA LYS R 3 52.48 -73.88 2.82
C LYS R 3 51.96 -72.52 2.36
N LEU R 4 51.57 -71.66 3.29
CA LEU R 4 50.95 -70.37 2.91
C LEU R 4 52.00 -69.25 2.89
N TRP R 5 51.63 -68.05 2.45
CA TRP R 5 52.59 -66.94 2.24
C TRP R 5 53.23 -66.41 3.52
N ALA R 6 52.67 -66.71 4.69
CA ALA R 6 53.18 -66.18 5.97
C ALA R 6 52.92 -67.22 7.04
N PRO R 7 53.80 -67.43 8.06
CA PRO R 7 53.58 -68.51 9.00
C PRO R 7 52.35 -68.31 9.90
N THR R 8 51.79 -67.11 9.94
CA THR R 8 50.67 -66.80 10.86
C THR R 8 49.36 -66.64 10.13
N VAL R 9 49.36 -66.65 8.79
CA VAL R 9 48.13 -66.32 8.03
C VAL R 9 47.20 -67.53 7.87
N ASP R 10 45.94 -67.29 7.51
CA ASP R 10 44.96 -68.38 7.23
C ASP R 10 44.44 -68.16 5.80
N SER R 11 44.46 -69.19 4.95
CA SER R 11 44.10 -69.01 3.52
C SER R 11 42.65 -68.55 3.34
N PRO R 12 42.39 -67.63 2.38
CA PRO R 12 41.02 -67.23 2.10
C PRO R 12 40.30 -68.46 1.56
N SER R 13 39.05 -68.67 1.94
CA SER R 13 38.33 -69.90 1.51
C SER R 13 38.41 -70.06 0.00
N TYR R 14 38.08 -69.02 -0.76
CA TYR R 14 38.08 -69.12 -2.25
C TYR R 14 39.40 -69.70 -2.75
N LEU R 15 40.48 -69.53 -2.01
CA LEU R 15 41.78 -70.09 -2.41
C LEU R 15 41.91 -71.43 -1.70
N ASN R 16 41.16 -72.43 -2.16
CA ASN R 16 41.16 -73.79 -1.55
C ASN R 16 42.43 -74.55 -1.91
N GLY R 17 43.07 -74.21 -3.04
CA GLY R 17 44.34 -74.85 -3.42
C GLY R 17 44.31 -75.44 -4.83
N GLU R 18 43.19 -75.29 -5.54
CA GLU R 18 43.06 -75.89 -6.89
C GLU R 18 44.06 -75.27 -7.85
N LEU R 19 44.12 -73.94 -7.90
CA LEU R 19 45.02 -73.24 -8.86
C LEU R 19 46.49 -73.47 -8.47
N ALA R 20 47.39 -73.52 -9.46
CA ALA R 20 48.82 -73.74 -9.19
C ALA R 20 49.39 -72.53 -8.44
N GLY R 21 50.34 -72.76 -7.53
CA GLY R 21 50.97 -71.65 -6.77
C GLY R 21 49.98 -70.97 -5.86
N ASP R 22 49.06 -71.73 -5.25
CA ASP R 22 48.10 -71.15 -4.29
C ASP R 22 48.78 -71.04 -2.93
N TYR R 23 49.38 -69.88 -2.64
CA TYR R 23 50.00 -69.65 -1.32
C TYR R 23 49.04 -68.76 -0.51
N GLY R 24 47.75 -68.77 -0.83
CA GLY R 24 46.76 -68.03 -0.03
C GLY R 24 47.04 -66.56 0.02
N PHE R 25 47.66 -66.01 -1.02
CA PHE R 25 48.08 -64.59 -1.00
C PHE R 25 47.05 -63.69 -1.70
N ASP R 26 45.99 -63.31 -0.97
CA ASP R 26 45.00 -62.35 -1.54
C ASP R 26 44.67 -61.32 -0.45
N PRO R 27 45.64 -60.51 0.02
CA PRO R 27 45.40 -59.57 1.11
C PRO R 27 44.27 -58.58 0.80
N LEU R 28 44.09 -58.25 -0.48
CA LEU R 28 43.05 -57.25 -0.87
C LEU R 28 41.76 -57.96 -1.29
N GLY R 29 41.72 -59.30 -1.18
CA GLY R 29 40.51 -60.07 -1.53
C GLY R 29 40.04 -59.75 -2.94
N LEU R 30 40.97 -59.63 -3.90
CA LEU R 30 40.60 -59.28 -5.29
C LEU R 30 39.99 -60.50 -6.00
N GLY R 31 40.43 -61.72 -5.66
CA GLY R 31 39.95 -62.93 -6.35
C GLY R 31 38.71 -63.52 -5.70
N ALA R 32 38.03 -62.77 -4.82
CA ALA R 32 36.85 -63.29 -4.10
C ALA R 32 35.76 -63.71 -5.10
N ASP R 33 35.40 -62.82 -6.02
CA ASP R 33 34.38 -63.15 -7.06
C ASP R 33 34.96 -64.22 -8.00
N PRO R 34 34.30 -65.37 -8.22
CA PRO R 34 34.84 -66.44 -9.04
C PRO R 34 35.09 -66.03 -10.49
N VAL R 35 34.28 -65.09 -11.01
CA VAL R 35 34.48 -64.58 -12.38
C VAL R 35 35.82 -63.85 -12.43
N ALA R 36 36.07 -62.96 -11.46
CA ALA R 36 37.32 -62.17 -11.42
C ALA R 36 38.52 -63.10 -11.24
N LEU R 37 38.43 -64.04 -10.31
CA LEU R 37 39.52 -65.04 -10.12
C LEU R 37 39.85 -65.65 -11.49
N LYS R 38 38.83 -66.18 -12.18
CA LYS R 38 39.04 -66.77 -13.52
C LYS R 38 39.81 -65.79 -14.41
N TRP R 39 39.29 -64.58 -14.58
CA TRP R 39 39.93 -63.56 -15.46
C TRP R 39 41.35 -63.26 -14.95
N TYR R 40 41.48 -62.90 -13.67
CA TYR R 40 42.80 -62.50 -13.13
C TYR R 40 43.82 -63.62 -13.38
N ARG R 41 43.41 -64.88 -13.18
CA ARG R 41 44.32 -66.03 -13.42
C ARG R 41 44.85 -65.95 -14.86
N GLN R 42 43.95 -65.84 -15.84
CA GLN R 42 44.37 -65.78 -17.26
C GLN R 42 45.33 -64.61 -17.40
N SER R 43 45.06 -63.48 -16.76
CA SER R 43 45.99 -62.32 -16.81
C SER R 43 47.32 -62.68 -16.16
N GLU R 44 47.32 -63.37 -15.03
CA GLU R 44 48.59 -63.77 -14.40
C GLU R 44 49.34 -64.61 -15.40
N LEU R 45 48.70 -65.66 -15.95
CA LEU R 45 49.43 -66.60 -16.83
C LEU R 45 49.99 -65.83 -18.02
N VAL R 46 49.20 -65.02 -18.71
CA VAL R 46 49.67 -64.23 -19.88
C VAL R 46 50.83 -63.35 -19.44
N HIS R 47 50.72 -62.64 -18.32
CA HIS R 47 51.78 -61.72 -17.83
C HIS R 47 53.04 -62.51 -17.55
N ALA R 48 52.91 -63.64 -16.85
CA ALA R 48 54.07 -64.50 -16.57
C ALA R 48 54.72 -64.92 -17.87
N ARG R 49 53.98 -65.62 -18.72
CA ARG R 49 54.54 -66.15 -19.98
C ARG R 49 55.19 -65.02 -20.78
N TRP R 50 54.68 -63.80 -20.70
CA TRP R 50 55.26 -62.70 -21.51
C TRP R 50 56.53 -62.20 -20.84
N ALA R 51 56.57 -62.22 -19.52
CA ALA R 51 57.73 -61.69 -18.77
C ALA R 51 58.85 -62.72 -18.83
N MET R 52 58.54 -63.99 -18.69
CA MET R 52 59.57 -65.04 -18.84
C MET R 52 60.25 -64.88 -20.20
N LEU R 53 59.48 -64.69 -21.28
CA LEU R 53 60.08 -64.42 -22.61
C LEU R 53 60.89 -63.13 -22.55
N GLY R 54 60.35 -62.09 -21.93
CA GLY R 54 61.04 -60.79 -21.85
C GLY R 54 62.34 -60.84 -21.07
N VAL R 55 62.32 -61.39 -19.87
CA VAL R 55 63.53 -61.46 -18.99
C VAL R 55 64.59 -62.31 -19.67
N ALA R 56 64.21 -63.20 -20.59
CA ALA R 56 65.19 -64.00 -21.35
C ALA R 56 65.78 -63.13 -22.45
N GLY R 57 64.95 -62.33 -23.12
CA GLY R 57 65.42 -61.46 -24.22
C GLY R 57 66.40 -60.40 -23.72
N VAL R 58 66.02 -59.66 -22.68
CA VAL R 58 66.92 -58.62 -22.10
C VAL R 58 68.27 -59.25 -21.79
N LEU R 59 68.26 -60.28 -20.93
CA LEU R 59 69.51 -60.99 -20.56
C LEU R 59 70.22 -61.50 -21.81
N GLY R 60 69.50 -62.22 -22.69
CA GLY R 60 70.13 -62.80 -23.89
C GLY R 60 70.68 -61.74 -24.82
N GLN R 61 69.86 -60.76 -25.22
CA GLN R 61 70.30 -59.71 -26.16
C GLN R 61 71.60 -59.11 -25.64
N GLU R 62 71.65 -58.76 -24.35
CA GLU R 62 72.88 -58.18 -23.75
C GLU R 62 74.04 -59.16 -23.94
N ILE R 63 73.86 -60.41 -23.51
CA ILE R 63 74.95 -61.43 -23.61
C ILE R 63 75.54 -61.43 -25.03
N LEU R 64 74.69 -61.54 -26.05
CA LEU R 64 75.16 -61.62 -27.47
C LEU R 64 75.50 -60.24 -28.00
N ARG R 65 74.51 -59.44 -28.39
CA ARG R 65 74.75 -58.05 -28.88
C ARG R 65 74.84 -57.08 -27.70
N PRO R 66 76.04 -56.68 -27.22
CA PRO R 66 76.15 -55.85 -26.03
C PRO R 66 76.16 -54.34 -26.29
N ASP R 67 76.26 -53.93 -27.56
CA ASP R 67 76.31 -52.49 -27.90
C ASP R 67 74.94 -51.86 -27.70
N VAL R 68 73.86 -52.59 -28.00
CA VAL R 68 72.49 -51.98 -27.92
C VAL R 68 71.98 -52.01 -26.49
N PHE R 69 71.60 -50.86 -25.95
CA PHE R 69 71.00 -50.84 -24.60
C PHE R 69 69.60 -51.42 -24.71
N TRP R 70 69.24 -52.36 -23.83
CA TRP R 70 67.88 -52.97 -23.85
C TRP R 70 66.82 -51.86 -23.95
N TYR R 71 66.94 -50.82 -23.12
CA TYR R 71 65.93 -49.73 -23.10
C TYR R 71 65.85 -49.10 -24.49
N GLU R 72 66.99 -48.92 -25.16
CA GLU R 72 67.01 -48.26 -26.49
C GLU R 72 67.33 -49.31 -27.56
N ALA R 73 66.36 -50.16 -27.89
CA ALA R 73 66.57 -51.19 -28.95
C ALA R 73 65.34 -51.19 -29.87
N GLY R 74 64.26 -50.51 -29.45
CA GLY R 74 63.04 -50.44 -30.27
C GLY R 74 63.12 -49.32 -31.28
N GLU R 75 64.26 -48.61 -31.33
CA GLU R 75 64.46 -47.51 -32.30
C GLU R 75 64.66 -48.11 -33.69
N PRO R 76 64.06 -47.54 -34.76
CA PRO R 76 64.17 -48.13 -36.10
C PRO R 76 65.65 -48.37 -36.46
N GLN R 77 66.49 -47.37 -36.28
CA GLN R 77 67.94 -47.51 -36.61
C GLN R 77 68.54 -48.65 -35.78
N ASN R 78 68.15 -48.74 -34.50
CA ASN R 78 68.69 -49.79 -33.60
C ASN R 78 68.29 -51.16 -34.14
N LEU R 79 67.12 -51.26 -34.76
CA LEU R 79 66.64 -52.55 -35.33
C LEU R 79 67.74 -53.16 -36.20
N PRO R 80 68.03 -54.48 -36.12
CA PRO R 80 69.15 -55.08 -36.85
C PRO R 80 68.80 -55.45 -38.30
N GLY R 81 69.76 -56.02 -39.03
CA GLY R 81 69.52 -56.46 -40.41
C GLY R 81 68.99 -55.34 -41.29
N PRO R 82 68.12 -55.63 -42.28
CA PRO R 82 67.41 -54.57 -43.01
C PRO R 82 66.43 -53.83 -42.10
N PHE R 83 65.95 -54.51 -41.05
CA PHE R 83 64.95 -53.88 -40.14
C PHE R 83 65.41 -52.47 -39.77
N GLN R 84 66.70 -52.20 -39.88
CA GLN R 84 67.22 -50.86 -39.48
C GLN R 84 66.43 -49.77 -40.20
N ASN R 85 65.92 -48.78 -39.46
CA ASN R 85 65.17 -47.66 -40.09
C ASN R 85 64.03 -48.19 -40.96
N ILE R 86 63.27 -49.17 -40.46
CA ILE R 86 62.09 -49.70 -41.20
C ILE R 86 60.86 -48.90 -40.75
N ASN R 87 59.98 -48.55 -41.67
CA ASN R 87 58.80 -47.72 -41.31
C ASN R 87 58.12 -48.35 -40.09
N MET R 88 58.16 -47.66 -38.94
CA MET R 88 57.58 -48.21 -37.70
C MET R 88 56.07 -48.37 -37.87
N GLY R 89 55.43 -47.46 -38.60
CA GLY R 89 53.98 -47.58 -38.86
C GLY R 89 53.67 -48.89 -39.56
N GLY R 90 54.41 -49.22 -40.62
CA GLY R 90 54.21 -50.50 -41.32
C GLY R 90 54.47 -51.68 -40.39
N LEU R 91 55.52 -51.58 -39.56
CA LEU R 91 55.81 -52.65 -38.58
C LEU R 91 54.63 -52.80 -37.62
N LEU R 92 54.15 -51.67 -37.07
CA LEU R 92 52.98 -51.71 -36.16
C LEU R 92 51.83 -52.44 -36.85
N ALA R 93 51.60 -52.14 -38.13
CA ALA R 93 50.48 -52.77 -38.88
C ALA R 93 50.56 -54.29 -38.72
N TRP R 94 51.71 -54.89 -39.04
CA TRP R 94 51.90 -56.35 -38.85
C TRP R 94 51.63 -56.72 -37.39
N GLU R 95 52.36 -56.11 -36.46
CA GLU R 95 52.23 -56.45 -35.02
C GLU R 95 50.77 -56.26 -34.57
N PHE R 96 49.99 -55.46 -35.31
CA PHE R 96 48.60 -55.16 -34.90
C PHE R 96 47.66 -56.32 -35.25
N LEU R 97 47.28 -56.44 -36.54
CA LEU R 97 46.30 -57.48 -36.96
C LEU R 97 46.71 -58.85 -36.43
N LEU R 98 47.99 -59.21 -36.57
CA LEU R 98 48.43 -60.57 -36.16
C LEU R 98 48.15 -60.76 -34.66
N MET R 99 48.54 -59.78 -33.84
CA MET R 99 48.28 -59.87 -32.37
C MET R 99 46.77 -59.86 -32.11
N HIS R 100 46.02 -59.06 -32.88
CA HIS R 100 44.56 -58.93 -32.64
C HIS R 100 43.88 -60.29 -32.82
N TRP R 101 44.24 -61.02 -33.88
CA TRP R 101 43.65 -62.36 -34.11
C TRP R 101 43.95 -63.27 -32.91
N VAL R 102 45.23 -63.47 -32.57
CA VAL R 102 45.61 -64.42 -31.48
C VAL R 102 44.95 -63.99 -30.17
N GLU R 103 44.92 -62.69 -29.87
CA GLU R 103 44.35 -62.21 -28.58
C GLU R 103 42.83 -62.44 -28.59
N VAL R 104 42.14 -61.98 -29.63
CA VAL R 104 40.65 -62.14 -29.71
C VAL R 104 40.29 -63.62 -29.61
N ARG R 105 40.97 -64.47 -30.39
CA ARG R 105 40.72 -65.94 -30.31
C ARG R 105 40.86 -66.39 -28.84
N ARG R 106 41.95 -65.99 -28.18
CA ARG R 106 42.17 -66.36 -26.76
C ARG R 106 41.03 -65.81 -25.90
N TRP R 107 40.61 -64.57 -26.17
CA TRP R 107 39.53 -63.93 -25.39
C TRP R 107 38.22 -64.72 -25.55
N GLN R 108 37.92 -65.19 -26.75
CA GLN R 108 36.69 -65.97 -27.00
C GLN R 108 36.79 -67.30 -26.27
N ASP R 109 37.99 -67.77 -25.95
CA ASP R 109 38.12 -69.01 -25.13
C ASP R 109 37.77 -68.65 -23.70
N TYR R 110 37.92 -67.38 -23.29
CA TYR R 110 37.46 -66.98 -21.95
C TYR R 110 35.94 -66.89 -21.98
N LYS R 111 35.41 -66.14 -22.94
CA LYS R 111 33.94 -65.92 -23.02
C LYS R 111 33.21 -67.25 -23.14
N ASN R 112 33.67 -68.12 -24.04
CA ASN R 112 33.06 -69.46 -24.23
C ASN R 112 34.19 -70.49 -24.25
N PHE R 113 34.49 -71.10 -23.10
CA PHE R 113 35.63 -72.03 -23.01
C PHE R 113 35.44 -73.20 -23.99
N GLY R 114 36.54 -73.69 -24.58
CA GLY R 114 36.46 -74.85 -25.49
C GLY R 114 35.54 -74.59 -26.66
N SER R 115 35.38 -73.33 -27.07
CA SER R 115 34.57 -73.01 -28.27
C SER R 115 35.47 -72.73 -29.45
N VAL R 116 36.40 -71.80 -29.27
CA VAL R 116 37.39 -71.51 -30.33
C VAL R 116 38.54 -72.49 -30.14
N ASN R 117 38.42 -73.71 -30.64
CA ASN R 117 39.47 -74.75 -30.52
C ASN R 117 39.82 -75.29 -31.91
N GLU R 118 38.90 -75.22 -32.86
CA GLU R 118 39.12 -75.78 -34.21
C GLU R 118 39.66 -74.74 -35.19
N ASP R 119 40.57 -75.15 -36.08
CA ASP R 119 41.15 -74.23 -37.10
C ASP R 119 40.01 -73.63 -37.93
N PRO R 120 39.84 -72.29 -37.96
CA PRO R 120 38.74 -71.66 -38.70
C PRO R 120 38.87 -71.89 -40.21
N ILE R 121 40.05 -71.68 -40.78
CA ILE R 121 40.26 -71.85 -42.25
C ILE R 121 40.16 -73.34 -42.58
N PHE R 122 41.18 -74.13 -42.22
CA PHE R 122 41.15 -75.59 -42.44
C PHE R 122 40.11 -76.22 -41.50
N LYS R 123 40.18 -77.52 -41.27
CA LYS R 123 39.13 -78.13 -40.45
C LYS R 123 39.62 -79.46 -39.89
N GLY R 124 39.03 -79.91 -38.79
CA GLY R 124 39.52 -81.13 -38.13
C GLY R 124 40.66 -80.79 -37.20
N ASN R 125 41.62 -79.98 -37.66
CA ASN R 125 42.76 -79.55 -36.84
C ASN R 125 42.24 -78.82 -35.61
N LYS R 126 42.27 -79.45 -34.43
CA LYS R 126 41.72 -78.82 -33.21
C LYS R 126 42.74 -78.92 -32.07
N VAL R 127 42.58 -78.11 -31.02
CA VAL R 127 43.54 -78.11 -29.87
C VAL R 127 42.81 -78.65 -28.64
N PRO R 128 43.41 -79.54 -27.83
CA PRO R 128 42.73 -80.15 -26.68
C PRO R 128 42.21 -79.09 -25.70
N ASN R 129 43.00 -78.03 -25.47
CA ASN R 129 42.58 -76.94 -24.54
C ASN R 129 41.93 -77.56 -23.31
N PRO R 130 42.64 -78.45 -22.56
CA PRO R 130 42.05 -79.12 -21.41
C PRO R 130 41.63 -78.10 -20.34
N GLU R 131 42.46 -77.08 -20.11
CA GLU R 131 42.15 -76.02 -19.12
C GLU R 131 42.22 -74.65 -19.78
N MET R 132 41.37 -73.71 -19.35
CA MET R 132 41.46 -72.33 -19.90
C MET R 132 42.84 -71.78 -19.58
N GLY R 133 43.60 -71.35 -20.59
CA GLY R 133 44.96 -70.85 -20.37
C GLY R 133 45.99 -71.93 -20.64
N TYR R 134 45.55 -73.15 -20.89
CA TYR R 134 46.47 -74.28 -21.20
C TYR R 134 45.95 -75.04 -22.42
N PRO R 135 46.05 -74.48 -23.65
CA PRO R 135 45.50 -75.13 -24.85
C PRO R 135 46.20 -76.45 -25.20
N GLY R 136 47.54 -76.49 -25.11
CA GLY R 136 48.27 -77.70 -25.48
C GLY R 136 48.15 -77.99 -26.97
N GLY R 137 48.27 -79.26 -27.36
CA GLY R 137 48.21 -79.64 -28.79
C GLY R 137 49.37 -79.04 -29.56
N ILE R 138 49.09 -78.27 -30.61
CA ILE R 138 50.17 -77.58 -31.36
C ILE R 138 50.94 -76.68 -30.37
N PHE R 139 50.23 -76.12 -29.38
CA PHE R 139 50.87 -75.24 -28.38
C PHE R 139 51.80 -76.06 -27.47
N ASP R 140 51.56 -77.37 -27.38
CA ASP R 140 52.47 -78.25 -26.58
C ASP R 140 53.03 -79.32 -27.52
N PRO R 141 53.98 -78.98 -28.43
CA PRO R 141 54.50 -79.94 -29.40
C PRO R 141 55.23 -81.13 -28.76
N LEU R 142 56.35 -80.88 -28.08
CA LEU R 142 57.16 -82.00 -27.53
C LEU R 142 56.35 -82.83 -26.54
N GLY R 143 55.16 -82.35 -26.15
CA GLY R 143 54.28 -83.11 -25.25
C GLY R 143 54.89 -83.32 -23.88
N PHE R 144 54.84 -82.30 -23.02
CA PHE R 144 55.34 -82.45 -21.63
C PHE R 144 54.16 -82.35 -20.67
N SER R 145 53.04 -81.79 -21.14
CA SER R 145 51.82 -81.69 -20.28
C SER R 145 51.23 -83.08 -20.07
N LYS R 146 51.58 -84.03 -20.96
CA LYS R 146 51.01 -85.40 -20.86
C LYS R 146 51.35 -85.98 -19.48
N GLY R 147 52.42 -85.49 -18.85
CA GLY R 147 52.79 -85.96 -17.49
C GLY R 147 51.98 -85.23 -16.43
N ASN R 148 52.60 -84.89 -15.31
CA ASN R 148 51.91 -84.12 -14.24
C ASN R 148 51.91 -82.64 -14.62
N ARG R 149 50.97 -82.24 -15.49
CA ARG R 149 50.94 -80.82 -15.96
C ARG R 149 50.79 -79.91 -14.75
N LYS R 150 49.98 -80.32 -13.76
CA LYS R 150 49.76 -79.47 -12.56
C LYS R 150 51.10 -79.13 -11.91
N GLU R 151 51.95 -80.13 -11.71
CA GLU R 151 53.29 -79.90 -11.11
C GLU R 151 54.06 -78.94 -12.02
N LEU R 152 54.05 -79.20 -13.34
CA LEU R 152 54.73 -78.32 -14.31
C LEU R 152 54.09 -76.93 -14.26
N GLN R 153 52.76 -76.87 -14.11
CA GLN R 153 52.04 -75.57 -14.01
C GLN R 153 52.53 -74.83 -12.77
N THR R 154 52.72 -75.54 -11.65
CA THR R 154 53.22 -74.91 -10.40
C THR R 154 54.60 -74.30 -10.67
N LYS R 155 55.49 -75.07 -11.31
CA LYS R 155 56.84 -74.55 -11.65
C LYS R 155 56.67 -73.35 -12.59
N GLU R 156 55.78 -73.46 -13.57
CA GLU R 156 55.59 -72.37 -14.57
C GLU R 156 55.14 -71.09 -13.85
N ILE R 157 54.12 -71.19 -13.00
CA ILE R 157 53.57 -69.97 -12.32
C ILE R 157 54.64 -69.41 -11.39
N LYS R 158 55.34 -70.26 -10.65
CA LYS R 158 56.36 -69.78 -9.68
C LYS R 158 57.51 -69.11 -10.44
N ASN R 159 58.00 -69.75 -11.50
CA ASN R 159 59.09 -69.15 -12.32
C ASN R 159 58.59 -67.82 -12.90
N GLY R 160 57.35 -67.80 -13.41
CA GLY R 160 56.79 -66.58 -14.01
C GLY R 160 56.68 -65.46 -13.00
N ARG R 161 56.22 -65.77 -11.78
CA ARG R 161 56.07 -64.74 -10.72
C ARG R 161 57.44 -64.14 -10.42
N ILE R 162 58.48 -64.97 -10.36
CA ILE R 162 59.86 -64.46 -10.14
C ILE R 162 60.24 -63.57 -11.32
N ALA R 163 59.96 -64.01 -12.54
CA ALA R 163 60.32 -63.24 -13.76
C ALA R 163 59.57 -61.90 -13.75
N MET R 164 58.25 -61.91 -13.56
CA MET R 164 57.45 -60.67 -13.56
C MET R 164 58.16 -59.68 -12.65
N ILE R 165 58.56 -60.12 -11.45
CA ILE R 165 59.25 -59.23 -10.46
C ILE R 165 60.61 -58.82 -11.05
N ALA R 166 61.31 -59.75 -11.68
CA ALA R 166 62.65 -59.46 -12.23
C ALA R 166 62.56 -58.51 -13.41
N PHE R 167 61.61 -58.66 -14.33
CA PHE R 167 61.61 -57.74 -15.48
C PHE R 167 61.36 -56.32 -14.97
N MET R 168 60.53 -56.12 -13.94
CA MET R 168 60.35 -54.72 -13.50
C MET R 168 61.61 -54.24 -12.78
N SER R 169 62.48 -55.14 -12.35
CA SER R 169 63.76 -54.69 -11.78
C SER R 169 64.59 -54.21 -12.95
N PHE R 170 64.80 -55.06 -13.95
CA PHE R 170 65.57 -54.68 -15.17
C PHE R 170 65.12 -53.29 -15.62
N VAL R 171 63.82 -53.00 -15.56
CA VAL R 171 63.28 -51.69 -16.05
C VAL R 171 63.81 -50.55 -15.17
N VAL R 172 63.69 -50.69 -13.85
CA VAL R 172 64.09 -49.58 -12.93
C VAL R 172 65.62 -49.45 -12.90
N GLN R 173 66.32 -50.55 -12.65
CA GLN R 173 67.79 -50.47 -12.51
C GLN R 173 68.42 -50.05 -13.84
N ALA R 174 67.62 -49.93 -14.90
CA ALA R 174 68.14 -49.50 -16.22
C ALA R 174 67.87 -48.00 -16.43
N GLN R 175 66.72 -47.52 -15.95
CA GLN R 175 66.36 -46.08 -16.10
C GLN R 175 67.03 -45.28 -14.99
N ALA R 176 67.71 -45.96 -14.06
CA ALA R 176 68.44 -45.27 -12.97
C ALA R 176 69.94 -45.26 -13.27
N THR R 177 70.54 -46.44 -13.44
CA THR R 177 71.97 -46.54 -13.77
C THR R 177 72.19 -46.19 -15.23
N GLY R 178 71.32 -46.62 -16.13
CA GLY R 178 71.54 -46.41 -17.56
C GLY R 178 72.19 -47.62 -18.16
N LYS R 179 72.34 -48.71 -17.40
CA LYS R 179 73.04 -49.88 -17.88
C LYS R 179 72.14 -51.11 -17.78
N GLY R 180 72.49 -52.18 -18.48
CA GLY R 180 71.60 -53.35 -18.56
C GLY R 180 71.57 -54.20 -17.30
N PRO R 181 70.84 -55.34 -17.30
CA PRO R 181 70.74 -56.22 -16.13
C PRO R 181 72.06 -56.76 -15.60
N LEU R 182 72.91 -57.32 -16.46
CA LEU R 182 74.17 -57.95 -16.00
C LEU R 182 75.26 -56.90 -15.79
N ALA R 183 75.13 -55.74 -16.43
CA ALA R 183 76.11 -54.66 -16.21
C ALA R 183 75.93 -54.11 -14.81
N ASN R 184 74.70 -54.08 -14.31
CA ASN R 184 74.42 -53.59 -12.94
C ASN R 184 74.95 -54.61 -11.95
N LEU R 185 74.90 -55.90 -12.27
CA LEU R 185 75.52 -56.93 -11.39
C LEU R 185 77.02 -56.69 -11.37
N ALA R 186 77.64 -56.42 -12.51
CA ALA R 186 79.10 -56.23 -12.59
C ALA R 186 79.51 -55.03 -11.76
N ASP R 187 78.83 -53.90 -11.91
CA ASP R 187 79.19 -52.66 -11.18
C ASP R 187 79.12 -52.91 -9.68
N HIS R 188 78.06 -53.54 -9.20
CA HIS R 188 77.96 -53.85 -7.76
C HIS R 188 79.18 -54.66 -7.36
N LEU R 189 79.44 -55.77 -8.03
CA LEU R 189 80.57 -56.65 -7.63
C LEU R 189 81.91 -55.91 -7.74
N SER R 190 82.01 -54.83 -8.52
CA SER R 190 83.26 -54.03 -8.57
C SER R 190 83.41 -53.26 -7.25
N ASN R 191 82.51 -52.32 -6.95
CA ASN R 191 82.54 -51.61 -5.63
C ASN R 191 81.14 -51.70 -5.04
N PRO R 192 80.85 -52.67 -4.16
CA PRO R 192 79.50 -52.85 -3.65
C PRO R 192 78.90 -51.59 -3.04
N GLY R 193 79.48 -51.07 -1.97
CA GLY R 193 78.91 -49.91 -1.27
C GLY R 193 78.77 -48.69 -2.14
N ALA R 194 79.63 -48.53 -3.14
CA ALA R 194 79.61 -47.30 -3.96
C ALA R 194 78.74 -47.49 -5.20
N ASN R 195 78.39 -48.72 -5.54
CA ASN R 195 77.47 -48.94 -6.69
C ASN R 195 76.19 -49.59 -6.18
N ASN R 196 75.38 -48.82 -5.45
CA ASN R 196 74.15 -49.36 -4.83
C ASN R 196 72.94 -48.57 -5.31
N TRP R 197 71.79 -48.83 -4.71
CA TRP R 197 70.56 -48.08 -5.07
C TRP R 197 70.61 -46.71 -4.43
N VAL R 198 71.56 -46.48 -3.55
CA VAL R 198 71.66 -45.19 -2.83
C VAL R 198 72.33 -44.20 -3.79
N SER R 199 73.40 -44.62 -4.46
CA SER R 199 74.15 -43.70 -5.35
C SER R 199 73.57 -43.70 -6.77
N ASN R 200 72.38 -44.28 -6.97
CA ASN R 200 71.83 -44.39 -8.35
C ASN R 200 70.35 -44.01 -8.41
N ILE R 201 69.66 -43.97 -7.26
CA ILE R 201 68.19 -43.71 -7.28
C ILE R 201 67.92 -42.20 -7.37
N ASN R 202 68.97 -41.38 -7.27
CA ASN R 202 68.76 -39.90 -7.26
C ASN R 202 68.90 -39.34 -8.68
N HIS R 203 68.97 -40.21 -9.69
CA HIS R 203 69.06 -39.73 -11.10
C HIS R 203 68.26 -40.64 -12.05
N CYS R 204 67.36 -40.06 -12.83
CA CYS R 204 66.59 -40.84 -13.84
C CYS R 204 67.38 -40.83 -15.15
N VAL R 205 68.35 -41.74 -15.29
CA VAL R 205 69.23 -41.76 -16.50
C VAL R 205 68.49 -42.42 -17.67
N THR R 206 67.93 -41.62 -18.59
CA THR R 206 67.24 -42.15 -19.79
C THR R 206 66.53 -40.95 -20.42
N PRO R 207 66.50 -40.80 -21.76
CA PRO R 207 65.87 -39.64 -22.41
C PRO R 207 64.46 -39.29 -21.93
N SER R 208 64.14 -38.00 -21.88
CA SER R 208 62.78 -37.57 -21.45
C SER R 208 61.78 -37.89 -22.56
N SER R 209 62.24 -37.91 -23.82
CA SER R 209 61.36 -38.24 -24.97
C SER R 209 62.21 -38.76 -26.13
N VAL R 210 61.61 -39.52 -27.04
CA VAL R 210 62.36 -40.07 -28.21
C VAL R 210 61.53 -39.85 -29.48
N ASP R 211 62.05 -39.08 -30.44
CA ASP R 211 61.33 -38.89 -31.73
C ASP R 211 61.58 -40.11 -32.61
N VAL R 212 60.52 -40.86 -32.93
CA VAL R 212 60.68 -42.11 -33.74
C VAL R 212 60.15 -41.86 -35.15
N GLN R 213 61.04 -41.72 -36.13
CA GLN R 213 60.62 -41.53 -37.55
C GLN R 213 59.61 -40.39 -37.63
N GLY R 214 59.85 -39.29 -36.91
CA GLY R 214 58.96 -38.11 -36.99
C GLY R 214 57.90 -38.11 -35.91
N LEU R 215 57.80 -39.20 -35.14
CA LEU R 215 56.81 -39.28 -34.03
C LEU R 215 57.54 -39.19 -32.69
N THR R 216 57.49 -38.02 -32.04
CA THR R 216 58.12 -37.87 -30.70
C THR R 216 57.38 -38.75 -29.70
N ILE R 217 58.12 -39.58 -28.95
CA ILE R 217 57.50 -40.48 -27.93
C ILE R 217 58.00 -40.06 -26.55
N PRO R 218 57.14 -39.44 -25.69
CA PRO R 218 57.55 -39.02 -24.35
C PRO R 218 57.93 -40.24 -23.50
N LEU R 219 58.92 -40.09 -22.63
CA LEU R 219 59.37 -41.21 -21.76
C LEU R 219 59.35 -40.74 -20.29
N THR R 220 59.26 -41.68 -19.34
CA THR R 220 59.17 -41.29 -17.91
C THR R 220 59.83 -42.37 -17.03
N CYS R 221 60.38 -41.98 -15.89
CA CYS R 221 60.98 -42.95 -14.94
C CYS R 221 59.93 -43.31 -13.89
N LEU R 222 59.82 -44.60 -13.52
CA LEU R 222 58.75 -45.03 -12.57
C LEU R 222 58.77 -44.18 -11.30
N TRP R 223 59.95 -44.01 -10.69
CA TRP R 223 60.07 -43.13 -9.50
C TRP R 223 60.31 -41.69 -9.97
N PRO R 224 59.65 -40.67 -9.40
CA PRO R 224 59.95 -39.29 -9.80
C PRO R 224 61.45 -39.03 -9.65
N GLY R 225 62.14 -38.72 -10.75
CA GLY R 225 63.60 -38.51 -10.70
C GLY R 225 63.95 -37.38 -9.75
N SER R 226 65.02 -37.56 -8.96
CA SER R 226 65.46 -36.51 -8.00
C SER R 226 66.05 -35.32 -8.78
N ARG S 1 24.78 -72.34 -38.42
CA ARG S 1 24.86 -71.05 -39.16
C ARG S 1 26.22 -70.40 -38.92
N PRO S 2 27.01 -70.08 -39.97
CA PRO S 2 28.28 -69.37 -39.77
C PRO S 2 28.00 -68.02 -39.09
N LEU S 3 28.82 -67.67 -38.08
CA LEU S 3 28.61 -66.39 -37.35
C LEU S 3 29.77 -65.44 -37.65
N TRP S 4 29.53 -64.13 -37.57
CA TRP S 4 30.59 -63.13 -37.83
C TRP S 4 31.77 -63.39 -36.90
N ARG S 5 31.49 -63.83 -35.66
CA ARG S 5 32.57 -64.17 -34.70
C ARG S 5 32.30 -65.56 -34.12
N PRO S 6 33.01 -66.62 -34.57
CA PRO S 6 32.83 -67.96 -34.03
C PRO S 6 32.82 -67.93 -32.49
N GLY S 7 31.85 -68.61 -31.87
CA GLY S 7 31.74 -68.62 -30.40
C GLY S 7 30.78 -67.56 -29.90
N SER S 8 30.37 -66.64 -30.76
CA SER S 8 29.39 -65.59 -30.38
C SER S 8 27.98 -66.19 -30.36
N ALA S 9 27.01 -65.48 -29.79
CA ALA S 9 25.61 -65.97 -29.79
C ALA S 9 24.75 -65.01 -30.64
N PRO S 10 24.09 -65.47 -31.71
CA PRO S 10 23.30 -64.59 -32.58
C PRO S 10 22.14 -63.97 -31.79
N PRO S 11 21.82 -62.68 -32.00
CA PRO S 11 20.73 -62.01 -31.27
C PRO S 11 19.39 -62.68 -31.60
N ALA S 12 18.44 -62.66 -30.65
CA ALA S 12 17.15 -63.36 -30.86
C ALA S 12 16.52 -62.96 -32.20
N HIS S 13 16.51 -61.67 -32.53
CA HIS S 13 15.82 -61.22 -33.77
C HIS S 13 16.37 -61.95 -35.00
N LEU S 14 17.64 -62.37 -34.96
CA LEU S 14 18.26 -63.04 -36.14
C LEU S 14 18.10 -64.56 -36.02
N ASN S 15 16.86 -65.06 -36.12
CA ASN S 15 16.65 -66.54 -36.10
C ASN S 15 17.26 -67.11 -37.37
N GLY S 16 17.21 -66.34 -38.44
CA GLY S 16 17.86 -66.68 -39.69
C GLY S 16 16.87 -67.17 -40.72
N GLU S 17 16.52 -66.26 -41.62
CA GLU S 17 15.63 -66.56 -42.74
C GLU S 17 16.16 -65.69 -43.87
N LEU S 18 16.51 -64.44 -43.55
CA LEU S 18 17.09 -63.52 -44.55
C LEU S 18 18.39 -64.14 -45.08
N PRO S 19 18.60 -64.21 -46.41
CA PRO S 19 19.85 -64.74 -46.97
C PRO S 19 21.06 -63.99 -46.42
N GLY S 20 22.13 -64.71 -46.06
CA GLY S 20 23.35 -64.07 -45.55
C GLY S 20 23.23 -63.64 -44.10
N ASP S 21 22.39 -64.34 -43.32
CA ASP S 21 22.30 -64.03 -41.86
C ASP S 21 23.48 -64.68 -41.14
N PHE S 22 24.21 -63.89 -40.33
CA PHE S 22 25.39 -64.40 -39.60
C PHE S 22 25.28 -63.97 -38.14
N GLY S 23 24.06 -63.69 -37.68
CA GLY S 23 23.86 -63.25 -36.28
C GLY S 23 24.72 -62.04 -35.94
N PHE S 24 24.71 -61.03 -36.81
CA PHE S 24 25.57 -59.83 -36.60
C PHE S 24 24.70 -58.60 -36.35
N ASP S 25 24.33 -58.34 -35.09
CA ASP S 25 23.58 -57.11 -34.76
C ASP S 25 24.15 -56.66 -33.40
N PRO S 26 25.44 -56.29 -33.28
CA PRO S 26 26.00 -55.96 -32.00
C PRO S 26 25.17 -54.89 -31.28
N LEU S 27 24.65 -53.91 -32.00
CA LEU S 27 23.91 -52.79 -31.37
C LEU S 27 22.42 -53.08 -31.40
N GLY S 28 22.00 -54.19 -32.01
CA GLY S 28 20.58 -54.57 -32.01
C GLY S 28 19.76 -53.58 -32.80
N LEU S 29 20.19 -53.26 -34.02
CA LEU S 29 19.50 -52.19 -34.80
C LEU S 29 18.17 -52.76 -35.32
N GLY S 30 18.22 -53.92 -35.99
CA GLY S 30 17.00 -54.53 -36.56
C GLY S 30 16.21 -55.28 -35.51
N ALA S 31 16.20 -54.79 -34.27
CA ALA S 31 15.41 -55.43 -33.19
C ALA S 31 13.93 -55.41 -33.59
N ASN S 32 13.44 -54.25 -34.08
CA ASN S 32 12.03 -54.15 -34.54
C ASN S 32 11.89 -54.98 -35.83
N PRO S 33 10.93 -55.92 -35.91
CA PRO S 33 10.80 -56.79 -37.09
C PRO S 33 10.60 -55.98 -38.37
N GLU S 34 9.68 -55.01 -38.33
CA GLU S 34 9.41 -54.16 -39.53
C GLU S 34 10.68 -53.38 -39.88
N SER S 35 11.38 -52.87 -38.86
CA SER S 35 12.65 -52.13 -39.10
C SER S 35 13.64 -53.06 -39.80
N LEU S 36 13.76 -54.29 -39.33
CA LEU S 36 14.69 -55.27 -39.94
C LEU S 36 14.28 -55.49 -41.40
N LYS S 37 12.98 -55.58 -41.66
CA LYS S 37 12.47 -55.79 -43.05
C LYS S 37 12.95 -54.64 -43.93
N TRP S 38 12.82 -53.41 -43.45
CA TRP S 38 13.30 -52.23 -44.23
C TRP S 38 14.82 -52.32 -44.40
N PHE S 39 15.55 -52.46 -43.29
CA PHE S 39 17.03 -52.55 -43.35
C PHE S 39 17.43 -53.62 -44.37
N ALA S 40 16.65 -54.71 -44.43
CA ALA S 40 16.95 -55.80 -45.39
C ALA S 40 16.85 -55.25 -46.81
N GLU S 41 15.79 -54.52 -47.12
CA GLU S 41 15.65 -53.91 -48.46
C GLU S 41 16.82 -52.94 -48.69
N SER S 42 17.14 -52.13 -47.68
CA SER S 42 18.27 -51.17 -47.80
C SER S 42 19.56 -51.94 -48.09
N GLU S 43 19.82 -53.03 -47.35
CA GLU S 43 21.10 -53.77 -47.53
C GLU S 43 21.21 -54.21 -49.00
N ARG S 44 20.18 -54.87 -49.53
CA ARG S 44 20.22 -55.40 -50.92
C ARG S 44 20.40 -54.24 -51.90
N VAL S 45 19.60 -53.18 -51.77
CA VAL S 45 19.66 -52.04 -52.73
C VAL S 45 21.07 -51.43 -52.67
N HIS S 46 21.58 -51.18 -51.46
CA HIS S 46 22.93 -50.60 -51.30
C HIS S 46 23.95 -51.51 -51.98
N ALA S 47 23.89 -52.81 -51.70
CA ALA S 47 24.88 -53.75 -52.26
C ALA S 47 24.84 -53.73 -53.79
N ARG S 48 23.64 -53.82 -54.37
CA ARG S 48 23.53 -53.89 -55.85
C ARG S 48 24.06 -52.60 -56.47
N TRP S 49 23.70 -51.44 -55.92
CA TRP S 49 24.24 -50.16 -56.44
C TRP S 49 25.76 -50.14 -56.27
N ALA S 50 26.26 -50.53 -55.10
CA ALA S 50 27.72 -50.49 -54.83
C ALA S 50 28.43 -51.47 -55.77
N MET S 51 27.86 -52.66 -55.98
CA MET S 51 28.50 -53.68 -56.84
C MET S 51 28.67 -53.13 -58.26
N LEU S 52 27.65 -52.45 -58.79
CA LEU S 52 27.77 -51.83 -60.12
C LEU S 52 28.83 -50.72 -60.07
N ALA S 53 28.78 -49.89 -59.02
CA ALA S 53 29.72 -48.76 -58.89
C ALA S 53 31.17 -49.27 -58.85
N VAL S 54 31.50 -50.07 -57.82
CA VAL S 54 32.91 -50.56 -57.66
C VAL S 54 33.40 -51.07 -59.02
N ALA S 55 32.61 -51.91 -59.68
CA ALA S 55 33.02 -52.47 -60.99
C ALA S 55 33.28 -51.34 -61.98
N GLY S 56 32.37 -50.38 -62.06
CA GLY S 56 32.53 -49.24 -62.99
C GLY S 56 33.80 -48.47 -62.70
N ILE S 57 34.07 -48.16 -61.43
CA ILE S 57 35.27 -47.39 -61.05
C ILE S 57 36.52 -48.14 -61.54
N LEU S 58 36.56 -49.46 -61.32
CA LEU S 58 37.73 -50.27 -61.74
C LEU S 58 37.84 -50.26 -63.26
N VAL S 59 36.71 -50.50 -63.96
CA VAL S 59 36.73 -50.55 -65.46
C VAL S 59 37.15 -49.19 -66.00
N GLN S 60 36.48 -48.12 -65.56
CA GLN S 60 36.79 -46.75 -66.04
C GLN S 60 38.23 -46.38 -65.72
N GLU S 61 39.03 -47.33 -65.20
CA GLU S 61 40.44 -47.06 -64.88
C GLU S 61 41.29 -47.99 -65.73
N VAL S 62 40.71 -49.09 -66.21
CA VAL S 62 41.46 -49.99 -67.13
C VAL S 62 41.33 -49.40 -68.54
N VAL S 63 40.14 -48.95 -68.90
CA VAL S 63 39.87 -48.37 -70.25
C VAL S 63 40.46 -46.97 -70.32
N LYS S 64 39.95 -46.05 -69.52
CA LYS S 64 40.42 -44.65 -69.53
C LYS S 64 41.17 -44.38 -68.24
N PRO S 65 42.46 -44.75 -68.10
CA PRO S 65 43.17 -44.60 -66.85
C PRO S 65 43.42 -43.13 -66.51
N ASP S 66 43.21 -42.23 -67.48
CA ASP S 66 43.47 -40.79 -67.26
C ASP S 66 42.41 -40.19 -66.33
N VAL S 67 41.15 -40.13 -66.78
CA VAL S 67 40.08 -39.49 -65.97
C VAL S 67 40.02 -40.14 -64.58
N PHE S 68 40.10 -39.34 -63.52
CA PHE S 68 40.02 -39.87 -62.14
C PHE S 68 38.54 -40.05 -61.77
N TRP S 69 38.18 -41.22 -61.22
CA TRP S 69 36.76 -41.50 -60.92
C TRP S 69 36.17 -40.41 -60.01
N TYR S 70 36.94 -39.91 -59.05
CA TYR S 70 36.41 -38.90 -58.10
C TYR S 70 35.99 -37.63 -58.85
N ASP S 71 36.81 -37.17 -59.79
CA ASP S 71 36.50 -35.91 -60.53
C ASP S 71 36.09 -36.24 -61.97
N ALA S 72 35.67 -37.49 -62.23
CA ALA S 72 35.29 -37.90 -63.60
C ALA S 72 34.28 -36.90 -64.18
N PRO S 73 33.20 -36.53 -63.46
CA PRO S 73 32.17 -35.63 -64.02
C PRO S 73 32.80 -34.35 -64.58
N THR S 74 33.77 -33.80 -63.86
CA THR S 74 34.42 -32.53 -64.29
C THR S 74 35.47 -32.80 -65.37
N LYS S 75 35.83 -34.08 -65.58
CA LYS S 75 36.90 -34.41 -66.55
C LYS S 75 36.29 -35.08 -67.79
N ILE S 76 34.97 -35.23 -67.83
CA ILE S 76 34.32 -35.94 -68.98
C ILE S 76 33.38 -34.97 -69.71
N ASP S 77 33.24 -35.13 -71.03
CA ASP S 77 32.35 -34.25 -71.84
C ASP S 77 30.98 -34.92 -71.98
N LEU S 78 30.00 -34.51 -71.17
CA LEU S 78 28.65 -35.11 -71.24
C LEU S 78 28.05 -34.87 -72.62
N PRO S 79 27.52 -35.91 -73.31
CA PRO S 79 26.85 -35.72 -74.60
C PRO S 79 25.69 -34.73 -74.45
N PHE S 80 25.04 -34.73 -73.28
CA PHE S 80 23.89 -33.82 -73.04
C PHE S 80 24.21 -32.89 -71.87
N ASN S 81 23.51 -31.76 -71.76
CA ASN S 81 23.74 -30.81 -70.65
C ASN S 81 23.40 -31.48 -69.32
N ILE S 82 24.17 -31.20 -68.27
CA ILE S 82 23.92 -31.85 -66.94
C ILE S 82 22.47 -31.63 -66.56
N VAL S 83 21.99 -30.39 -66.68
CA VAL S 83 20.58 -30.05 -66.34
C VAL S 83 19.64 -31.06 -67.04
N GLY S 84 19.83 -31.24 -68.35
CA GLY S 84 18.96 -32.16 -69.11
C GLY S 84 19.16 -33.60 -68.67
N LEU S 85 20.42 -34.01 -68.49
CA LEU S 85 20.73 -35.40 -68.05
C LEU S 85 20.16 -35.62 -66.65
N LEU S 86 20.36 -34.65 -65.75
CA LEU S 86 19.85 -34.77 -64.36
C LEU S 86 18.31 -34.85 -64.41
N ALA S 87 17.68 -33.99 -65.21
CA ALA S 87 16.20 -33.99 -65.32
C ALA S 87 15.72 -35.38 -65.71
N PHE S 88 16.19 -35.89 -66.85
CA PHE S 88 15.78 -37.24 -67.32
C PHE S 88 16.09 -38.27 -66.22
N GLU S 89 17.31 -38.21 -65.67
CA GLU S 89 17.73 -39.19 -64.64
C GLU S 89 16.72 -39.15 -63.48
N PHE S 90 16.34 -37.95 -63.03
CA PHE S 90 15.40 -37.83 -61.88
C PHE S 90 14.10 -38.55 -62.19
N PHE S 91 13.46 -38.21 -63.32
CA PHE S 91 12.15 -38.82 -63.66
C PHE S 91 12.31 -40.33 -63.84
N ALA S 92 13.35 -40.73 -64.58
CA ALA S 92 13.61 -42.17 -64.80
C ALA S 92 13.71 -42.88 -63.44
N MET S 93 14.68 -42.48 -62.62
CA MET S 93 14.89 -43.14 -61.30
C MET S 93 13.61 -43.03 -60.45
N HIS S 94 12.96 -41.86 -60.49
CA HIS S 94 11.75 -41.65 -59.65
C HIS S 94 10.72 -42.74 -59.99
N PHE S 95 10.49 -42.98 -61.28
CA PHE S 95 9.47 -43.98 -61.70
C PHE S 95 9.81 -45.36 -61.15
N VAL S 96 11.02 -45.84 -61.42
CA VAL S 96 11.41 -47.22 -60.98
C VAL S 96 11.34 -47.28 -59.45
N GLU S 97 11.84 -46.24 -58.78
CA GLU S 97 11.88 -46.25 -57.29
C GLU S 97 10.45 -46.34 -56.75
N LEU S 98 9.51 -45.58 -57.32
CA LEU S 98 8.11 -45.58 -56.83
C LEU S 98 7.54 -47.00 -56.93
N LYS S 99 7.57 -47.59 -58.13
CA LYS S 99 7.06 -48.96 -58.32
C LYS S 99 7.83 -49.92 -57.40
N ARG S 100 9.16 -49.76 -57.35
CA ARG S 100 10.00 -50.64 -56.49
C ARG S 100 9.50 -50.54 -55.04
N TRP S 101 9.30 -49.32 -54.53
CA TRP S 101 8.85 -49.13 -53.13
C TRP S 101 7.42 -49.66 -52.96
N GLN S 102 6.53 -49.37 -53.91
CA GLN S 102 5.11 -49.76 -53.77
C GLN S 102 5.03 -51.26 -53.47
N ASP S 103 5.89 -52.06 -54.10
CA ASP S 103 5.90 -53.53 -53.88
C ASP S 103 6.21 -53.78 -52.40
N PHE S 104 7.27 -53.14 -51.89
CA PHE S 104 7.65 -53.31 -50.46
C PHE S 104 6.48 -52.87 -49.57
N ARG S 105 5.83 -51.76 -49.93
CA ARG S 105 4.67 -51.26 -49.15
C ARG S 105 3.55 -52.31 -49.21
N ASN S 106 2.98 -52.52 -50.39
CA ASN S 106 1.90 -53.52 -50.58
C ASN S 106 2.37 -54.59 -51.55
N PRO S 107 2.86 -55.77 -51.07
CA PRO S 107 3.45 -56.79 -51.96
C PRO S 107 2.49 -57.30 -53.02
N GLY S 108 2.96 -57.38 -54.27
CA GLY S 108 2.18 -57.93 -55.34
C GLY S 108 1.21 -56.98 -56.01
N SER S 109 1.38 -55.68 -55.78
CA SER S 109 0.45 -54.66 -56.35
C SER S 109 1.00 -54.13 -57.67
N VAL S 110 2.30 -53.84 -57.73
CA VAL S 110 2.92 -53.25 -58.96
C VAL S 110 3.47 -54.39 -59.83
N ASP S 111 3.10 -55.64 -59.54
CA ASP S 111 3.65 -56.80 -60.29
C ASP S 111 2.87 -56.98 -61.60
N ALA S 112 2.82 -55.95 -62.43
CA ALA S 112 2.12 -56.02 -63.74
C ALA S 112 2.55 -54.85 -64.62
N ASP S 113 2.51 -55.03 -65.94
CA ASP S 113 2.87 -53.93 -66.88
C ASP S 113 1.71 -52.93 -66.93
N PRO S 114 1.90 -51.68 -66.46
CA PRO S 114 0.82 -50.70 -66.41
C PRO S 114 0.34 -50.34 -67.82
N LEU S 115 1.28 -50.22 -68.77
CA LEU S 115 0.91 -49.85 -70.16
C LEU S 115 0.27 -51.07 -70.85
N PHE S 116 0.85 -52.26 -70.66
CA PHE S 116 0.31 -53.49 -71.29
C PHE S 116 -0.11 -54.48 -70.20
N PRO S 117 -1.38 -54.46 -69.73
CA PRO S 117 -1.80 -55.33 -68.62
C PRO S 117 -1.52 -56.80 -68.94
N SER S 118 -1.45 -57.14 -70.23
CA SER S 118 -1.13 -58.54 -70.63
C SER S 118 0.19 -58.95 -69.96
N ASN S 119 1.20 -58.09 -70.02
CA ASN S 119 2.50 -58.37 -69.37
C ASN S 119 2.34 -58.27 -67.85
N LYS S 120 2.79 -59.29 -67.12
CA LYS S 120 2.66 -59.28 -65.64
C LYS S 120 3.78 -60.13 -65.02
N LEU S 121 4.55 -59.56 -64.10
CA LEU S 121 5.65 -60.31 -63.43
C LEU S 121 5.03 -61.39 -62.54
N ALA S 122 5.58 -62.60 -62.58
CA ALA S 122 5.05 -63.72 -61.76
C ALA S 122 5.17 -63.38 -60.27
N PRO S 123 4.43 -64.06 -59.36
CA PRO S 123 4.56 -63.82 -57.92
C PRO S 123 6.04 -63.92 -57.52
N HIS S 124 6.51 -63.01 -56.65
CA HIS S 124 7.95 -62.99 -56.29
C HIS S 124 8.13 -62.48 -54.86
N GLU S 125 9.31 -62.72 -54.26
CA GLU S 125 9.61 -62.21 -52.90
C GLU S 125 10.04 -60.75 -53.01
N VAL S 126 9.79 -59.95 -51.96
CA VAL S 126 10.22 -58.52 -51.96
C VAL S 126 11.76 -58.48 -52.04
N GLY S 127 12.31 -57.53 -52.79
CA GLY S 127 13.78 -57.44 -52.97
C GLY S 127 14.23 -58.25 -54.16
N TYR S 128 13.36 -59.16 -54.65
CA TYR S 128 13.69 -59.97 -55.85
C TYR S 128 12.61 -59.71 -56.89
N PRO S 129 12.76 -58.70 -57.77
CA PRO S 129 11.71 -58.35 -58.73
C PRO S 129 11.16 -59.58 -59.45
N GLY S 130 12.04 -60.43 -59.99
CA GLY S 130 11.60 -61.61 -60.75
C GLY S 130 12.40 -61.74 -62.03
N PHE S 131 13.22 -60.74 -62.34
CA PHE S 131 14.08 -60.77 -63.55
C PHE S 131 15.18 -61.81 -63.34
N ALA S 132 14.86 -63.09 -63.59
CA ALA S 132 15.85 -64.17 -63.42
C ALA S 132 15.90 -65.04 -64.68
N PRO S 133 16.21 -64.47 -65.86
CA PRO S 133 16.36 -65.28 -67.08
C PRO S 133 17.33 -66.44 -66.86
N PHE S 134 18.43 -66.18 -66.14
CA PHE S 134 19.45 -67.23 -65.89
C PHE S 134 19.85 -67.23 -64.40
N VAL S 135 19.70 -68.38 -63.74
CA VAL S 135 20.14 -68.48 -62.31
C VAL S 135 21.14 -69.64 -62.20
N PRO S 136 22.47 -69.36 -62.18
CA PRO S 136 23.47 -70.42 -62.15
C PRO S 136 23.65 -71.05 -60.76
N GLY S 137 22.76 -71.96 -60.38
CA GLY S 137 22.86 -72.64 -59.07
C GLY S 137 21.66 -72.38 -58.18
N PRO S 138 21.58 -72.97 -56.97
CA PRO S 138 20.42 -72.80 -56.10
C PRO S 138 20.12 -71.31 -55.87
N MET S 139 18.85 -70.94 -55.86
CA MET S 139 18.47 -69.51 -55.71
C MET S 139 19.07 -68.98 -54.40
N GLU S 140 18.90 -69.72 -53.30
CA GLU S 140 19.39 -69.24 -51.98
C GLU S 140 20.91 -69.16 -51.99
N GLU S 141 21.59 -70.13 -52.61
CA GLU S 141 23.07 -70.10 -52.73
C GLU S 141 23.47 -68.81 -53.46
N LEU S 142 22.81 -68.53 -54.59
CA LEU S 142 23.13 -67.31 -55.37
C LEU S 142 22.74 -66.07 -54.55
N LYS S 143 21.68 -66.16 -53.77
CA LYS S 143 21.27 -65.03 -52.88
C LYS S 143 22.41 -64.73 -51.91
N VAL S 144 22.98 -65.77 -51.29
CA VAL S 144 24.09 -65.58 -50.31
C VAL S 144 25.29 -64.97 -51.05
N LYS S 145 25.57 -65.45 -52.25
CA LYS S 145 26.70 -64.90 -53.05
C LYS S 145 26.42 -63.41 -53.34
N GLU S 146 25.17 -63.06 -53.64
CA GLU S 146 24.81 -61.66 -53.95
C GLU S 146 25.04 -60.79 -52.72
N ILE S 147 24.64 -61.25 -51.53
CA ILE S 147 24.75 -60.41 -50.30
C ILE S 147 26.22 -60.35 -49.87
N LYS S 148 26.92 -61.49 -49.88
CA LYS S 148 28.36 -61.51 -49.52
C LYS S 148 29.13 -60.63 -50.51
N ASN S 149 28.94 -60.85 -51.82
CA ASN S 149 29.61 -60.01 -52.84
C ASN S 149 29.22 -58.54 -52.62
N GLY S 150 27.93 -58.27 -52.39
CA GLY S 150 27.46 -56.89 -52.21
C GLY S 150 28.09 -56.25 -50.98
N ARG S 151 28.13 -56.96 -49.86
CA ARG S 151 28.71 -56.41 -48.60
C ARG S 151 30.18 -56.08 -48.85
N LEU S 152 30.90 -56.96 -49.55
CA LEU S 152 32.33 -56.71 -49.86
C LEU S 152 32.44 -55.47 -50.75
N ALA S 153 31.57 -55.36 -51.76
CA ALA S 153 31.61 -54.20 -52.69
C ALA S 153 31.38 -52.91 -51.90
N MET S 154 30.35 -52.88 -51.05
CA MET S 154 30.01 -51.65 -50.28
C MET S 154 31.26 -51.21 -49.50
N LEU S 155 31.93 -52.16 -48.84
CA LEU S 155 33.18 -51.83 -48.09
C LEU S 155 34.24 -51.33 -49.07
N ALA S 156 34.34 -51.96 -50.23
CA ALA S 156 35.37 -51.57 -51.24
C ALA S 156 35.15 -50.11 -51.64
N PHE S 157 33.89 -49.70 -51.85
CA PHE S 157 33.60 -48.31 -52.30
C PHE S 157 34.16 -47.33 -51.28
N ILE S 158 33.74 -47.46 -50.01
CA ILE S 158 34.28 -46.57 -48.93
C ILE S 158 35.80 -46.57 -49.04
N GLY S 159 36.40 -47.75 -49.29
CA GLY S 159 37.85 -47.82 -49.47
C GLY S 159 38.29 -47.00 -50.67
N PHE S 160 37.55 -47.11 -51.79
CA PHE S 160 37.88 -46.32 -53.00
C PHE S 160 37.82 -44.83 -52.67
N THR S 161 36.77 -44.38 -51.99
CA THR S 161 36.60 -42.94 -51.69
C THR S 161 37.70 -42.48 -50.73
N MET S 162 37.87 -43.18 -49.60
CA MET S 162 38.87 -42.75 -48.58
C MET S 162 40.26 -42.75 -49.20
N ALA S 163 40.61 -43.82 -49.91
CA ALA S 163 41.93 -43.90 -50.58
C ALA S 163 42.06 -42.72 -51.55
N ALA S 164 40.96 -42.34 -52.21
CA ALA S 164 40.98 -41.23 -53.19
C ALA S 164 41.14 -39.88 -52.47
N GLN S 165 40.85 -39.84 -51.17
CA GLN S 165 40.96 -38.59 -50.36
C GLN S 165 42.36 -38.55 -49.74
N VAL S 166 42.82 -39.68 -49.19
CA VAL S 166 44.20 -39.75 -48.61
C VAL S 166 45.20 -39.62 -49.76
N THR S 167 45.15 -40.53 -50.74
CA THR S 167 46.02 -40.40 -51.93
C THR S 167 45.24 -39.52 -52.92
N GLY S 168 45.74 -39.34 -54.14
CA GLY S 168 44.95 -38.56 -55.12
C GLY S 168 44.79 -39.36 -56.38
N LYS S 169 44.69 -40.67 -56.25
CA LYS S 169 44.58 -41.57 -57.38
C LYS S 169 43.46 -42.57 -57.15
N GLY S 170 43.20 -43.42 -58.15
CA GLY S 170 42.10 -44.39 -58.05
C GLY S 170 42.51 -45.69 -57.38
N PRO S 171 41.67 -46.74 -57.39
CA PRO S 171 41.97 -47.99 -56.70
C PRO S 171 43.20 -48.73 -57.28
N LEU S 172 43.28 -48.85 -58.60
CA LEU S 172 44.41 -49.60 -59.22
C LEU S 172 45.73 -48.87 -58.95
N ALA S 173 45.75 -47.54 -59.12
CA ALA S 173 46.99 -46.77 -58.92
C ALA S 173 47.39 -46.87 -57.46
N ALA S 174 46.43 -46.78 -56.54
CA ALA S 174 46.73 -46.86 -55.09
C ALA S 174 47.29 -48.23 -54.75
N LEU S 175 46.65 -49.30 -55.26
CA LEU S 175 47.12 -50.68 -54.97
C LEU S 175 48.56 -50.83 -55.45
N SER S 176 48.86 -50.34 -56.66
CA SER S 176 50.24 -50.42 -57.19
C SER S 176 51.19 -49.69 -56.23
N GLU S 177 50.82 -48.48 -55.79
CA GLU S 177 51.66 -47.71 -54.83
C GLU S 177 51.91 -48.60 -53.61
N HIS S 178 50.90 -49.33 -53.12
CA HIS S 178 51.11 -50.27 -51.98
C HIS S 178 52.04 -51.36 -52.44
N LEU S 179 51.78 -52.00 -53.56
CA LEU S 179 52.63 -53.14 -53.97
C LEU S 179 54.08 -52.69 -54.08
N ALA S 180 54.33 -51.41 -54.38
CA ALA S 180 55.72 -50.90 -54.54
C ALA S 180 56.43 -50.82 -53.18
N ASP S 181 55.89 -50.05 -52.23
CA ASP S 181 56.47 -50.02 -50.86
C ASP S 181 55.43 -50.57 -49.89
N PRO S 182 55.30 -51.89 -49.70
CA PRO S 182 54.24 -52.40 -48.88
C PRO S 182 54.31 -51.89 -47.44
N MET S 183 55.50 -51.83 -46.84
CA MET S 183 55.63 -51.46 -45.39
C MET S 183 55.77 -49.96 -45.19
N GLY S 184 55.41 -49.14 -46.18
CA GLY S 184 55.54 -47.67 -46.07
C GLY S 184 54.48 -46.93 -46.85
N THR S 185 53.32 -47.55 -47.07
CA THR S 185 52.19 -46.90 -47.78
C THR S 185 50.91 -47.14 -46.98
N THR S 186 50.98 -48.06 -46.00
CA THR S 186 49.81 -48.33 -45.12
C THR S 186 49.36 -47.03 -44.46
N ILE S 187 48.10 -46.97 -43.99
CA ILE S 187 47.60 -45.75 -43.30
C ILE S 187 48.49 -45.47 -42.09
N PHE S 188 48.90 -46.52 -41.37
CA PHE S 188 49.80 -46.35 -40.20
C PHE S 188 51.08 -45.66 -40.65
N SER S 189 51.53 -45.95 -41.87
CA SER S 189 52.82 -45.38 -42.37
C SER S 189 52.61 -43.96 -42.90
N LYS S 190 51.37 -43.45 -42.88
CA LYS S 190 51.11 -42.11 -43.46
C LYS S 190 50.35 -41.23 -42.46
N ALA S 191 49.88 -41.81 -41.36
CA ALA S 191 49.13 -41.03 -40.35
C ALA S 191 49.25 -41.70 -38.98
N VAL S 192 49.71 -40.95 -37.97
CA VAL S 192 49.82 -41.51 -36.59
C VAL S 192 49.33 -40.47 -35.58
N VAL S 193 48.46 -40.87 -34.66
CA VAL S 193 47.98 -39.94 -33.59
C VAL S 193 48.55 -40.43 -32.25
N VAL S 194 49.55 -39.72 -31.73
CA VAL S 194 50.16 -40.09 -30.42
C VAL S 194 49.47 -39.27 -29.32
N PRO S 195 49.53 -39.67 -28.04
CA PRO S 195 48.86 -38.96 -26.96
C PRO S 195 49.16 -37.45 -26.96
N GLY S 196 50.22 -37.03 -27.66
CA GLY S 196 50.57 -35.60 -27.73
C GLY S 196 50.59 -35.07 -29.16
N GLN S 197 50.85 -35.93 -30.14
CA GLN S 197 50.98 -35.47 -31.56
C GLN S 197 49.77 -35.90 -32.38
N VAL S 198 49.56 -35.24 -33.53
CA VAL S 198 48.41 -35.57 -34.42
C VAL S 198 48.85 -35.47 -35.89
N VAL S 199 49.31 -36.57 -36.48
CA VAL S 199 49.68 -36.60 -37.92
C VAL S 199 48.50 -37.16 -38.71
N GLN S 200 47.84 -36.30 -39.51
CA GLN S 200 46.66 -36.75 -40.31
C GLN S 200 47.02 -36.67 -41.80
N PRO S 201 46.53 -37.59 -42.65
CA PRO S 201 46.89 -37.60 -44.08
C PRO S 201 46.35 -36.34 -44.77
N GLU S 202 47.14 -35.75 -45.67
CA GLU S 202 46.71 -34.51 -46.37
C GLU S 202 45.51 -34.81 -47.26
N CYS S 203 44.55 -33.89 -47.32
CA CYS S 203 43.37 -34.08 -48.17
C CYS S 203 43.74 -33.63 -49.58
N LYS S 204 43.81 -34.61 -50.49
CA LYS S 204 44.23 -34.30 -51.89
C LYS S 204 43.00 -33.86 -52.70
N ILE S 205 41.90 -33.56 -52.01
CA ILE S 205 40.66 -33.12 -52.71
C ILE S 205 40.43 -31.62 -52.44
N PRO S 206 40.44 -30.75 -53.47
CA PRO S 206 40.16 -29.32 -53.27
C PRO S 206 38.82 -29.14 -52.57
N GLN S 207 38.76 -28.26 -51.56
CA GLN S 207 37.50 -28.08 -50.78
C GLN S 207 36.34 -27.84 -51.76
N PHE S 208 36.60 -27.11 -52.85
CA PHE S 208 35.55 -26.83 -53.88
C PHE S 208 36.12 -27.13 -55.27
N THR S 209 35.47 -28.02 -56.01
CA THR S 209 35.93 -28.34 -57.40
C THR S 209 34.99 -27.66 -58.40
N ASP S 210 35.48 -26.61 -59.07
CA ASP S 210 34.65 -25.87 -60.06
C ASP S 210 34.21 -26.83 -61.18
N PHE S 211 32.94 -26.78 -61.56
CA PHE S 211 32.43 -27.64 -62.66
C PHE S 211 31.68 -26.78 -63.68
N GLN S 212 32.21 -26.71 -64.90
CA GLN S 212 31.54 -25.90 -65.98
C GLN S 212 31.28 -24.49 -65.46
N GLY S 213 32.24 -23.91 -64.73
CA GLY S 213 32.08 -22.53 -64.23
C GLY S 213 31.35 -22.49 -62.89
N THR S 214 30.85 -23.62 -62.43
CA THR S 214 30.16 -23.69 -61.10
C THR S 214 31.03 -24.47 -60.12
N LYS S 215 31.72 -23.78 -59.21
CA LYS S 215 32.57 -24.47 -58.20
C LYS S 215 31.69 -25.38 -57.34
N ILE S 216 31.98 -26.68 -57.33
CA ILE S 216 31.15 -27.65 -56.55
C ILE S 216 31.91 -28.00 -55.26
N PHE S 217 31.31 -27.71 -54.11
CA PHE S 217 31.97 -28.00 -52.81
C PHE S 217 32.25 -29.51 -52.72
N THR S 218 33.53 -29.87 -52.61
CA THR S 218 33.91 -31.30 -52.49
C THR S 218 34.68 -31.48 -51.17
N PRO S 219 34.00 -31.82 -50.05
CA PRO S 219 34.66 -31.92 -48.75
C PRO S 219 35.33 -33.28 -48.52
N CYS S 220 36.46 -33.29 -47.80
CA CYS S 220 37.13 -34.57 -47.46
C CYS S 220 36.44 -35.16 -46.22
N LEU S 221 35.75 -36.29 -46.36
CA LEU S 221 34.98 -36.88 -45.23
C LEU S 221 35.69 -36.64 -43.90
N PHE S 222 35.04 -35.94 -42.97
CA PHE S 222 35.62 -35.70 -41.62
C PHE S 222 37.14 -35.57 -41.72
N GLN S 223 37.62 -34.61 -42.51
CA GLN S 223 39.07 -34.39 -42.62
C GLN S 223 39.63 -34.10 -41.24
N GLY S 224 38.77 -33.65 -40.30
CA GLY S 224 39.24 -33.26 -38.96
C GLY S 224 39.50 -34.46 -38.06
N LEU S 225 38.93 -35.63 -38.41
CA LEU S 225 39.07 -36.83 -37.54
C LEU S 225 39.79 -37.93 -38.32
N TRP S 226 41.07 -37.72 -38.65
CA TRP S 226 41.86 -38.72 -39.41
C TRP S 226 43.09 -39.14 -38.59
N ARG T 1 -72.50 47.61 21.84
CA ARG T 1 -71.35 48.43 22.32
C ARG T 1 -70.56 48.95 21.12
N PRO T 2 -70.14 50.23 21.08
CA PRO T 2 -69.28 50.74 20.00
C PRO T 2 -68.01 49.92 19.75
N THR T 3 -67.63 49.71 18.49
CA THR T 3 -66.38 48.97 18.17
C THR T 3 -65.52 49.80 17.21
N TRP T 4 -64.20 49.80 17.44
CA TRP T 4 -63.27 50.54 16.54
C TRP T 4 -63.41 50.00 15.12
N LEU T 5 -63.54 48.67 14.99
CA LEU T 5 -63.70 48.04 13.66
C LEU T 5 -65.19 47.81 13.41
N PRO T 6 -65.75 48.22 12.24
CA PRO T 6 -67.15 47.97 11.94
C PRO T 6 -67.45 46.46 11.97
N ASN T 7 -68.53 46.06 12.64
CA ASN T 7 -68.88 44.62 12.75
C ASN T 7 -67.71 43.87 13.41
N LEU T 8 -67.20 44.39 14.53
CA LEU T 8 -66.01 43.79 15.19
C LEU T 8 -66.46 42.66 16.12
N ASN T 9 -65.51 41.85 16.60
CA ASN T 9 -65.82 40.74 17.55
C ASN T 9 -65.04 40.98 18.84
N PRO T 10 -65.49 41.88 19.74
CA PRO T 10 -64.75 42.20 20.96
C PRO T 10 -64.06 40.97 21.59
N PRO T 11 -62.73 40.96 21.72
CA PRO T 11 -62.01 39.84 22.34
C PRO T 11 -62.54 39.54 23.74
N ALA T 12 -62.42 38.28 24.15
CA ALA T 12 -62.99 37.80 25.41
C ALA T 12 -62.56 38.65 26.59
N HIS T 13 -61.30 39.06 26.60
CA HIS T 13 -60.77 39.85 27.74
C HIS T 13 -61.34 41.26 27.74
N LEU T 14 -61.68 41.81 26.57
CA LEU T 14 -62.14 43.22 26.52
C LEU T 14 -63.64 43.24 26.77
N LYS T 15 -64.02 43.37 28.04
CA LYS T 15 -65.45 43.42 28.43
C LYS T 15 -65.91 44.88 28.51
N GLY T 16 -67.21 45.14 28.39
CA GLY T 16 -67.75 46.49 28.40
C GLY T 16 -67.44 47.25 29.68
N GLU T 17 -67.12 46.50 30.75
CA GLU T 17 -66.82 47.12 32.07
C GLU T 17 -65.79 48.25 31.93
N MET T 18 -64.67 48.01 31.24
CA MET T 18 -63.56 49.00 31.17
C MET T 18 -64.02 50.33 30.57
N ALA T 19 -63.30 51.42 30.85
CA ALA T 19 -63.70 52.79 30.45
C ALA T 19 -64.06 52.91 28.96
N GLY T 20 -63.11 53.19 28.10
CA GLY T 20 -63.46 53.44 26.69
C GLY T 20 -63.35 52.19 25.84
N ASP T 21 -63.85 51.06 26.34
CA ASP T 21 -63.68 49.78 25.59
C ASP T 21 -64.37 49.87 24.24
N PHE T 22 -63.58 49.93 23.18
CA PHE T 22 -64.14 49.89 21.80
C PHE T 22 -63.67 48.58 21.16
N GLY T 23 -63.28 47.60 21.99
CA GLY T 23 -62.84 46.30 21.49
C GLY T 23 -61.54 46.37 20.72
N PHE T 24 -60.65 47.33 21.04
CA PHE T 24 -59.41 47.51 20.23
C PHE T 24 -58.25 46.75 20.85
N ASP T 25 -57.97 45.55 20.34
CA ASP T 25 -56.78 44.79 20.81
C ASP T 25 -56.31 43.91 19.65
N PRO T 26 -55.86 44.47 18.50
CA PRO T 26 -55.47 43.66 17.34
C PRO T 26 -54.48 42.55 17.74
N LEU T 27 -53.71 42.76 18.82
CA LEU T 27 -52.68 41.76 19.21
C LEU T 27 -53.06 41.11 20.54
N GLY T 28 -54.08 41.64 21.23
CA GLY T 28 -54.48 41.09 22.54
C GLY T 28 -53.34 41.19 23.55
N LEU T 29 -52.67 42.35 23.61
CA LEU T 29 -51.54 42.55 24.53
C LEU T 29 -52.01 42.33 25.97
N GLY T 30 -53.22 42.77 26.29
CA GLY T 30 -53.74 42.66 27.67
C GLY T 30 -54.60 41.42 27.85
N ALA T 31 -54.35 40.37 27.07
CA ALA T 31 -55.10 39.10 27.22
C ALA T 31 -55.04 38.66 28.68
N ASP T 32 -53.86 38.77 29.31
CA ASP T 32 -53.72 38.45 30.76
C ASP T 32 -54.34 39.58 31.57
N PRO T 33 -55.17 39.28 32.60
CA PRO T 33 -55.85 40.33 33.37
C PRO T 33 -54.86 41.23 34.13
N ALA T 34 -54.02 40.64 34.99
CA ALA T 34 -53.08 41.44 35.81
C ALA T 34 -52.38 42.46 34.92
N ARG T 35 -51.83 42.01 33.78
CA ARG T 35 -51.13 42.94 32.85
C ARG T 35 -52.13 43.99 32.36
N LEU T 36 -53.32 43.56 31.95
CA LEU T 36 -54.35 44.50 31.44
C LEU T 36 -54.67 45.53 32.53
N LYS T 37 -54.78 45.06 33.79
CA LYS T 37 -55.08 45.97 34.93
C LYS T 37 -53.98 47.04 35.01
N TRP T 38 -52.72 46.61 35.04
CA TRP T 38 -51.59 47.57 35.07
C TRP T 38 -51.63 48.44 33.81
N PHE T 39 -51.80 47.79 32.65
CA PHE T 39 -51.81 48.53 31.36
C PHE T 39 -52.83 49.66 31.42
N ALA T 40 -53.95 49.45 32.13
CA ALA T 40 -55.01 50.48 32.14
C ALA T 40 -54.58 51.67 33.00
N GLU T 41 -53.92 51.42 34.13
CA GLU T 41 -53.36 52.54 34.94
C GLU T 41 -52.21 53.16 34.16
N ALA T 42 -51.39 52.36 33.48
CA ALA T 42 -50.31 52.90 32.61
C ALA T 42 -50.87 53.57 31.34
N GLU T 43 -52.13 53.33 30.98
CA GLU T 43 -52.75 54.06 29.85
C GLU T 43 -53.18 55.39 30.41
N LYS T 44 -53.87 55.35 31.55
CA LYS T 44 -54.38 56.59 32.17
C LYS T 44 -53.19 57.50 32.50
N THR T 45 -52.12 56.97 33.11
CA THR T 45 -51.03 57.87 33.56
C THR T 45 -50.22 58.40 32.36
N ASN T 46 -49.98 57.59 31.32
CA ASN T 46 -49.26 58.11 30.12
C ASN T 46 -50.10 59.25 29.56
N GLY T 47 -51.42 59.09 29.56
CA GLY T 47 -52.31 60.15 29.06
C GLY T 47 -52.30 61.35 29.97
N ARG T 48 -52.36 61.16 31.28
CA ARG T 48 -52.32 62.28 32.24
C ARG T 48 -51.10 63.14 31.91
N TRP T 49 -49.94 62.51 31.73
CA TRP T 49 -48.69 63.27 31.44
C TRP T 49 -48.75 63.91 30.07
N ALA T 50 -49.41 63.27 29.10
CA ALA T 50 -49.49 63.80 27.72
C ALA T 50 -50.47 64.95 27.64
N MET T 51 -51.61 64.84 28.32
CA MET T 51 -52.56 65.98 28.38
C MET T 51 -51.78 67.17 28.93
N MET T 52 -51.23 67.03 30.13
CA MET T 52 -50.42 68.12 30.74
C MET T 52 -49.41 68.63 29.72
N ALA T 53 -48.67 67.76 29.06
CA ALA T 53 -47.61 68.20 28.13
C ALA T 53 -48.19 68.96 26.96
N VAL T 54 -49.17 68.39 26.27
CA VAL T 54 -49.79 69.03 25.08
C VAL T 54 -50.26 70.42 25.49
N VAL T 55 -50.90 70.55 26.65
CA VAL T 55 -51.37 71.87 27.16
C VAL T 55 -50.17 72.80 27.23
N GLY T 56 -49.05 72.34 27.79
CA GLY T 56 -47.84 73.16 27.82
C GLY T 56 -47.41 73.58 26.43
N ILE T 57 -47.10 72.64 25.55
CA ILE T 57 -46.57 72.97 24.19
C ILE T 57 -47.48 74.01 23.52
N LEU T 58 -48.79 73.90 23.68
CA LEU T 58 -49.72 74.94 23.14
C LEU T 58 -49.59 76.19 24.01
N GLY T 59 -49.88 76.09 25.30
CA GLY T 59 -49.87 77.27 26.19
C GLY T 59 -48.58 78.05 26.16
N GLN T 60 -47.46 77.43 26.55
CA GLN T 60 -46.14 78.09 26.48
C GLN T 60 -46.06 78.92 25.20
N GLU T 61 -46.30 78.28 24.04
CA GLU T 61 -46.22 78.97 22.74
C GLU T 61 -47.23 80.11 22.69
N LEU T 62 -48.48 79.88 23.09
CA LEU T 62 -49.56 80.90 22.98
C LEU T 62 -49.16 82.17 23.74
N LEU T 63 -48.73 82.02 25.00
CA LEU T 63 -48.24 83.19 25.76
C LEU T 63 -47.05 83.78 24.99
N GLY T 64 -46.09 82.93 24.60
CA GLY T 64 -44.95 83.39 23.79
C GLY T 64 -43.62 83.16 24.46
N VAL T 65 -43.47 82.04 25.17
CA VAL T 65 -42.15 81.73 25.77
C VAL T 65 -41.12 81.73 24.63
N GLN T 66 -39.89 82.19 24.91
CA GLN T 66 -38.92 82.41 23.80
C GLN T 66 -38.52 81.13 23.05
N PRO T 67 -37.76 80.16 23.63
CA PRO T 67 -37.29 79.03 22.83
C PRO T 67 -38.51 78.21 22.39
N SER T 68 -38.50 77.69 21.17
CA SER T 68 -39.59 76.78 20.74
C SER T 68 -39.72 75.66 21.77
N TRP T 69 -40.90 75.05 21.88
CA TRP T 69 -41.11 74.02 22.93
C TRP T 69 -39.98 72.98 22.89
N TRP T 70 -39.55 72.59 21.68
CA TRP T 70 -38.47 71.57 21.54
C TRP T 70 -37.15 72.14 22.05
N ASN T 71 -36.89 73.43 21.81
CA ASN T 71 -35.61 74.06 22.22
C ASN T 71 -35.74 74.65 23.62
N ALA T 72 -36.92 74.56 24.23
CA ALA T 72 -37.15 75.15 25.56
C ALA T 72 -36.14 74.57 26.56
N GLY T 73 -35.85 73.27 26.45
CA GLY T 73 -34.92 72.63 27.39
C GLY T 73 -33.56 73.31 27.39
N ALA T 74 -33.08 73.71 26.21
CA ALA T 74 -31.78 74.43 26.12
C ALA T 74 -32.04 75.92 26.36
N LYS T 75 -31.90 76.38 27.61
CA LYS T 75 -32.13 77.80 27.94
C LYS T 75 -31.23 78.22 29.12
N ASP T 76 -31.14 79.52 29.39
CA ASP T 76 -30.27 80.03 30.48
C ASP T 76 -31.10 80.12 31.75
N TYR T 77 -31.83 79.05 32.08
CA TYR T 77 -32.57 79.02 33.38
C TYR T 77 -31.54 79.23 34.50
N GLY T 78 -31.93 79.93 35.57
CA GLY T 78 -30.97 80.24 36.64
C GLY T 78 -30.68 79.04 37.54
N VAL T 79 -30.17 77.95 36.96
CA VAL T 79 -29.78 76.76 37.77
C VAL T 79 -28.96 75.80 36.90
N ALA T 80 -27.84 75.29 37.43
CA ALA T 80 -27.04 74.30 36.67
C ALA T 80 -27.91 73.06 36.44
N MET T 81 -27.91 72.51 35.22
CA MET T 81 -28.83 71.38 34.95
C MET T 81 -28.52 70.21 35.90
N GLY T 82 -27.23 69.98 36.19
CA GLY T 82 -26.83 68.90 37.11
C GLY T 82 -27.71 68.87 38.36
N PRO T 83 -27.51 69.80 39.32
CA PRO T 83 -28.29 69.79 40.56
C PRO T 83 -29.78 69.86 40.24
N LEU T 84 -30.15 70.68 39.25
CA LEU T 84 -31.57 70.77 38.81
C LEU T 84 -32.10 69.35 38.60
N THR T 85 -31.49 68.60 37.69
CA THR T 85 -31.97 67.23 37.37
C THR T 85 -31.86 66.36 38.62
N ALA T 86 -30.82 66.58 39.43
CA ALA T 86 -30.66 65.81 40.69
C ALA T 86 -31.90 65.98 41.56
N MET T 87 -32.35 67.21 41.75
CA MET T 87 -33.59 67.47 42.53
C MET T 87 -34.77 66.83 41.81
N GLU T 88 -34.84 67.02 40.48
CA GLU T 88 -35.92 66.37 39.68
C GLU T 88 -36.03 64.91 40.12
N PHE T 89 -34.89 64.23 40.29
CA PHE T 89 -34.89 62.79 40.65
C PHE T 89 -35.50 62.62 42.04
N LEU T 90 -35.23 63.56 42.96
CA LEU T 90 -35.70 63.41 44.36
C LEU T 90 -37.20 63.67 44.43
N ILE T 91 -37.66 64.79 43.87
CA ILE T 91 -39.11 65.16 43.97
C ILE T 91 -39.96 64.10 43.28
N MET T 92 -39.69 63.85 42.00
CA MET T 92 -40.51 62.88 41.22
C MET T 92 -40.35 61.48 41.83
N GLY T 93 -39.13 61.12 42.22
CA GLY T 93 -38.88 59.79 42.81
C GLY T 93 -39.85 59.51 43.94
N PHE T 94 -39.96 60.45 44.90
CA PHE T 94 -40.92 60.28 46.02
C PHE T 94 -42.35 60.34 45.47
N LEU T 95 -42.69 61.42 44.77
CA LEU T 95 -44.04 61.59 44.19
C LEU T 95 -44.48 60.32 43.46
N GLU T 96 -43.52 59.51 42.99
CA GLU T 96 -43.89 58.31 42.16
C GLU T 96 -43.93 57.06 43.05
N THR T 97 -42.96 56.92 43.97
CA THR T 97 -42.94 55.75 44.89
C THR T 97 -44.23 55.73 45.70
N LYS T 98 -44.67 56.89 46.19
CA LYS T 98 -45.93 56.98 46.96
C LYS T 98 -47.09 56.51 46.08
N ARG T 99 -47.16 57.02 44.85
CA ARG T 99 -48.25 56.63 43.90
C ARG T 99 -48.24 55.11 43.72
N TYR T 100 -47.08 54.54 43.36
CA TYR T 100 -46.98 53.08 43.11
C TYR T 100 -47.45 52.33 44.36
N GLN T 101 -46.95 52.73 45.54
CA GLN T 101 -47.37 52.09 46.81
C GLN T 101 -48.90 52.04 46.87
N GLY T 102 -49.54 53.21 46.75
CA GLY T 102 -51.01 53.28 46.83
C GLY T 102 -51.67 52.44 45.75
N PHE T 103 -51.17 52.51 44.52
CA PHE T 103 -51.72 51.68 43.42
C PHE T 103 -51.51 50.21 43.77
N LYS T 104 -50.34 49.88 44.34
CA LYS T 104 -50.07 48.48 44.78
C LYS T 104 -51.20 48.08 45.74
N GLU T 105 -51.70 49.05 46.52
CA GLU T 105 -52.84 48.77 47.43
C GLU T 105 -54.14 49.16 46.69
N THR T 106 -54.69 50.33 46.99
CA THR T 106 -55.90 50.81 46.25
C THR T 106 -55.60 50.82 44.76
N GLY T 107 -56.27 49.94 43.99
CA GLY T 107 -55.98 49.86 42.57
C GLY T 107 -56.40 51.06 41.75
N SER T 108 -56.39 52.25 42.37
CA SER T 108 -56.71 53.49 41.71
C SER T 108 -55.49 54.43 41.78
N SER T 109 -55.68 55.65 41.29
CA SER T 109 -54.61 56.64 41.28
C SER T 109 -54.72 57.51 42.55
N GLY T 110 -53.91 58.56 42.61
CA GLY T 110 -53.92 59.43 43.76
C GLY T 110 -52.64 60.23 43.85
N LEU T 111 -52.53 60.99 44.93
CA LEU T 111 -51.37 61.83 45.20
C LEU T 111 -50.85 61.53 46.60
N ILE T 112 -49.64 60.96 46.67
CA ILE T 112 -48.92 60.77 47.93
C ILE T 112 -49.72 59.89 48.87
N ASN T 113 -50.58 60.52 49.68
CA ASN T 113 -51.39 59.80 50.66
C ASN T 113 -52.88 59.83 50.33
N GLN T 114 -53.37 60.90 49.73
CA GLN T 114 -54.78 61.01 49.39
C GLN T 114 -55.08 60.17 48.15
N PHE T 115 -55.28 58.87 48.35
CA PHE T 115 -55.63 58.07 47.19
C PHE T 115 -57.14 58.17 46.94
N PRO T 116 -57.72 57.51 45.90
CA PRO T 116 -59.04 57.84 45.37
C PRO T 116 -59.02 59.37 45.36
N PHE T 117 -57.90 59.97 44.91
CA PHE T 117 -57.74 61.44 44.92
C PHE T 117 -58.89 62.11 44.19
N ASP T 118 -59.75 62.78 44.94
CA ASP T 118 -60.91 63.45 44.33
C ASP T 118 -61.06 64.91 44.75
N PRO T 119 -60.79 65.39 45.99
CA PRO T 119 -61.08 66.75 46.48
C PRO T 119 -62.11 67.55 45.66
N ALA T 120 -63.22 66.91 45.27
CA ALA T 120 -64.27 67.49 44.41
C ALA T 120 -65.20 66.34 44.05
N GLY T 121 -64.69 65.10 44.12
CA GLY T 121 -65.46 63.91 43.75
C GLY T 121 -65.31 63.64 42.28
N MET T 122 -66.39 63.74 41.53
CA MET T 122 -66.35 63.61 40.05
C MET T 122 -65.67 62.31 39.59
N TYR T 123 -65.75 61.23 40.36
CA TYR T 123 -65.19 59.95 39.84
C TYR T 123 -66.36 59.11 39.35
N SER T 124 -67.08 59.59 38.34
CA SER T 124 -68.16 58.83 37.75
C SER T 124 -67.68 58.05 36.53
N LYS T 125 -68.55 57.20 36.01
CA LYS T 125 -68.20 56.45 34.78
C LYS T 125 -67.99 57.44 33.64
N ASP T 126 -68.90 58.41 33.49
CA ASP T 126 -68.79 59.42 32.41
C ASP T 126 -67.45 60.16 32.51
N MET T 127 -67.12 60.72 33.68
CA MET T 127 -65.87 61.53 33.76
C MET T 127 -64.65 60.65 33.46
N ALA T 128 -64.68 59.38 33.85
CA ALA T 128 -63.52 58.49 33.65
C ALA T 128 -63.49 58.01 32.20
N VAL T 129 -64.63 57.98 31.52
CA VAL T 129 -64.62 57.65 30.06
C VAL T 129 -64.05 58.87 29.35
N LYS T 130 -64.42 60.05 29.81
CA LYS T 130 -63.85 61.30 29.23
C LYS T 130 -62.34 61.25 29.40
N GLU T 131 -61.85 60.96 30.59
CA GLU T 131 -60.37 60.98 30.84
C GLU T 131 -59.71 60.05 29.84
N VAL T 132 -60.13 58.79 29.79
CA VAL T 132 -59.45 57.81 28.89
C VAL T 132 -59.50 58.33 27.46
N LYS T 133 -60.58 59.01 27.06
CA LYS T 133 -60.73 59.43 25.64
C LYS T 133 -59.98 60.75 25.40
N ASN T 134 -60.04 61.69 26.34
CA ASN T 134 -59.27 62.94 26.18
C ASN T 134 -57.80 62.58 26.20
N GLY T 135 -57.42 61.61 27.05
CA GLY T 135 -56.01 61.17 27.15
C GLY T 135 -55.55 60.60 25.84
N ARG T 136 -56.33 59.69 25.27
CA ARG T 136 -55.94 59.06 23.98
C ARG T 136 -55.73 60.13 22.92
N LEU T 137 -56.61 61.13 22.85
CA LEU T 137 -56.51 62.24 21.86
C LEU T 137 -55.23 63.02 22.14
N ALA T 138 -54.90 63.25 23.42
CA ALA T 138 -53.69 64.01 23.80
C ALA T 138 -52.44 63.21 23.45
N MET T 139 -52.45 61.91 23.70
CA MET T 139 -51.29 61.06 23.41
C MET T 139 -51.04 61.08 21.92
N VAL T 140 -52.09 60.96 21.10
CA VAL T 140 -51.97 61.06 19.61
C VAL T 140 -51.44 62.45 19.25
N ALA T 141 -51.94 63.47 19.94
CA ALA T 141 -51.51 64.86 19.64
C ALA T 141 -50.03 65.01 19.91
N PHE T 142 -49.52 64.58 21.07
CA PHE T 142 -48.10 64.85 21.39
C PHE T 142 -47.23 64.21 20.31
N VAL T 143 -47.60 63.02 19.83
CA VAL T 143 -46.83 62.36 18.73
C VAL T 143 -46.92 63.23 17.48
N GLY T 144 -48.02 63.95 17.30
CA GLY T 144 -48.08 64.90 16.18
C GLY T 144 -47.15 66.06 16.44
N PHE T 145 -47.29 66.70 17.60
CA PHE T 145 -46.48 67.88 17.97
C PHE T 145 -45.01 67.59 17.75
N ALA T 146 -44.60 66.32 17.89
CA ALA T 146 -43.18 65.95 17.77
C ALA T 146 -42.80 65.84 16.29
N VAL T 147 -43.63 65.23 15.45
CA VAL T 147 -43.24 65.01 14.01
C VAL T 147 -43.47 66.28 13.21
N GLN T 148 -44.39 67.15 13.61
CA GLN T 148 -44.55 68.44 12.92
C GLN T 148 -43.38 69.35 13.30
N ALA T 149 -42.65 69.02 14.36
CA ALA T 149 -41.45 69.79 14.74
C ALA T 149 -40.26 69.27 13.94
N LEU T 150 -40.24 67.97 13.65
CA LEU T 150 -39.14 67.39 12.87
C LEU T 150 -39.32 67.79 11.42
N ALA T 151 -40.39 67.33 10.77
CA ALA T 151 -40.55 67.55 9.32
C ALA T 151 -40.78 69.01 8.96
N SER T 152 -41.40 69.81 9.82
CA SER T 152 -41.76 71.19 9.40
C SER T 152 -41.19 72.27 10.31
N ARG T 153 -40.69 71.90 11.48
CA ARG T 153 -40.09 72.87 12.43
C ARG T 153 -41.05 74.03 12.67
N THR T 154 -42.32 73.73 12.96
CA THR T 154 -43.29 74.79 13.31
C THR T 154 -44.06 74.36 14.56
N GLY T 155 -44.18 75.24 15.55
CA GLY T 155 -44.95 74.94 16.77
C GLY T 155 -46.40 74.54 16.48
N PRO T 156 -47.06 73.78 17.36
CA PRO T 156 -48.43 73.34 17.13
C PRO T 156 -49.34 74.43 16.55
N ILE T 157 -49.59 75.51 17.29
CA ILE T 157 -50.52 76.58 16.83
C ILE T 157 -50.00 77.13 15.51
N GLU T 158 -48.72 77.46 15.41
CA GLU T 158 -48.15 78.08 14.18
C GLU T 158 -48.42 77.14 13.00
N GLY T 159 -48.37 75.84 13.22
CA GLY T 159 -48.62 74.85 12.14
C GLY T 159 -50.05 74.91 11.66
N LEU T 160 -51.01 74.99 12.58
CA LEU T 160 -52.45 75.12 12.20
C LEU T 160 -52.60 76.44 11.45
N THR T 161 -52.00 77.52 11.96
CA THR T 161 -52.12 78.87 11.34
C THR T 161 -51.16 78.99 10.14
N LYS T 162 -50.99 77.93 9.37
CA LYS T 162 -50.17 77.97 8.13
C LYS T 162 -50.86 77.03 7.15
N HIS T 163 -51.53 75.99 7.65
CA HIS T 163 -52.32 75.08 6.77
C HIS T 163 -53.71 75.69 6.58
N LEU T 164 -54.20 76.46 7.57
CA LEU T 164 -55.48 77.17 7.40
C LEU T 164 -55.21 78.35 6.47
N SER T 165 -54.08 79.04 6.65
CA SER T 165 -53.72 80.18 5.76
C SER T 165 -53.57 79.67 4.33
N ASN T 166 -52.59 78.79 4.09
CA ASN T 166 -52.40 78.16 2.74
C ASN T 166 -52.91 76.73 2.81
N PRO T 167 -54.00 76.39 2.09
CA PRO T 167 -54.61 75.05 2.18
C PRO T 167 -53.61 73.97 1.78
N GLY T 168 -52.48 74.36 1.18
CA GLY T 168 -51.41 73.41 0.84
C GLY T 168 -50.60 73.13 2.08
N TYR T 169 -49.37 73.68 2.20
CA TYR T 169 -48.47 73.46 3.37
C TYR T 169 -48.88 72.20 4.13
N ASN T 170 -48.79 71.05 3.48
CA ASN T 170 -49.26 69.82 4.14
C ASN T 170 -48.09 68.86 4.25
N ILE T 171 -48.36 67.62 4.62
CA ILE T 171 -47.30 66.59 4.74
C ILE T 171 -46.75 66.35 3.34
N THR T 172 -47.52 66.69 2.31
CA THR T 172 -47.06 66.51 0.92
C THR T 172 -46.12 67.66 0.53
N TYR T 173 -46.11 68.76 1.29
CA TYR T 173 -45.17 69.88 1.00
C TYR T 173 -43.97 69.79 1.94
N ASN T 174 -44.23 69.63 3.24
CA ASN T 174 -43.14 69.65 4.25
C ASN T 174 -42.08 68.59 3.92
N LEU T 175 -42.47 67.32 3.83
CA LEU T 175 -41.47 66.24 3.60
C LEU T 175 -40.68 66.55 2.32
N THR T 176 -41.37 66.98 1.26
CA THR T 176 -40.70 67.27 -0.03
C THR T 176 -39.79 68.50 0.10
N HIS T 177 -40.22 69.50 0.87
CA HIS T 177 -39.44 70.77 0.99
C HIS T 177 -38.64 70.79 2.29
N LEU T 178 -38.19 69.61 2.74
CA LEU T 178 -37.41 69.51 4.01
C LEU T 178 -36.11 70.31 3.87
N GLN T 179 -35.48 70.25 2.69
CA GLN T 179 -34.19 70.96 2.46
C GLN T 179 -34.23 72.35 3.08
N ASP T 180 -35.33 73.09 2.87
CA ASP T 180 -35.47 74.43 3.43
C ASP T 180 -35.37 74.40 4.95
N VAL T 181 -36.20 73.58 5.59
CA VAL T 181 -36.25 73.52 7.08
C VAL T 181 -34.89 73.05 7.62
N ASN T 182 -34.41 71.89 7.19
CA ASN T 182 -33.15 71.30 7.72
C ASN T 182 -31.93 71.89 7.02
N THR T 183 -30.72 71.49 7.45
CA THR T 183 -29.46 72.04 6.90
C THR T 183 -28.54 70.94 6.40
N TYR T 184 -27.66 71.27 5.47
CA TYR T 184 -26.76 70.26 4.93
C TYR T 184 -25.31 70.60 5.26
N GLY U 1 -26.99 50.13 63.98
CA GLY U 1 -27.68 51.31 64.54
C GLY U 1 -27.27 52.56 63.79
N ARG U 2 -28.17 53.12 62.99
CA ARG U 2 -27.78 54.25 62.11
C ARG U 2 -27.76 55.56 62.91
N LEU U 3 -26.69 56.36 62.77
CA LEU U 3 -26.53 57.62 63.56
C LEU U 3 -26.23 58.82 62.66
N ALA U 4 -26.59 60.03 63.10
CA ALA U 4 -26.24 61.27 62.36
C ALA U 4 -24.73 61.54 62.51
N MET U 5 -23.90 60.49 62.53
CA MET U 5 -22.43 60.69 62.55
C MET U 5 -21.97 60.81 61.09
N LEU U 6 -22.90 60.99 60.16
CA LEU U 6 -22.57 61.13 58.71
C LEU U 6 -21.80 62.43 58.50
N ALA U 7 -22.05 63.44 59.32
CA ALA U 7 -21.25 64.69 59.24
C ALA U 7 -19.79 64.29 59.40
N PHE U 8 -19.49 63.49 60.42
CA PHE U 8 -18.10 63.06 60.69
C PHE U 8 -17.69 61.88 59.79
N ILE U 9 -18.58 61.45 58.90
CA ILE U 9 -18.21 60.37 57.93
C ILE U 9 -17.39 61.04 56.82
N GLY U 10 -17.98 62.02 56.13
CA GLY U 10 -17.19 62.79 55.13
C GLY U 10 -16.43 63.87 55.86
N PHE U 11 -15.95 63.56 57.08
CA PHE U 11 -15.26 64.58 57.92
C PHE U 11 -14.06 65.16 57.18
N CYS U 12 -13.66 64.54 56.06
CA CYS U 12 -12.58 65.17 55.24
C CYS U 12 -12.78 66.68 55.34
N SER U 13 -14.02 67.16 55.14
CA SER U 13 -14.34 68.59 55.32
C SER U 13 -15.62 68.68 56.15
N GLN U 14 -15.86 67.70 57.02
CA GLN U 14 -17.09 67.67 57.86
C GLN U 14 -18.32 67.54 56.95
N ALA U 15 -19.24 68.50 57.01
CA ALA U 15 -20.47 68.44 56.18
C ALA U 15 -20.09 68.35 54.71
N ALA U 16 -19.16 69.20 54.27
CA ALA U 16 -18.69 69.16 52.87
C ALA U 16 -17.45 68.26 52.79
N VAL U 17 -16.80 68.22 51.61
CA VAL U 17 -15.57 67.39 51.43
C VAL U 17 -14.68 68.10 50.41
N ARG U 18 -13.36 68.13 50.65
CA ARG U 18 -12.40 68.76 49.70
C ARG U 18 -13.03 70.06 49.17
N GLY U 19 -13.70 70.82 50.03
CA GLY U 19 -14.32 72.10 49.61
C GLY U 19 -14.47 73.05 50.79
N LYS U 20 -13.51 73.97 50.96
CA LYS U 20 -13.56 74.94 52.09
C LYS U 20 -13.49 74.18 53.42
N GLY U 21 -13.94 74.82 54.51
CA GLY U 21 -13.90 74.17 55.83
C GLY U 21 -15.23 73.54 56.19
N PRO U 22 -15.76 73.76 57.42
CA PRO U 22 -17.00 73.14 57.85
C PRO U 22 -18.22 74.07 57.78
N ILE U 23 -18.47 74.86 58.83
CA ILE U 23 -19.69 75.72 58.89
C ILE U 23 -19.61 76.81 57.82
N ASP U 24 -18.45 77.00 57.20
CA ASP U 24 -18.31 78.02 56.12
C ASP U 24 -19.10 77.56 54.90
N CYS U 25 -19.09 76.26 54.62
CA CYS U 25 -19.81 75.72 53.43
C CYS U 25 -21.30 76.04 53.56
N LEU U 26 -21.85 75.89 54.77
CA LEU U 26 -23.29 76.23 55.00
C LEU U 26 -23.52 77.67 54.56
N LYS U 27 -22.77 78.62 55.14
CA LYS U 27 -22.92 80.05 54.75
C LYS U 27 -22.83 80.17 53.24
N ASP U 28 -21.86 79.48 52.61
CA ASP U 28 -21.70 79.55 51.14
C ASP U 28 -23.01 79.10 50.47
N HIS U 29 -23.55 77.95 50.87
CA HIS U 29 -24.78 77.42 50.22
C HIS U 29 -25.92 78.45 50.33
N ILE U 30 -26.20 78.93 51.54
CA ILE U 30 -27.27 79.94 51.74
C ILE U 30 -27.07 81.07 50.72
N ALA U 31 -25.84 81.58 50.61
CA ALA U 31 -25.53 82.66 49.63
C ALA U 31 -26.01 82.24 48.24
N ASP U 32 -25.34 81.25 47.62
CA ASP U 32 -25.75 80.76 46.29
C ASP U 32 -25.93 79.24 46.36
N PRO U 33 -27.13 78.72 46.68
CA PRO U 33 -27.33 77.27 46.86
C PRO U 33 -27.07 76.47 45.58
N TRP U 34 -27.61 76.92 44.44
CA TRP U 34 -27.45 76.16 43.17
C TRP U 34 -25.97 76.05 42.80
N ASN U 35 -25.20 77.11 43.03
CA ASN U 35 -23.77 77.11 42.61
C ASN U 35 -22.87 76.74 43.80
N ASN U 36 -23.47 76.40 44.94
CA ASN U 36 -22.68 75.99 46.13
C ASN U 36 -23.23 74.65 46.66
N ASN U 37 -23.23 73.62 45.81
CA ASN U 37 -23.73 72.28 46.23
C ASN U 37 -22.77 71.20 45.73
N ILE U 38 -22.82 70.01 46.34
CA ILE U 38 -21.89 68.90 45.95
C ILE U 38 -22.03 68.65 44.45
N TYR U 39 -23.24 68.72 43.92
CA TYR U 39 -23.48 68.50 42.46
C TYR U 39 -22.68 69.52 41.67
N THR U 40 -22.60 70.76 42.16
CA THR U 40 -21.76 71.79 41.49
C THR U 40 -20.35 71.74 42.10
N SER U 41 -19.78 70.55 42.22
CA SER U 41 -18.41 70.39 42.80
C SER U 41 -17.65 69.30 42.05
N SER U 42 -16.36 69.15 42.35
CA SER U 42 -15.52 68.12 41.68
C SER U 42 -16.25 66.77 41.65
N VAL U 43 -16.91 66.40 42.74
CA VAL U 43 -17.58 65.06 42.83
C VAL U 43 -19.07 65.22 42.46
N GLY U 44 -19.43 66.34 41.83
CA GLY U 44 -20.85 66.60 41.49
C GLY U 44 -21.43 65.56 40.55
N LYS U 45 -20.70 65.21 39.48
CA LYS U 45 -21.26 64.27 38.47
C LYS U 45 -21.59 62.93 39.14
N GLU U 46 -20.62 62.35 39.85
CA GLU U 46 -20.83 61.03 40.50
C GLU U 46 -21.99 61.16 41.50
N THR U 47 -22.01 62.26 42.26
CA THR U 47 -23.08 62.44 43.29
C THR U 47 -24.45 62.42 42.62
N CYS U 48 -24.59 63.19 41.53
CA CYS U 48 -25.90 63.24 40.81
C CYS U 48 -26.28 61.83 40.36
N VAL U 49 -25.33 61.10 39.78
CA VAL U 49 -25.61 59.73 39.28
C VAL U 49 -26.06 58.86 40.46
N THR U 50 -25.31 58.90 41.57
CA THR U 50 -25.65 58.05 42.74
C THR U 50 -27.02 58.46 43.28
N VAL U 51 -27.24 59.77 43.46
CA VAL U 51 -28.55 60.26 43.97
C VAL U 51 -29.66 59.68 43.09
N ALA U 52 -29.50 59.80 41.77
CA ALA U 52 -30.52 59.29 40.83
C ALA U 52 -30.70 57.79 41.05
N LEU U 53 -29.61 57.02 41.10
CA LEU U 53 -29.69 55.53 41.25
C LEU U 53 -30.44 55.20 42.54
N LEU U 54 -30.11 55.90 43.62
CA LEU U 54 -30.75 55.64 44.93
C LEU U 54 -32.25 55.88 44.78
N CYS U 55 -32.66 56.89 44.03
CA CYS U 55 -34.10 57.23 43.88
C CYS U 55 -34.81 56.22 42.97
N VAL U 56 -34.13 55.14 42.58
CA VAL U 56 -34.76 54.05 41.77
C VAL U 56 -34.68 52.75 42.57
N TRP U 57 -33.64 52.59 43.40
CA TRP U 57 -33.47 51.35 44.19
C TRP U 57 -34.79 50.94 44.86
N PRO U 58 -35.48 51.83 45.61
CA PRO U 58 -36.78 51.49 46.18
C PRO U 58 -37.68 50.77 45.17
N ILE U 59 -37.98 51.41 44.04
CA ILE U 59 -38.89 50.79 43.03
C ILE U 59 -38.30 49.45 42.57
N ILE U 60 -36.99 49.42 42.29
CA ILE U 60 -36.32 48.17 41.84
C ILE U 60 -36.58 47.08 42.89
N ILE U 61 -36.30 47.39 44.15
CA ILE U 61 -36.53 46.41 45.26
C ILE U 61 -38.04 46.22 45.43
N GLU U 62 -38.81 47.30 45.41
CA GLU U 62 -40.28 47.22 45.61
C GLU U 62 -40.97 47.01 44.26
N ALA U 63 -40.57 45.97 43.53
CA ALA U 63 -41.26 45.64 42.25
C ALA U 63 -42.18 44.45 42.52
N THR U 64 -42.16 43.45 41.64
CA THR U 64 -42.96 42.21 41.89
C THR U 64 -42.18 41.34 42.87
N LYS U 65 -41.98 41.82 44.10
CA LYS U 65 -41.14 41.07 45.06
C LYS U 65 -39.79 40.81 44.39
N SER U 66 -39.22 41.85 43.76
CA SER U 66 -37.96 41.67 43.00
C SER U 66 -36.77 41.58 43.96
N LEU U 67 -36.55 40.41 44.56
CA LEU U 67 -35.40 40.20 45.48
C LEU U 67 -34.85 38.80 45.27
N ASN U 68 -33.63 38.54 45.73
CA ASN U 68 -32.98 37.22 45.52
C ASN U 68 -31.76 37.05 46.44
N LYS U 69 -31.06 35.92 46.34
CA LYS U 69 -29.84 35.67 47.14
C LYS U 69 -28.98 34.61 46.44
N GLY U 70 -29.28 33.32 46.62
CA GLY U 70 -28.47 32.22 46.05
C GLY U 70 -28.04 32.48 44.62
#